data_3VS9
#
_entry.id   3VS9
#
_cell.length_a   102.915
_cell.length_b   142.720
_cell.length_c   129.873
_cell.angle_alpha   90.00
_cell.angle_beta   110.43
_cell.angle_gamma   90.00
#
_symmetry.space_group_name_H-M   'P 1 21 1'
#
loop_
_entity.id
_entity.type
_entity.pdbx_description
1 polymer 'Type III polyketide synthase'
2 non-polymer 'SODIUM ION'
3 non-polymer 'TETRAETHYLENE GLYCOL'
4 water water
#
_entity_poly.entity_id   1
_entity_poly.type   'polypeptide(L)'
_entity_poly.pdbx_seq_one_letter_code
;HMNDMAHPNSAVLADFIPVQLAKPVPQRITLELTAYGFARAHCLSNGITDEEGFVQVYKTVKEKFDKYAVSPAQIKQRQL
VYFPKLTDIRFGDGNFDIADPEPDQAHLRLFDIKKDPRGADLKTRHESYAKVVGKGLEQMFEGTLEAPDDLIHVTCSGYL
APSPAERMVADRGWFETTVTHSYNMGCYGAFPAIKMAHGMLASAQWGATPPKTRVDIAHTELMSAHNNIAESRVDNIISA
TLFSDGLIKYSVYPEDELRRQGLRGLRILAMSEHLLPDSADTMTWVPGSHQFVMTLSPLVPAIIKRHVRAFAVDLLRRAG
MDFERDKDALSFAIHPGGPKIVDHVQEELGLAEDQVAISKSVFLENGNMSSSTIPHILKAYLEEATVGTRIACLGFGPGL
TAAGLVLEKI
;
_entity_poly.pdbx_strand_id   A,B,C,D,E,F,G,H
#
loop_
_chem_comp.id
_chem_comp.type
_chem_comp.name
_chem_comp.formula
NA non-polymer 'SODIUM ION' 'Na 1'
PG4 non-polymer 'TETRAETHYLENE GLYCOL' 'C8 H18 O5'
#
# COMPACT_ATOMS: atom_id res chain seq x y z
N HIS A 7 37.91 1.36 -6.69
CA HIS A 7 37.12 0.29 -7.41
C HIS A 7 35.87 -0.22 -6.66
N PRO A 8 34.67 -0.19 -7.30
CA PRO A 8 33.57 -0.96 -6.68
C PRO A 8 33.75 -2.46 -6.86
N ASN A 9 32.95 -3.23 -6.14
CA ASN A 9 33.02 -4.68 -6.26
C ASN A 9 34.43 -5.18 -6.12
N SER A 10 35.14 -4.66 -5.13
CA SER A 10 36.55 -5.03 -5.01
C SER A 10 36.90 -5.27 -3.56
N ALA A 11 37.59 -6.37 -3.25
CA ALA A 11 37.92 -6.71 -1.85
C ALA A 11 39.43 -6.75 -1.76
N VAL A 12 39.95 -6.33 -0.62
CA VAL A 12 41.39 -6.12 -0.55
C VAL A 12 41.92 -6.68 0.79
N LEU A 13 43.05 -7.38 0.75
CA LEU A 13 43.67 -7.94 1.96
C LEU A 13 44.55 -6.90 2.67
N ALA A 14 44.53 -6.83 3.98
CA ALA A 14 45.50 -5.90 4.60
C ALA A 14 45.77 -6.31 6.06
N ASP A 15 46.74 -5.65 6.66
CA ASP A 15 46.93 -5.66 8.12
C ASP A 15 47.21 -7.10 8.58
N PHE A 16 48.34 -7.65 8.10
CA PHE A 16 48.73 -9.01 8.47
C PHE A 16 49.44 -9.01 9.79
N ILE A 17 48.99 -9.83 10.73
CA ILE A 17 49.52 -9.75 12.11
C ILE A 17 49.85 -11.14 12.61
N PRO A 18 51.15 -11.52 12.60
CA PRO A 18 51.54 -12.86 13.14
C PRO A 18 51.63 -12.83 14.62
N VAL A 19 51.50 -13.98 15.25
CA VAL A 19 51.75 -13.98 16.70
C VAL A 19 52.60 -15.19 17.09
N GLN A 20 53.76 -14.93 17.66
CA GLN A 20 54.66 -15.97 18.11
C GLN A 20 54.31 -16.39 19.52
N LEU A 21 54.12 -17.68 19.73
CA LEU A 21 53.77 -18.17 21.05
C LEU A 21 54.95 -18.80 21.75
N ALA A 22 55.88 -19.33 20.97
CA ALA A 22 57.09 -19.89 21.56
C ALA A 22 58.29 -19.57 20.73
N LYS A 23 59.43 -19.50 21.39
CA LYS A 23 60.70 -19.18 20.71
C LYS A 23 61.04 -20.34 19.75
N PRO A 24 61.31 -20.05 18.46
CA PRO A 24 61.59 -21.14 17.52
C PRO A 24 62.81 -21.97 17.91
N VAL A 25 62.77 -23.26 17.64
CA VAL A 25 63.91 -24.09 18.04
C VAL A 25 64.73 -24.49 16.84
N PRO A 26 66.07 -24.43 16.96
CA PRO A 26 66.95 -24.72 15.81
C PRO A 26 66.68 -26.13 15.25
N GLN A 27 66.56 -26.28 13.91
CA GLN A 27 66.31 -27.62 13.31
C GLN A 27 67.15 -28.79 13.87
N ARG A 28 68.47 -28.61 14.02
CA ARG A 28 69.31 -29.74 14.48
C ARG A 28 68.87 -30.32 15.81
N ILE A 29 68.53 -29.48 16.78
CA ILE A 29 68.09 -30.03 18.05
C ILE A 29 66.73 -30.73 17.96
N THR A 30 65.87 -30.27 17.04
CA THR A 30 64.54 -30.91 16.93
C THR A 30 64.82 -32.29 16.35
N LEU A 31 65.74 -32.37 15.39
CA LEU A 31 66.06 -33.63 14.72
C LEU A 31 66.58 -34.67 15.73
N GLU A 32 67.52 -34.25 16.58
CA GLU A 32 68.16 -35.15 17.55
C GLU A 32 67.22 -35.61 18.63
N LEU A 33 66.54 -34.68 19.29
CA LEU A 33 65.48 -35.05 20.26
C LEU A 33 64.31 -35.84 19.68
N THR A 34 63.87 -35.48 18.48
CA THR A 34 62.78 -36.23 17.87
C THR A 34 63.19 -37.68 17.54
N ALA A 35 64.39 -37.85 16.99
CA ALA A 35 64.98 -39.17 16.75
C ALA A 35 65.08 -39.94 18.07
N TYR A 36 65.54 -39.25 19.10
CA TYR A 36 65.60 -39.88 20.40
C TYR A 36 64.20 -40.35 20.84
N GLY A 37 63.17 -39.49 20.72
CA GLY A 37 61.78 -39.87 21.10
C GLY A 37 61.22 -41.07 20.34
N PHE A 38 61.49 -41.08 19.05
CA PHE A 38 61.02 -42.14 18.14
C PHE A 38 61.64 -43.45 18.61
N ALA A 39 62.90 -43.38 19.05
CA ALA A 39 63.65 -44.57 19.45
C ALA A 39 63.07 -45.11 20.76
N ARG A 40 62.95 -44.23 21.75
CA ARG A 40 62.32 -44.61 23.00
C ARG A 40 60.90 -45.11 22.83
N ALA A 41 60.11 -44.46 21.97
CA ALA A 41 58.71 -44.84 21.84
C ALA A 41 58.65 -46.23 21.27
N HIS A 42 59.53 -46.50 20.29
CA HIS A 42 59.60 -47.83 19.63
C HIS A 42 59.91 -48.88 20.70
N CYS A 43 60.79 -48.52 21.62
CA CYS A 43 61.20 -49.50 22.61
C CYS A 43 60.09 -49.72 23.58
N LEU A 44 59.45 -48.65 24.03
CA LEU A 44 58.20 -48.79 24.80
C LEU A 44 57.07 -49.60 24.13
N SER A 45 56.68 -49.28 22.91
CA SER A 45 55.64 -50.06 22.25
C SER A 45 55.96 -51.56 22.30
N ASN A 46 57.26 -51.89 22.28
CA ASN A 46 57.73 -53.24 22.08
C ASN A 46 58.21 -53.90 23.37
N GLY A 47 58.02 -53.22 24.49
CA GLY A 47 58.48 -53.72 25.80
C GLY A 47 59.89 -54.23 25.66
N ILE A 48 60.71 -53.44 24.97
CA ILE A 48 62.14 -53.66 24.95
C ILE A 48 62.81 -52.86 26.06
N THR A 49 63.23 -53.51 27.13
CA THR A 49 63.79 -52.77 28.25
C THR A 49 65.29 -52.91 28.34
N ASP A 50 65.86 -53.67 27.41
CA ASP A 50 67.27 -53.96 27.32
C ASP A 50 68.10 -52.77 26.81
N GLU A 51 69.20 -52.50 27.50
CA GLU A 51 70.07 -51.38 27.14
C GLU A 51 70.64 -51.40 25.74
N GLU A 52 71.22 -52.53 25.38
CA GLU A 52 71.86 -52.61 24.11
C GLU A 52 70.76 -52.67 23.08
N GLY A 53 69.61 -53.21 23.48
CA GLY A 53 68.47 -53.23 22.61
C GLY A 53 68.19 -51.80 22.21
N PHE A 54 68.20 -50.90 23.20
CA PHE A 54 67.85 -49.51 22.89
C PHE A 54 68.90 -48.83 21.99
N VAL A 55 70.17 -49.12 22.24
CA VAL A 55 71.27 -48.47 21.52
C VAL A 55 71.19 -48.85 20.06
N GLN A 56 70.88 -50.11 19.74
CA GLN A 56 70.67 -50.52 18.35
C GLN A 56 69.40 -49.92 17.67
N VAL A 57 68.26 -49.96 18.33
CA VAL A 57 67.10 -49.25 17.82
C VAL A 57 67.38 -47.78 17.46
N TYR A 58 68.17 -47.16 18.33
CA TYR A 58 68.47 -45.75 18.25
C TYR A 58 69.43 -45.39 17.10
N LYS A 59 70.44 -46.24 16.86
CA LYS A 59 71.34 -46.05 15.75
C LYS A 59 70.51 -46.24 14.50
N THR A 60 69.65 -47.24 14.51
CA THR A 60 68.85 -47.41 13.32
C THR A 60 67.98 -46.18 13.08
N VAL A 61 67.21 -45.76 14.08
CA VAL A 61 66.35 -44.59 13.98
C VAL A 61 67.12 -43.37 13.47
N LYS A 62 68.28 -43.11 14.06
CA LYS A 62 69.07 -41.96 13.61
C LYS A 62 69.50 -42.01 12.14
N GLU A 63 69.86 -43.19 11.65
CA GLU A 63 70.19 -43.36 10.25
C GLU A 63 69.01 -43.00 9.35
N LYS A 64 67.80 -43.39 9.77
CA LYS A 64 66.61 -43.06 9.00
C LYS A 64 66.35 -41.53 9.02
N PHE A 65 66.65 -40.91 10.14
CA PHE A 65 66.54 -39.43 10.22
C PHE A 65 67.56 -38.78 9.29
N ASP A 66 68.81 -39.27 9.33
CA ASP A 66 69.90 -38.77 8.46
C ASP A 66 69.45 -38.85 7.00
N LYS A 67 68.74 -39.90 6.66
CA LYS A 67 68.38 -40.10 5.31
C LYS A 67 67.13 -39.34 4.93
N TYR A 68 66.13 -39.28 5.79
CA TYR A 68 64.85 -38.78 5.34
C TYR A 68 64.37 -37.48 5.99
N ALA A 69 64.90 -37.13 7.16
CA ALA A 69 64.32 -36.00 7.89
C ALA A 69 64.60 -34.69 7.09
N VAL A 70 63.72 -33.70 7.15
CA VAL A 70 64.07 -32.37 6.58
C VAL A 70 65.25 -31.76 7.38
N SER A 71 66.33 -31.36 6.71
CA SER A 71 67.67 -31.05 7.35
C SER A 71 67.71 -29.61 7.78
N PRO A 72 68.68 -29.23 8.61
CA PRO A 72 68.84 -27.82 8.97
C PRO A 72 69.16 -26.93 7.77
N ALA A 73 69.71 -27.47 6.71
CA ALA A 73 69.96 -26.67 5.53
C ALA A 73 68.63 -26.35 4.80
N GLN A 74 67.60 -27.12 5.08
CA GLN A 74 66.32 -26.91 4.37
C GLN A 74 65.33 -26.09 5.22
N ILE A 75 65.32 -26.38 6.51
CA ILE A 75 64.59 -25.55 7.47
C ILE A 75 65.52 -25.20 8.66
N LYS A 76 65.75 -23.92 8.94
CA LYS A 76 66.72 -23.48 9.91
C LYS A 76 66.20 -23.59 11.35
N GLN A 77 64.93 -23.23 11.52
CA GLN A 77 64.26 -23.38 12.80
C GLN A 77 62.75 -23.43 12.59
N ARG A 78 62.04 -23.90 13.60
CA ARG A 78 60.61 -24.03 13.59
C ARG A 78 60.02 -23.61 14.96
N GLN A 79 58.89 -22.91 14.91
CA GLN A 79 58.06 -22.74 16.12
C GLN A 79 57.24 -24.01 16.38
N LEU A 80 57.52 -24.62 17.53
CA LEU A 80 56.92 -25.90 17.88
C LEU A 80 56.52 -25.75 19.32
N VAL A 81 55.31 -25.23 19.52
CA VAL A 81 54.78 -24.97 20.84
C VAL A 81 54.85 -26.25 21.71
N TYR A 82 54.63 -27.42 21.07
CA TYR A 82 54.57 -28.69 21.81
C TYR A 82 55.90 -29.48 21.86
N PHE A 83 57.00 -28.81 21.48
CA PHE A 83 58.36 -29.31 21.62
C PHE A 83 58.99 -28.67 22.90
N PRO A 84 59.77 -29.43 23.67
CA PRO A 84 60.24 -28.71 24.88
C PRO A 84 61.13 -27.54 24.54
N LYS A 85 61.08 -26.50 25.35
CA LYS A 85 62.05 -25.39 25.31
C LYS A 85 63.51 -25.85 25.54
N LEU A 86 64.45 -25.28 24.80
CA LEU A 86 65.83 -25.72 24.93
C LEU A 86 66.19 -25.70 26.38
N THR A 87 65.75 -24.65 27.09
CA THR A 87 66.23 -24.52 28.49
C THR A 87 65.80 -25.74 29.28
N ASP A 88 64.88 -26.53 28.75
CA ASP A 88 64.42 -27.68 29.52
C ASP A 88 65.12 -29.01 29.13
N ILE A 89 65.95 -28.95 28.09
CA ILE A 89 66.56 -30.16 27.57
C ILE A 89 67.88 -30.50 28.28
N ARG A 90 67.90 -31.64 28.96
CA ARG A 90 69.08 -32.13 29.69
C ARG A 90 69.56 -33.45 29.07
N PHE A 91 70.87 -33.53 28.85
CA PHE A 91 71.50 -34.64 28.14
C PHE A 91 72.51 -35.37 29.03
N ASN A 95 71.65 -40.27 25.58
CA ASN A 95 70.29 -40.02 25.99
C ASN A 95 70.07 -38.59 26.43
N PHE A 96 68.82 -38.14 26.31
CA PHE A 96 68.40 -36.86 26.83
C PHE A 96 67.40 -37.16 27.91
N ASP A 97 67.19 -36.22 28.80
CA ASP A 97 66.03 -36.28 29.62
C ASP A 97 65.26 -34.99 29.33
N ILE A 98 64.04 -34.87 29.81
CA ILE A 98 63.43 -33.57 29.71
C ILE A 98 62.93 -33.12 31.08
N ALA A 99 63.27 -31.91 31.48
CA ALA A 99 62.71 -31.36 32.71
C ALA A 99 61.16 -31.34 32.72
N ASP A 100 60.58 -31.53 33.90
CA ASP A 100 59.13 -31.39 34.06
C ASP A 100 58.76 -29.99 33.74
N PRO A 101 57.57 -29.79 33.14
CA PRO A 101 57.21 -28.43 32.75
C PRO A 101 56.80 -27.64 33.99
N GLU A 102 56.77 -26.31 33.90
CA GLU A 102 56.16 -25.49 34.95
C GLU A 102 54.67 -25.89 35.06
N PRO A 103 54.08 -25.81 36.26
CA PRO A 103 52.70 -26.22 36.45
C PRO A 103 51.76 -25.63 35.44
N ASP A 104 51.80 -24.34 35.20
CA ASP A 104 50.81 -23.89 34.24
C ASP A 104 51.27 -24.03 32.78
N GLN A 105 52.34 -24.79 32.57
CA GLN A 105 52.77 -25.18 31.24
C GLN A 105 52.57 -26.68 30.97
N ALA A 106 51.98 -27.41 31.93
CA ALA A 106 51.87 -28.87 31.79
C ALA A 106 51.08 -29.33 30.57
N HIS A 107 50.07 -28.55 30.17
CA HIS A 107 49.23 -28.90 29.04
C HIS A 107 50.07 -28.84 27.77
N LEU A 108 51.32 -28.38 27.88
CA LEU A 108 52.19 -28.34 26.67
C LEU A 108 52.99 -29.61 26.40
N ARG A 109 52.90 -30.55 27.32
CA ARG A 109 53.57 -31.86 27.22
C ARG A 109 52.58 -32.91 26.72
N LEU A 110 52.56 -33.31 25.45
CA LEU A 110 51.52 -34.22 24.98
C LEU A 110 52.14 -35.55 24.59
N PHE A 111 53.46 -35.61 24.56
CA PHE A 111 54.13 -36.82 24.09
C PHE A 111 54.50 -37.53 25.37
N ASP A 112 54.86 -38.80 25.28
CA ASP A 112 55.24 -39.59 26.49
C ASP A 112 56.22 -40.64 26.05
N ILE A 113 57.42 -40.59 26.62
CA ILE A 113 58.47 -41.53 26.31
C ILE A 113 58.90 -42.27 27.57
N LYS A 114 58.09 -42.28 28.61
CA LYS A 114 58.43 -43.02 29.81
C LYS A 114 57.42 -44.12 30.04
N LYS A 115 56.13 -43.84 29.81
CA LYS A 115 55.06 -44.83 30.08
C LYS A 115 54.31 -45.32 28.83
N ASP A 116 53.48 -44.49 28.21
CA ASP A 116 52.69 -44.89 27.02
C ASP A 116 53.07 -44.00 25.85
N PRO A 117 53.74 -44.57 24.86
CA PRO A 117 54.31 -43.86 23.71
C PRO A 117 53.28 -43.17 22.79
N ARG A 118 52.00 -43.54 22.90
CA ARG A 118 50.93 -42.87 22.13
C ARG A 118 50.73 -41.41 22.60
N GLY A 119 51.16 -41.13 23.83
CA GLY A 119 51.05 -39.80 24.46
C GLY A 119 49.62 -39.45 24.85
N ALA A 120 49.31 -38.16 24.89
CA ALA A 120 47.98 -37.75 25.29
C ALA A 120 46.89 -38.18 24.23
N ASP A 121 45.70 -38.53 24.70
CA ASP A 121 44.62 -38.88 23.75
C ASP A 121 44.11 -37.59 23.06
N LEU A 122 43.19 -37.74 22.12
CA LEU A 122 42.81 -36.60 21.35
C LEU A 122 42.02 -35.60 22.16
N LYS A 123 41.25 -36.08 23.12
CA LYS A 123 40.50 -35.14 23.86
C LYS A 123 41.46 -34.22 24.67
N THR A 124 42.49 -34.79 25.30
CA THR A 124 43.45 -33.99 26.01
C THR A 124 44.16 -33.00 25.07
N ARG A 125 44.48 -33.47 23.87
CA ARG A 125 45.10 -32.61 22.88
C ARG A 125 44.22 -31.40 22.46
N HIS A 126 42.93 -31.67 22.26
CA HIS A 126 41.97 -30.64 21.88
C HIS A 126 41.83 -29.62 23.02
N GLU A 127 41.82 -30.12 24.27
CA GLU A 127 41.67 -29.23 25.42
C GLU A 127 42.97 -28.38 25.50
N SER A 128 44.13 -28.99 25.25
CA SER A 128 45.38 -28.21 25.26
C SER A 128 45.32 -27.21 24.13
N TYR A 129 44.97 -27.68 22.95
CA TYR A 129 44.84 -26.73 21.83
C TYR A 129 43.96 -25.51 22.20
N ALA A 130 42.80 -25.75 22.80
CA ALA A 130 41.81 -24.65 23.14
C ALA A 130 42.45 -23.56 23.99
N LYS A 131 43.22 -24.01 24.98
CA LYS A 131 43.91 -23.09 25.80
C LYS A 131 44.99 -22.31 25.13
N VAL A 132 45.85 -22.95 24.36
CA VAL A 132 46.97 -22.30 23.74
C VAL A 132 46.45 -21.32 22.63
N VAL A 133 45.48 -21.78 21.90
CA VAL A 133 44.87 -20.91 20.85
C VAL A 133 44.05 -19.78 21.53
N GLY A 134 43.42 -20.05 22.67
CA GLY A 134 42.61 -19.01 23.29
C GLY A 134 43.55 -17.87 23.71
N LYS A 135 44.74 -18.20 24.22
CA LYS A 135 45.80 -17.19 24.52
C LYS A 135 46.35 -16.55 23.24
N GLY A 136 46.61 -17.35 22.21
CA GLY A 136 47.07 -16.82 20.93
C GLY A 136 46.10 -15.81 20.33
N LEU A 137 44.82 -16.13 20.36
CA LEU A 137 43.82 -15.21 19.83
C LEU A 137 43.72 -13.88 20.61
N GLU A 138 43.78 -13.92 21.95
CA GLU A 138 43.92 -12.69 22.76
C GLU A 138 45.09 -11.81 22.30
N GLN A 139 46.29 -12.36 22.07
CA GLN A 139 47.35 -11.59 21.48
C GLN A 139 47.06 -11.11 20.05
N MET A 140 46.50 -11.96 19.22
CA MET A 140 46.32 -11.59 17.81
C MET A 140 45.39 -10.43 17.72
N PHE A 141 44.34 -10.39 18.55
CA PHE A 141 43.34 -9.33 18.44
C PHE A 141 43.52 -8.20 19.49
N GLU A 142 44.69 -8.13 20.13
CA GLU A 142 44.81 -7.10 21.19
C GLU A 142 44.72 -5.66 20.69
N GLY A 143 45.13 -5.42 19.44
CA GLY A 143 45.09 -4.09 18.88
C GLY A 143 43.88 -3.82 18.01
N THR A 144 42.94 -4.75 17.99
CA THR A 144 41.72 -4.54 17.22
C THR A 144 40.89 -3.45 17.87
N LEU A 145 40.47 -2.43 17.12
CA LEU A 145 39.81 -1.28 17.73
C LEU A 145 38.28 -1.35 17.66
N GLU A 146 37.78 -2.03 16.62
CA GLU A 146 36.35 -2.15 16.27
C GLU A 146 36.06 -3.58 15.79
N ALA A 147 34.95 -4.18 16.25
CA ALA A 147 34.70 -5.56 15.89
C ALA A 147 34.56 -5.71 14.36
N PRO A 148 35.06 -6.82 13.77
CA PRO A 148 34.75 -7.01 12.37
C PRO A 148 33.28 -7.48 12.19
N ASP A 149 32.74 -7.35 10.97
CA ASP A 149 31.42 -7.90 10.64
C ASP A 149 31.44 -9.45 10.65
N ASP A 150 32.59 -10.01 10.31
CA ASP A 150 32.78 -11.45 10.15
C ASP A 150 34.11 -11.77 10.69
N LEU A 151 34.18 -12.88 11.40
CA LEU A 151 35.46 -13.47 11.78
C LEU A 151 35.54 -14.89 11.28
N ILE A 152 36.60 -15.21 10.54
CA ILE A 152 36.68 -16.55 9.97
C ILE A 152 37.83 -17.25 10.65
N HIS A 153 37.53 -18.38 11.27
CA HIS A 153 38.58 -19.13 11.99
C HIS A 153 39.11 -20.25 11.02
N VAL A 154 40.42 -20.21 10.79
CA VAL A 154 41.01 -21.21 9.87
C VAL A 154 41.91 -22.09 10.70
N THR A 155 41.68 -23.41 10.63
CA THR A 155 42.58 -24.36 11.22
C THR A 155 42.32 -25.74 10.60
N CYS A 156 43.34 -26.61 10.62
CA CYS A 156 43.12 -27.99 10.31
C CYS A 156 43.75 -28.78 11.45
N SER A 157 43.92 -28.12 12.57
CA SER A 157 44.70 -28.68 13.66
C SER A 157 44.07 -28.77 15.05
N GLY A 158 42.79 -28.44 15.15
CA GLY A 158 42.03 -28.55 16.43
C GLY A 158 40.57 -28.19 16.15
N TYR A 159 39.65 -29.11 16.44
CA TYR A 159 38.25 -28.81 16.17
C TYR A 159 37.43 -28.93 17.46
N LEU A 160 36.94 -27.80 17.97
CA LEU A 160 36.06 -27.83 19.14
C LEU A 160 34.83 -27.05 18.83
N ALA A 161 33.73 -27.40 19.49
CA ALA A 161 32.49 -26.60 19.43
C ALA A 161 32.06 -26.32 20.85
N PRO A 162 31.89 -25.04 21.25
CA PRO A 162 32.22 -23.80 20.58
C PRO A 162 33.74 -23.78 20.33
N SER A 163 34.16 -23.14 19.26
CA SER A 163 35.62 -23.02 19.02
C SER A 163 36.32 -21.95 19.85
N PRO A 164 37.65 -22.03 19.98
CA PRO A 164 38.39 -20.92 20.55
C PRO A 164 38.07 -19.61 19.86
N ALA A 165 37.84 -19.60 18.55
CA ALA A 165 37.40 -18.32 17.90
C ALA A 165 36.02 -17.80 18.41
N GLU A 166 35.00 -18.67 18.43
CA GLU A 166 33.72 -18.27 18.97
C GLU A 166 33.85 -17.85 20.46
N ARG A 167 34.61 -18.58 21.25
CA ARG A 167 34.76 -18.12 22.63
C ARG A 167 35.39 -16.72 22.73
N MET A 168 36.41 -16.47 21.94
CA MET A 168 37.05 -15.18 21.95
C MET A 168 36.05 -14.12 21.55
N VAL A 169 35.26 -14.40 20.50
CA VAL A 169 34.31 -13.41 20.03
C VAL A 169 33.31 -13.10 21.14
N ALA A 170 32.90 -14.14 21.89
CA ALA A 170 32.05 -13.87 23.04
C ALA A 170 32.70 -13.08 24.15
N ASP A 171 33.93 -13.44 24.55
CA ASP A 171 34.68 -12.66 25.59
C ASP A 171 34.82 -11.17 25.20
N ARG A 172 35.02 -10.91 23.92
CA ARG A 172 35.05 -9.50 23.51
C ARG A 172 33.71 -8.80 23.49
N GLY A 173 32.59 -9.52 23.65
CA GLY A 173 31.28 -8.85 23.58
C GLY A 173 30.86 -8.55 22.14
N TRP A 174 31.47 -9.23 21.18
CA TRP A 174 31.30 -8.99 19.72
C TRP A 174 30.03 -9.74 19.11
N PHE A 175 28.84 -9.38 19.61
CA PHE A 175 27.66 -10.15 19.45
C PHE A 175 26.94 -9.69 18.18
N GLU A 176 27.59 -8.88 17.37
CA GLU A 176 27.05 -8.66 16.01
C GLU A 176 27.87 -9.43 14.97
N THR A 177 28.99 -10.00 15.40
CA THR A 177 29.97 -10.60 14.50
C THR A 177 29.59 -12.01 14.09
N THR A 178 29.48 -12.24 12.78
CA THR A 178 29.28 -13.60 12.29
C THR A 178 30.65 -14.37 12.40
N VAL A 179 30.65 -15.54 13.04
CA VAL A 179 31.80 -16.43 13.03
C VAL A 179 31.58 -17.59 12.07
N THR A 180 32.54 -17.80 11.19
CA THR A 180 32.51 -18.93 10.31
C THR A 180 33.76 -19.77 10.54
N HIS A 181 33.56 -21.08 10.62
CA HIS A 181 34.66 -22.01 10.66
C HIS A 181 35.04 -22.44 9.23
N SER A 182 36.29 -22.20 8.85
CA SER A 182 36.91 -22.68 7.59
C SER A 182 37.92 -23.76 7.95
N TYR A 183 37.45 -25.00 8.08
CA TYR A 183 38.19 -26.04 8.81
C TYR A 183 38.51 -27.12 7.83
N ASN A 184 39.58 -27.87 8.10
CA ASN A 184 39.89 -29.09 7.33
C ASN A 184 40.06 -28.84 5.81
N MET A 185 40.59 -27.64 5.46
CA MET A 185 41.15 -27.40 4.17
C MET A 185 42.63 -27.20 4.23
N GLY A 186 43.28 -27.85 5.23
CA GLY A 186 44.74 -28.09 5.13
C GLY A 186 45.66 -26.92 4.83
N CYS A 187 46.75 -27.21 4.12
CA CYS A 187 47.78 -26.23 3.90
C CYS A 187 47.34 -25.07 3.06
N TYR A 188 46.35 -25.28 2.20
CA TYR A 188 45.93 -24.18 1.30
C TYR A 188 44.76 -23.41 2.00
N GLY A 189 44.56 -23.66 3.27
CA GLY A 189 43.42 -23.05 4.01
C GLY A 189 43.17 -21.56 3.82
N ALA A 190 44.17 -20.78 3.43
CA ALA A 190 43.92 -19.34 3.40
C ALA A 190 43.06 -19.11 2.18
N PHE A 191 43.17 -20.02 1.20
CA PHE A 191 42.55 -19.68 -0.12
C PHE A 191 40.98 -19.75 -0.02
N PRO A 192 40.43 -20.84 0.56
CA PRO A 192 38.99 -20.89 0.84
C PRO A 192 38.59 -19.77 1.84
N ALA A 193 39.40 -19.50 2.86
CA ALA A 193 39.08 -18.36 3.79
C ALA A 193 38.86 -17.05 3.06
N ILE A 194 39.79 -16.71 2.17
CA ILE A 194 39.72 -15.48 1.39
C ILE A 194 38.50 -15.49 0.45
N LYS A 195 38.23 -16.63 -0.17
CA LYS A 195 37.08 -16.78 -1.07
C LYS A 195 35.83 -16.49 -0.26
N MET A 196 35.77 -17.01 0.95
CA MET A 196 34.61 -16.79 1.81
C MET A 196 34.51 -15.31 2.21
N ALA A 197 35.64 -14.64 2.52
CA ALA A 197 35.62 -13.19 2.86
C ALA A 197 35.09 -12.36 1.72
N HIS A 198 35.63 -12.69 0.57
CA HIS A 198 35.15 -12.06 -0.66
C HIS A 198 33.63 -12.21 -0.94
N GLY A 199 33.12 -13.44 -0.84
CA GLY A 199 31.69 -13.68 -0.94
C GLY A 199 30.85 -12.90 0.07
N MET A 200 31.36 -12.72 1.27
CA MET A 200 30.60 -12.00 2.27
C MET A 200 30.43 -10.53 1.92
N LEU A 201 31.49 -9.92 1.41
CA LEU A 201 31.39 -8.54 0.98
C LEU A 201 30.47 -8.48 -0.22
N ALA A 202 30.61 -9.43 -1.13
CA ALA A 202 29.79 -9.33 -2.36
C ALA A 202 28.32 -9.64 -1.98
N SER A 203 28.10 -10.58 -1.04
CA SER A 203 26.75 -10.86 -0.50
C SER A 203 26.11 -9.64 0.18
N ALA A 204 26.88 -8.88 0.95
CA ALA A 204 26.41 -7.59 1.52
C ALA A 204 26.02 -6.61 0.38
N GLN A 205 26.85 -6.52 -0.63
CA GLN A 205 26.60 -5.63 -1.70
C GLN A 205 25.32 -6.12 -2.41
N TRP A 206 25.16 -7.42 -2.62
CA TRP A 206 23.86 -7.90 -3.08
C TRP A 206 22.63 -7.48 -2.26
N GLY A 207 22.82 -7.27 -0.95
CA GLY A 207 21.72 -6.76 -0.18
C GLY A 207 21.19 -7.83 0.75
N ALA A 208 21.86 -8.99 0.81
CA ALA A 208 21.41 -10.13 1.61
C ALA A 208 21.77 -9.98 3.09
N THR A 209 22.73 -9.13 3.42
CA THR A 209 22.91 -8.62 4.78
C THR A 209 23.09 -7.13 4.68
N PRO A 210 23.08 -6.41 5.85
CA PRO A 210 23.43 -4.96 5.83
C PRO A 210 24.87 -4.82 5.29
N PRO A 211 25.31 -3.60 4.94
CA PRO A 211 26.68 -3.34 4.43
C PRO A 211 27.71 -3.80 5.44
N LYS A 212 28.86 -4.28 4.99
CA LYS A 212 29.95 -4.64 5.91
C LYS A 212 31.20 -3.89 5.53
N THR A 213 32.10 -3.72 6.50
CA THR A 213 33.36 -2.99 6.22
C THR A 213 34.66 -3.77 6.47
N ARG A 214 34.56 -4.90 7.14
CA ARG A 214 35.76 -5.65 7.44
C ARG A 214 35.49 -7.11 7.85
N VAL A 215 36.14 -8.06 7.14
CA VAL A 215 36.21 -9.47 7.55
C VAL A 215 37.60 -9.73 8.12
N ASP A 216 37.67 -10.29 9.31
CA ASP A 216 38.95 -10.78 9.86
C ASP A 216 39.10 -12.27 9.68
N ILE A 217 40.29 -12.69 9.26
CA ILE A 217 40.62 -14.13 9.08
C ILE A 217 41.72 -14.48 10.06
N ALA A 218 41.46 -15.41 10.97
CA ALA A 218 42.41 -15.81 11.98
C ALA A 218 42.84 -17.28 11.75
N HIS A 219 44.11 -17.50 11.36
CA HIS A 219 44.69 -18.82 11.19
C HIS A 219 45.35 -19.21 12.54
N THR A 220 45.03 -20.36 13.05
CA THR A 220 45.75 -20.87 14.23
C THR A 220 46.08 -22.32 13.94
N GLU A 221 47.31 -22.56 13.50
CA GLU A 221 47.71 -23.90 13.17
C GLU A 221 48.73 -24.32 14.23
N LEU A 222 48.41 -25.34 15.00
CA LEU A 222 49.33 -25.95 15.96
C LEU A 222 49.64 -27.36 15.47
N MET A 223 50.42 -27.45 14.41
CA MET A 223 50.79 -28.79 13.86
C MET A 223 51.56 -29.62 14.88
N SER A 224 52.36 -28.98 15.71
CA SER A 224 53.17 -29.75 16.69
C SER A 224 52.32 -30.53 17.69
N ALA A 225 51.07 -30.12 17.89
CA ALA A 225 50.17 -30.81 18.83
C ALA A 225 49.89 -32.20 18.31
N HIS A 226 50.20 -32.42 17.03
CA HIS A 226 49.97 -33.74 16.43
C HIS A 226 51.16 -34.65 16.30
N ASN A 227 52.14 -34.38 17.14
CA ASN A 227 53.30 -35.20 17.19
C ASN A 227 52.92 -36.65 17.39
N ASN A 228 53.55 -37.47 16.58
CA ASN A 228 53.34 -38.89 16.51
C ASN A 228 54.75 -39.51 16.47
N ILE A 229 55.25 -39.95 17.60
CA ILE A 229 56.59 -40.50 17.66
C ILE A 229 56.49 -42.07 17.73
N ALA A 230 55.27 -42.59 17.73
CA ALA A 230 55.01 -44.01 17.76
C ALA A 230 55.01 -44.68 16.41
N GLU A 231 54.95 -43.92 15.31
CA GLU A 231 55.11 -44.54 13.97
C GLU A 231 56.46 -44.22 13.32
N SER A 232 57.26 -45.21 12.94
CA SER A 232 58.54 -44.85 12.34
C SER A 232 58.56 -44.97 10.83
N ARG A 233 57.39 -45.17 10.22
CA ARG A 233 57.34 -45.20 8.77
C ARG A 233 57.97 -43.91 8.25
N VAL A 234 58.61 -43.98 7.08
CA VAL A 234 59.35 -42.86 6.64
C VAL A 234 58.52 -41.57 6.46
N ASP A 235 57.25 -41.67 6.09
CA ASP A 235 56.58 -40.43 5.69
C ASP A 235 56.21 -39.65 6.96
N ASN A 236 56.19 -40.35 8.10
CA ASN A 236 55.98 -39.69 9.37
C ASN A 236 57.28 -39.03 9.93
N ILE A 237 58.45 -39.62 9.70
CA ILE A 237 59.74 -38.94 9.92
C ILE A 237 59.75 -37.61 9.15
N ILE A 238 59.38 -37.64 7.88
CA ILE A 238 59.35 -36.41 7.11
C ILE A 238 58.35 -35.44 7.74
N SER A 239 57.14 -35.85 8.04
CA SER A 239 56.11 -34.97 8.63
C SER A 239 56.49 -34.37 9.97
N ALA A 240 57.07 -35.16 10.86
CA ALA A 240 57.41 -34.63 12.17
C ALA A 240 58.52 -33.57 12.11
N THR A 241 59.24 -33.51 11.00
CA THR A 241 60.39 -32.61 10.87
C THR A 241 60.15 -31.53 9.82
N LEU A 242 59.06 -31.63 9.14
CA LEU A 242 58.70 -30.63 8.13
C LEU A 242 57.72 -29.60 8.68
N PHE A 243 56.67 -30.06 9.34
CA PHE A 243 55.57 -29.14 9.81
C PHE A 243 55.92 -28.34 11.04
N SER A 244 55.26 -27.19 11.19
CA SER A 244 55.53 -26.25 12.24
C SER A 244 54.28 -25.45 12.63
N ASP A 245 54.38 -24.61 13.66
CA ASP A 245 53.21 -23.91 14.12
C ASP A 245 53.20 -22.47 13.61
N GLY A 246 52.00 -21.91 13.40
CA GLY A 246 51.87 -20.53 12.91
C GLY A 246 50.50 -19.98 13.23
N LEU A 247 50.51 -18.79 13.83
CA LEU A 247 49.29 -18.04 14.16
C LEU A 247 49.41 -16.70 13.48
N ILE A 248 48.41 -16.32 12.68
CA ILE A 248 48.48 -15.04 12.02
C ILE A 248 47.04 -14.59 11.68
N LYS A 249 46.74 -13.28 11.84
CA LYS A 249 45.51 -12.78 11.28
C LYS A 249 45.72 -11.74 10.19
N TYR A 250 44.67 -11.53 9.38
CA TYR A 250 44.67 -10.43 8.40
C TYR A 250 43.20 -10.12 8.09
N SER A 251 42.95 -8.98 7.42
CA SER A 251 41.65 -8.45 7.25
C SER A 251 41.31 -8.35 5.78
N VAL A 252 40.05 -8.41 5.45
CA VAL A 252 39.63 -8.19 4.04
C VAL A 252 38.63 -7.04 4.08
N TYR A 253 38.87 -5.97 3.30
CA TYR A 253 38.09 -4.77 3.32
C TYR A 253 37.49 -4.58 1.93
N PRO A 254 36.29 -3.99 1.86
CA PRO A 254 35.88 -3.43 0.55
C PRO A 254 36.91 -2.31 0.22
N GLU A 255 37.28 -2.20 -1.04
CA GLU A 255 38.32 -1.26 -1.44
C GLU A 255 38.07 0.20 -1.00
N ASP A 256 36.85 0.66 -1.15
CA ASP A 256 36.50 2.04 -0.78
C ASP A 256 36.72 2.24 0.72
N GLU A 257 36.35 1.25 1.52
CA GLU A 257 36.75 1.31 2.92
C GLU A 257 38.26 1.32 3.15
N LEU A 258 39.01 0.45 2.46
CA LEU A 258 40.43 0.41 2.62
C LEU A 258 41.02 1.83 2.29
N ARG A 259 40.52 2.48 1.24
CA ARG A 259 41.03 3.81 0.84
C ARG A 259 40.73 4.86 1.92
N ARG A 260 39.51 4.89 2.46
CA ARG A 260 39.17 5.85 3.54
C ARG A 260 40.08 5.65 4.75
N GLN A 261 40.47 4.41 5.02
CA GLN A 261 41.38 4.23 6.13
C GLN A 261 42.83 4.57 5.72
N GLY A 262 43.07 4.89 4.45
CA GLY A 262 44.46 5.07 3.97
C GLY A 262 45.42 3.90 4.17
N LEU A 263 44.94 2.68 4.14
CA LEU A 263 45.81 1.50 4.23
C LEU A 263 46.28 1.05 2.83
N ARG A 264 47.49 0.51 2.80
CA ARG A 264 48.00 -0.26 1.64
C ARG A 264 47.36 -1.64 1.73
N GLY A 265 47.16 -2.35 0.62
CA GLY A 265 46.58 -3.70 0.70
C GLY A 265 46.82 -4.49 -0.59
N LEU A 266 46.39 -5.75 -0.57
CA LEU A 266 46.48 -6.60 -1.72
C LEU A 266 45.08 -6.76 -2.27
N ARG A 267 44.79 -6.04 -3.36
CA ARG A 267 43.50 -6.12 -4.03
C ARG A 267 43.34 -7.49 -4.71
N ILE A 268 42.17 -8.10 -4.54
CA ILE A 268 41.93 -9.40 -5.12
C ILE A 268 41.43 -9.25 -6.53
N LEU A 269 42.09 -9.91 -7.48
CA LEU A 269 41.63 -9.80 -8.88
C LEU A 269 40.86 -11.06 -9.30
N ALA A 270 41.23 -12.22 -8.75
CA ALA A 270 40.68 -13.49 -9.22
C ALA A 270 41.06 -14.62 -8.32
N MET A 271 40.29 -15.68 -8.44
CA MET A 271 40.60 -16.83 -7.65
C MET A 271 40.11 -18.12 -8.29
N SER A 272 40.71 -19.24 -7.92
CA SER A 272 40.32 -20.53 -8.46
C SER A 272 40.68 -21.60 -7.48
N GLU A 273 40.01 -22.74 -7.63
CA GLU A 273 40.35 -23.93 -6.81
C GLU A 273 39.63 -25.13 -7.37
N HIS A 274 40.37 -26.22 -7.57
CA HIS A 274 39.73 -27.52 -7.86
C HIS A 274 40.65 -28.66 -7.54
N LEU A 275 40.17 -29.89 -7.73
CA LEU A 275 40.97 -31.07 -7.40
C LEU A 275 41.87 -31.46 -8.57
N LEU A 276 42.88 -32.26 -8.27
CA LEU A 276 43.74 -32.81 -9.30
C LEU A 276 43.40 -34.31 -9.39
N PRO A 277 43.32 -34.87 -10.63
CA PRO A 277 42.97 -36.28 -10.83
C PRO A 277 43.80 -37.30 -10.08
N ASP A 278 43.20 -38.40 -9.71
CA ASP A 278 43.93 -39.61 -9.33
C ASP A 278 44.91 -39.44 -8.25
N SER A 279 44.59 -38.64 -7.23
CA SER A 279 45.61 -38.35 -6.23
C SER A 279 45.08 -38.26 -4.81
N ALA A 280 43.87 -38.74 -4.58
CA ALA A 280 43.23 -38.60 -3.27
C ALA A 280 44.06 -39.24 -2.18
N ASP A 281 44.74 -40.34 -2.50
CA ASP A 281 45.44 -41.08 -1.41
C ASP A 281 46.90 -40.67 -1.21
N THR A 282 47.35 -39.67 -1.95
CA THR A 282 48.77 -39.26 -1.86
C THR A 282 49.08 -38.33 -0.67
N MET A 283 48.04 -37.79 -0.02
CA MET A 283 48.19 -36.93 1.16
C MET A 283 46.90 -36.94 1.98
N THR A 284 46.94 -37.55 3.18
CA THR A 284 45.78 -37.76 3.96
C THR A 284 46.01 -37.28 5.42
N TRP A 285 44.91 -37.02 6.09
CA TRP A 285 44.96 -36.34 7.39
C TRP A 285 43.64 -36.68 8.02
N VAL A 286 43.70 -37.51 9.07
CA VAL A 286 42.50 -38.09 9.72
C VAL A 286 42.65 -38.11 11.26
N PRO A 287 41.68 -37.54 12.00
CA PRO A 287 41.77 -37.68 13.45
C PRO A 287 41.65 -39.12 13.91
N GLY A 288 42.55 -39.52 14.79
CA GLY A 288 42.39 -40.80 15.41
C GLY A 288 42.31 -40.70 16.92
N SER A 289 42.67 -41.78 17.59
CA SER A 289 42.60 -41.87 19.03
C SER A 289 43.38 -40.78 19.74
N HIS A 290 44.53 -40.50 19.19
CA HIS A 290 45.51 -39.70 19.91
C HIS A 290 45.86 -38.39 19.27
N GLN A 291 45.83 -38.31 17.95
CA GLN A 291 46.12 -37.03 17.36
C GLN A 291 45.55 -37.10 15.93
N PHE A 292 45.69 -36.05 15.15
CA PHE A 292 45.40 -36.22 13.73
C PHE A 292 46.60 -36.93 13.05
N VAL A 293 46.33 -38.02 12.35
CA VAL A 293 47.36 -38.89 11.76
C VAL A 293 47.59 -38.48 10.27
N MET A 294 48.83 -38.26 9.85
CA MET A 294 49.10 -37.89 8.48
C MET A 294 49.66 -39.07 7.67
N THR A 295 49.38 -39.11 6.37
CA THR A 295 50.21 -39.85 5.43
C THR A 295 50.54 -38.96 4.23
N LEU A 296 51.71 -39.20 3.65
CA LEU A 296 52.22 -38.36 2.58
C LEU A 296 53.04 -39.25 1.60
N SER A 297 52.64 -39.20 0.34
CA SER A 297 53.28 -39.96 -0.75
C SER A 297 54.42 -39.16 -1.43
N PRO A 298 55.53 -39.84 -1.68
CA PRO A 298 56.61 -39.23 -2.39
C PRO A 298 56.22 -38.74 -3.82
N LEU A 299 55.04 -39.12 -4.32
CA LEU A 299 54.56 -38.64 -5.61
C LEU A 299 53.99 -37.27 -5.59
N VAL A 300 53.66 -36.74 -4.40
CA VAL A 300 53.00 -35.45 -4.42
C VAL A 300 53.70 -34.38 -5.27
N PRO A 301 55.05 -34.16 -5.11
CA PRO A 301 55.65 -33.08 -5.92
C PRO A 301 55.47 -33.26 -7.44
N ALA A 302 55.59 -34.49 -7.92
CA ALA A 302 55.44 -34.74 -9.38
C ALA A 302 53.99 -34.47 -9.84
N ILE A 303 53.03 -34.84 -8.99
CA ILE A 303 51.61 -34.66 -9.39
C ILE A 303 51.28 -33.16 -9.52
N ILE A 304 51.73 -32.37 -8.56
CA ILE A 304 51.57 -30.93 -8.59
C ILE A 304 52.24 -30.31 -9.77
N LYS A 305 53.48 -30.71 -10.01
CA LYS A 305 54.22 -30.17 -11.16
C LYS A 305 53.46 -30.46 -12.44
N ARG A 306 52.96 -31.70 -12.60
CA ARG A 306 52.30 -32.05 -13.85
C ARG A 306 50.99 -31.29 -14.16
N HIS A 307 50.37 -30.71 -13.14
CA HIS A 307 49.12 -29.99 -13.33
C HIS A 307 49.27 -28.49 -13.12
N VAL A 308 50.39 -28.01 -12.60
CA VAL A 308 50.34 -26.62 -12.13
C VAL A 308 50.34 -25.56 -13.26
N ARG A 309 50.88 -25.92 -14.42
CA ARG A 309 50.90 -24.93 -15.51
C ARG A 309 49.55 -24.58 -16.08
N ALA A 310 48.78 -25.59 -16.46
CA ALA A 310 47.42 -25.36 -16.93
C ALA A 310 46.59 -24.60 -15.89
N PHE A 311 46.82 -24.89 -14.61
CA PHE A 311 46.08 -24.25 -13.54
C PHE A 311 46.49 -22.77 -13.50
N ALA A 312 47.81 -22.53 -13.55
CA ALA A 312 48.35 -21.17 -13.46
C ALA A 312 47.88 -20.35 -14.66
N VAL A 313 47.88 -20.96 -15.85
CA VAL A 313 47.43 -20.27 -17.08
C VAL A 313 46.00 -19.86 -16.94
N ASP A 314 45.14 -20.78 -16.52
CA ASP A 314 43.74 -20.47 -16.25
C ASP A 314 43.50 -19.34 -15.19
N LEU A 315 44.22 -19.43 -14.08
CA LEU A 315 44.13 -18.45 -13.04
C LEU A 315 44.46 -17.05 -13.58
N LEU A 316 45.58 -16.94 -14.26
CA LEU A 316 45.92 -15.66 -14.86
C LEU A 316 44.81 -15.22 -15.82
N ARG A 317 44.21 -16.17 -16.54
CA ARG A 317 43.16 -15.83 -17.51
C ARG A 317 41.95 -15.21 -16.76
N ARG A 318 41.69 -15.71 -15.54
CA ARG A 318 40.56 -15.25 -14.76
C ARG A 318 40.76 -13.81 -14.29
N ALA A 319 42.03 -13.39 -14.27
CA ALA A 319 42.38 -12.03 -13.84
C ALA A 319 42.52 -11.09 -15.02
N GLY A 320 42.19 -11.56 -16.23
CA GLY A 320 42.35 -10.80 -17.50
C GLY A 320 43.80 -10.76 -17.99
N MET A 321 44.62 -11.71 -17.54
CA MET A 321 46.03 -11.65 -17.97
C MET A 321 46.39 -12.84 -18.83
N ASP A 322 47.63 -12.94 -19.24
CA ASP A 322 48.06 -14.01 -20.11
C ASP A 322 49.38 -14.53 -19.57
N PHE A 323 49.37 -15.80 -19.18
CA PHE A 323 50.54 -16.39 -18.52
C PHE A 323 51.83 -16.11 -19.32
N GLU A 324 51.80 -16.42 -20.61
CA GLU A 324 53.01 -16.40 -21.38
C GLU A 324 53.46 -14.96 -21.61
N ARG A 325 52.51 -14.05 -21.70
CA ARG A 325 52.86 -12.66 -22.00
C ARG A 325 53.29 -11.95 -20.72
N ASP A 326 52.63 -12.24 -19.59
CA ASP A 326 52.79 -11.40 -18.40
C ASP A 326 53.59 -12.05 -17.27
N LYS A 327 53.95 -13.31 -17.38
CA LYS A 327 54.55 -13.91 -16.20
C LYS A 327 55.85 -13.21 -15.70
N ASP A 328 56.59 -12.58 -16.61
CA ASP A 328 57.86 -11.99 -16.23
C ASP A 328 57.67 -10.81 -15.32
N ALA A 329 56.49 -10.23 -15.35
CA ALA A 329 56.21 -9.10 -14.50
C ALA A 329 55.63 -9.50 -13.12
N LEU A 330 55.30 -10.78 -12.92
CA LEU A 330 54.66 -11.20 -11.67
C LEU A 330 55.59 -11.74 -10.58
N SER A 331 55.16 -11.60 -9.33
CA SER A 331 55.72 -12.36 -8.26
C SER A 331 54.78 -13.59 -8.10
N PHE A 332 55.32 -14.73 -7.64
CA PHE A 332 54.63 -16.04 -7.45
C PHE A 332 54.80 -16.52 -6.03
N ALA A 333 53.70 -16.45 -5.28
CA ALA A 333 53.71 -16.84 -3.89
C ALA A 333 53.20 -18.25 -3.97
N ILE A 334 54.02 -19.19 -3.52
CA ILE A 334 53.75 -20.57 -3.70
C ILE A 334 53.84 -21.25 -2.33
N HIS A 335 52.82 -21.99 -1.89
CA HIS A 335 52.90 -22.63 -0.55
C HIS A 335 54.01 -23.65 -0.51
N PRO A 336 54.99 -23.50 0.42
CA PRO A 336 56.07 -24.50 0.34
C PRO A 336 55.73 -25.76 1.13
N GLY A 337 55.02 -26.68 0.48
CA GLY A 337 54.45 -27.85 1.18
C GLY A 337 55.47 -28.87 1.65
N GLY A 338 56.61 -28.89 0.96
CA GLY A 338 57.74 -29.74 1.26
C GLY A 338 58.94 -29.02 0.71
N PRO A 339 60.13 -29.56 1.03
CA PRO A 339 61.43 -29.00 0.69
C PRO A 339 61.55 -28.68 -0.80
N LYS A 340 60.91 -29.41 -1.66
CA LYS A 340 61.19 -29.19 -3.06
C LYS A 340 60.04 -28.57 -3.83
N ILE A 341 58.91 -28.26 -3.16
CA ILE A 341 57.70 -27.86 -3.87
C ILE A 341 57.91 -26.57 -4.67
N VAL A 342 58.42 -25.52 -4.00
CA VAL A 342 58.68 -24.26 -4.66
C VAL A 342 59.61 -24.47 -5.85
N ASP A 343 60.69 -25.22 -5.67
CA ASP A 343 61.59 -25.48 -6.81
C ASP A 343 60.86 -26.16 -8.01
N HIS A 344 60.03 -27.16 -7.74
CA HIS A 344 59.35 -27.90 -8.82
C HIS A 344 58.43 -26.98 -9.57
N VAL A 345 57.70 -26.11 -8.81
CA VAL A 345 56.72 -25.23 -9.46
C VAL A 345 57.48 -24.17 -10.25
N GLN A 346 58.51 -23.64 -9.61
CA GLN A 346 59.37 -22.64 -10.25
C GLN A 346 59.87 -23.19 -11.59
N GLU A 347 60.35 -24.44 -11.58
CA GLU A 347 60.89 -25.00 -12.79
C GLU A 347 59.79 -25.21 -13.80
N GLU A 348 58.68 -25.80 -13.39
CA GLU A 348 57.58 -25.98 -14.30
C GLU A 348 57.06 -24.69 -14.97
N LEU A 349 57.04 -23.60 -14.20
CA LEU A 349 56.54 -22.35 -14.69
C LEU A 349 57.61 -21.45 -15.37
N GLY A 350 58.88 -21.90 -15.47
CA GLY A 350 59.95 -21.10 -16.15
C GLY A 350 60.18 -19.78 -15.38
N LEU A 351 60.15 -19.85 -14.06
CA LEU A 351 60.33 -18.64 -13.24
C LEU A 351 61.79 -18.39 -12.84
N ALA A 352 62.16 -17.12 -12.76
CA ALA A 352 63.43 -16.68 -12.13
C ALA A 352 63.41 -16.81 -10.62
N GLU A 353 64.57 -17.09 -10.04
CA GLU A 353 64.70 -17.10 -8.62
C GLU A 353 63.98 -15.91 -7.95
N ASP A 354 64.12 -14.70 -8.48
CA ASP A 354 63.63 -13.51 -7.74
C ASP A 354 62.13 -13.49 -7.63
N GLN A 355 61.47 -14.27 -8.50
CA GLN A 355 60.04 -14.26 -8.54
C GLN A 355 59.45 -15.14 -7.47
N VAL A 356 60.27 -16.00 -6.90
CA VAL A 356 59.81 -16.99 -5.90
C VAL A 356 60.62 -16.91 -4.60
N ALA A 357 61.49 -15.91 -4.49
CA ALA A 357 62.39 -15.84 -3.26
C ALA A 357 61.69 -15.77 -1.91
N ILE A 358 60.62 -14.99 -1.83
CA ILE A 358 59.95 -14.89 -0.51
C ILE A 358 59.35 -16.23 -0.06
N SER A 359 58.72 -16.97 -0.99
CA SER A 359 58.15 -18.28 -0.60
C SER A 359 59.26 -19.19 -0.10
N LYS A 360 60.41 -19.21 -0.79
CA LYS A 360 61.57 -19.98 -0.32
C LYS A 360 62.08 -19.55 1.02
N SER A 361 62.20 -18.24 1.20
CA SER A 361 62.70 -17.70 2.47
C SER A 361 61.78 -18.02 3.65
N VAL A 362 60.45 -17.84 3.49
CA VAL A 362 59.51 -18.16 4.57
C VAL A 362 59.62 -19.62 5.00
N PHE A 363 59.76 -20.52 4.01
CA PHE A 363 59.99 -21.93 4.29
C PHE A 363 61.25 -22.22 5.13
N LEU A 364 62.36 -21.63 4.67
CA LEU A 364 63.64 -21.82 5.27
C LEU A 364 63.61 -21.30 6.72
N GLU A 365 62.90 -20.20 6.93
CA GLU A 365 62.93 -19.62 8.24
C GLU A 365 61.89 -20.21 9.23
N ASN A 366 60.84 -20.87 8.73
CA ASN A 366 59.73 -21.19 9.57
C ASN A 366 59.25 -22.61 9.47
N GLY A 367 59.68 -23.34 8.45
CA GLY A 367 59.08 -24.63 8.15
C GLY A 367 57.72 -24.50 7.48
N ASN A 368 57.00 -25.61 7.35
CA ASN A 368 55.66 -25.58 6.73
C ASN A 368 54.65 -25.34 7.82
N MET A 369 54.13 -24.12 7.91
CA MET A 369 53.14 -23.76 8.96
C MET A 369 51.72 -24.05 8.49
N SER A 370 51.55 -25.07 7.68
CA SER A 370 50.21 -25.39 7.16
C SER A 370 49.52 -24.13 6.60
N SER A 371 48.21 -23.91 6.85
CA SER A 371 47.49 -22.78 6.16
C SER A 371 48.08 -21.38 6.49
N SER A 372 48.76 -21.25 7.64
CA SER A 372 49.40 -19.96 8.04
C SER A 372 50.60 -19.51 7.18
N THR A 373 51.20 -20.46 6.43
CA THR A 373 52.40 -20.18 5.65
C THR A 373 52.12 -19.16 4.51
N ILE A 374 51.12 -19.41 3.68
CA ILE A 374 50.83 -18.38 2.63
C ILE A 374 50.53 -16.97 3.22
N PRO A 375 49.69 -16.87 4.28
CA PRO A 375 49.57 -15.49 4.82
C PRO A 375 50.91 -14.80 5.22
N HIS A 376 51.89 -15.51 5.84
CA HIS A 376 53.18 -14.85 6.08
C HIS A 376 53.90 -14.46 4.76
N ILE A 377 53.79 -15.28 3.72
CA ILE A 377 54.40 -14.88 2.45
C ILE A 377 53.71 -13.62 1.92
N LEU A 378 52.39 -13.54 2.08
CA LEU A 378 51.65 -12.35 1.61
C LEU A 378 51.93 -11.07 2.42
N LYS A 379 52.18 -11.22 3.70
CA LYS A 379 52.57 -10.11 4.54
C LYS A 379 53.85 -9.51 4.02
N ALA A 380 54.84 -10.34 3.72
CA ALA A 380 56.10 -9.84 3.15
C ALA A 380 55.89 -9.12 1.83
N TYR A 381 55.07 -9.67 0.94
CA TYR A 381 54.80 -8.95 -0.30
C TYR A 381 54.17 -7.60 -0.04
N LEU A 382 53.10 -7.54 0.77
CA LEU A 382 52.49 -6.26 1.05
C LEU A 382 53.52 -5.27 1.59
N GLU A 383 54.44 -5.74 2.42
CA GLU A 383 55.44 -4.84 2.98
C GLU A 383 56.46 -4.42 1.95
N GLU A 384 56.82 -5.30 1.02
CA GLU A 384 58.02 -5.03 0.22
C GLU A 384 57.74 -4.66 -1.22
N ALA A 385 56.58 -5.09 -1.71
CA ALA A 385 56.25 -4.98 -3.12
C ALA A 385 56.03 -3.54 -3.51
N THR A 386 56.38 -3.21 -4.75
CA THR A 386 56.09 -1.91 -5.36
C THR A 386 54.60 -1.82 -5.64
N VAL A 387 53.97 -0.67 -5.39
CA VAL A 387 52.54 -0.52 -5.68
C VAL A 387 52.32 -0.82 -7.15
N GLY A 388 51.29 -1.59 -7.49
CA GLY A 388 51.09 -1.99 -8.90
C GLY A 388 51.56 -3.41 -9.22
N THR A 389 52.40 -3.98 -8.36
CA THR A 389 52.85 -5.33 -8.53
C THR A 389 51.72 -6.33 -8.34
N ARG A 390 51.67 -7.31 -9.21
CA ARG A 390 50.65 -8.28 -9.15
C ARG A 390 51.31 -9.55 -8.72
N ILE A 391 50.62 -10.32 -7.89
CA ILE A 391 51.16 -11.54 -7.36
C ILE A 391 50.21 -12.71 -7.70
N ALA A 392 50.76 -13.75 -8.31
CA ALA A 392 50.03 -15.01 -8.47
C ALA A 392 50.30 -15.90 -7.28
N CYS A 393 49.26 -16.42 -6.65
CA CYS A 393 49.45 -17.22 -5.44
C CYS A 393 48.95 -18.64 -5.69
N LEU A 394 49.69 -19.62 -5.21
CA LEU A 394 49.36 -20.99 -5.52
C LEU A 394 49.58 -21.83 -4.27
N GLY A 395 48.61 -22.68 -3.95
CA GLY A 395 48.66 -23.47 -2.72
C GLY A 395 48.17 -24.86 -3.05
N PHE A 396 48.70 -25.89 -2.40
CA PHE A 396 48.17 -27.26 -2.63
C PHE A 396 47.89 -27.93 -1.31
N GLY A 397 46.99 -28.90 -1.31
CA GLY A 397 46.79 -29.67 -0.13
C GLY A 397 45.93 -30.90 -0.45
N PRO A 398 45.34 -31.49 0.58
CA PRO A 398 44.71 -32.78 0.34
C PRO A 398 43.66 -32.67 -0.74
N GLY A 399 43.46 -33.75 -1.50
CA GLY A 399 42.51 -33.83 -2.62
C GLY A 399 43.07 -34.74 -3.74
N LEU A 400 44.29 -34.48 -4.25
CA LEU A 400 44.97 -33.19 -4.03
C LEU A 400 44.17 -31.98 -4.57
N THR A 401 44.35 -30.85 -3.88
CA THR A 401 43.70 -29.58 -4.30
C THR A 401 44.72 -28.55 -4.77
N ALA A 402 44.43 -27.89 -5.90
CA ALA A 402 45.24 -26.74 -6.28
C ALA A 402 44.32 -25.49 -5.99
N ALA A 403 44.86 -24.50 -5.33
CA ALA A 403 44.13 -23.25 -5.08
C ALA A 403 44.89 -22.05 -5.67
N GLY A 404 44.16 -21.11 -6.20
CA GLY A 404 44.80 -20.00 -6.90
C GLY A 404 44.26 -18.62 -6.45
N LEU A 405 45.12 -17.61 -6.40
CA LEU A 405 44.66 -16.27 -6.22
C LEU A 405 45.57 -15.30 -6.99
N VAL A 406 44.98 -14.29 -7.61
CA VAL A 406 45.76 -13.19 -8.18
C VAL A 406 45.46 -11.87 -7.44
N LEU A 407 46.53 -11.21 -6.96
CA LEU A 407 46.47 -10.05 -6.09
C LEU A 407 47.22 -8.88 -6.76
N GLU A 408 46.89 -7.65 -6.37
CA GLU A 408 47.67 -6.50 -6.86
C GLU A 408 47.91 -5.58 -5.69
N LYS A 409 49.15 -5.17 -5.47
CA LYS A 409 49.37 -4.23 -4.34
C LYS A 409 48.90 -2.78 -4.65
N ILE A 410 48.13 -2.17 -3.73
CA ILE A 410 47.59 -0.78 -3.94
C ILE A 410 47.78 0.00 -2.64
N HIS B 7 -41.67 -7.18 -51.59
CA HIS B 7 -41.25 -5.76 -51.32
C HIS B 7 -39.86 -5.38 -51.88
N PRO B 8 -39.71 -4.13 -52.33
CA PRO B 8 -38.39 -3.58 -52.69
C PRO B 8 -37.61 -2.99 -51.50
N ASN B 9 -36.30 -2.86 -51.65
CA ASN B 9 -35.50 -2.24 -50.62
C ASN B 9 -35.71 -3.04 -49.33
N SER B 10 -35.73 -4.37 -49.48
CA SER B 10 -35.98 -5.27 -48.36
C SER B 10 -35.00 -6.45 -48.38
N ALA B 11 -34.43 -6.80 -47.20
CA ALA B 11 -33.54 -7.93 -47.11
C ALA B 11 -34.09 -8.96 -46.08
N VAL B 12 -33.78 -10.23 -46.38
CA VAL B 12 -34.40 -11.34 -45.67
C VAL B 12 -33.47 -12.47 -45.30
N LEU B 13 -33.50 -12.82 -44.01
CA LEU B 13 -32.81 -13.98 -43.47
C LEU B 13 -33.49 -15.30 -43.86
N ALA B 14 -32.70 -16.26 -44.31
CA ALA B 14 -33.24 -17.63 -44.55
C ALA B 14 -32.16 -18.75 -44.46
N ASP B 15 -32.59 -20.02 -44.48
CA ASP B 15 -31.63 -21.11 -44.66
C ASP B 15 -30.57 -21.16 -43.51
N PHE B 16 -31.05 -21.17 -42.29
CA PHE B 16 -30.15 -21.45 -41.15
C PHE B 16 -29.62 -22.87 -41.15
N ILE B 17 -28.31 -23.05 -41.35
CA ILE B 17 -27.72 -24.42 -41.37
C ILE B 17 -26.65 -24.60 -40.26
N PRO B 18 -27.04 -25.18 -39.09
CA PRO B 18 -26.00 -25.41 -38.09
C PRO B 18 -25.08 -26.59 -38.46
N VAL B 19 -23.92 -26.68 -37.79
CA VAL B 19 -23.06 -27.80 -38.06
C VAL B 19 -22.43 -28.22 -36.75
N GLN B 20 -22.69 -29.46 -36.37
CA GLN B 20 -22.08 -30.01 -35.14
C GLN B 20 -20.74 -30.72 -35.40
N LEU B 21 -19.66 -30.22 -34.82
CA LEU B 21 -18.35 -30.87 -34.91
C LEU B 21 -18.07 -31.96 -33.84
N ALA B 22 -18.73 -31.87 -32.69
CA ALA B 22 -18.47 -32.81 -31.60
C ALA B 22 -19.73 -33.18 -30.81
N LYS B 23 -19.78 -34.37 -30.21
CA LYS B 23 -20.96 -34.67 -29.43
C LYS B 23 -20.91 -33.82 -28.16
N PRO B 24 -22.01 -33.13 -27.82
CA PRO B 24 -22.11 -32.34 -26.58
C PRO B 24 -21.82 -33.22 -25.34
N VAL B 25 -21.06 -32.70 -24.38
CA VAL B 25 -20.79 -33.42 -23.19
C VAL B 25 -21.78 -33.00 -22.06
N PRO B 26 -22.37 -33.98 -21.40
CA PRO B 26 -23.23 -33.64 -20.25
C PRO B 26 -22.57 -32.62 -19.29
N GLN B 27 -23.29 -31.55 -18.95
CA GLN B 27 -22.71 -30.50 -18.11
C GLN B 27 -22.08 -31.06 -16.79
N ARG B 28 -22.75 -32.02 -16.12
CA ARG B 28 -22.13 -32.62 -14.92
C ARG B 28 -20.70 -33.08 -15.15
N ILE B 29 -20.55 -33.90 -16.18
CA ILE B 29 -19.23 -34.34 -16.59
C ILE B 29 -18.22 -33.20 -16.84
N THR B 30 -18.56 -32.18 -17.65
CA THR B 30 -17.56 -31.12 -17.82
C THR B 30 -17.20 -30.49 -16.45
N LEU B 31 -18.21 -30.40 -15.57
CA LEU B 31 -17.98 -29.82 -14.26
C LEU B 31 -16.86 -30.59 -13.54
N GLU B 32 -17.01 -31.91 -13.48
CA GLU B 32 -16.10 -32.80 -12.80
C GLU B 32 -14.68 -32.72 -13.39
N LEU B 33 -14.59 -32.81 -14.71
CA LEU B 33 -13.28 -32.86 -15.33
C LEU B 33 -12.57 -31.47 -15.40
N THR B 34 -13.34 -30.39 -15.42
CA THR B 34 -12.74 -29.06 -15.49
C THR B 34 -12.20 -28.66 -14.13
N ALA B 35 -12.92 -29.04 -13.07
CA ALA B 35 -12.51 -28.80 -11.71
C ALA B 35 -11.22 -29.57 -11.41
N TYR B 36 -11.23 -30.87 -11.67
CA TYR B 36 -10.00 -31.61 -11.80
C TYR B 36 -8.91 -30.86 -12.50
N GLY B 37 -9.14 -30.38 -13.72
CA GLY B 37 -8.11 -29.66 -14.45
C GLY B 37 -7.60 -28.40 -13.72
N PHE B 38 -8.55 -27.56 -13.28
CA PHE B 38 -8.23 -26.38 -12.49
C PHE B 38 -7.30 -26.71 -11.36
N ALA B 39 -7.60 -27.80 -10.67
CA ALA B 39 -6.83 -28.20 -9.53
C ALA B 39 -5.42 -28.66 -9.88
N ARG B 40 -5.31 -29.49 -10.92
CA ARG B 40 -4.02 -29.93 -11.35
C ARG B 40 -3.22 -28.71 -11.74
N ALA B 41 -3.87 -27.74 -12.40
CA ALA B 41 -3.14 -26.64 -12.95
C ALA B 41 -2.62 -25.70 -11.90
N HIS B 42 -3.38 -25.54 -10.84
CA HIS B 42 -2.98 -24.69 -9.74
C HIS B 42 -1.77 -25.31 -8.98
N CYS B 43 -1.83 -26.63 -8.75
CA CYS B 43 -0.66 -27.28 -8.18
C CYS B 43 0.55 -27.18 -9.10
N LEU B 44 0.36 -27.43 -10.39
CA LEU B 44 1.46 -27.21 -11.32
C LEU B 44 2.04 -25.80 -11.28
N SER B 45 1.22 -24.79 -11.42
CA SER B 45 1.72 -23.42 -11.40
C SER B 45 2.52 -23.19 -10.13
N ASN B 46 2.01 -23.71 -9.01
CA ASN B 46 2.62 -23.42 -7.72
C ASN B 46 3.69 -24.41 -7.30
N GLY B 47 3.98 -25.39 -8.15
CA GLY B 47 4.96 -26.41 -7.79
C GLY B 47 4.56 -27.10 -6.52
N ILE B 48 3.28 -27.35 -6.38
CA ILE B 48 2.82 -28.17 -5.28
C ILE B 48 2.83 -29.64 -5.76
N THR B 49 3.75 -30.44 -5.24
CA THR B 49 3.94 -31.77 -5.76
C THR B 49 3.45 -32.74 -4.72
N ASP B 50 3.14 -32.23 -3.54
CA ASP B 50 2.65 -33.01 -2.42
C ASP B 50 1.27 -33.61 -2.69
N GLU B 51 1.09 -34.89 -2.39
CA GLU B 51 -0.17 -35.59 -2.67
C GLU B 51 -1.35 -35.11 -1.79
N GLU B 52 -1.15 -35.02 -0.48
CA GLU B 52 -2.17 -34.41 0.39
C GLU B 52 -2.47 -32.95 0.00
N GLY B 53 -1.43 -32.21 -0.39
CA GLY B 53 -1.58 -30.82 -0.76
C GLY B 53 -2.44 -30.70 -2.02
N PHE B 54 -2.32 -31.65 -2.92
CA PHE B 54 -3.24 -31.72 -4.04
C PHE B 54 -4.67 -32.02 -3.59
N VAL B 55 -4.84 -32.96 -2.66
CA VAL B 55 -6.17 -33.32 -2.14
C VAL B 55 -6.88 -32.04 -1.68
N GLN B 56 -6.27 -31.36 -0.72
CA GLN B 56 -6.85 -30.13 -0.18
C GLN B 56 -7.19 -29.12 -1.27
N VAL B 57 -6.32 -29.00 -2.24
CA VAL B 57 -6.54 -27.97 -3.24
C VAL B 57 -7.76 -28.41 -4.05
N TYR B 58 -7.84 -29.71 -4.35
CA TYR B 58 -8.87 -30.25 -5.22
C TYR B 58 -10.26 -30.08 -4.58
N LYS B 59 -10.34 -30.47 -3.31
CA LYS B 59 -11.47 -30.16 -2.47
C LYS B 59 -11.82 -28.66 -2.51
N THR B 60 -10.83 -27.81 -2.48
CA THR B 60 -11.22 -26.43 -2.42
C THR B 60 -11.75 -26.03 -3.80
N VAL B 61 -11.12 -26.54 -4.86
CA VAL B 61 -11.56 -26.19 -6.23
C VAL B 61 -12.93 -26.79 -6.52
N LYS B 62 -13.25 -27.94 -5.93
CA LYS B 62 -14.63 -28.52 -6.09
C LYS B 62 -15.72 -27.64 -5.48
N GLU B 63 -15.53 -27.34 -4.20
CA GLU B 63 -16.23 -26.26 -3.50
C GLU B 63 -16.54 -24.98 -4.33
N LYS B 64 -15.52 -24.29 -4.88
CA LYS B 64 -15.85 -23.13 -5.75
C LYS B 64 -16.67 -23.48 -6.99
N PHE B 65 -16.40 -24.60 -7.65
CA PHE B 65 -17.28 -25.02 -8.73
C PHE B 65 -18.74 -25.20 -8.24
N ASP B 66 -18.90 -25.85 -7.08
CA ASP B 66 -20.23 -26.11 -6.58
C ASP B 66 -20.87 -24.74 -6.58
N LYS B 67 -20.21 -23.79 -5.95
CA LYS B 67 -20.80 -22.49 -5.69
C LYS B 67 -21.01 -21.63 -6.94
N TYR B 68 -20.01 -21.56 -7.83
CA TYR B 68 -20.07 -20.63 -8.96
C TYR B 68 -20.23 -21.26 -10.33
N ALA B 69 -20.00 -22.56 -10.43
CA ALA B 69 -20.06 -23.21 -11.74
C ALA B 69 -21.44 -22.99 -12.30
N VAL B 70 -21.57 -22.85 -13.64
CA VAL B 70 -22.90 -22.97 -14.25
C VAL B 70 -23.36 -24.44 -14.23
N SER B 71 -24.51 -24.67 -13.58
CA SER B 71 -24.97 -26.01 -13.19
C SER B 71 -25.77 -26.73 -14.30
N PRO B 72 -25.89 -28.07 -14.22
CA PRO B 72 -26.61 -28.96 -15.19
C PRO B 72 -28.08 -28.62 -15.29
N ALA B 73 -28.62 -28.11 -14.18
CA ALA B 73 -29.95 -27.48 -14.11
C ALA B 73 -30.04 -26.26 -15.02
N GLN B 74 -28.93 -25.49 -15.15
CA GLN B 74 -28.89 -24.28 -16.02
C GLN B 74 -28.54 -24.53 -17.47
N ILE B 75 -27.58 -25.40 -17.71
CA ILE B 75 -27.17 -25.80 -19.08
C ILE B 75 -27.10 -27.30 -18.96
N LYS B 76 -27.81 -28.01 -19.83
CA LYS B 76 -27.81 -29.50 -19.75
C LYS B 76 -26.54 -30.10 -20.42
N GLN B 77 -26.07 -29.46 -21.49
CA GLN B 77 -24.87 -29.91 -22.19
C GLN B 77 -24.28 -28.84 -23.05
N ARG B 78 -23.02 -29.05 -23.45
CA ARG B 78 -22.26 -28.08 -24.29
C ARG B 78 -21.41 -28.83 -25.33
N GLN B 79 -21.45 -28.37 -26.59
CA GLN B 79 -20.46 -28.86 -27.54
C GLN B 79 -19.12 -28.21 -27.22
N LEU B 80 -18.15 -29.03 -26.84
CA LEU B 80 -16.81 -28.51 -26.43
C LEU B 80 -15.78 -29.25 -27.27
N VAL B 81 -15.51 -28.77 -28.45
CA VAL B 81 -14.57 -29.42 -29.34
C VAL B 81 -13.24 -29.70 -28.68
N TYR B 82 -12.73 -28.74 -27.92
CA TYR B 82 -11.43 -28.91 -27.25
C TYR B 82 -11.49 -29.60 -25.87
N PHE B 83 -12.66 -30.11 -25.50
CA PHE B 83 -12.83 -30.91 -24.27
C PHE B 83 -12.67 -32.33 -24.78
N PRO B 84 -11.91 -33.17 -24.09
CA PRO B 84 -11.61 -34.51 -24.63
C PRO B 84 -12.89 -35.35 -24.68
N LYS B 85 -13.13 -36.10 -25.76
CA LYS B 85 -14.39 -36.86 -25.83
C LYS B 85 -14.43 -37.95 -24.74
N LEU B 86 -15.64 -38.39 -24.41
CA LEU B 86 -15.83 -39.28 -23.25
C LEU B 86 -15.02 -40.56 -23.39
N THR B 87 -14.94 -41.05 -24.62
CA THR B 87 -14.23 -42.29 -24.95
C THR B 87 -12.71 -42.33 -24.72
N ASP B 88 -12.06 -41.20 -24.49
CA ASP B 88 -10.60 -41.18 -24.30
C ASP B 88 -10.21 -41.09 -22.83
N ILE B 89 -11.20 -40.86 -21.99
CA ILE B 89 -10.93 -40.61 -20.58
C ILE B 89 -10.74 -41.90 -19.79
N ARG B 90 -9.82 -41.87 -18.81
CA ARG B 90 -9.40 -43.09 -18.14
C ARG B 90 -9.43 -42.98 -16.63
N PHE B 91 -9.51 -44.14 -15.98
CA PHE B 91 -9.57 -44.25 -14.53
C PHE B 91 -8.54 -45.27 -14.06
N ASN B 95 -7.95 -41.38 -10.02
CA ASN B 95 -7.88 -40.08 -10.69
C ASN B 95 -7.98 -40.18 -12.21
N PHE B 96 -8.31 -39.08 -12.86
CA PHE B 96 -8.45 -39.12 -14.32
C PHE B 96 -7.07 -39.23 -14.98
N ASP B 97 -6.97 -40.13 -15.94
CA ASP B 97 -5.75 -40.33 -16.68
C ASP B 97 -6.08 -39.85 -18.10
N ILE B 98 -5.29 -38.92 -18.64
CA ILE B 98 -5.54 -38.45 -20.01
C ILE B 98 -4.65 -39.19 -21.00
N ALA B 99 -5.28 -39.85 -21.97
CA ALA B 99 -4.53 -40.42 -23.11
C ALA B 99 -4.12 -39.32 -24.12
N ASP B 104 -1.25 -35.35 -35.65
CA ASP B 104 -2.50 -35.39 -36.41
C ASP B 104 -3.64 -34.83 -35.58
N GLN B 105 -4.32 -35.76 -34.89
CA GLN B 105 -5.41 -35.46 -33.97
C GLN B 105 -4.95 -34.87 -32.62
N ALA B 106 -3.65 -34.74 -32.44
CA ALA B 106 -3.09 -33.97 -31.35
C ALA B 106 -3.55 -32.50 -31.31
N HIS B 107 -4.03 -31.95 -32.44
CA HIS B 107 -4.30 -30.52 -32.51
C HIS B 107 -5.55 -30.25 -31.71
N LEU B 108 -6.30 -31.32 -31.36
CA LEU B 108 -7.48 -31.16 -30.48
C LEU B 108 -7.08 -31.06 -29.00
N ARG B 109 -5.81 -31.28 -28.68
CA ARG B 109 -5.39 -31.16 -27.31
C ARG B 109 -4.64 -29.87 -27.04
N LEU B 110 -5.31 -28.92 -26.38
CA LEU B 110 -4.74 -27.60 -26.21
C LEU B 110 -4.40 -27.32 -24.76
N PHE B 111 -4.81 -28.19 -23.86
CA PHE B 111 -4.44 -28.06 -22.46
C PHE B 111 -3.37 -29.03 -22.07
N ASP B 112 -2.88 -28.85 -20.86
CA ASP B 112 -1.76 -29.59 -20.40
C ASP B 112 -1.86 -29.60 -18.90
N ILE B 113 -2.09 -30.79 -18.32
CA ILE B 113 -2.16 -30.88 -16.87
C ILE B 113 -0.99 -31.63 -16.26
N LYS B 114 0.15 -31.70 -16.97
CA LYS B 114 1.29 -32.50 -16.49
C LYS B 114 2.56 -31.68 -16.41
N LYS B 115 2.75 -30.79 -17.40
CA LYS B 115 3.99 -30.06 -17.58
C LYS B 115 3.74 -28.59 -17.27
N ASP B 116 3.25 -27.88 -18.29
CA ASP B 116 3.02 -26.42 -18.25
C ASP B 116 1.51 -26.13 -18.32
N PRO B 117 0.92 -25.70 -17.17
CA PRO B 117 -0.52 -25.52 -17.01
C PRO B 117 -1.08 -24.39 -17.90
N ARG B 118 -0.22 -23.60 -18.51
CA ARG B 118 -0.70 -22.63 -19.52
C ARG B 118 -1.16 -23.29 -20.82
N GLY B 119 -0.72 -24.52 -21.05
CA GLY B 119 -1.08 -25.30 -22.27
C GLY B 119 -0.59 -24.75 -23.61
N ALA B 120 -1.29 -25.03 -24.72
CA ALA B 120 -0.84 -24.56 -26.03
C ALA B 120 -0.71 -23.03 -26.08
N ASP B 121 0.28 -22.52 -26.81
CA ASP B 121 0.43 -21.10 -26.96
C ASP B 121 -0.47 -20.61 -28.09
N LEU B 122 -0.52 -19.30 -28.27
CA LEU B 122 -1.61 -18.77 -29.04
C LEU B 122 -1.45 -19.22 -30.47
N LYS B 123 -0.23 -19.26 -30.93
CA LYS B 123 -0.03 -19.71 -32.30
C LYS B 123 -0.54 -21.14 -32.56
N THR B 124 -0.17 -22.07 -31.69
CA THR B 124 -0.64 -23.43 -31.82
C THR B 124 -2.20 -23.44 -31.79
N ARG B 125 -2.82 -22.62 -30.91
CA ARG B 125 -4.28 -22.67 -30.86
C ARG B 125 -4.88 -22.15 -32.18
N HIS B 126 -4.28 -21.10 -32.75
CA HIS B 126 -4.79 -20.55 -34.02
C HIS B 126 -4.62 -21.54 -35.15
N GLU B 127 -3.47 -22.21 -35.20
CA GLU B 127 -3.36 -23.32 -36.16
C GLU B 127 -4.40 -24.43 -36.00
N SER B 128 -4.72 -24.81 -34.76
CA SER B 128 -5.71 -25.83 -34.59
C SER B 128 -7.09 -25.28 -34.98
N TYR B 129 -7.30 -23.95 -34.73
CA TYR B 129 -8.55 -23.27 -35.07
C TYR B 129 -8.78 -23.36 -36.61
N ALA B 130 -7.72 -23.14 -37.42
CA ALA B 130 -7.89 -23.09 -38.91
C ALA B 130 -8.25 -24.49 -39.41
N LYS B 131 -7.71 -25.50 -38.73
CA LYS B 131 -8.01 -26.86 -39.11
C LYS B 131 -9.47 -27.26 -38.82
N VAL B 132 -9.90 -27.05 -37.58
CA VAL B 132 -11.26 -27.40 -37.17
C VAL B 132 -12.33 -26.60 -37.94
N VAL B 133 -12.07 -25.32 -38.20
CA VAL B 133 -13.05 -24.46 -38.85
C VAL B 133 -13.01 -24.72 -40.35
N GLY B 134 -11.78 -24.90 -40.86
CA GLY B 134 -11.57 -25.44 -42.20
C GLY B 134 -12.57 -26.56 -42.51
N LYS B 135 -12.56 -27.61 -41.69
CA LYS B 135 -13.40 -28.77 -41.93
C LYS B 135 -14.83 -28.46 -41.56
N GLY B 136 -15.03 -27.71 -40.47
CA GLY B 136 -16.41 -27.25 -40.14
C GLY B 136 -17.04 -26.53 -41.36
N LEU B 137 -16.25 -25.66 -41.97
CA LEU B 137 -16.71 -24.78 -43.02
C LEU B 137 -17.11 -25.65 -44.21
N GLU B 138 -16.35 -26.70 -44.47
CA GLU B 138 -16.65 -27.63 -45.57
C GLU B 138 -17.96 -28.38 -45.38
N GLN B 139 -18.26 -28.84 -44.16
CA GLN B 139 -19.62 -29.38 -43.90
C GLN B 139 -20.70 -28.29 -44.05
N MET B 140 -20.43 -27.09 -43.52
CA MET B 140 -21.40 -25.96 -43.59
C MET B 140 -21.89 -25.66 -45.05
N PHE B 141 -20.98 -25.69 -46.01
CA PHE B 141 -21.34 -25.22 -47.36
C PHE B 141 -21.50 -26.37 -48.38
N GLU B 142 -21.44 -27.58 -47.86
CA GLU B 142 -21.63 -28.77 -48.65
C GLU B 142 -22.81 -28.62 -49.60
N GLY B 143 -23.95 -28.16 -49.09
CA GLY B 143 -25.16 -28.12 -49.92
C GLY B 143 -25.27 -26.82 -50.70
N THR B 144 -24.24 -25.97 -50.69
CA THR B 144 -24.36 -24.71 -51.39
C THR B 144 -24.08 -24.93 -52.87
N LEU B 145 -25.04 -24.55 -53.70
CA LEU B 145 -24.96 -24.82 -55.14
C LEU B 145 -24.16 -23.75 -55.87
N GLU B 146 -24.39 -22.49 -55.52
CA GLU B 146 -23.86 -21.40 -56.33
C GLU B 146 -23.23 -20.33 -55.44
N ALA B 147 -21.99 -19.95 -55.76
CA ALA B 147 -21.27 -18.88 -55.02
C ALA B 147 -22.17 -17.74 -54.47
N PRO B 148 -22.00 -17.35 -53.18
CA PRO B 148 -22.72 -16.12 -52.81
C PRO B 148 -22.03 -14.87 -53.36
N ASP B 149 -22.75 -13.76 -53.50
CA ASP B 149 -22.05 -12.54 -53.83
C ASP B 149 -21.08 -12.11 -52.73
N ASP B 150 -21.43 -12.43 -51.45
CA ASP B 150 -20.63 -11.97 -50.33
C ASP B 150 -20.64 -13.09 -49.32
N LEU B 151 -19.54 -13.24 -48.61
CA LEU B 151 -19.52 -14.20 -47.52
C LEU B 151 -18.91 -13.47 -46.37
N ILE B 152 -19.62 -13.44 -45.23
CA ILE B 152 -19.13 -12.70 -44.12
C ILE B 152 -18.73 -13.78 -43.10
N HIS B 153 -17.52 -13.73 -42.60
CA HIS B 153 -17.09 -14.66 -41.57
C HIS B 153 -17.21 -13.99 -40.22
N VAL B 154 -17.95 -14.59 -39.28
CA VAL B 154 -18.09 -14.00 -37.95
C VAL B 154 -17.41 -14.88 -36.93
N THR B 155 -16.46 -14.31 -36.22
CA THR B 155 -15.82 -15.04 -35.14
C THR B 155 -15.23 -14.02 -34.18
N CYS B 156 -15.07 -14.45 -32.94
CA CYS B 156 -14.31 -13.68 -31.96
C CYS B 156 -13.32 -14.66 -31.28
N SER B 157 -13.04 -15.81 -31.92
CA SER B 157 -12.40 -16.90 -31.23
C SER B 157 -11.19 -17.39 -32.01
N GLY B 158 -10.93 -16.80 -33.18
CA GLY B 158 -9.68 -17.09 -33.84
C GLY B 158 -9.50 -16.20 -35.07
N TYR B 159 -8.32 -15.57 -35.14
CA TYR B 159 -8.04 -14.57 -36.17
C TYR B 159 -6.76 -14.95 -36.91
N LEU B 160 -6.85 -15.17 -38.22
CA LEU B 160 -5.72 -15.56 -39.01
C LEU B 160 -5.88 -14.87 -40.33
N ALA B 161 -4.76 -14.52 -40.94
CA ALA B 161 -4.83 -14.13 -42.35
C ALA B 161 -3.89 -14.95 -43.27
N PRO B 162 -4.45 -15.50 -44.35
CA PRO B 162 -5.84 -15.40 -44.78
C PRO B 162 -6.67 -16.20 -43.76
N SER B 163 -7.99 -15.98 -43.70
CA SER B 163 -8.80 -16.72 -42.78
C SER B 163 -9.29 -18.08 -43.33
N PRO B 164 -9.75 -18.96 -42.42
CA PRO B 164 -10.37 -20.18 -42.86
C PRO B 164 -11.47 -19.90 -43.86
N ALA B 165 -12.23 -18.82 -43.68
CA ALA B 165 -13.33 -18.55 -44.66
C ALA B 165 -12.83 -18.22 -46.06
N GLU B 166 -11.75 -17.43 -46.08
CA GLU B 166 -11.14 -16.97 -47.35
C GLU B 166 -10.54 -18.18 -48.05
N ARG B 167 -9.86 -19.03 -47.29
CA ARG B 167 -9.25 -20.28 -47.79
C ARG B 167 -10.30 -21.22 -48.38
N MET B 168 -11.50 -21.28 -47.79
CA MET B 168 -12.62 -22.11 -48.31
C MET B 168 -13.20 -21.47 -49.57
N VAL B 169 -13.27 -20.17 -49.59
CA VAL B 169 -13.76 -19.46 -50.78
C VAL B 169 -12.87 -19.73 -52.01
N ALA B 170 -11.55 -19.65 -51.81
CA ALA B 170 -10.61 -19.98 -52.93
C ALA B 170 -10.73 -21.48 -53.25
N ASP B 171 -10.79 -22.35 -52.22
CA ASP B 171 -10.96 -23.78 -52.52
C ASP B 171 -12.20 -24.09 -53.36
N ARG B 172 -13.27 -23.34 -53.17
CA ARG B 172 -14.49 -23.59 -53.95
C ARG B 172 -14.38 -22.94 -55.34
N GLY B 173 -13.28 -22.28 -55.63
CA GLY B 173 -13.21 -21.61 -56.91
C GLY B 173 -14.11 -20.40 -56.95
N TRP B 174 -14.46 -19.82 -55.80
CA TRP B 174 -15.32 -18.62 -55.84
C TRP B 174 -14.59 -17.26 -55.90
N PHE B 175 -14.04 -16.94 -57.08
CA PHE B 175 -13.17 -15.78 -57.22
C PHE B 175 -13.93 -14.48 -57.61
N GLU B 176 -15.25 -14.53 -57.51
CA GLU B 176 -16.09 -13.33 -57.70
C GLU B 176 -16.81 -12.93 -56.41
N THR B 177 -16.52 -13.66 -55.33
CA THR B 177 -17.24 -13.50 -54.06
C THR B 177 -16.46 -12.55 -53.17
N THR B 178 -17.11 -11.50 -52.70
CA THR B 178 -16.44 -10.61 -51.77
C THR B 178 -16.44 -11.25 -50.40
N VAL B 179 -15.27 -11.32 -49.74
CA VAL B 179 -15.19 -11.83 -48.37
C VAL B 179 -14.93 -10.67 -47.39
N THR B 180 -15.76 -10.56 -46.34
CA THR B 180 -15.59 -9.53 -45.33
C THR B 180 -15.45 -10.24 -43.95
N HIS B 181 -14.47 -9.83 -43.16
CA HIS B 181 -14.27 -10.40 -41.82
C HIS B 181 -15.06 -9.50 -40.86
N SER B 182 -15.99 -10.09 -40.08
CA SER B 182 -16.79 -9.38 -39.10
C SER B 182 -16.34 -9.89 -37.70
N TYR B 183 -15.25 -9.32 -37.20
CA TYR B 183 -14.50 -9.98 -36.11
C TYR B 183 -14.55 -9.17 -34.87
N ASN B 184 -14.31 -9.81 -33.72
CA ASN B 184 -14.15 -9.10 -32.47
C ASN B 184 -15.35 -8.34 -32.06
N MET B 185 -16.55 -8.85 -32.38
CA MET B 185 -17.76 -8.17 -31.88
C MET B 185 -18.57 -9.18 -31.12
N GLY B 186 -17.83 -10.16 -30.58
CA GLY B 186 -18.35 -10.99 -29.45
C GLY B 186 -19.72 -11.64 -29.60
N CYS B 187 -20.46 -11.73 -28.48
CA CYS B 187 -21.69 -12.51 -28.41
C CYS B 187 -22.81 -11.93 -29.33
N TYR B 188 -22.76 -10.62 -29.64
CA TYR B 188 -23.85 -9.95 -30.36
C TYR B 188 -23.42 -10.03 -31.81
N GLY B 189 -22.46 -10.92 -32.07
CA GLY B 189 -21.77 -10.98 -33.35
C GLY B 189 -22.70 -10.97 -34.55
N ALA B 190 -23.85 -11.64 -34.45
CA ALA B 190 -24.75 -11.73 -35.63
C ALA B 190 -25.26 -10.39 -36.08
N PHE B 191 -25.46 -9.49 -35.11
CA PHE B 191 -26.07 -8.20 -35.35
C PHE B 191 -25.30 -7.33 -36.38
N PRO B 192 -24.03 -7.03 -36.11
CA PRO B 192 -23.21 -6.25 -37.03
C PRO B 192 -23.07 -7.00 -38.36
N ALA B 193 -23.06 -8.31 -38.28
CA ALA B 193 -22.91 -9.10 -39.52
C ALA B 193 -24.16 -8.92 -40.41
N ILE B 194 -25.32 -9.04 -39.75
CA ILE B 194 -26.60 -8.88 -40.48
C ILE B 194 -26.71 -7.43 -41.00
N LYS B 195 -26.27 -6.49 -40.16
CA LYS B 195 -26.18 -5.07 -40.57
C LYS B 195 -25.32 -4.94 -41.85
N MET B 196 -24.16 -5.57 -41.83
CA MET B 196 -23.33 -5.49 -43.07
C MET B 196 -24.02 -6.07 -44.26
N ALA B 197 -24.71 -7.21 -44.06
CA ALA B 197 -25.33 -7.88 -45.20
C ALA B 197 -26.40 -7.00 -45.84
N HIS B 198 -27.23 -6.45 -44.97
CA HIS B 198 -28.26 -5.53 -45.38
C HIS B 198 -27.65 -4.39 -46.20
N GLY B 199 -26.53 -3.84 -45.67
CA GLY B 199 -25.75 -2.78 -46.34
C GLY B 199 -25.24 -3.23 -47.74
N MET B 200 -24.72 -4.47 -47.85
CA MET B 200 -24.20 -4.91 -49.14
C MET B 200 -25.34 -4.98 -50.18
N LEU B 201 -26.53 -5.43 -49.77
CA LEU B 201 -27.63 -5.42 -50.76
C LEU B 201 -28.08 -3.99 -51.10
N ALA B 202 -28.14 -3.16 -50.06
CA ALA B 202 -28.56 -1.76 -50.17
C ALA B 202 -27.53 -1.01 -51.01
N SER B 203 -26.25 -1.29 -50.76
CA SER B 203 -25.16 -0.75 -51.64
C SER B 203 -25.30 -1.15 -53.14
N ALA B 204 -25.70 -2.40 -53.36
CA ALA B 204 -25.83 -2.94 -54.70
C ALA B 204 -26.99 -2.27 -55.47
N GLN B 205 -28.13 -2.09 -54.77
CA GLN B 205 -29.28 -1.26 -55.20
C GLN B 205 -28.83 0.21 -55.50
N TRP B 206 -27.94 0.77 -54.68
CA TRP B 206 -27.39 2.11 -54.97
C TRP B 206 -26.61 2.12 -56.28
N GLY B 207 -26.18 0.94 -56.74
CA GLY B 207 -25.38 0.83 -57.95
C GLY B 207 -23.86 0.91 -57.81
N ALA B 208 -23.33 0.90 -56.57
CA ALA B 208 -21.87 0.92 -56.34
C ALA B 208 -21.17 -0.41 -56.74
N THR B 209 -21.97 -1.47 -56.80
CA THR B 209 -21.57 -2.79 -57.28
C THR B 209 -22.63 -3.31 -58.26
N PRO B 210 -22.25 -4.23 -59.18
CA PRO B 210 -23.34 -4.85 -60.01
C PRO B 210 -24.40 -5.52 -59.08
N PRO B 211 -25.61 -5.84 -59.60
CA PRO B 211 -26.63 -6.51 -58.75
C PRO B 211 -26.14 -7.68 -57.88
N LYS B 212 -26.75 -7.87 -56.69
CA LYS B 212 -26.46 -9.01 -55.82
C LYS B 212 -27.73 -9.80 -55.44
N THR B 213 -27.60 -11.12 -55.33
CA THR B 213 -28.77 -11.88 -55.02
C THR B 213 -28.66 -12.60 -53.70
N ARG B 214 -27.47 -12.74 -53.14
CA ARG B 214 -27.38 -13.52 -51.80
C ARG B 214 -26.10 -13.24 -51.07
N VAL B 215 -26.15 -13.16 -49.73
CA VAL B 215 -24.93 -12.91 -48.93
C VAL B 215 -24.94 -14.01 -47.89
N ASP B 216 -23.88 -14.79 -47.75
CA ASP B 216 -23.92 -15.82 -46.69
C ASP B 216 -23.07 -15.42 -45.53
N ILE B 217 -23.47 -15.89 -44.35
CA ILE B 217 -22.88 -15.37 -43.13
C ILE B 217 -22.60 -16.62 -42.42
N ALA B 218 -21.34 -16.72 -42.02
CA ALA B 218 -20.85 -17.96 -41.50
C ALA B 218 -20.24 -17.61 -40.16
N HIS B 219 -20.87 -18.11 -39.13
CA HIS B 219 -20.36 -18.03 -37.79
C HIS B 219 -19.59 -19.28 -37.44
N THR B 220 -18.46 -19.11 -36.77
CA THR B 220 -17.64 -20.21 -36.32
C THR B 220 -16.98 -19.82 -35.01
N GLU B 221 -17.60 -20.23 -33.91
CA GLU B 221 -17.07 -19.84 -32.62
C GLU B 221 -16.58 -21.08 -31.92
N LEU B 222 -15.29 -21.11 -31.62
CA LEU B 222 -14.73 -22.21 -30.79
C LEU B 222 -14.27 -21.61 -29.50
N MET B 223 -15.22 -21.31 -28.63
CA MET B 223 -14.93 -20.70 -27.39
C MET B 223 -14.09 -21.65 -26.56
N SER B 224 -14.22 -22.95 -26.82
CA SER B 224 -13.44 -23.95 -25.97
C SER B 224 -11.93 -23.99 -26.21
N ALA B 225 -11.51 -23.65 -27.40
CA ALA B 225 -10.08 -23.44 -27.67
C ALA B 225 -9.41 -22.51 -26.64
N HIS B 226 -10.20 -21.68 -25.97
CA HIS B 226 -9.59 -20.63 -25.14
C HIS B 226 -9.66 -21.01 -23.69
N ASN B 227 -9.81 -22.30 -23.49
CA ASN B 227 -9.85 -22.82 -22.11
C ASN B 227 -8.65 -22.26 -21.39
N ASN B 228 -8.91 -21.82 -20.17
CA ASN B 228 -7.90 -21.26 -19.36
C ASN B 228 -8.07 -22.01 -18.03
N ILE B 229 -7.29 -23.02 -17.72
CA ILE B 229 -7.49 -23.75 -16.42
C ILE B 229 -6.50 -23.32 -15.34
N ALA B 230 -5.69 -22.32 -15.67
CA ALA B 230 -4.61 -21.89 -14.80
C ALA B 230 -5.02 -20.67 -14.00
N GLU B 231 -6.15 -20.05 -14.33
CA GLU B 231 -6.65 -19.00 -13.49
C GLU B 231 -7.89 -19.46 -12.74
N SER B 232 -7.84 -19.39 -11.43
CA SER B 232 -8.93 -19.88 -10.56
C SER B 232 -9.93 -18.79 -10.14
N ARG B 233 -9.62 -17.54 -10.42
CA ARG B 233 -10.59 -16.51 -10.12
C ARG B 233 -12.01 -16.94 -10.56
N VAL B 234 -13.03 -16.54 -9.80
CA VAL B 234 -14.41 -16.90 -10.08
C VAL B 234 -14.91 -16.57 -11.50
N ASP B 235 -14.63 -15.42 -12.04
CA ASP B 235 -15.31 -15.17 -13.32
C ASP B 235 -14.80 -16.18 -14.35
N ASN B 236 -13.61 -16.72 -14.14
CA ASN B 236 -13.06 -17.73 -15.09
C ASN B 236 -13.73 -19.09 -14.89
N ILE B 237 -14.10 -19.38 -13.64
CA ILE B 237 -14.77 -20.63 -13.44
C ILE B 237 -16.13 -20.46 -14.06
N ILE B 238 -16.77 -19.31 -13.86
CA ILE B 238 -18.09 -19.08 -14.51
C ILE B 238 -17.90 -19.17 -16.00
N SER B 239 -16.87 -18.51 -16.52
CA SER B 239 -16.70 -18.53 -18.00
C SER B 239 -16.29 -19.91 -18.54
N ALA B 240 -15.53 -20.69 -17.78
CA ALA B 240 -15.16 -22.01 -18.31
C ALA B 240 -16.38 -22.93 -18.37
N THR B 241 -17.40 -22.67 -17.53
CA THR B 241 -18.60 -23.53 -17.42
C THR B 241 -19.85 -23.00 -18.18
N LEU B 242 -19.72 -21.82 -18.77
CA LEU B 242 -20.89 -21.09 -19.32
C LEU B 242 -20.78 -21.10 -20.83
N PHE B 243 -19.54 -21.01 -21.31
CA PHE B 243 -19.32 -20.82 -22.78
C PHE B 243 -19.21 -22.19 -23.54
N SER B 244 -19.53 -22.18 -24.85
CA SER B 244 -19.60 -23.37 -25.66
C SER B 244 -19.36 -23.03 -27.12
N ASP B 245 -19.27 -24.05 -27.99
CA ASP B 245 -18.84 -23.85 -29.43
C ASP B 245 -20.07 -23.89 -30.34
N GLY B 246 -20.06 -23.17 -31.45
CA GLY B 246 -21.27 -23.22 -32.26
C GLY B 246 -20.88 -22.74 -33.64
N LEU B 247 -21.19 -23.56 -34.63
CA LEU B 247 -20.97 -23.17 -36.03
C LEU B 247 -22.33 -23.17 -36.67
N ILE B 248 -22.63 -22.10 -37.39
CA ILE B 248 -23.89 -22.04 -38.06
C ILE B 248 -23.75 -21.04 -39.19
N LYS B 249 -24.45 -21.30 -40.28
CA LYS B 249 -24.46 -20.40 -41.48
C LYS B 249 -25.95 -20.03 -41.78
N TYR B 250 -26.14 -18.84 -42.33
CA TYR B 250 -27.45 -18.52 -42.87
C TYR B 250 -27.22 -17.52 -43.94
N SER B 251 -28.22 -17.31 -44.79
CA SER B 251 -28.08 -16.31 -45.83
C SER B 251 -29.06 -15.16 -45.68
N VAL B 252 -28.71 -14.07 -46.37
CA VAL B 252 -29.54 -12.85 -46.50
C VAL B 252 -29.83 -12.57 -48.00
N TYR B 253 -31.10 -12.42 -48.35
CA TYR B 253 -31.53 -12.19 -49.77
C TYR B 253 -32.17 -10.86 -49.96
N PRO B 254 -32.15 -10.32 -51.22
CA PRO B 254 -33.13 -9.30 -51.52
C PRO B 254 -34.47 -10.06 -51.56
N GLU B 255 -35.55 -9.41 -51.13
CA GLU B 255 -36.81 -10.16 -50.92
C GLU B 255 -37.32 -10.77 -52.20
N ASP B 256 -37.18 -10.01 -53.29
CA ASP B 256 -37.64 -10.48 -54.57
C ASP B 256 -37.03 -11.85 -54.82
N GLU B 257 -35.73 -11.97 -54.57
CA GLU B 257 -35.00 -13.20 -54.85
C GLU B 257 -35.55 -14.32 -53.95
N LEU B 258 -35.88 -13.97 -52.70
CA LEU B 258 -36.37 -14.98 -51.72
C LEU B 258 -37.69 -15.55 -52.24
N ARG B 259 -38.55 -14.65 -52.68
CA ARG B 259 -39.88 -15.03 -53.09
C ARG B 259 -39.79 -15.80 -54.41
N ARG B 260 -38.89 -15.32 -55.28
CA ARG B 260 -38.60 -15.96 -56.57
C ARG B 260 -38.33 -17.44 -56.31
N GLN B 261 -37.46 -17.68 -55.32
CA GLN B 261 -37.01 -19.02 -54.96
C GLN B 261 -37.91 -19.83 -54.02
N GLY B 262 -39.02 -19.22 -53.59
CA GLY B 262 -40.09 -19.98 -52.95
C GLY B 262 -39.81 -20.15 -51.46
N LEU B 263 -38.84 -19.39 -50.91
CA LEU B 263 -38.35 -19.54 -49.52
C LEU B 263 -39.14 -18.74 -48.45
N ARG B 264 -39.29 -19.34 -47.26
CA ARG B 264 -39.71 -18.67 -46.02
C ARG B 264 -38.53 -17.93 -45.44
N GLY B 265 -38.76 -16.82 -44.78
CA GLY B 265 -37.62 -16.12 -44.28
C GLY B 265 -38.03 -15.03 -43.31
N LEU B 266 -37.02 -14.37 -42.74
CA LEU B 266 -37.27 -13.37 -41.71
C LEU B 266 -36.93 -12.03 -42.30
N ARG B 267 -37.97 -11.29 -42.66
CA ARG B 267 -37.69 -10.00 -43.32
C ARG B 267 -37.15 -9.00 -42.29
N ILE B 268 -36.15 -8.18 -42.66
CA ILE B 268 -35.52 -7.26 -41.70
C ILE B 268 -36.33 -5.96 -41.76
N LEU B 269 -36.79 -5.51 -40.60
CA LEU B 269 -37.59 -4.27 -40.55
C LEU B 269 -36.79 -3.10 -39.92
N ALA B 270 -35.89 -3.40 -38.96
CA ALA B 270 -35.17 -2.32 -38.29
C ALA B 270 -33.97 -2.90 -37.53
N MET B 271 -32.94 -2.07 -37.39
CA MET B 271 -31.65 -2.41 -36.72
C MET B 271 -31.24 -1.25 -35.85
N SER B 272 -30.58 -1.58 -34.75
CA SER B 272 -29.88 -0.59 -33.95
C SER B 272 -28.69 -1.22 -33.23
N GLU B 273 -27.82 -0.37 -32.72
CA GLU B 273 -26.70 -0.84 -31.94
C GLU B 273 -25.99 0.36 -31.41
N HIS B 274 -25.67 0.35 -30.11
CA HIS B 274 -24.81 1.38 -29.59
C HIS B 274 -24.28 0.93 -28.21
N LEU B 275 -23.38 1.72 -27.65
CA LEU B 275 -22.78 1.37 -26.37
C LEU B 275 -23.69 1.74 -25.14
N LEU B 276 -23.29 1.22 -23.96
CA LEU B 276 -23.98 1.51 -22.73
C LEU B 276 -23.00 2.15 -21.78
N PRO B 277 -23.47 3.11 -21.01
CA PRO B 277 -22.62 3.99 -20.21
C PRO B 277 -21.91 3.23 -19.10
N ASP B 278 -20.68 3.63 -18.80
CA ASP B 278 -20.07 3.38 -17.53
C ASP B 278 -19.98 1.87 -17.29
N SER B 279 -19.51 1.08 -18.28
CA SER B 279 -19.57 -0.36 -18.24
C SER B 279 -18.50 -0.99 -19.08
N ALA B 280 -17.54 -0.19 -19.60
CA ALA B 280 -16.54 -0.67 -20.55
C ALA B 280 -15.76 -1.78 -19.93
N ASP B 281 -15.46 -1.57 -18.65
CA ASP B 281 -14.61 -2.49 -17.94
C ASP B 281 -15.33 -3.74 -17.46
N THR B 282 -16.63 -3.86 -17.71
CA THR B 282 -17.39 -4.94 -17.04
C THR B 282 -17.23 -6.25 -17.79
N MET B 283 -16.69 -6.17 -19.01
CA MET B 283 -16.56 -7.36 -19.86
C MET B 283 -15.48 -7.24 -20.96
N THR B 284 -14.36 -7.96 -20.76
CA THR B 284 -13.12 -7.82 -21.58
C THR B 284 -12.69 -9.19 -22.19
N TRP B 285 -11.98 -9.15 -23.31
CA TRP B 285 -11.65 -10.35 -24.12
C TRP B 285 -10.45 -9.91 -24.95
N VAL B 286 -9.28 -10.41 -24.62
CA VAL B 286 -8.07 -9.85 -25.18
C VAL B 286 -7.06 -10.95 -25.45
N PRO B 287 -6.45 -10.97 -26.67
CA PRO B 287 -5.44 -12.01 -26.94
C PRO B 287 -4.20 -11.87 -26.06
N GLY B 288 -3.82 -12.96 -25.41
CA GLY B 288 -2.57 -12.96 -24.68
C GLY B 288 -1.68 -14.04 -25.28
N SER B 289 -0.68 -14.46 -24.53
CA SER B 289 0.29 -15.39 -25.05
C SER B 289 -0.21 -16.83 -25.33
N HIS B 290 -1.29 -17.24 -24.68
CA HIS B 290 -1.80 -18.61 -24.84
C HIS B 290 -3.21 -18.74 -25.33
N GLN B 291 -4.09 -17.84 -24.90
CA GLN B 291 -5.45 -17.82 -25.45
C GLN B 291 -5.95 -16.45 -25.35
N PHE B 292 -7.13 -16.22 -25.92
CA PHE B 292 -7.90 -15.02 -25.60
C PHE B 292 -8.42 -15.12 -24.16
N VAL B 293 -8.12 -14.12 -23.36
CA VAL B 293 -8.46 -14.06 -21.90
C VAL B 293 -9.66 -13.19 -21.69
N MET B 294 -10.64 -13.71 -20.94
CA MET B 294 -11.95 -13.05 -20.72
C MET B 294 -11.94 -12.56 -19.30
N THR B 295 -12.59 -11.42 -19.02
CA THR B 295 -12.98 -11.05 -17.62
C THR B 295 -14.50 -10.72 -17.63
N LEU B 296 -15.22 -11.00 -16.53
CA LEU B 296 -16.68 -10.84 -16.54
C LEU B 296 -17.11 -10.30 -15.18
N SER B 297 -17.66 -9.10 -15.15
CA SER B 297 -18.11 -8.56 -13.89
C SER B 297 -19.57 -8.93 -13.59
N PRO B 298 -19.88 -9.17 -12.30
CA PRO B 298 -21.24 -9.32 -11.82
C PRO B 298 -22.15 -8.11 -12.08
N LEU B 299 -21.60 -6.92 -12.27
CA LEU B 299 -22.43 -5.76 -12.51
C LEU B 299 -23.15 -5.94 -13.87
N VAL B 300 -22.73 -6.93 -14.64
CA VAL B 300 -23.19 -6.97 -16.05
C VAL B 300 -24.70 -6.98 -16.16
N PRO B 301 -25.39 -8.01 -15.64
CA PRO B 301 -26.87 -8.10 -15.77
C PRO B 301 -27.66 -6.83 -15.31
N ALA B 302 -27.28 -6.28 -14.15
CA ALA B 302 -27.86 -4.98 -13.64
C ALA B 302 -27.67 -3.77 -14.61
N ILE B 303 -26.49 -3.63 -15.23
CA ILE B 303 -26.27 -2.59 -16.27
C ILE B 303 -27.13 -2.88 -17.54
N ILE B 304 -27.19 -4.11 -18.01
CA ILE B 304 -28.13 -4.39 -19.09
C ILE B 304 -29.61 -4.03 -18.70
N LYS B 305 -30.03 -4.49 -17.52
CA LYS B 305 -31.38 -4.21 -17.06
C LYS B 305 -31.65 -2.69 -17.02
N ARG B 306 -30.62 -1.91 -16.65
CA ARG B 306 -30.80 -0.47 -16.51
C ARG B 306 -31.06 0.27 -17.85
N HIS B 307 -30.52 -0.25 -18.96
CA HIS B 307 -30.71 0.44 -20.26
C HIS B 307 -31.58 -0.28 -21.25
N VAL B 308 -31.95 -1.53 -20.92
CA VAL B 308 -32.62 -2.37 -21.90
C VAL B 308 -33.98 -1.83 -22.35
N ARG B 309 -34.75 -1.27 -21.41
CA ARG B 309 -36.08 -0.78 -21.77
C ARG B 309 -35.99 0.35 -22.81
N ALA B 310 -35.17 1.37 -22.53
CA ALA B 310 -35.05 2.49 -23.44
C ALA B 310 -34.52 1.97 -24.83
N PHE B 311 -33.52 1.11 -24.81
CA PHE B 311 -33.11 0.53 -26.08
C PHE B 311 -34.23 -0.20 -26.86
N ALA B 312 -34.98 -1.06 -26.17
CA ALA B 312 -36.07 -1.80 -26.82
C ALA B 312 -37.17 -0.87 -27.30
N VAL B 313 -37.48 0.15 -26.50
CA VAL B 313 -38.50 1.13 -26.91
C VAL B 313 -38.10 1.75 -28.26
N ASP B 314 -36.86 2.22 -28.34
CA ASP B 314 -36.36 2.87 -29.58
C ASP B 314 -36.30 1.91 -30.77
N LEU B 315 -35.85 0.68 -30.49
CA LEU B 315 -35.83 -0.38 -31.50
C LEU B 315 -37.20 -0.59 -32.14
N LEU B 316 -38.22 -0.84 -31.29
CA LEU B 316 -39.57 -0.95 -31.82
C LEU B 316 -40.04 0.29 -32.64
N ARG B 317 -39.73 1.50 -32.16
CA ARG B 317 -40.14 2.73 -32.87
C ARG B 317 -39.46 2.77 -34.25
N ARG B 318 -38.19 2.39 -34.28
CA ARG B 318 -37.49 2.12 -35.55
C ARG B 318 -38.22 1.20 -36.57
N ALA B 319 -39.07 0.29 -36.09
CA ALA B 319 -39.91 -0.54 -36.97
C ALA B 319 -41.36 -0.04 -36.98
N GLY B 320 -41.55 1.24 -36.76
CA GLY B 320 -42.92 1.79 -36.75
C GLY B 320 -43.86 1.10 -35.77
N MET B 321 -43.35 0.69 -34.62
CA MET B 321 -44.23 0.05 -33.65
C MET B 321 -44.15 0.71 -32.27
N ASP B 322 -45.07 0.34 -31.44
CA ASP B 322 -45.19 1.03 -30.21
C ASP B 322 -44.90 -0.04 -29.15
N PHE B 323 -44.16 0.33 -28.13
CA PHE B 323 -43.76 -0.63 -27.12
C PHE B 323 -45.00 -1.18 -26.47
N GLU B 324 -45.28 -0.67 -25.28
CA GLU B 324 -46.61 -0.76 -24.69
C GLU B 324 -47.61 -1.60 -25.50
N ARG B 325 -48.22 -1.02 -26.52
CA ARG B 325 -49.28 -1.70 -27.30
C ARG B 325 -48.86 -2.95 -28.17
N ASP B 326 -47.73 -2.85 -28.86
CA ASP B 326 -47.33 -3.78 -29.92
C ASP B 326 -46.38 -4.82 -29.43
N LYS B 327 -45.78 -4.51 -28.29
CA LYS B 327 -44.87 -5.41 -27.63
C LYS B 327 -45.50 -6.78 -27.40
N ASP B 328 -46.79 -6.79 -27.04
CA ASP B 328 -47.55 -8.03 -26.74
C ASP B 328 -47.70 -9.03 -27.91
N ALA B 329 -47.59 -8.52 -29.13
CA ALA B 329 -47.75 -9.35 -30.31
C ALA B 329 -46.43 -10.09 -30.67
N LEU B 330 -45.30 -9.54 -30.21
CA LEU B 330 -43.97 -9.95 -30.65
C LEU B 330 -43.39 -11.12 -29.86
N SER B 331 -42.47 -11.87 -30.48
CA SER B 331 -41.57 -12.72 -29.69
C SER B 331 -40.29 -11.96 -29.41
N PHE B 332 -39.57 -12.36 -28.37
CA PHE B 332 -38.34 -11.68 -28.03
C PHE B 332 -37.16 -12.65 -28.02
N ALA B 333 -36.35 -12.58 -29.07
CA ALA B 333 -35.08 -13.33 -29.11
C ALA B 333 -34.00 -12.58 -28.33
N ILE B 334 -33.58 -13.13 -27.20
CA ILE B 334 -32.63 -12.43 -26.35
C ILE B 334 -31.33 -13.28 -26.17
N HIS B 335 -30.16 -12.71 -26.44
CA HIS B 335 -28.98 -13.51 -26.39
C HIS B 335 -28.81 -13.91 -24.91
N PRO B 336 -28.72 -15.21 -24.60
CA PRO B 336 -28.58 -15.62 -23.14
C PRO B 336 -27.14 -15.55 -22.69
N GLY B 337 -26.58 -14.37 -22.41
CA GLY B 337 -25.14 -14.20 -22.25
C GLY B 337 -24.72 -14.89 -20.94
N GLY B 338 -25.69 -15.14 -20.09
CA GLY B 338 -25.43 -15.77 -18.78
C GLY B 338 -26.72 -16.28 -18.22
N PRO B 339 -26.65 -17.12 -17.17
CA PRO B 339 -27.84 -17.89 -16.73
C PRO B 339 -29.12 -17.06 -16.50
N LYS B 340 -28.97 -15.86 -15.96
CA LYS B 340 -30.13 -14.99 -15.64
C LYS B 340 -30.42 -13.81 -16.60
N ILE B 341 -29.59 -13.65 -17.65
CA ILE B 341 -29.82 -12.54 -18.60
C ILE B 341 -31.28 -12.55 -19.09
N VAL B 342 -31.75 -13.68 -19.61
CA VAL B 342 -33.08 -13.70 -20.24
C VAL B 342 -34.15 -13.16 -19.28
N ASP B 343 -34.10 -13.68 -18.07
CA ASP B 343 -34.97 -13.30 -16.97
C ASP B 343 -34.98 -11.81 -16.73
N HIS B 344 -33.78 -11.27 -16.46
CA HIS B 344 -33.67 -9.85 -16.15
C HIS B 344 -34.32 -9.05 -17.28
N VAL B 345 -34.06 -9.44 -18.51
CA VAL B 345 -34.56 -8.65 -19.62
C VAL B 345 -36.06 -8.76 -19.73
N GLN B 346 -36.54 -9.95 -19.38
CA GLN B 346 -37.94 -10.29 -19.45
C GLN B 346 -38.80 -9.50 -18.44
N GLU B 347 -38.35 -9.50 -17.20
CA GLU B 347 -38.97 -8.67 -16.18
C GLU B 347 -38.90 -7.17 -16.52
N GLU B 348 -37.71 -6.65 -16.82
CA GLU B 348 -37.60 -5.27 -17.27
C GLU B 348 -38.51 -4.87 -18.44
N LEU B 349 -38.73 -5.77 -19.38
CA LEU B 349 -39.53 -5.40 -20.55
C LEU B 349 -41.03 -5.70 -20.34
N GLY B 350 -41.35 -6.29 -19.19
CA GLY B 350 -42.69 -6.83 -18.89
C GLY B 350 -43.21 -7.91 -19.86
N LEU B 351 -42.37 -8.91 -20.14
CA LEU B 351 -42.68 -9.96 -21.12
C LEU B 351 -43.15 -11.23 -20.44
N ALA B 352 -44.04 -11.98 -21.09
CA ALA B 352 -44.45 -13.31 -20.61
C ALA B 352 -43.44 -14.40 -20.99
N GLU B 353 -43.43 -15.48 -20.21
CA GLU B 353 -42.55 -16.65 -20.44
C GLU B 353 -42.60 -17.09 -21.89
N ASP B 354 -43.80 -17.20 -22.43
CA ASP B 354 -43.92 -17.63 -23.83
C ASP B 354 -43.19 -16.72 -24.82
N GLN B 355 -43.09 -15.42 -24.53
CA GLN B 355 -42.49 -14.48 -25.52
C GLN B 355 -40.98 -14.66 -25.56
N VAL B 356 -40.42 -15.31 -24.51
CA VAL B 356 -38.98 -15.55 -24.48
C VAL B 356 -38.58 -17.06 -24.46
N ALA B 357 -39.53 -17.96 -24.55
CA ALA B 357 -39.28 -19.37 -24.41
C ALA B 357 -38.10 -19.93 -25.19
N ILE B 358 -38.01 -19.61 -26.48
CA ILE B 358 -37.01 -20.26 -27.29
C ILE B 358 -35.59 -19.85 -26.93
N SER B 359 -35.43 -18.60 -26.47
CA SER B 359 -34.11 -18.06 -26.12
C SER B 359 -33.65 -18.85 -24.91
N LYS B 360 -34.59 -19.08 -23.99
CA LYS B 360 -34.30 -19.88 -22.77
C LYS B 360 -33.95 -21.32 -23.09
N SER B 361 -34.67 -21.89 -24.06
CA SER B 361 -34.45 -23.28 -24.45
C SER B 361 -33.08 -23.40 -25.15
N VAL B 362 -32.77 -22.49 -26.06
CA VAL B 362 -31.47 -22.58 -26.72
C VAL B 362 -30.29 -22.58 -25.65
N PHE B 363 -30.41 -21.73 -24.63
CA PHE B 363 -29.37 -21.61 -23.64
C PHE B 363 -29.25 -22.90 -22.83
N LEU B 364 -30.39 -23.43 -22.35
CA LEU B 364 -30.44 -24.63 -21.52
C LEU B 364 -29.89 -25.82 -22.34
N GLU B 365 -30.02 -25.81 -23.68
CA GLU B 365 -29.65 -27.01 -24.44
C GLU B 365 -28.24 -26.97 -25.00
N ASN B 366 -27.64 -25.77 -25.05
CA ASN B 366 -26.38 -25.54 -25.78
C ASN B 366 -25.33 -24.72 -25.05
N GLY B 367 -25.81 -23.99 -24.04
CA GLY B 367 -25.04 -22.99 -23.29
C GLY B 367 -24.80 -21.78 -24.19
N ASN B 368 -23.85 -20.95 -23.82
CA ASN B 368 -23.61 -19.68 -24.50
C ASN B 368 -22.59 -19.91 -25.64
N MET B 369 -23.07 -19.98 -26.90
CA MET B 369 -22.16 -20.32 -28.04
C MET B 369 -21.72 -19.01 -28.65
N SER B 370 -21.68 -17.97 -27.81
CA SER B 370 -21.27 -16.64 -28.26
C SER B 370 -22.13 -16.17 -29.45
N SER B 371 -21.49 -15.66 -30.51
CA SER B 371 -22.24 -15.02 -31.59
C SER B 371 -23.22 -15.99 -32.25
N SER B 372 -22.94 -17.31 -32.16
CA SER B 372 -23.79 -18.31 -32.86
C SER B 372 -25.11 -18.61 -32.14
N THR B 373 -25.33 -18.01 -30.97
CA THR B 373 -26.54 -18.38 -30.16
C THR B 373 -27.77 -17.76 -30.80
N ILE B 374 -27.71 -16.46 -31.05
CA ILE B 374 -28.78 -15.76 -31.71
C ILE B 374 -29.18 -16.45 -33.01
N PRO B 375 -28.21 -16.77 -33.91
CA PRO B 375 -28.68 -17.51 -35.13
C PRO B 375 -29.48 -18.81 -34.90
N HIS B 376 -29.11 -19.55 -33.86
CA HIS B 376 -29.87 -20.78 -33.53
C HIS B 376 -31.23 -20.41 -33.04
N ILE B 377 -31.36 -19.39 -32.22
CA ILE B 377 -32.72 -18.95 -31.74
C ILE B 377 -33.56 -18.57 -33.00
N LEU B 378 -32.96 -17.75 -33.84
CA LEU B 378 -33.67 -17.33 -35.09
C LEU B 378 -34.00 -18.53 -35.97
N LYS B 379 -33.13 -19.54 -36.00
CA LYS B 379 -33.50 -20.76 -36.78
C LYS B 379 -34.87 -21.29 -36.34
N ALA B 380 -35.02 -21.45 -35.01
CA ALA B 380 -36.23 -22.09 -34.45
C ALA B 380 -37.44 -21.20 -34.73
N TYR B 381 -37.26 -19.88 -34.66
CA TYR B 381 -38.37 -19.00 -34.95
C TYR B 381 -38.77 -19.13 -36.42
N LEU B 382 -37.79 -19.10 -37.32
CA LEU B 382 -38.13 -19.31 -38.74
C LEU B 382 -38.92 -20.60 -38.99
N GLU B 383 -38.53 -21.66 -38.30
CA GLU B 383 -39.15 -22.99 -38.58
C GLU B 383 -40.48 -23.19 -37.83
N GLU B 384 -40.73 -22.40 -36.79
CA GLU B 384 -41.88 -22.67 -35.90
C GLU B 384 -43.01 -21.62 -35.93
N ALA B 385 -42.62 -20.37 -36.12
CA ALA B 385 -43.55 -19.24 -36.11
C ALA B 385 -44.47 -19.28 -37.31
N THR B 386 -45.64 -18.69 -37.15
CA THR B 386 -46.60 -18.59 -38.24
C THR B 386 -46.13 -17.38 -39.03
N VAL B 387 -46.31 -17.48 -40.35
CA VAL B 387 -46.02 -16.36 -41.22
C VAL B 387 -46.71 -15.15 -40.57
N GLY B 388 -45.98 -14.02 -40.51
CA GLY B 388 -46.59 -12.81 -40.01
C GLY B 388 -46.14 -12.45 -38.59
N THR B 389 -45.69 -13.44 -37.82
CA THR B 389 -45.09 -13.13 -36.52
C THR B 389 -43.89 -12.18 -36.63
N ARG B 390 -43.83 -11.27 -35.64
CA ARG B 390 -42.76 -10.34 -35.47
C ARG B 390 -41.91 -10.70 -34.26
N ILE B 391 -40.59 -10.48 -34.43
CA ILE B 391 -39.62 -10.87 -33.43
C ILE B 391 -38.68 -9.71 -33.21
N ALA B 392 -38.55 -9.29 -31.95
CA ALA B 392 -37.58 -8.27 -31.62
C ALA B 392 -36.37 -9.00 -31.09
N CYS B 393 -35.16 -8.64 -31.55
CA CYS B 393 -33.94 -9.38 -31.19
C CYS B 393 -33.04 -8.46 -30.40
N LEU B 394 -32.50 -8.98 -29.28
CA LEU B 394 -31.64 -8.22 -28.41
C LEU B 394 -30.38 -9.04 -28.05
N GLY B 395 -29.22 -8.44 -28.20
CA GLY B 395 -27.96 -9.14 -28.06
C GLY B 395 -27.09 -8.20 -27.26
N PHE B 396 -26.31 -8.73 -26.32
CA PHE B 396 -25.33 -7.89 -25.66
C PHE B 396 -23.86 -8.42 -25.68
N GLY B 397 -22.87 -7.54 -25.48
CA GLY B 397 -21.46 -7.95 -25.67
C GLY B 397 -20.58 -6.82 -25.10
N PRO B 398 -19.26 -6.97 -25.17
CA PRO B 398 -18.32 -6.02 -24.56
C PRO B 398 -18.60 -4.59 -25.07
N GLY B 399 -18.38 -3.62 -24.19
CA GLY B 399 -18.61 -2.20 -24.45
C GLY B 399 -19.11 -1.38 -23.26
N LEU B 400 -20.23 -1.77 -22.65
CA LEU B 400 -21.02 -2.88 -23.08
C LEU B 400 -21.75 -2.39 -24.33
N THR B 401 -22.17 -3.29 -25.18
CA THR B 401 -22.91 -2.88 -26.37
C THR B 401 -24.29 -3.51 -26.28
N ALA B 402 -25.31 -2.85 -26.83
CA ALA B 402 -26.66 -3.42 -26.95
C ALA B 402 -26.93 -3.36 -28.44
N ALA B 403 -27.37 -4.49 -29.00
CA ALA B 403 -27.68 -4.57 -30.45
C ALA B 403 -29.14 -5.02 -30.59
N GLY B 404 -29.87 -4.53 -31.60
CA GLY B 404 -31.23 -4.92 -31.74
C GLY B 404 -31.61 -5.09 -33.21
N LEU B 405 -32.69 -5.83 -33.44
CA LEU B 405 -33.03 -6.22 -34.77
C LEU B 405 -34.45 -6.57 -34.62
N VAL B 406 -35.26 -6.06 -35.56
CA VAL B 406 -36.64 -6.45 -35.68
C VAL B 406 -36.93 -7.12 -37.03
N LEU B 407 -37.59 -8.27 -36.96
CA LEU B 407 -37.80 -9.21 -38.07
C LEU B 407 -39.27 -9.55 -38.16
N GLU B 408 -39.69 -9.94 -39.36
CA GLU B 408 -41.03 -10.48 -39.54
C GLU B 408 -40.93 -11.72 -40.46
N LYS B 409 -41.56 -12.83 -40.05
CA LYS B 409 -41.58 -14.02 -40.87
C LYS B 409 -42.56 -13.84 -42.06
N ILE B 410 -42.07 -14.08 -43.26
CA ILE B 410 -42.83 -13.96 -44.53
C ILE B 410 -42.63 -15.26 -45.36
N HIS C 7 14.89 -11.67 -11.33
CA HIS C 7 15.67 -10.80 -10.38
C HIS C 7 17.19 -10.89 -10.57
N PRO C 8 17.84 -9.72 -10.75
CA PRO C 8 19.32 -9.79 -10.73
C PRO C 8 19.80 -9.90 -9.27
N ASN C 9 21.03 -10.30 -9.08
CA ASN C 9 21.61 -10.36 -7.74
C ASN C 9 20.74 -11.17 -6.72
N SER C 10 20.30 -12.33 -7.17
CA SER C 10 19.45 -13.19 -6.36
C SER C 10 19.86 -14.68 -6.46
N ALA C 11 19.90 -15.37 -5.34
CA ALA C 11 20.24 -16.77 -5.25
C ALA C 11 19.00 -17.54 -4.79
N VAL C 12 18.82 -18.77 -5.26
CA VAL C 12 17.60 -19.51 -5.03
C VAL C 12 17.95 -20.93 -4.66
N LEU C 13 17.38 -21.38 -3.54
CA LEU C 13 17.45 -22.77 -3.15
C LEU C 13 16.51 -23.65 -3.98
N ALA C 14 16.98 -24.84 -4.36
CA ALA C 14 16.14 -25.74 -5.13
C ALA C 14 16.52 -27.22 -5.05
N ASP C 15 15.57 -28.02 -5.47
CA ASP C 15 15.81 -29.44 -5.84
C ASP C 15 16.43 -30.20 -4.67
N PHE C 16 15.64 -30.34 -3.61
CA PHE C 16 16.11 -31.01 -2.34
C PHE C 16 15.96 -32.54 -2.41
N ILE C 17 17.05 -33.29 -2.24
CA ILE C 17 17.10 -34.78 -2.44
C ILE C 17 17.72 -35.44 -1.20
N PRO C 18 16.90 -35.98 -0.31
CA PRO C 18 17.35 -36.84 0.81
C PRO C 18 17.78 -38.28 0.35
N VAL C 19 18.65 -38.99 1.09
CA VAL C 19 18.87 -40.40 0.78
C VAL C 19 18.79 -41.10 2.07
N GLN C 20 18.01 -42.15 2.06
CA GLN C 20 17.92 -42.96 3.22
C GLN C 20 18.89 -44.15 3.10
N LEU C 21 19.78 -44.30 4.10
CA LEU C 21 20.76 -45.35 4.06
C LEU C 21 20.27 -46.55 4.84
N ALA C 22 19.38 -46.33 5.79
CA ALA C 22 18.93 -47.45 6.63
C ALA C 22 17.45 -47.24 7.02
N LYS C 23 16.69 -48.33 7.12
CA LYS C 23 15.32 -48.22 7.50
C LYS C 23 15.22 -47.64 8.95
N PRO C 24 14.39 -46.63 9.16
CA PRO C 24 14.27 -46.00 10.53
C PRO C 24 13.81 -47.01 11.51
N VAL C 25 14.33 -46.98 12.72
CA VAL C 25 13.96 -47.91 13.72
C VAL C 25 12.90 -47.25 14.64
N PRO C 26 11.79 -47.97 14.94
CA PRO C 26 10.77 -47.45 15.85
C PRO C 26 11.43 -47.02 17.16
N GLN C 27 11.04 -45.86 17.64
CA GLN C 27 11.68 -45.33 18.82
C GLN C 27 11.58 -46.28 20.00
N ARG C 28 10.45 -46.93 20.22
CA ARG C 28 10.39 -47.73 21.48
C ARG C 28 11.50 -48.79 21.46
N ILE C 29 11.86 -49.24 20.26
CA ILE C 29 12.92 -50.28 20.13
C ILE C 29 14.33 -49.69 20.32
N THR C 30 14.57 -48.53 19.69
CA THR C 30 15.80 -47.85 20.02
C THR C 30 15.94 -47.68 21.55
N LEU C 31 14.86 -47.31 22.24
CA LEU C 31 14.98 -47.07 23.69
C LEU C 31 15.25 -48.36 24.48
N GLU C 32 14.56 -49.43 24.14
CA GLU C 32 14.80 -50.69 24.83
C GLU C 32 16.27 -51.13 24.65
N LEU C 33 16.75 -51.11 23.42
CA LEU C 33 18.10 -51.65 23.20
C LEU C 33 19.22 -50.75 23.75
N THR C 34 19.06 -49.43 23.60
CA THR C 34 20.02 -48.45 24.08
C THR C 34 20.10 -48.53 25.59
N ALA C 35 18.94 -48.68 26.22
CA ALA C 35 18.86 -48.85 27.66
C ALA C 35 19.62 -50.13 28.08
N TYR C 36 19.36 -51.24 27.37
CA TYR C 36 20.09 -52.46 27.62
C TYR C 36 21.61 -52.31 27.38
N GLY C 37 22.01 -51.63 26.31
CA GLY C 37 23.42 -51.40 26.10
C GLY C 37 24.10 -50.54 27.17
N PHE C 38 23.41 -49.47 27.60
CA PHE C 38 23.98 -48.59 28.65
C PHE C 38 24.17 -49.42 29.91
N ALA C 39 23.24 -50.35 30.17
CA ALA C 39 23.35 -51.16 31.43
C ALA C 39 24.50 -52.18 31.34
N ARG C 40 24.67 -52.82 30.18
CA ARG C 40 25.79 -53.73 30.03
C ARG C 40 27.12 -52.98 30.11
N ALA C 41 27.22 -51.82 29.45
CA ALA C 41 28.46 -51.04 29.43
C ALA C 41 28.85 -50.70 30.85
N HIS C 42 27.87 -50.21 31.61
CA HIS C 42 28.09 -49.75 32.97
C HIS C 42 28.62 -50.89 33.84
N CYS C 43 28.03 -52.08 33.65
CA CYS C 43 28.48 -53.26 34.34
C CYS C 43 29.89 -53.63 33.93
N LEU C 44 30.20 -53.53 32.63
CA LEU C 44 31.58 -53.71 32.22
C LEU C 44 32.47 -52.65 32.86
N SER C 45 31.97 -51.43 33.03
CA SER C 45 32.88 -50.36 33.46
C SER C 45 33.22 -50.43 34.95
N ASN C 46 32.38 -51.07 35.75
CA ASN C 46 32.56 -51.09 37.19
C ASN C 46 32.77 -52.50 37.77
N GLY C 47 33.09 -53.46 36.90
CA GLY C 47 33.48 -54.78 37.33
C GLY C 47 32.36 -55.58 37.94
N ILE C 48 31.13 -55.31 37.49
CA ILE C 48 29.95 -56.05 37.92
C ILE C 48 29.70 -57.18 36.91
N THR C 49 29.65 -58.39 37.43
CA THR C 49 30.04 -59.56 36.69
C THR C 49 28.94 -60.61 36.83
N ASP C 50 28.16 -60.45 37.91
CA ASP C 50 27.13 -61.41 38.33
C ASP C 50 25.78 -60.99 37.83
N GLU C 51 24.91 -61.96 37.59
CA GLU C 51 23.59 -61.67 37.05
C GLU C 51 22.78 -60.70 37.90
N GLU C 52 22.62 -60.97 39.19
CA GLU C 52 21.78 -60.11 40.02
C GLU C 52 22.33 -58.67 40.06
N GLY C 53 23.65 -58.55 39.94
CA GLY C 53 24.26 -57.28 39.67
C GLY C 53 23.64 -56.68 38.41
N PHE C 54 23.74 -57.35 37.27
CA PHE C 54 23.26 -56.71 36.05
C PHE C 54 21.76 -56.33 36.20
N VAL C 55 21.01 -57.21 36.81
CA VAL C 55 19.59 -56.99 37.03
C VAL C 55 19.29 -55.64 37.69
N GLN C 56 20.00 -55.31 38.77
CA GLN C 56 19.70 -54.08 39.50
C GLN C 56 20.12 -52.81 38.74
N VAL C 57 21.31 -52.86 38.16
CA VAL C 57 21.76 -51.84 37.23
C VAL C 57 20.76 -51.65 36.08
N TYR C 58 20.30 -52.74 35.50
CA TYR C 58 19.40 -52.64 34.34
C TYR C 58 18.09 -51.92 34.72
N LYS C 59 17.63 -52.18 35.95
CA LYS C 59 16.36 -51.64 36.38
C LYS C 59 16.53 -50.15 36.55
N THR C 60 17.64 -49.77 37.16
CA THR C 60 17.95 -48.36 37.36
C THR C 60 18.14 -47.63 36.03
N VAL C 61 18.81 -48.27 35.08
CA VAL C 61 19.04 -47.61 33.78
C VAL C 61 17.69 -47.39 33.11
N LYS C 62 16.80 -48.39 33.18
CA LYS C 62 15.49 -48.29 32.57
C LYS C 62 14.65 -47.19 33.15
N GLU C 63 14.65 -47.09 34.47
CA GLU C 63 14.00 -45.97 35.19
C GLU C 63 14.56 -44.63 34.72
N LYS C 64 15.87 -44.54 34.55
CA LYS C 64 16.49 -43.31 34.05
C LYS C 64 16.03 -42.96 32.61
N PHE C 65 15.99 -43.97 31.76
CA PHE C 65 15.45 -43.83 30.42
C PHE C 65 13.96 -43.40 30.45
N ASP C 66 13.13 -44.09 31.20
CA ASP C 66 11.73 -43.68 31.31
C ASP C 66 11.63 -42.21 31.70
N LYS C 67 12.50 -41.78 32.60
CA LYS C 67 12.42 -40.43 33.07
C LYS C 67 12.96 -39.38 32.08
N TYR C 68 14.07 -39.67 31.42
CA TYR C 68 14.76 -38.64 30.68
C TYR C 68 14.85 -38.83 29.17
N ALA C 69 14.54 -40.03 28.66
CA ALA C 69 14.72 -40.29 27.25
C ALA C 69 13.63 -39.64 26.38
N VAL C 70 14.00 -39.19 25.18
CA VAL C 70 12.99 -38.71 24.27
C VAL C 70 12.09 -39.91 23.98
N SER C 71 10.80 -39.70 24.18
CA SER C 71 9.85 -40.80 24.14
C SER C 71 9.30 -41.05 22.73
N PRO C 72 8.67 -42.21 22.55
CA PRO C 72 8.05 -42.49 21.22
C PRO C 72 6.93 -41.47 20.87
N ALA C 73 6.28 -40.86 21.87
CA ALA C 73 5.31 -39.79 21.57
C ALA C 73 5.96 -38.54 20.99
N GLN C 74 7.23 -38.34 21.29
CA GLN C 74 7.99 -37.19 20.79
C GLN C 74 8.73 -37.43 19.48
N ILE C 75 9.37 -38.60 19.36
CA ILE C 75 9.98 -39.01 18.12
C ILE C 75 9.48 -40.42 17.78
N LYS C 76 8.88 -40.63 16.59
CA LYS C 76 8.26 -41.96 16.28
C LYS C 76 9.34 -43.00 15.84
N GLN C 77 10.35 -42.51 15.17
CA GLN C 77 11.41 -43.39 14.65
C GLN C 77 12.59 -42.53 14.24
N ARG C 78 13.76 -43.15 14.20
CA ARG C 78 14.99 -42.50 13.82
C ARG C 78 15.76 -43.37 12.86
N GLN C 79 16.32 -42.75 11.85
CA GLN C 79 17.35 -43.41 11.05
C GLN C 79 18.65 -43.40 11.83
N LEU C 80 19.17 -44.58 12.11
CA LEU C 80 20.40 -44.76 12.89
C LEU C 80 21.25 -45.86 12.18
N VAL C 81 22.12 -45.43 11.28
CA VAL C 81 22.95 -46.38 10.52
C VAL C 81 23.75 -47.29 11.46
N TYR C 82 24.17 -46.77 12.59
CA TYR C 82 24.98 -47.58 13.52
C TYR C 82 24.23 -48.23 14.67
N PHE C 83 22.91 -48.27 14.58
CA PHE C 83 22.13 -49.05 15.52
C PHE C 83 22.04 -50.38 14.83
N PRO C 84 22.07 -51.48 15.62
CA PRO C 84 21.99 -52.82 15.01
C PRO C 84 20.73 -53.03 14.15
N LYS C 85 20.91 -53.77 13.08
CA LYS C 85 19.81 -54.15 12.18
C LYS C 85 18.73 -55.04 12.90
N LEU C 86 17.45 -54.82 12.63
CA LEU C 86 16.40 -55.63 13.28
C LEU C 86 16.45 -57.12 12.87
N ASN C 95 16.97 -60.05 28.34
CA ASN C 95 18.19 -60.01 27.53
C ASN C 95 18.01 -59.99 26.00
N PHE C 96 18.75 -59.11 25.34
CA PHE C 96 18.91 -59.20 23.89
C PHE C 96 20.21 -59.90 23.62
N ASP C 97 20.32 -60.54 22.48
CA ASP C 97 21.62 -61.02 22.05
C ASP C 97 21.89 -60.39 20.68
N ILE C 98 23.09 -59.85 20.48
CA ILE C 98 23.39 -59.26 19.19
C ILE C 98 24.28 -60.19 18.36
N ALA C 99 23.76 -60.56 17.18
CA ALA C 99 24.55 -61.30 16.22
C ALA C 99 25.84 -60.52 15.87
N ASP C 100 26.90 -61.24 15.54
CA ASP C 100 28.02 -60.66 14.81
C ASP C 100 27.51 -60.42 13.39
N PRO C 101 28.10 -59.46 12.68
CA PRO C 101 27.70 -59.25 11.28
C PRO C 101 28.78 -59.78 10.30
N GLU C 102 28.40 -59.94 9.02
CA GLU C 102 29.38 -60.33 7.95
C GLU C 102 30.62 -59.42 8.03
N PRO C 103 31.83 -59.99 7.94
CA PRO C 103 32.91 -59.03 7.81
C PRO C 103 32.45 -58.14 6.68
N ASP C 104 31.51 -58.68 5.92
CA ASP C 104 30.76 -57.92 4.95
C ASP C 104 30.40 -56.54 5.52
N GLN C 105 30.49 -56.41 6.84
CA GLN C 105 30.20 -55.11 7.43
C GLN C 105 30.40 -55.00 8.91
N ALA C 106 31.55 -55.47 9.37
CA ALA C 106 32.02 -55.10 10.69
C ALA C 106 31.94 -53.57 10.86
N HIS C 107 31.89 -52.83 9.75
CA HIS C 107 32.10 -51.39 9.83
C HIS C 107 30.86 -50.64 10.37
N LEU C 108 29.69 -51.28 10.31
CA LEU C 108 28.46 -50.73 10.90
C LEU C 108 28.43 -50.96 12.41
N ARG C 109 29.37 -51.73 12.89
CA ARG C 109 29.36 -52.07 14.31
C ARG C 109 30.49 -51.36 15.03
N LEU C 110 30.11 -50.34 15.79
CA LEU C 110 31.06 -49.41 16.40
C LEU C 110 30.90 -49.43 17.93
N PHE C 111 29.90 -50.15 18.45
CA PHE C 111 29.75 -50.27 19.90
C PHE C 111 30.17 -51.64 20.32
N ASP C 112 30.36 -51.85 21.61
CA ASP C 112 30.85 -53.11 22.12
C ASP C 112 30.26 -53.30 23.53
N ILE C 113 29.42 -54.32 23.70
CA ILE C 113 28.80 -54.54 25.00
C ILE C 113 29.28 -55.81 25.68
N LYS C 114 30.37 -56.40 25.20
CA LYS C 114 30.90 -57.60 25.82
C LYS C 114 32.27 -57.36 26.45
N LYS C 115 33.11 -56.61 25.74
CA LYS C 115 34.51 -56.55 26.12
C LYS C 115 34.97 -55.12 26.43
N ASP C 116 35.05 -54.23 25.44
CA ASP C 116 35.46 -52.82 25.74
C ASP C 116 34.32 -51.86 25.48
N PRO C 117 33.72 -51.34 26.56
CA PRO C 117 32.48 -50.55 26.53
C PRO C 117 32.63 -49.18 25.82
N ARG C 118 33.87 -48.72 25.60
CA ARG C 118 34.11 -47.47 24.82
C ARG C 118 33.92 -47.64 23.35
N GLY C 119 33.88 -48.90 22.94
CA GLY C 119 33.66 -49.33 21.58
C GLY C 119 34.80 -48.96 20.66
N ALA C 120 34.46 -48.69 19.41
CA ALA C 120 35.44 -48.40 18.38
C ALA C 120 36.17 -47.12 18.70
N ASP C 121 37.45 -47.06 18.38
CA ASP C 121 38.13 -45.80 18.49
C ASP C 121 37.88 -44.87 17.31
N LEU C 122 38.34 -43.63 17.42
CA LEU C 122 37.90 -42.61 16.49
C LEU C 122 38.38 -42.85 15.07
N LYS C 123 39.59 -43.34 14.95
CA LYS C 123 40.12 -43.74 13.65
C LYS C 123 39.18 -44.76 13.01
N THR C 124 38.79 -45.77 13.77
CA THR C 124 37.85 -46.74 13.21
C THR C 124 36.52 -46.08 12.84
N ARG C 125 36.06 -45.15 13.67
CA ARG C 125 34.78 -44.57 13.40
C ARG C 125 34.91 -43.70 12.16
N HIS C 126 36.02 -43.01 12.02
CA HIS C 126 36.25 -42.15 10.86
C HIS C 126 36.31 -42.94 9.55
N GLU C 127 37.02 -44.06 9.53
CA GLU C 127 37.05 -44.94 8.36
C GLU C 127 35.66 -45.46 8.08
N SER C 128 34.87 -45.77 9.10
CA SER C 128 33.52 -46.23 8.81
C SER C 128 32.73 -45.10 8.14
N TYR C 129 32.78 -43.88 8.74
CA TYR C 129 32.07 -42.71 8.21
C TYR C 129 32.36 -42.54 6.71
N ALA C 130 33.65 -42.61 6.36
CA ALA C 130 34.06 -42.38 4.96
C ALA C 130 33.41 -43.37 4.03
N LYS C 131 33.33 -44.63 4.47
CA LYS C 131 32.68 -45.67 3.65
C LYS C 131 31.17 -45.43 3.54
N VAL C 132 30.51 -45.23 4.66
CA VAL C 132 29.06 -45.03 4.61
C VAL C 132 28.70 -43.77 3.89
N VAL C 133 29.38 -42.66 4.20
CA VAL C 133 29.04 -41.41 3.46
C VAL C 133 29.40 -41.46 1.96
N GLY C 134 30.51 -42.13 1.69
CA GLY C 134 30.93 -42.40 0.31
C GLY C 134 29.75 -42.99 -0.48
N LYS C 135 29.15 -44.05 0.05
CA LYS C 135 28.00 -44.65 -0.64
C LYS C 135 26.83 -43.71 -0.64
N GLY C 136 26.57 -43.05 0.50
CA GLY C 136 25.47 -42.10 0.54
C GLY C 136 25.58 -41.05 -0.55
N LEU C 137 26.77 -40.52 -0.70
CA LEU C 137 26.97 -39.43 -1.65
C LEU C 137 26.75 -39.91 -3.09
N GLU C 138 27.18 -41.12 -3.37
CA GLU C 138 27.02 -41.66 -4.72
C GLU C 138 25.51 -41.81 -5.00
N GLN C 139 24.73 -42.27 -4.01
CA GLN C 139 23.24 -42.23 -4.20
C GLN C 139 22.70 -40.79 -4.25
N MET C 140 23.12 -39.90 -3.36
CA MET C 140 22.61 -38.50 -3.43
C MET C 140 22.84 -37.86 -4.82
N PHE C 141 23.97 -38.14 -5.47
CA PHE C 141 24.27 -37.42 -6.68
C PHE C 141 23.99 -38.26 -7.94
N GLU C 142 23.27 -39.37 -7.82
CA GLU C 142 23.16 -40.18 -9.06
C GLU C 142 22.26 -39.55 -10.17
N GLY C 143 21.40 -38.62 -9.81
CA GLY C 143 20.55 -37.93 -10.81
C GLY C 143 21.24 -36.69 -11.35
N THR C 144 22.43 -36.38 -10.82
CA THR C 144 23.13 -35.16 -11.28
C THR C 144 23.81 -35.40 -12.63
N LEU C 145 23.44 -34.62 -13.66
CA LEU C 145 23.92 -34.77 -15.04
C LEU C 145 25.15 -33.92 -15.39
N GLU C 146 25.31 -32.78 -14.72
CA GLU C 146 26.40 -31.85 -15.03
C GLU C 146 26.99 -31.39 -13.70
N ALA C 147 28.29 -31.28 -13.63
CA ALA C 147 28.93 -30.88 -12.39
C ALA C 147 28.47 -29.49 -11.91
N PRO C 148 28.44 -29.31 -10.61
CA PRO C 148 28.18 -27.95 -10.19
C PRO C 148 29.49 -27.12 -10.30
N ASP C 149 29.36 -25.79 -10.33
CA ASP C 149 30.57 -24.95 -10.22
C ASP C 149 31.18 -25.10 -8.81
N ASP C 150 30.36 -25.33 -7.79
CA ASP C 150 30.85 -25.51 -6.37
C ASP C 150 30.17 -26.65 -5.68
N LEU C 151 30.84 -27.36 -4.81
CA LEU C 151 30.16 -28.31 -3.95
C LEU C 151 30.62 -28.08 -2.52
N ILE C 152 29.63 -27.85 -1.64
CA ILE C 152 29.90 -27.62 -0.26
C ILE C 152 29.52 -28.87 0.55
N HIS C 153 30.44 -29.28 1.40
CA HIS C 153 30.20 -30.44 2.24
C HIS C 153 29.95 -29.95 3.62
N VAL C 154 28.76 -30.27 4.14
CA VAL C 154 28.42 -29.87 5.51
C VAL C 154 28.37 -31.08 6.44
N THR C 155 29.11 -31.02 7.52
CA THR C 155 28.96 -32.12 8.49
C THR C 155 29.55 -31.67 9.81
N CYS C 156 29.15 -32.31 10.88
CA CYS C 156 29.79 -32.06 12.13
C CYS C 156 30.01 -33.41 12.75
N SER C 157 30.03 -34.49 11.93
CA SER C 157 30.07 -35.85 12.51
C SER C 157 31.15 -36.74 11.92
N GLY C 158 32.03 -36.16 11.11
CA GLY C 158 33.21 -36.91 10.69
C GLY C 158 34.05 -36.06 9.83
N TYR C 159 35.33 -35.93 10.19
CA TYR C 159 36.26 -35.08 9.47
C TYR C 159 37.45 -35.90 8.98
N LEU C 160 37.58 -36.00 7.66
CA LEU C 160 38.69 -36.70 6.96
C LEU C 160 39.23 -35.78 5.86
N ALA C 161 40.56 -35.80 5.64
CA ALA C 161 41.13 -35.15 4.42
C ALA C 161 41.90 -36.16 3.63
N PRO C 162 41.67 -36.23 2.31
CA PRO C 162 40.53 -35.60 1.63
C PRO C 162 39.17 -36.19 2.15
N SER C 163 38.08 -35.48 1.96
CA SER C 163 36.83 -35.89 2.58
C SER C 163 36.09 -36.78 1.60
N PRO C 164 35.00 -37.42 2.07
CA PRO C 164 34.21 -38.24 1.16
C PRO C 164 33.65 -37.38 0.05
N ALA C 165 33.33 -36.13 0.32
CA ALA C 165 32.89 -35.24 -0.76
C ALA C 165 33.94 -34.99 -1.86
N GLU C 166 35.17 -34.72 -1.44
CA GLU C 166 36.28 -34.54 -2.35
C GLU C 166 36.50 -35.81 -3.12
N ARG C 167 36.47 -36.97 -2.46
CA ARG C 167 36.66 -38.23 -3.23
C ARG C 167 35.55 -38.47 -4.29
N MET C 168 34.30 -38.19 -3.95
CA MET C 168 33.22 -38.33 -4.95
C MET C 168 33.35 -37.37 -6.13
N VAL C 169 33.72 -36.12 -5.84
CA VAL C 169 33.87 -35.13 -6.92
C VAL C 169 34.99 -35.65 -7.92
N ALA C 170 36.09 -36.13 -7.36
CA ALA C 170 37.11 -36.69 -8.20
C ALA C 170 36.61 -37.95 -8.98
N ASP C 171 35.90 -38.85 -8.27
CA ASP C 171 35.36 -40.07 -8.86
C ASP C 171 34.47 -39.75 -10.05
N ARG C 172 33.76 -38.64 -9.94
CA ARG C 172 32.94 -38.12 -11.06
C ARG C 172 33.72 -37.40 -12.16
N GLY C 173 35.01 -37.21 -11.95
CA GLY C 173 35.75 -36.50 -12.98
C GLY C 173 35.39 -35.05 -13.00
N TRP C 174 34.95 -34.53 -11.88
CA TRP C 174 34.53 -33.12 -11.85
C TRP C 174 35.71 -32.21 -11.52
N PHE C 175 36.58 -32.02 -12.50
CA PHE C 175 37.85 -31.33 -12.23
C PHE C 175 37.83 -29.80 -12.42
N GLU C 176 36.65 -29.23 -12.58
CA GLU C 176 36.53 -27.80 -12.50
C GLU C 176 35.61 -27.43 -11.38
N THR C 177 35.31 -28.33 -10.44
CA THR C 177 34.38 -28.00 -9.41
C THR C 177 35.09 -27.63 -8.12
N THR C 178 34.79 -26.47 -7.53
CA THR C 178 35.43 -26.11 -6.23
C THR C 178 34.72 -26.86 -5.15
N VAL C 179 35.48 -27.50 -4.25
CA VAL C 179 34.89 -28.17 -3.11
C VAL C 179 35.26 -27.36 -1.85
N THR C 180 34.27 -27.06 -1.03
CA THR C 180 34.52 -26.29 0.19
C THR C 180 33.96 -27.10 1.34
N HIS C 181 34.75 -27.24 2.41
CA HIS C 181 34.23 -27.89 3.58
C HIS C 181 33.58 -26.82 4.49
N SER C 182 32.37 -27.06 4.91
CA SER C 182 31.64 -26.15 5.81
C SER C 182 31.43 -27.02 7.06
N TYR C 183 32.42 -27.06 7.90
CA TYR C 183 32.47 -28.09 8.94
C TYR C 183 32.39 -27.51 10.34
N ASN C 184 31.99 -28.35 11.30
CA ASN C 184 31.96 -27.99 12.70
C ASN C 184 31.06 -26.81 13.00
N MET C 185 29.96 -26.65 12.27
CA MET C 185 29.01 -25.60 12.64
C MET C 185 27.68 -26.26 12.95
N GLY C 186 27.78 -27.50 13.49
CA GLY C 186 26.68 -28.19 14.21
C GLY C 186 25.31 -28.23 13.58
N CYS C 187 24.30 -28.12 14.46
CA CYS C 187 22.85 -28.26 14.09
C CYS C 187 22.35 -27.22 13.09
N TYR C 188 22.96 -26.03 13.16
CA TYR C 188 22.62 -24.94 12.28
C TYR C 188 23.49 -24.92 11.00
N GLY C 189 24.18 -26.00 10.64
CA GLY C 189 25.21 -25.93 9.63
C GLY C 189 24.65 -25.61 8.26
N ALA C 190 23.34 -25.75 8.06
CA ALA C 190 22.82 -25.32 6.70
C ALA C 190 23.02 -23.83 6.40
N PHE C 191 22.84 -23.02 7.45
CA PHE C 191 22.90 -21.60 7.32
C PHE C 191 24.26 -21.08 6.85
N PRO C 192 25.33 -21.40 7.56
CA PRO C 192 26.57 -20.95 6.96
C PRO C 192 26.81 -21.55 5.54
N ALA C 193 26.29 -22.73 5.25
CA ALA C 193 26.58 -23.32 3.92
C ALA C 193 25.82 -22.55 2.84
N ILE C 194 24.62 -22.14 3.16
CA ILE C 194 23.80 -21.39 2.20
C ILE C 194 24.44 -19.98 2.08
N LYS C 195 24.95 -19.42 3.20
CA LYS C 195 25.69 -18.13 3.22
C LYS C 195 26.88 -18.22 2.22
N MET C 196 27.66 -19.30 2.27
CA MET C 196 28.80 -19.45 1.31
C MET C 196 28.34 -19.50 -0.15
N ALA C 197 27.28 -20.25 -0.35
CA ALA C 197 26.78 -20.53 -1.66
C ALA C 197 26.33 -19.22 -2.25
N HIS C 198 25.56 -18.43 -1.48
CA HIS C 198 25.12 -17.12 -1.91
C HIS C 198 26.33 -16.26 -2.28
N GLY C 199 27.30 -16.26 -1.40
CA GLY C 199 28.55 -15.57 -1.66
C GLY C 199 29.34 -16.07 -2.85
N MET C 200 29.23 -17.32 -3.24
CA MET C 200 30.04 -17.76 -4.33
C MET C 200 29.34 -17.22 -5.62
N LEU C 201 28.02 -17.16 -5.62
CA LEU C 201 27.29 -16.63 -6.78
C LEU C 201 27.57 -15.11 -6.89
N ALA C 202 27.50 -14.42 -5.78
CA ALA C 202 27.82 -12.99 -5.74
C ALA C 202 29.29 -12.71 -6.11
N SER C 203 30.25 -13.49 -5.54
CA SER C 203 31.67 -13.36 -6.00
C SER C 203 31.86 -13.52 -7.52
N ALA C 204 31.17 -14.50 -8.10
CA ALA C 204 31.16 -14.64 -9.57
C ALA C 204 30.61 -13.38 -10.27
N GLN C 205 29.52 -12.80 -9.76
CA GLN C 205 28.91 -11.64 -10.45
C GLN C 205 29.85 -10.43 -10.34
N TRP C 206 30.57 -10.37 -9.24
CA TRP C 206 31.64 -9.39 -9.07
C TRP C 206 32.76 -9.61 -9.99
N GLY C 207 32.94 -10.84 -10.49
CA GLY C 207 33.96 -11.05 -11.56
C GLY C 207 35.23 -11.71 -11.04
N ALA C 208 35.23 -12.14 -9.79
CA ALA C 208 36.47 -12.71 -9.21
C ALA C 208 36.66 -14.16 -9.72
N THR C 209 35.60 -14.75 -10.29
CA THR C 209 35.69 -16.04 -10.90
C THR C 209 34.83 -15.88 -12.16
N PRO C 210 34.99 -16.79 -13.13
CA PRO C 210 34.04 -16.72 -14.26
C PRO C 210 32.60 -16.92 -13.74
N PRO C 211 31.58 -16.66 -14.58
CA PRO C 211 30.22 -16.85 -14.14
C PRO C 211 29.95 -18.31 -13.69
N LYS C 212 28.98 -18.43 -12.82
CA LYS C 212 28.62 -19.70 -12.25
C LYS C 212 27.12 -19.86 -12.33
N THR C 213 26.70 -21.11 -12.51
CA THR C 213 25.29 -21.38 -12.54
C THR C 213 24.81 -22.40 -11.52
N ARG C 214 25.65 -22.98 -10.64
CA ARG C 214 25.02 -23.86 -9.63
C ARG C 214 25.96 -24.21 -8.50
N VAL C 215 25.49 -24.12 -7.26
CA VAL C 215 26.29 -24.59 -6.15
C VAL C 215 25.48 -25.75 -5.59
N ASP C 216 26.08 -26.90 -5.36
CA ASP C 216 25.35 -28.00 -4.75
C ASP C 216 25.86 -28.08 -3.31
N ILE C 217 24.96 -28.29 -2.37
CA ILE C 217 25.35 -28.38 -0.94
C ILE C 217 24.94 -29.77 -0.50
N ALA C 218 25.86 -30.51 0.11
CA ALA C 218 25.55 -31.86 0.50
C ALA C 218 25.74 -32.03 1.97
N HIS C 219 24.66 -32.34 2.66
CA HIS C 219 24.75 -32.63 4.12
C HIS C 219 24.90 -34.12 4.39
N THR C 220 25.85 -34.51 5.25
CA THR C 220 25.90 -35.87 5.62
C THR C 220 26.16 -35.90 7.10
N GLU C 221 25.13 -36.13 7.90
CA GLU C 221 25.35 -36.30 9.36
C GLU C 221 25.08 -37.74 9.83
N LEU C 222 26.09 -38.38 10.33
CA LEU C 222 25.93 -39.67 11.05
C LEU C 222 26.08 -39.45 12.50
N MET C 223 25.05 -38.86 13.11
CA MET C 223 25.10 -38.65 14.55
C MET C 223 25.22 -39.99 15.29
N SER C 224 24.63 -41.06 14.74
CA SER C 224 24.70 -42.36 15.51
C SER C 224 26.08 -42.96 15.52
N ALA C 225 26.95 -42.51 14.63
CA ALA C 225 28.36 -42.94 14.68
C ALA C 225 29.05 -42.58 16.03
N HIS C 226 28.46 -41.61 16.74
CA HIS C 226 29.05 -41.00 17.96
C HIS C 226 28.34 -41.54 19.21
N ASN C 227 27.70 -42.70 19.02
CA ASN C 227 27.06 -43.37 20.11
C ASN C 227 28.06 -43.56 21.28
N ASN C 228 27.59 -43.25 22.47
CA ASN C 228 28.39 -43.30 23.64
C ASN C 228 27.51 -44.01 24.64
N ILE C 229 27.74 -45.28 24.92
CA ILE C 229 26.89 -45.96 25.89
C ILE C 229 27.60 -46.16 27.25
N ALA C 230 28.88 -45.75 27.30
CA ALA C 230 29.66 -45.84 28.54
C ALA C 230 29.36 -44.71 29.57
N GLU C 231 28.65 -43.67 29.14
CA GLU C 231 28.30 -42.59 30.04
C GLU C 231 26.81 -42.43 30.32
N SER C 232 26.47 -42.34 31.59
CA SER C 232 25.10 -42.48 32.03
C SER C 232 24.47 -41.18 32.51
N ARG C 233 25.24 -40.11 32.48
CA ARG C 233 24.73 -38.80 32.77
C ARG C 233 23.49 -38.56 31.90
N VAL C 234 22.52 -37.88 32.50
CA VAL C 234 21.25 -37.60 31.91
C VAL C 234 21.36 -37.00 30.52
N ASP C 235 22.30 -36.07 30.33
CA ASP C 235 22.36 -35.35 29.06
C ASP C 235 22.85 -36.27 27.94
N ASN C 236 23.48 -37.34 28.35
CA ASN C 236 23.91 -38.32 27.40
C ASN C 236 22.80 -39.31 27.07
N ILE C 237 21.96 -39.60 28.05
CA ILE C 237 20.78 -40.41 27.78
C ILE C 237 19.92 -39.64 26.80
N ILE C 238 19.78 -38.34 27.07
CA ILE C 238 18.99 -37.47 26.28
C ILE C 238 19.51 -37.38 24.84
N SER C 239 20.79 -37.04 24.68
CA SER C 239 21.33 -37.04 23.34
C SER C 239 21.36 -38.40 22.61
N ALA C 240 21.56 -39.52 23.31
CA ALA C 240 21.50 -40.83 22.66
C ALA C 240 20.09 -41.10 22.02
N THR C 241 19.04 -40.53 22.61
CA THR C 241 17.67 -40.80 22.22
C THR C 241 17.01 -39.73 21.33
N LEU C 242 17.76 -38.64 21.12
CA LEU C 242 17.30 -37.41 20.51
C LEU C 242 17.80 -37.28 19.05
N PHE C 243 19.10 -37.54 18.88
CA PHE C 243 19.82 -37.37 17.58
C PHE C 243 19.71 -38.54 16.60
N SER C 244 19.74 -38.25 15.31
CA SER C 244 19.48 -39.29 14.32
C SER C 244 20.34 -38.93 13.07
N ASP C 245 20.31 -39.74 11.99
CA ASP C 245 21.20 -39.48 10.91
C ASP C 245 20.35 -38.89 9.74
N GLY C 246 20.95 -38.13 8.84
CA GLY C 246 20.22 -37.51 7.74
C GLY C 246 21.24 -37.15 6.67
N LEU C 247 20.98 -37.52 5.44
CA LEU C 247 21.85 -37.11 4.35
C LEU C 247 20.91 -36.45 3.34
N ILE C 248 21.26 -35.27 2.84
CA ILE C 248 20.37 -34.54 1.99
C ILE C 248 21.22 -33.53 1.22
N LYS C 249 20.89 -33.37 -0.06
CA LYS C 249 21.59 -32.42 -0.92
C LYS C 249 20.55 -31.45 -1.47
N TYR C 250 20.90 -30.19 -1.67
CA TYR C 250 20.07 -29.27 -2.50
C TYR C 250 21.02 -28.33 -3.25
N SER C 251 20.46 -27.51 -4.12
CA SER C 251 21.25 -26.65 -4.99
C SER C 251 20.92 -25.19 -4.80
N VAL C 252 21.87 -24.31 -5.12
CA VAL C 252 21.64 -22.90 -5.11
C VAL C 252 21.93 -22.37 -6.49
N TYR C 253 20.93 -21.75 -7.12
CA TYR C 253 21.04 -21.23 -8.49
C TYR C 253 21.01 -19.69 -8.50
N PRO C 254 21.74 -19.05 -9.40
CA PRO C 254 21.32 -17.68 -9.64
C PRO C 254 19.91 -17.74 -10.17
N GLU C 255 19.09 -16.81 -9.73
CA GLU C 255 17.71 -16.82 -10.11
C GLU C 255 17.48 -16.87 -11.65
N ASP C 256 18.29 -16.18 -12.45
CA ASP C 256 18.10 -16.31 -13.94
C ASP C 256 18.28 -17.75 -14.43
N GLU C 257 19.15 -18.52 -13.76
CA GLU C 257 19.41 -19.88 -14.24
C GLU C 257 18.24 -20.77 -13.79
N LEU C 258 17.74 -20.54 -12.57
CA LEU C 258 16.54 -21.20 -12.07
C LEU C 258 15.36 -20.99 -13.06
N ARG C 259 15.09 -19.75 -13.40
CA ARG C 259 14.04 -19.49 -14.39
C ARG C 259 14.32 -20.21 -15.72
N ARG C 260 15.50 -20.03 -16.29
CA ARG C 260 15.79 -20.71 -17.56
C ARG C 260 15.55 -22.21 -17.46
N GLN C 261 15.79 -22.81 -16.31
CA GLN C 261 15.52 -24.24 -16.22
C GLN C 261 14.10 -24.58 -15.82
N GLY C 262 13.20 -23.60 -15.80
CA GLY C 262 11.83 -23.82 -15.31
C GLY C 262 11.69 -24.43 -13.90
N LEU C 263 12.56 -24.10 -12.97
CA LEU C 263 12.46 -24.75 -11.68
C LEU C 263 11.74 -23.88 -10.66
N ARG C 264 11.04 -24.51 -9.70
CA ARG C 264 10.52 -23.84 -8.50
C ARG C 264 11.64 -23.70 -7.52
N GLY C 265 11.60 -22.69 -6.67
CA GLY C 265 12.68 -22.58 -5.71
C GLY C 265 12.32 -21.66 -4.55
N LEU C 266 13.24 -21.59 -3.61
CA LEU C 266 13.14 -20.70 -2.48
C LEU C 266 14.14 -19.57 -2.63
N ARG C 267 13.64 -18.41 -2.96
CA ARG C 267 14.53 -17.27 -3.21
C ARG C 267 15.09 -16.75 -1.88
N ILE C 268 16.39 -16.57 -1.74
CA ILE C 268 16.97 -16.03 -0.51
C ILE C 268 16.77 -14.50 -0.40
N LEU C 269 16.13 -14.04 0.66
CA LEU C 269 15.94 -12.59 0.87
C LEU C 269 17.00 -11.99 1.71
N ALA C 270 17.33 -12.66 2.84
CA ALA C 270 18.18 -12.06 3.81
C ALA C 270 18.72 -13.18 4.67
N MET C 271 19.82 -12.91 5.36
CA MET C 271 20.47 -13.93 6.20
C MET C 271 21.12 -13.25 7.36
N SER C 272 21.36 -13.99 8.46
CA SER C 272 21.89 -13.39 9.66
C SER C 272 22.42 -14.49 10.51
N GLU C 273 23.43 -14.19 11.30
CA GLU C 273 24.00 -15.16 12.22
C GLU C 273 24.95 -14.45 13.22
N HIS C 274 24.86 -14.82 14.51
CA HIS C 274 25.85 -14.32 15.38
C HIS C 274 25.70 -15.12 16.70
N LEU C 275 26.55 -14.82 17.64
CA LEU C 275 26.55 -15.53 18.96
C LEU C 275 25.59 -14.86 19.95
N LEU C 276 25.22 -15.63 20.98
CA LEU C 276 24.39 -15.24 22.09
C LEU C 276 25.22 -15.20 23.35
N PRO C 277 25.03 -14.15 24.17
CA PRO C 277 25.85 -13.97 25.36
C PRO C 277 25.63 -14.99 26.49
N ASP C 278 26.61 -15.10 27.34
CA ASP C 278 26.56 -15.98 28.53
C ASP C 278 26.01 -17.35 28.25
N SER C 279 26.57 -18.00 27.21
CA SER C 279 26.07 -19.29 26.79
C SER C 279 27.08 -20.32 26.29
N ALA C 280 28.34 -19.90 26.15
CA ALA C 280 29.35 -20.76 25.49
C ALA C 280 29.43 -22.19 26.04
N ASP C 281 29.34 -22.32 27.36
CA ASP C 281 29.46 -23.65 27.99
C ASP C 281 28.22 -24.52 27.95
N THR C 282 27.14 -24.07 27.31
CA THR C 282 25.88 -24.75 27.54
C THR C 282 25.67 -25.88 26.52
N MET C 283 26.58 -25.93 25.54
CA MET C 283 26.47 -26.95 24.52
C MET C 283 27.85 -27.18 23.96
N THR C 284 28.40 -28.38 24.10
CA THR C 284 29.74 -28.52 23.55
C THR C 284 29.83 -29.81 22.76
N TRP C 285 30.81 -29.87 21.88
CA TRP C 285 30.93 -31.00 20.98
C TRP C 285 32.42 -31.05 20.58
N VAL C 286 33.09 -32.10 21.01
CA VAL C 286 34.57 -32.15 20.95
C VAL C 286 35.02 -33.57 20.58
N PRO C 287 35.82 -33.71 19.50
CA PRO C 287 36.32 -35.05 19.20
C PRO C 287 37.19 -35.54 20.30
N GLY C 288 36.93 -36.73 20.80
CA GLY C 288 37.91 -37.39 21.68
C GLY C 288 38.45 -38.70 21.11
N SER C 289 38.90 -39.59 22.00
CA SER C 289 39.62 -40.78 21.59
C SER C 289 38.78 -41.79 20.88
N HIS C 290 37.49 -41.85 21.21
CA HIS C 290 36.58 -42.78 20.57
C HIS C 290 35.47 -42.20 19.72
N GLN C 291 34.88 -41.09 20.12
CA GLN C 291 33.82 -40.45 19.35
C GLN C 291 33.79 -38.95 19.61
N PHE C 292 32.95 -38.21 18.90
CA PHE C 292 32.80 -36.81 19.24
C PHE C 292 31.93 -36.82 20.52
N VAL C 293 32.34 -36.05 21.53
CA VAL C 293 31.71 -36.08 22.84
C VAL C 293 30.87 -34.81 23.03
N MET C 294 29.62 -34.97 23.48
CA MET C 294 28.67 -33.87 23.65
C MET C 294 28.42 -33.61 25.15
N THR C 295 28.27 -32.35 25.55
CA THR C 295 27.58 -32.00 26.78
C THR C 295 26.44 -31.07 26.38
N LEU C 296 25.36 -31.10 27.15
CA LEU C 296 24.21 -30.25 26.87
C LEU C 296 23.63 -29.84 28.21
N SER C 297 23.55 -28.54 28.45
CA SER C 297 22.99 -28.00 29.66
C SER C 297 21.49 -27.88 29.48
N PRO C 298 20.74 -28.17 30.54
CA PRO C 298 19.30 -27.87 30.48
C PRO C 298 18.97 -26.35 30.37
N LEU C 299 19.94 -25.47 30.55
CA LEU C 299 19.75 -24.03 30.42
C LEU C 299 19.48 -23.60 28.95
N VAL C 300 19.73 -24.46 27.99
CA VAL C 300 19.79 -23.99 26.60
C VAL C 300 18.45 -23.41 26.03
N PRO C 301 17.35 -24.16 26.14
CA PRO C 301 16.03 -23.64 25.63
C PRO C 301 15.67 -22.27 26.23
N ALA C 302 16.02 -22.00 27.48
CA ALA C 302 15.77 -20.67 27.98
C ALA C 302 16.65 -19.57 27.39
N ILE C 303 17.89 -19.92 27.08
CA ILE C 303 18.73 -18.94 26.46
C ILE C 303 18.20 -18.69 25.05
N ILE C 304 17.85 -19.74 24.34
CA ILE C 304 17.23 -19.52 22.99
C ILE C 304 15.95 -18.64 23.10
N LYS C 305 15.09 -18.97 24.04
CA LYS C 305 13.86 -18.22 24.27
C LYS C 305 14.15 -16.79 24.55
N ARG C 306 15.17 -16.54 25.36
CA ARG C 306 15.50 -15.18 25.71
C ARG C 306 15.89 -14.26 24.49
N HIS C 307 16.51 -14.82 23.46
CA HIS C 307 17.11 -13.96 22.41
C HIS C 307 16.38 -14.10 21.07
N VAL C 308 15.53 -15.10 20.92
CA VAL C 308 15.01 -15.42 19.57
C VAL C 308 14.16 -14.29 18.97
N ARG C 309 13.42 -13.59 19.84
CA ARG C 309 12.53 -12.55 19.35
C ARG C 309 13.28 -11.40 18.73
N ALA C 310 14.21 -10.82 19.50
CA ALA C 310 15.00 -9.71 18.97
C ALA C 310 15.71 -10.19 17.68
N PHE C 311 16.15 -11.44 17.67
CA PHE C 311 16.89 -11.96 16.52
C PHE C 311 15.96 -11.99 15.31
N ALA C 312 14.73 -12.48 15.54
CA ALA C 312 13.78 -12.61 14.48
C ALA C 312 13.32 -11.26 13.91
N VAL C 313 13.08 -10.27 14.78
CA VAL C 313 12.72 -8.91 14.40
C VAL C 313 13.83 -8.36 13.49
N ASP C 314 15.07 -8.48 13.95
CA ASP C 314 16.21 -8.02 13.12
C ASP C 314 16.29 -8.75 11.76
N LEU C 315 16.02 -10.07 11.78
CA LEU C 315 16.11 -10.85 10.50
C LEU C 315 15.08 -10.33 9.49
N LEU C 316 13.86 -10.10 9.97
CA LEU C 316 12.82 -9.63 9.06
C LEU C 316 13.17 -8.24 8.52
N ARG C 317 13.70 -7.37 9.39
CA ARG C 317 14.17 -6.07 8.92
C ARG C 317 15.22 -6.21 7.80
N ARG C 318 16.20 -7.07 8.00
CA ARG C 318 17.13 -7.40 6.89
C ARG C 318 16.45 -7.71 5.54
N ALA C 319 15.29 -8.32 5.58
CA ALA C 319 14.51 -8.62 4.39
C ALA C 319 13.54 -7.53 4.00
N GLY C 320 13.58 -6.36 4.64
CA GLY C 320 12.69 -5.31 4.23
C GLY C 320 11.33 -5.62 4.78
N MET C 321 11.28 -6.45 5.82
CA MET C 321 9.95 -6.76 6.41
C MET C 321 9.83 -6.23 7.84
N ASP C 322 8.61 -6.23 8.33
CA ASP C 322 8.34 -5.72 9.65
C ASP C 322 7.64 -6.83 10.42
N PHE C 323 8.25 -7.23 11.51
CA PHE C 323 7.74 -8.28 12.35
C PHE C 323 6.32 -8.12 12.76
N GLU C 324 5.97 -7.02 13.44
CA GLU C 324 4.59 -6.81 13.81
C GLU C 324 3.61 -6.90 12.60
N ARG C 325 3.87 -6.20 11.51
CA ARG C 325 2.94 -6.23 10.36
C ARG C 325 2.93 -7.57 9.53
N ASP C 326 4.11 -8.21 9.45
CA ASP C 326 4.30 -9.32 8.49
C ASP C 326 4.41 -10.71 9.11
N LYS C 327 4.61 -10.81 10.42
CA LYS C 327 4.87 -12.15 10.95
C LYS C 327 3.72 -13.10 10.71
N ASP C 328 2.47 -12.63 10.76
CA ASP C 328 1.33 -13.56 10.64
C ASP C 328 1.29 -14.30 9.27
N ALA C 329 1.79 -13.69 8.21
CA ALA C 329 1.67 -14.29 6.90
C ALA C 329 2.83 -15.25 6.64
N LEU C 330 3.82 -15.27 7.54
CA LEU C 330 5.01 -16.13 7.39
C LEU C 330 4.87 -17.50 7.96
N SER C 331 5.53 -18.47 7.31
CA SER C 331 5.81 -19.77 7.92
C SER C 331 7.18 -19.61 8.60
N PHE C 332 7.36 -20.30 9.72
CA PHE C 332 8.62 -20.25 10.41
C PHE C 332 9.18 -21.66 10.43
N ALA C 333 10.27 -21.85 9.69
CA ALA C 333 11.00 -23.07 9.70
C ALA C 333 12.02 -22.97 10.89
N ILE C 334 11.89 -23.82 11.91
CA ILE C 334 12.68 -23.69 13.12
C ILE C 334 13.39 -25.03 13.36
N HIS C 335 14.69 -24.99 13.60
CA HIS C 335 15.38 -26.21 13.76
C HIS C 335 14.95 -26.80 15.12
N PRO C 336 14.48 -28.08 15.15
CA PRO C 336 13.94 -28.68 16.43
C PRO C 336 15.04 -29.37 17.18
N GLY C 337 15.84 -28.58 17.91
CA GLY C 337 17.06 -29.07 18.56
C GLY C 337 16.81 -30.03 19.74
N GLY C 338 15.67 -29.86 20.39
CA GLY C 338 15.18 -30.74 21.46
C GLY C 338 13.69 -30.80 21.34
N PRO C 339 13.05 -31.67 22.14
CA PRO C 339 11.62 -31.92 21.97
C PRO C 339 10.74 -30.68 22.09
N LYS C 340 11.22 -29.64 22.75
CA LYS C 340 10.37 -28.51 23.08
C LYS C 340 10.81 -27.20 22.46
N ILE C 341 11.84 -27.27 21.61
CA ILE C 341 12.43 -26.06 21.05
C ILE C 341 11.43 -25.38 20.15
N VAL C 342 10.77 -26.08 19.26
CA VAL C 342 9.81 -25.40 18.35
C VAL C 342 8.70 -24.73 19.19
N ASP C 343 8.29 -25.41 20.24
CA ASP C 343 7.20 -24.92 21.06
C ASP C 343 7.57 -23.61 21.73
N HIS C 344 8.78 -23.60 22.32
CA HIS C 344 9.32 -22.41 22.96
C HIS C 344 9.39 -21.21 22.00
N VAL C 345 9.92 -21.46 20.80
CA VAL C 345 10.05 -20.36 19.84
C VAL C 345 8.66 -19.91 19.40
N GLN C 346 7.79 -20.91 19.14
CA GLN C 346 6.40 -20.63 18.81
C GLN C 346 5.83 -19.70 19.83
N GLU C 347 6.07 -20.02 21.11
CA GLU C 347 5.42 -19.26 22.16
C GLU C 347 5.98 -17.84 22.28
N GLU C 348 7.30 -17.69 22.26
CA GLU C 348 7.96 -16.41 22.34
C GLU C 348 7.61 -15.51 21.18
N LEU C 349 7.39 -16.11 20.02
CA LEU C 349 7.05 -15.31 18.83
C LEU C 349 5.56 -15.16 18.58
N GLY C 350 4.72 -15.79 19.40
CA GLY C 350 3.24 -15.68 19.26
C GLY C 350 2.74 -16.32 17.98
N LEU C 351 3.33 -17.47 17.60
CA LEU C 351 2.99 -18.11 16.33
C LEU C 351 1.85 -19.11 16.48
N ALA C 352 1.04 -19.15 15.44
CA ALA C 352 -0.03 -20.11 15.37
C ALA C 352 0.53 -21.47 14.99
N GLU C 353 -0.24 -22.53 15.26
CA GLU C 353 0.18 -23.92 14.92
C GLU C 353 0.53 -24.08 13.44
N ASP C 354 -0.29 -23.54 12.53
CA ASP C 354 0.01 -23.76 11.12
C ASP C 354 1.31 -23.07 10.64
N GLN C 355 1.88 -22.14 11.40
CA GLN C 355 3.13 -21.47 10.98
C GLN C 355 4.36 -22.32 11.36
N VAL C 356 4.15 -23.26 12.24
CA VAL C 356 5.28 -24.08 12.71
C VAL C 356 5.10 -25.60 12.55
N ALA C 357 4.02 -26.00 11.87
CA ALA C 357 3.56 -27.40 11.76
C ALA C 357 4.58 -28.30 11.02
N ILE C 358 5.14 -27.82 9.92
CA ILE C 358 6.15 -28.61 9.18
C ILE C 358 7.39 -28.92 10.12
N SER C 359 7.87 -27.95 10.88
CA SER C 359 9.05 -28.24 11.70
C SER C 359 8.78 -29.27 12.79
N LYS C 360 7.62 -29.16 13.42
CA LYS C 360 7.25 -30.15 14.43
C LYS C 360 7.15 -31.55 13.83
N SER C 361 6.61 -31.62 12.63
CA SER C 361 6.36 -32.90 12.00
C SER C 361 7.71 -33.57 11.55
N VAL C 362 8.63 -32.78 11.00
CA VAL C 362 9.94 -33.33 10.62
C VAL C 362 10.65 -33.90 11.90
N PHE C 363 10.61 -33.17 13.00
CA PHE C 363 11.20 -33.71 14.22
C PHE C 363 10.48 -35.02 14.66
N LEU C 364 9.14 -34.96 14.68
CA LEU C 364 8.29 -36.10 15.07
C LEU C 364 8.60 -37.30 14.20
N GLU C 365 8.78 -37.09 12.88
CA GLU C 365 9.09 -38.26 12.00
C GLU C 365 10.53 -38.74 11.94
N ASN C 366 11.49 -37.90 12.34
CA ASN C 366 12.89 -38.19 12.07
C ASN C 366 13.85 -38.03 13.25
N GLY C 367 13.44 -37.29 14.27
CA GLY C 367 14.35 -36.87 15.37
C GLY C 367 15.20 -35.72 14.88
N ASN C 368 16.25 -35.45 15.60
CA ASN C 368 17.11 -34.30 15.28
C ASN C 368 18.28 -34.83 14.46
N MET C 369 18.25 -34.55 13.16
CA MET C 369 19.27 -35.02 12.22
C MET C 369 20.36 -33.96 12.09
N SER C 370 20.53 -33.16 13.15
CA SER C 370 21.59 -32.18 13.19
C SER C 370 21.45 -31.28 11.94
N SER C 371 22.53 -30.89 11.27
CA SER C 371 22.41 -29.86 10.18
C SER C 371 21.41 -30.24 9.13
N SER C 372 21.10 -31.53 9.03
CA SER C 372 20.31 -32.02 7.87
C SER C 372 18.80 -31.73 8.13
N THR C 373 18.45 -31.34 9.36
CA THR C 373 17.05 -31.11 9.74
C THR C 373 16.35 -29.96 9.00
N ILE C 374 16.94 -28.77 9.04
CA ILE C 374 16.37 -27.62 8.39
C ILE C 374 16.15 -27.85 6.88
N PRO C 375 17.15 -28.39 6.13
CA PRO C 375 16.94 -28.73 4.71
C PRO C 375 15.75 -29.63 4.52
N HIS C 376 15.52 -30.63 5.39
CA HIS C 376 14.25 -31.44 5.20
C HIS C 376 12.99 -30.59 5.42
N ILE C 377 13.05 -29.69 6.37
CA ILE C 377 11.96 -28.70 6.57
C ILE C 377 11.78 -27.86 5.32
N LEU C 378 12.87 -27.40 4.73
CA LEU C 378 12.69 -26.53 3.59
C LEU C 378 12.18 -27.30 2.37
N LYS C 379 12.58 -28.57 2.25
CA LYS C 379 12.08 -29.46 1.20
C LYS C 379 10.54 -29.56 1.19
N ALA C 380 9.97 -29.81 2.35
CA ALA C 380 8.50 -29.84 2.55
C ALA C 380 7.89 -28.53 2.22
N TYR C 381 8.48 -27.39 2.67
CA TYR C 381 7.87 -26.11 2.19
C TYR C 381 7.97 -25.95 0.68
N LEU C 382 9.10 -26.28 0.08
CA LEU C 382 9.22 -26.08 -1.36
C LEU C 382 8.20 -26.97 -2.10
N GLU C 383 7.81 -28.09 -1.49
CA GLU C 383 6.97 -29.06 -2.18
C GLU C 383 5.49 -28.87 -1.84
N GLU C 384 5.22 -28.10 -0.78
CA GLU C 384 3.82 -27.85 -0.35
C GLU C 384 3.27 -26.41 -0.43
N ALA C 385 4.11 -25.38 -0.36
CA ALA C 385 3.58 -24.04 -0.21
C ALA C 385 3.21 -23.41 -1.55
N THR C 386 2.33 -22.42 -1.48
CA THR C 386 2.02 -21.63 -2.68
C THR C 386 3.19 -20.70 -3.01
N VAL C 387 3.33 -20.43 -4.29
CA VAL C 387 4.28 -19.47 -4.73
C VAL C 387 3.93 -18.12 -4.15
N GLY C 388 4.94 -17.38 -3.73
CA GLY C 388 4.69 -16.15 -3.00
C GLY C 388 4.83 -16.36 -1.49
N THR C 389 4.72 -17.58 -1.01
CA THR C 389 4.86 -17.83 0.45
C THR C 389 6.26 -17.39 0.96
N ARG C 390 6.30 -16.68 2.07
CA ARG C 390 7.56 -16.37 2.74
C ARG C 390 7.85 -17.16 4.03
N ILE C 391 9.12 -17.44 4.26
CA ILE C 391 9.53 -18.40 5.29
C ILE C 391 10.72 -17.80 5.99
N ALA C 392 10.62 -17.74 7.30
CA ALA C 392 11.64 -17.20 8.11
C ALA C 392 12.22 -18.42 8.76
N CYS C 393 13.55 -18.56 8.72
CA CYS C 393 14.16 -19.80 9.19
C CYS C 393 15.02 -19.48 10.35
N LEU C 394 14.98 -20.31 11.37
CA LEU C 394 15.79 -20.06 12.56
C LEU C 394 16.40 -21.34 13.00
N GLY C 395 17.65 -21.28 13.48
CA GLY C 395 18.24 -22.43 14.11
C GLY C 395 19.35 -22.03 15.05
N PHE C 396 19.70 -22.94 15.93
CA PHE C 396 20.61 -22.65 17.01
C PHE C 396 21.63 -23.78 17.14
N GLY C 397 22.84 -23.47 17.57
CA GLY C 397 23.76 -24.53 17.75
C GLY C 397 24.82 -24.01 18.67
N PRO C 398 25.98 -24.68 18.73
CA PRO C 398 26.98 -24.30 19.75
C PRO C 398 27.48 -22.89 19.59
N GLY C 399 27.87 -22.30 20.69
CA GLY C 399 28.23 -20.88 20.69
C GLY C 399 27.83 -20.10 21.95
N LEU C 400 26.54 -20.08 22.28
CA LEU C 400 25.49 -20.56 21.37
C LEU C 400 25.39 -19.60 20.13
N THR C 401 24.96 -20.14 19.02
CA THR C 401 24.79 -19.34 17.81
C THR C 401 23.32 -19.34 17.44
N ALA C 402 22.88 -18.19 16.89
CA ALA C 402 21.54 -18.06 16.28
C ALA C 402 21.80 -17.77 14.87
N ALA C 403 21.09 -18.48 14.00
CA ALA C 403 21.28 -18.26 12.59
C ALA C 403 19.94 -18.04 11.92
N GLY C 404 19.86 -17.20 10.88
CA GLY C 404 18.57 -17.10 10.30
C GLY C 404 18.59 -16.78 8.83
N LEU C 405 17.47 -17.01 8.17
CA LEU C 405 17.38 -16.90 6.70
C LEU C 405 15.96 -16.48 6.40
N VAL C 406 15.79 -15.59 5.43
CA VAL C 406 14.47 -15.29 4.91
C VAL C 406 14.39 -15.75 3.45
N LEU C 407 13.33 -16.53 3.17
CA LEU C 407 13.12 -17.17 1.87
C LEU C 407 11.78 -16.79 1.29
N GLU C 408 11.66 -16.77 -0.04
CA GLU C 408 10.36 -16.65 -0.67
C GLU C 408 10.20 -17.71 -1.75
N LYS C 409 9.09 -18.41 -1.73
CA LYS C 409 8.89 -19.38 -2.75
C LYS C 409 8.55 -18.73 -4.12
N ILE C 410 9.26 -19.09 -5.17
CA ILE C 410 9.09 -18.48 -6.50
C ILE C 410 8.85 -19.47 -7.67
N HIS D 7 -9.55 24.82 16.16
CA HIS D 7 -8.76 25.76 17.04
C HIS D 7 -7.21 25.64 16.86
N PRO D 8 -6.55 26.78 16.63
CA PRO D 8 -5.08 26.71 16.68
C PRO D 8 -4.54 26.56 18.11
N ASN D 9 -3.30 26.12 18.24
CA ASN D 9 -2.74 26.08 19.58
C ASN D 9 -3.68 25.27 20.51
N SER D 10 -4.02 24.09 20.03
CA SER D 10 -4.93 23.21 20.70
C SER D 10 -4.54 21.72 20.57
N ALA D 11 -4.46 21.03 21.69
CA ALA D 11 -4.12 19.62 21.72
C ALA D 11 -5.33 18.91 22.26
N VAL D 12 -5.51 17.67 21.89
CA VAL D 12 -6.73 16.93 22.18
C VAL D 12 -6.44 15.48 22.48
N LEU D 13 -7.04 14.99 23.57
CA LEU D 13 -6.92 13.59 23.97
C LEU D 13 -7.86 12.73 23.11
N ALA D 14 -7.42 11.53 22.68
CA ALA D 14 -8.27 10.66 21.87
C ALA D 14 -7.87 9.21 21.95
N ASP D 15 -8.80 8.30 21.68
CA ASP D 15 -8.46 6.89 21.40
C ASP D 15 -7.85 6.14 22.59
N PHE D 16 -8.62 6.04 23.65
CA PHE D 16 -8.22 5.33 24.86
C PHE D 16 -8.35 3.83 24.69
N ILE D 17 -7.23 3.13 24.78
CA ILE D 17 -7.18 1.68 24.62
C ILE D 17 -6.61 0.97 25.83
N PRO D 18 -7.47 0.41 26.67
CA PRO D 18 -6.90 -0.34 27.80
C PRO D 18 -6.50 -1.81 27.34
N VAL D 19 -5.69 -2.54 28.11
CA VAL D 19 -5.52 -3.94 27.80
C VAL D 19 -5.56 -4.69 29.12
N GLN D 20 -6.30 -5.75 29.08
CA GLN D 20 -6.46 -6.60 30.18
C GLN D 20 -5.48 -7.75 30.07
N LEU D 21 -4.59 -7.90 31.06
CA LEU D 21 -3.66 -8.99 31.03
C LEU D 21 -4.07 -10.20 31.83
N ALA D 22 -4.92 -10.02 32.84
CA ALA D 22 -5.41 -11.16 33.60
C ALA D 22 -6.83 -10.91 34.01
N LYS D 23 -7.59 -12.00 34.11
CA LYS D 23 -8.94 -11.93 34.52
C LYS D 23 -9.02 -11.38 35.98
N PRO D 24 -9.88 -10.41 36.19
CA PRO D 24 -9.99 -9.77 37.51
C PRO D 24 -10.49 -10.79 38.50
N VAL D 25 -10.01 -10.73 39.75
CA VAL D 25 -10.33 -11.70 40.77
C VAL D 25 -11.33 -11.05 41.71
N PRO D 26 -12.44 -11.74 42.05
CA PRO D 26 -13.46 -11.19 42.93
C PRO D 26 -12.78 -10.77 44.23
N GLN D 27 -13.19 -9.62 44.72
CA GLN D 27 -12.57 -9.03 45.84
C GLN D 27 -12.63 -9.97 47.05
N ARG D 28 -13.75 -10.68 47.29
CA ARG D 28 -13.86 -11.56 48.49
C ARG D 28 -12.75 -12.59 48.44
N ILE D 29 -12.40 -13.03 47.24
CA ILE D 29 -11.36 -14.06 47.09
C ILE D 29 -9.93 -13.48 47.27
N THR D 30 -9.68 -12.33 46.67
CA THR D 30 -8.44 -11.64 47.01
C THR D 30 -8.30 -11.47 48.54
N LEU D 31 -9.39 -11.13 49.25
CA LEU D 31 -9.25 -10.86 50.67
C LEU D 31 -8.89 -12.11 51.45
N GLU D 32 -9.59 -13.19 51.18
CA GLU D 32 -9.30 -14.45 51.83
C GLU D 32 -7.87 -14.89 51.59
N LEU D 33 -7.45 -14.98 50.33
CA LEU D 33 -6.10 -15.44 50.02
C LEU D 33 -5.04 -14.48 50.54
N THR D 34 -5.27 -13.17 50.45
CA THR D 34 -4.28 -12.22 50.92
C THR D 34 -4.13 -12.36 52.49
N ALA D 35 -5.25 -12.42 53.18
CA ALA D 35 -5.24 -12.67 54.62
C ALA D 35 -4.45 -13.95 54.95
N TYR D 36 -4.78 -15.05 54.27
CA TYR D 36 -4.00 -16.28 54.45
C TYR D 36 -2.51 -16.09 54.16
N GLY D 37 -2.15 -15.40 53.09
CA GLY D 37 -0.73 -15.09 52.88
C GLY D 37 -0.09 -14.29 54.02
N PHE D 38 -0.78 -13.27 54.52
CA PHE D 38 -0.19 -12.47 55.63
C PHE D 38 0.08 -13.36 56.83
N ALA D 39 -0.86 -14.27 57.08
CA ALA D 39 -0.78 -15.11 58.28
C ALA D 39 0.37 -16.12 58.13
N ARG D 40 0.50 -16.75 56.96
CA ARG D 40 1.66 -17.65 56.70
C ARG D 40 3.02 -16.95 56.79
N ALA D 41 3.10 -15.76 56.19
CA ALA D 41 4.28 -14.91 56.23
C ALA D 41 4.64 -14.51 57.65
N HIS D 42 3.65 -14.07 58.41
CA HIS D 42 3.90 -13.79 59.81
C HIS D 42 4.58 -14.99 60.44
N CYS D 43 3.92 -16.15 60.45
CA CYS D 43 4.49 -17.36 61.07
C CYS D 43 5.89 -17.78 60.60
N LEU D 44 6.26 -17.44 59.37
CA LEU D 44 7.65 -17.64 58.95
C LEU D 44 8.59 -16.68 59.69
N SER D 45 8.27 -15.39 59.66
CA SER D 45 9.10 -14.36 60.28
C SER D 45 9.24 -14.47 61.79
N ASN D 46 8.21 -14.99 62.46
CA ASN D 46 8.31 -15.19 63.91
C ASN D 46 8.44 -16.66 64.31
N GLY D 47 8.91 -17.49 63.39
CA GLY D 47 9.10 -18.90 63.64
C GLY D 47 8.00 -19.50 64.50
N ILE D 48 6.77 -19.36 64.03
CA ILE D 48 5.65 -20.10 64.60
C ILE D 48 5.52 -21.24 63.63
N THR D 49 5.73 -22.45 64.13
CA THR D 49 5.99 -23.56 63.24
C THR D 49 4.91 -24.62 63.38
N ASP D 50 4.21 -24.57 64.52
CA ASP D 50 3.12 -25.49 64.84
C ASP D 50 1.80 -25.09 64.22
N GLU D 51 0.99 -26.08 63.83
CA GLU D 51 -0.26 -25.79 63.15
C GLU D 51 -1.17 -25.07 64.13
N GLU D 52 -1.01 -25.38 65.41
CA GLU D 52 -1.77 -24.77 66.49
C GLU D 52 -1.64 -23.26 66.50
N GLY D 53 -0.39 -22.81 66.60
CA GLY D 53 -0.03 -21.41 66.54
C GLY D 53 -0.55 -20.74 65.27
N PHE D 54 -0.44 -21.42 64.13
CA PHE D 54 -0.93 -20.80 62.87
C PHE D 54 -2.39 -20.37 62.97
N VAL D 55 -3.25 -21.29 63.41
CA VAL D 55 -4.68 -20.98 63.58
C VAL D 55 -4.93 -19.65 64.33
N GLN D 56 -4.17 -19.41 65.39
CA GLN D 56 -4.40 -18.23 66.22
C GLN D 56 -4.07 -16.91 65.48
N VAL D 57 -2.83 -16.81 65.00
CA VAL D 57 -2.40 -15.76 64.09
C VAL D 57 -3.38 -15.52 62.92
N TYR D 58 -3.93 -16.61 62.38
CA TYR D 58 -4.72 -16.56 61.17
C TYR D 58 -6.10 -15.97 61.44
N LYS D 59 -6.67 -16.39 62.57
CA LYS D 59 -7.92 -15.89 63.09
C LYS D 59 -7.74 -14.41 63.26
N THR D 60 -6.56 -14.06 63.73
CA THR D 60 -6.34 -12.73 64.16
C THR D 60 -6.07 -11.83 62.95
N VAL D 61 -5.28 -12.33 62.02
CA VAL D 61 -5.06 -11.62 60.75
C VAL D 61 -6.42 -11.40 60.04
N LYS D 62 -7.33 -12.37 60.13
CA LYS D 62 -8.61 -12.25 59.43
C LYS D 62 -9.47 -11.14 59.99
N GLU D 63 -9.38 -11.00 61.31
CA GLU D 63 -10.03 -9.92 62.03
C GLU D 63 -9.46 -8.54 61.69
N LYS D 64 -8.14 -8.40 61.56
CA LYS D 64 -7.60 -7.18 61.00
C LYS D 64 -8.11 -6.88 59.61
N PHE D 65 -8.13 -7.88 58.72
CA PHE D 65 -8.65 -7.65 57.36
C PHE D 65 -10.14 -7.25 57.33
N ASP D 66 -10.97 -7.87 58.16
CA ASP D 66 -12.41 -7.51 58.18
C ASP D 66 -12.56 -6.04 58.60
N LYS D 67 -11.70 -5.61 59.55
CA LYS D 67 -11.79 -4.26 60.06
C LYS D 67 -11.20 -3.26 59.11
N TYR D 68 -10.04 -3.59 58.56
CA TYR D 68 -9.36 -2.59 57.74
C TYR D 68 -9.35 -2.82 56.25
N ALA D 69 -9.57 -4.03 55.76
CA ALA D 69 -9.42 -4.23 54.29
C ALA D 69 -10.51 -3.50 53.52
N VAL D 70 -10.20 -3.07 52.30
CA VAL D 70 -11.23 -2.55 51.39
C VAL D 70 -12.15 -3.70 51.02
N SER D 71 -13.44 -3.52 51.27
CA SER D 71 -14.39 -4.61 51.22
C SER D 71 -14.98 -4.82 49.80
N PRO D 72 -15.59 -5.98 49.59
CA PRO D 72 -16.20 -6.21 48.22
C PRO D 72 -17.31 -5.20 47.87
N ALA D 73 -17.89 -4.54 48.88
CA ALA D 73 -18.94 -3.55 48.64
C ALA D 73 -18.29 -2.30 48.05
N GLN D 74 -17.01 -2.14 48.31
CA GLN D 74 -16.25 -0.95 47.93
C GLN D 74 -15.50 -1.17 46.61
N ILE D 75 -14.91 -2.36 46.48
CA ILE D 75 -14.23 -2.79 45.26
C ILE D 75 -14.73 -4.21 44.94
N LYS D 76 -15.34 -4.41 43.77
CA LYS D 76 -15.95 -5.74 43.48
C LYS D 76 -14.88 -6.75 43.00
N GLN D 77 -13.93 -6.25 42.19
CA GLN D 77 -12.86 -7.09 41.68
C GLN D 77 -11.69 -6.22 41.24
N ARG D 78 -10.50 -6.83 41.21
CA ARG D 78 -9.27 -6.17 40.80
C ARG D 78 -8.48 -7.05 39.87
N GLN D 79 -7.96 -6.45 38.78
CA GLN D 79 -6.92 -7.09 38.01
C GLN D 79 -5.62 -7.08 38.80
N LEU D 80 -5.09 -8.28 39.03
CA LEU D 80 -3.89 -8.46 39.82
C LEU D 80 -3.07 -9.56 39.16
N VAL D 81 -2.22 -9.17 38.22
CA VAL D 81 -1.35 -10.13 37.50
C VAL D 81 -0.56 -11.03 38.42
N TYR D 82 -0.13 -10.46 39.54
CA TYR D 82 0.73 -11.21 40.50
C TYR D 82 -0.01 -11.93 41.63
N PHE D 83 -1.33 -11.99 41.53
CA PHE D 83 -2.12 -12.82 42.41
C PHE D 83 -2.31 -14.12 41.67
N PRO D 84 -2.22 -15.26 42.38
CA PRO D 84 -2.36 -16.59 41.77
C PRO D 84 -3.65 -16.66 41.00
N LYS D 85 -3.65 -17.30 39.84
CA LYS D 85 -4.91 -17.45 39.10
C LYS D 85 -5.82 -18.52 39.77
N LEU D 86 -7.12 -18.31 39.72
CA LEU D 86 -8.07 -19.16 40.46
C LEU D 86 -7.82 -20.63 40.11
N THR D 87 -7.77 -20.89 38.81
CA THR D 87 -7.45 -22.23 38.34
C THR D 87 -6.16 -22.77 38.98
N ASP D 88 -5.44 -21.96 39.74
CA ASP D 88 -4.21 -22.47 40.40
C ASP D 88 -4.34 -22.68 41.91
N ILE D 89 -5.50 -22.32 42.46
CA ILE D 89 -5.72 -22.26 43.90
C ILE D 89 -6.66 -23.38 44.42
N ARG D 90 -6.26 -24.08 45.49
CA ARG D 90 -7.19 -25.02 46.17
C ARG D 90 -7.46 -24.65 47.64
N GLY D 94 -8.90 -25.87 56.47
CA GLY D 94 -8.77 -24.46 56.86
C GLY D 94 -7.53 -23.82 56.25
N ASN D 95 -7.15 -24.34 55.09
CA ASN D 95 -5.96 -23.86 54.40
C ASN D 95 -6.14 -23.82 52.88
N PHE D 96 -5.36 -22.96 52.23
CA PHE D 96 -5.29 -22.90 50.78
C PHE D 96 -4.08 -23.69 50.35
N ASP D 97 -4.12 -24.21 49.13
CA ASP D 97 -2.85 -24.63 48.52
C ASP D 97 -2.61 -24.04 47.13
N ILE D 98 -1.45 -23.44 46.97
CA ILE D 98 -1.05 -22.84 45.72
C ILE D 98 -0.21 -23.82 44.90
N ALA D 99 -0.72 -24.17 43.72
CA ALA D 99 0.00 -25.02 42.79
C ALA D 99 1.22 -24.27 42.28
N ASP D 100 2.37 -24.94 42.24
CA ASP D 100 3.54 -24.32 41.61
C ASP D 100 3.17 -23.99 40.16
N PRO D 101 3.83 -22.99 39.58
CA PRO D 101 3.52 -22.58 38.21
C PRO D 101 4.42 -23.30 37.21
N GLU D 102 3.94 -23.51 35.97
CA GLU D 102 4.83 -24.04 34.93
C GLU D 102 5.99 -23.09 34.76
N PRO D 103 7.23 -23.57 34.87
CA PRO D 103 8.31 -22.61 34.73
C PRO D 103 8.04 -21.67 33.57
N ASP D 104 7.08 -22.02 32.71
CA ASP D 104 6.67 -21.12 31.63
C ASP D 104 5.87 -19.98 32.24
N GLN D 105 5.83 -19.95 33.56
CA GLN D 105 4.90 -19.11 34.30
C GLN D 105 5.58 -18.57 35.54
N ALA D 106 6.78 -19.09 35.82
CA ALA D 106 7.47 -18.77 37.07
C ALA D 106 7.58 -17.28 37.37
N HIS D 107 7.53 -16.45 36.34
CA HIS D 107 7.81 -15.04 36.58
C HIS D 107 6.57 -14.33 37.17
N LEU D 108 5.43 -15.00 37.22
CA LEU D 108 4.21 -14.38 37.75
C LEU D 108 4.13 -14.63 39.24
N ARG D 109 5.06 -15.44 39.76
CA ARG D 109 5.01 -15.76 41.18
C ARG D 109 6.12 -15.01 41.92
N LEU D 110 5.76 -13.95 42.64
CA LEU D 110 6.75 -13.09 43.25
C LEU D 110 6.69 -13.22 44.80
N PHE D 111 5.70 -13.93 45.31
CA PHE D 111 5.55 -14.02 46.74
C PHE D 111 6.00 -15.40 47.17
N ASP D 112 6.14 -15.62 48.46
CA ASP D 112 6.65 -16.91 48.90
C ASP D 112 6.14 -17.14 50.34
N ILE D 113 5.34 -18.18 50.52
CA ILE D 113 4.66 -18.41 51.80
C ILE D 113 5.17 -19.68 52.48
N LYS D 114 6.26 -20.22 51.98
CA LYS D 114 6.83 -21.46 52.46
C LYS D 114 8.19 -21.19 53.13
N LYS D 115 9.00 -20.37 52.46
CA LYS D 115 10.45 -20.32 52.70
C LYS D 115 10.92 -18.92 53.17
N ASP D 116 10.92 -17.93 52.29
CA ASP D 116 11.30 -16.56 52.65
C ASP D 116 10.15 -15.60 52.38
N PRO D 117 9.50 -15.12 53.46
CA PRO D 117 8.27 -14.32 53.45
C PRO D 117 8.41 -13.01 52.67
N ARG D 118 9.65 -12.56 52.44
CA ARG D 118 9.87 -11.31 51.69
C ARG D 118 9.68 -11.51 50.21
N GLY D 119 9.69 -12.76 49.77
CA GLY D 119 9.39 -13.12 48.39
C GLY D 119 10.55 -12.73 47.49
N ALA D 120 10.23 -12.43 46.24
CA ALA D 120 11.23 -12.15 45.24
C ALA D 120 11.90 -10.82 45.54
N ASP D 121 13.17 -10.72 45.16
CA ASP D 121 13.86 -9.51 45.37
C ASP D 121 13.62 -8.55 44.23
N LEU D 122 14.04 -7.31 44.39
CA LEU D 122 13.61 -6.29 43.43
C LEU D 122 14.07 -6.54 42.01
N LYS D 123 15.27 -7.10 41.87
CA LYS D 123 15.78 -7.35 40.53
C LYS D 123 14.85 -8.34 39.84
N THR D 124 14.49 -9.40 40.55
CA THR D 124 13.59 -10.39 39.94
C THR D 124 12.26 -9.75 39.62
N ARG D 125 11.77 -8.89 40.50
CA ARG D 125 10.45 -8.33 40.24
C ARG D 125 10.62 -7.39 39.07
N HIS D 126 11.74 -6.69 38.98
CA HIS D 126 11.95 -5.83 37.81
C HIS D 126 12.04 -6.62 36.49
N GLU D 127 12.74 -7.76 36.50
CA GLU D 127 12.75 -8.56 35.28
C GLU D 127 11.34 -9.11 34.93
N SER D 128 10.52 -9.47 35.93
CA SER D 128 9.12 -9.86 35.64
C SER D 128 8.33 -8.73 34.97
N TYR D 129 8.45 -7.52 35.54
CA TYR D 129 7.72 -6.35 35.01
C TYR D 129 8.02 -6.15 33.55
N ALA D 130 9.31 -6.22 33.21
CA ALA D 130 9.75 -5.99 31.82
C ALA D 130 9.07 -6.99 30.89
N LYS D 131 8.96 -8.24 31.34
CA LYS D 131 8.35 -9.25 30.56
C LYS D 131 6.84 -9.02 30.44
N VAL D 132 6.15 -8.78 31.55
CA VAL D 132 4.69 -8.59 31.53
C VAL D 132 4.31 -7.34 30.77
N VAL D 133 5.02 -6.23 31.05
CA VAL D 133 4.73 -5.00 30.35
C VAL D 133 5.07 -5.06 28.86
N GLY D 134 6.15 -5.76 28.56
CA GLY D 134 6.54 -5.98 27.16
C GLY D 134 5.38 -6.55 26.36
N LYS D 135 4.74 -7.59 26.91
CA LYS D 135 3.60 -8.21 26.25
C LYS D 135 2.43 -7.29 26.22
N GLY D 136 2.18 -6.62 27.33
CA GLY D 136 1.07 -5.68 27.39
C GLY D 136 1.19 -4.57 26.38
N LEU D 137 2.38 -4.05 26.24
CA LEU D 137 2.61 -3.02 25.23
C LEU D 137 2.36 -3.49 23.79
N GLU D 138 2.76 -4.70 23.45
CA GLU D 138 2.54 -5.18 22.07
C GLU D 138 1.06 -5.21 21.82
N GLN D 139 0.32 -5.80 22.75
CA GLN D 139 -1.14 -5.78 22.65
C GLN D 139 -1.69 -4.33 22.59
N MET D 140 -1.26 -3.42 23.47
CA MET D 140 -1.76 -2.03 23.44
C MET D 140 -1.56 -1.32 22.08
N PHE D 141 -0.45 -1.61 21.41
CA PHE D 141 -0.15 -0.91 20.17
C PHE D 141 -0.40 -1.76 18.93
N GLU D 142 -1.04 -2.91 19.05
CA GLU D 142 -1.25 -3.70 17.80
C GLU D 142 -2.13 -2.99 16.78
N GLY D 143 -2.99 -2.06 17.18
CA GLY D 143 -3.88 -1.43 16.15
C GLY D 143 -3.19 -0.19 15.63
N THR D 144 -2.01 0.11 16.16
CA THR D 144 -1.29 1.31 15.74
C THR D 144 -0.59 1.05 14.39
N LEU D 145 -0.91 1.82 13.37
CA LEU D 145 -0.34 1.64 12.04
C LEU D 145 0.82 2.59 11.72
N GLU D 146 0.81 3.81 12.25
CA GLU D 146 1.94 4.74 12.10
C GLU D 146 2.56 5.14 13.45
N ALA D 147 3.88 5.31 13.43
CA ALA D 147 4.64 5.69 14.59
C ALA D 147 4.14 7.06 15.02
N PRO D 148 4.05 7.26 16.32
CA PRO D 148 3.82 8.61 16.83
C PRO D 148 5.14 9.38 16.79
N ASP D 149 5.06 10.69 16.93
CA ASP D 149 6.25 11.53 16.96
C ASP D 149 6.87 11.38 18.35
N ASP D 150 6.05 11.09 19.34
CA ASP D 150 6.49 10.95 20.70
C ASP D 150 5.74 9.82 21.33
N LEU D 151 6.39 9.10 22.21
CA LEU D 151 5.74 8.17 23.06
C LEU D 151 6.24 8.38 24.49
N ILE D 152 5.29 8.56 25.42
CA ILE D 152 5.59 8.77 26.78
C ILE D 152 5.21 7.50 27.54
N HIS D 153 6.10 7.05 28.42
CA HIS D 153 5.84 5.86 29.20
C HIS D 153 5.58 6.41 30.58
N VAL D 154 4.40 6.09 31.13
CA VAL D 154 4.08 6.45 32.53
C VAL D 154 4.01 5.24 33.40
N THR D 155 4.78 5.28 34.48
CA THR D 155 4.62 4.22 35.46
C THR D 155 5.22 4.71 36.76
N CYS D 156 4.82 4.09 37.84
CA CYS D 156 5.51 4.30 39.10
C CYS D 156 5.72 2.95 39.69
N SER D 157 5.71 1.92 38.82
CA SER D 157 5.65 0.48 39.29
C SER D 157 6.81 -0.39 38.82
N GLY D 158 7.68 0.13 37.97
CA GLY D 158 8.95 -0.56 37.65
C GLY D 158 9.75 0.31 36.73
N TYR D 159 11.04 0.40 36.98
CA TYR D 159 11.94 1.33 36.35
C TYR D 159 13.13 0.56 35.79
N LEU D 160 13.19 0.46 34.48
CA LEU D 160 14.30 -0.24 33.79
C LEU D 160 14.87 0.67 32.74
N ALA D 161 16.20 0.58 32.50
CA ALA D 161 16.79 1.27 31.35
C ALA D 161 17.54 0.26 30.50
N PRO D 162 17.27 0.20 29.19
CA PRO D 162 16.18 0.80 28.48
C PRO D 162 14.83 0.29 29.04
N SER D 163 13.75 1.00 28.82
CA SER D 163 12.48 0.62 29.47
C SER D 163 11.77 -0.32 28.52
N PRO D 164 10.68 -0.97 28.96
CA PRO D 164 9.87 -1.82 28.04
C PRO D 164 9.28 -0.97 26.92
N ALA D 165 8.97 0.27 27.23
CA ALA D 165 8.53 1.24 26.20
C ALA D 165 9.56 1.47 25.08
N GLU D 166 10.79 1.76 25.49
CA GLU D 166 11.91 1.92 24.58
C GLU D 166 12.11 0.63 23.78
N ARG D 167 12.01 -0.53 24.41
CA ARG D 167 12.25 -1.81 23.65
C ARG D 167 11.18 -2.03 22.56
N MET D 168 9.93 -1.77 22.90
CA MET D 168 8.84 -1.86 21.95
C MET D 168 8.98 -0.89 20.79
N VAL D 169 9.36 0.35 21.05
CA VAL D 169 9.53 1.31 19.96
C VAL D 169 10.65 0.82 19.01
N ALA D 170 11.76 0.32 19.57
CA ALA D 170 12.81 -0.26 18.74
C ALA D 170 12.29 -1.50 17.96
N ASP D 171 11.58 -2.41 18.65
CA ASP D 171 10.99 -3.60 17.96
C ASP D 171 10.09 -3.22 16.79
N ARG D 172 9.39 -2.09 16.94
CA ARG D 172 8.49 -1.62 15.84
C ARG D 172 9.27 -0.90 14.74
N GLY D 173 10.58 -0.72 14.97
CA GLY D 173 11.36 -0.06 13.99
C GLY D 173 10.97 1.41 14.00
N TRP D 174 10.56 1.93 15.15
CA TRP D 174 10.16 3.35 15.13
C TRP D 174 11.34 4.27 15.52
N PHE D 175 12.22 4.48 14.55
CA PHE D 175 13.46 5.18 14.83
C PHE D 175 13.44 6.68 14.60
N GLU D 176 12.26 7.27 14.42
CA GLU D 176 12.10 8.71 14.49
C GLU D 176 11.21 9.11 15.63
N THR D 177 10.88 8.19 16.54
CA THR D 177 9.96 8.45 17.64
C THR D 177 10.75 8.81 18.92
N THR D 178 10.48 9.96 19.52
CA THR D 178 11.14 10.35 20.77
C THR D 178 10.42 9.62 21.88
N VAL D 179 11.15 8.88 22.69
CA VAL D 179 10.56 8.28 23.88
C VAL D 179 10.92 9.11 25.11
N THR D 180 9.88 9.47 25.87
CA THR D 180 10.09 10.14 27.19
C THR D 180 9.58 9.29 28.36
N HIS D 181 10.39 9.18 29.40
CA HIS D 181 9.96 8.48 30.64
C HIS D 181 9.34 9.50 31.62
N SER D 182 8.08 9.26 31.98
CA SER D 182 7.33 10.13 32.92
C SER D 182 7.06 9.27 34.09
N TYR D 183 8.03 9.22 35.03
CA TYR D 183 8.15 8.18 36.04
C TYR D 183 8.07 8.83 37.43
N ASN D 184 7.68 8.04 38.38
CA ASN D 184 7.70 8.43 39.82
C ASN D 184 6.78 9.64 40.02
N MET D 185 5.64 9.66 39.35
CA MET D 185 4.69 10.70 39.72
C MET D 185 3.38 10.04 40.01
N GLY D 186 3.46 8.79 40.50
CA GLY D 186 2.43 8.16 41.35
C GLY D 186 1.05 8.16 40.73
N CYS D 187 -0.01 8.28 41.56
CA CYS D 187 -1.42 8.09 41.09
C CYS D 187 -1.93 9.15 40.19
N TYR D 188 -1.30 10.32 40.24
CA TYR D 188 -1.68 11.42 39.42
C TYR D 188 -0.84 11.42 38.06
N GLY D 189 -0.08 10.34 37.81
CA GLY D 189 0.79 10.29 36.66
C GLY D 189 0.24 10.76 35.31
N ALA D 190 -1.05 10.60 35.01
CA ALA D 190 -1.53 11.06 33.71
C ALA D 190 -1.36 12.55 33.48
N PHE D 191 -1.44 13.30 34.58
CA PHE D 191 -1.42 14.73 34.47
C PHE D 191 -0.11 15.32 33.88
N PRO D 192 1.01 15.06 34.50
CA PRO D 192 2.28 15.50 33.94
C PRO D 192 2.54 14.87 32.56
N ALA D 193 2.02 13.67 32.32
CA ALA D 193 2.25 13.08 31.01
C ALA D 193 1.46 13.87 29.96
N ILE D 194 0.22 14.21 30.26
CA ILE D 194 -0.53 15.01 29.30
C ILE D 194 0.07 16.43 29.16
N LYS D 195 0.62 16.95 30.27
CA LYS D 195 1.36 18.23 30.27
C LYS D 195 2.58 18.18 29.33
N MET D 196 3.31 17.07 29.37
CA MET D 196 4.51 16.92 28.53
C MET D 196 4.08 16.87 27.09
N ALA D 197 2.96 16.18 26.86
CA ALA D 197 2.49 15.91 25.50
C ALA D 197 2.05 17.19 24.86
N HIS D 198 1.23 17.95 25.59
CA HIS D 198 0.85 19.28 25.23
C HIS D 198 2.10 20.15 24.97
N GLY D 199 3.08 20.14 25.90
CA GLY D 199 4.37 20.83 25.63
C GLY D 199 5.07 20.34 24.34
N MET D 200 5.06 19.03 24.08
CA MET D 200 5.70 18.53 22.86
C MET D 200 5.01 19.13 21.62
N LEU D 201 3.67 19.22 21.60
CA LEU D 201 3.03 19.81 20.35
C LEU D 201 3.27 21.34 20.33
N ALA D 202 3.33 21.98 21.50
CA ALA D 202 3.50 23.45 21.52
C ALA D 202 4.96 23.79 21.10
N SER D 203 5.90 22.98 21.59
CA SER D 203 7.29 23.06 21.12
C SER D 203 7.46 22.91 19.59
N ALA D 204 6.74 21.98 18.99
CA ALA D 204 6.77 21.83 17.52
C ALA D 204 6.24 23.08 16.85
N GLN D 205 5.17 23.63 17.41
CA GLN D 205 4.55 24.81 16.80
C GLN D 205 5.51 25.98 16.99
N TRP D 206 6.26 26.02 18.10
CA TRP D 206 7.33 27.04 18.23
C TRP D 206 8.46 26.82 17.19
N GLY D 207 8.65 25.61 16.70
CA GLY D 207 9.55 25.37 15.53
C GLY D 207 10.84 24.70 15.95
N ALA D 208 10.90 24.33 17.22
CA ALA D 208 12.11 23.76 17.83
C ALA D 208 12.27 22.30 17.41
N THR D 209 11.19 21.70 16.90
CA THR D 209 11.30 20.40 16.20
C THR D 209 10.47 20.57 14.94
N PRO D 210 10.63 19.64 13.97
CA PRO D 210 9.66 19.70 12.85
C PRO D 210 8.22 19.51 13.41
N PRO D 211 7.21 19.74 12.55
CA PRO D 211 5.84 19.57 12.99
C PRO D 211 5.59 18.17 13.53
N LYS D 212 4.63 18.05 14.41
CA LYS D 212 4.22 16.79 14.89
C LYS D 212 2.72 16.63 14.77
N THR D 213 2.30 15.40 14.50
CA THR D 213 0.89 15.06 14.46
C THR D 213 0.35 14.11 15.52
N ARG D 214 1.17 13.42 16.30
CA ARG D 214 0.53 12.67 17.39
C ARG D 214 1.50 12.29 18.49
N VAL D 215 1.07 12.38 19.75
CA VAL D 215 1.85 11.89 20.87
C VAL D 215 1.08 10.72 21.48
N ASP D 216 1.73 9.57 21.73
CA ASP D 216 1.05 8.48 22.47
C ASP D 216 1.58 8.36 23.92
N ILE D 217 0.69 8.15 24.87
CA ILE D 217 1.05 8.02 26.28
C ILE D 217 0.61 6.61 26.66
N ALA D 218 1.51 5.85 27.25
CA ALA D 218 1.20 4.49 27.57
C ALA D 218 1.39 4.34 29.04
N HIS D 219 0.31 4.05 29.73
CA HIS D 219 0.45 3.80 31.19
C HIS D 219 0.62 2.32 31.46
N THR D 220 1.59 1.92 32.28
CA THR D 220 1.65 0.53 32.65
C THR D 220 1.94 0.46 34.13
N GLU D 221 0.87 0.23 34.85
CA GLU D 221 0.97 0.09 36.28
C GLU D 221 0.71 -1.35 36.71
N LEU D 222 1.73 -1.99 37.28
CA LEU D 222 1.55 -3.26 37.91
C LEU D 222 1.74 -3.08 39.42
N MET D 223 0.72 -2.61 40.12
CA MET D 223 0.86 -2.43 41.58
C MET D 223 0.96 -3.74 42.30
N SER D 224 0.35 -4.78 41.72
CA SER D 224 0.38 -6.10 42.35
C SER D 224 1.79 -6.72 42.38
N ALA D 225 2.72 -6.19 41.59
CA ALA D 225 4.10 -6.66 41.66
C ALA D 225 4.78 -6.33 42.99
N HIS D 226 4.22 -5.36 43.71
CA HIS D 226 4.82 -4.80 44.91
C HIS D 226 4.07 -5.31 46.13
N ASN D 227 3.37 -6.42 45.94
CA ASN D 227 2.79 -7.11 47.06
C ASN D 227 3.83 -7.30 48.20
N ASN D 228 3.39 -6.98 49.42
CA ASN D 228 4.20 -7.10 50.60
C ASN D 228 3.32 -7.85 51.58
N ILE D 229 3.51 -9.15 51.71
CA ILE D 229 2.71 -9.86 52.67
C ILE D 229 3.43 -10.03 54.04
N ALA D 230 4.68 -9.59 54.12
CA ALA D 230 5.47 -9.69 55.36
C ALA D 230 5.22 -8.53 56.39
N GLU D 231 4.64 -7.43 55.95
CA GLU D 231 4.31 -6.29 56.83
C GLU D 231 2.81 -6.25 57.10
N SER D 232 2.40 -6.45 58.35
CA SER D 232 0.96 -6.51 58.58
C SER D 232 0.42 -5.28 59.28
N ARG D 233 1.22 -4.21 59.29
CA ARG D 233 0.77 -2.90 59.69
C ARG D 233 -0.49 -2.55 58.88
N VAL D 234 -1.44 -1.89 59.52
CA VAL D 234 -2.76 -1.56 58.97
C VAL D 234 -2.66 -0.96 57.57
N ASP D 235 -1.83 0.06 57.40
CA ASP D 235 -1.81 0.74 56.09
C ASP D 235 -1.32 -0.17 54.96
N ASN D 236 -0.58 -1.23 55.33
CA ASN D 236 -0.19 -2.23 54.34
C ASN D 236 -1.35 -3.20 54.07
N ILE D 237 -2.10 -3.55 55.11
CA ILE D 237 -3.42 -4.19 54.82
C ILE D 237 -4.27 -3.37 53.81
N ILE D 238 -4.40 -2.06 54.07
CA ILE D 238 -5.19 -1.19 53.21
C ILE D 238 -4.66 -1.16 51.79
N SER D 239 -3.38 -0.90 51.66
CA SER D 239 -2.69 -0.96 50.38
C SER D 239 -2.85 -2.25 49.57
N ALA D 240 -2.64 -3.37 50.24
CA ALA D 240 -2.71 -4.67 49.56
C ALA D 240 -4.09 -4.90 48.94
N THR D 241 -5.13 -4.32 49.54
CA THR D 241 -6.50 -4.64 49.14
C THR D 241 -7.19 -3.52 48.38
N LEU D 242 -6.49 -2.40 48.22
CA LEU D 242 -6.97 -1.18 47.52
C LEU D 242 -6.44 -1.05 46.08
N PHE D 243 -5.16 -1.37 45.90
CA PHE D 243 -4.42 -1.18 44.64
C PHE D 243 -4.56 -2.33 43.61
N SER D 244 -4.53 -1.99 42.34
CA SER D 244 -4.66 -3.01 41.32
C SER D 244 -3.86 -2.60 40.09
N ASP D 245 -3.88 -3.44 39.03
CA ASP D 245 -3.01 -3.21 37.93
C ASP D 245 -3.87 -2.57 36.83
N GLY D 246 -3.30 -1.71 35.96
CA GLY D 246 -4.06 -1.20 34.78
C GLY D 246 -3.06 -0.81 33.67
N LEU D 247 -3.29 -1.25 32.45
CA LEU D 247 -2.48 -0.79 31.34
C LEU D 247 -3.45 -0.10 30.41
N ILE D 248 -3.06 1.08 29.88
CA ILE D 248 -3.97 1.83 29.02
C ILE D 248 -3.17 2.84 28.28
N LYS D 249 -3.49 3.05 26.98
CA LYS D 249 -2.82 4.11 26.24
C LYS D 249 -3.84 5.01 25.58
N TYR D 250 -3.43 6.24 25.25
CA TYR D 250 -4.33 7.13 24.54
C TYR D 250 -3.37 8.10 23.81
N SER D 251 -3.91 8.86 22.87
CA SER D 251 -3.10 9.73 22.07
C SER D 251 -3.40 11.17 22.38
N VAL D 252 -2.47 12.05 22.02
CA VAL D 252 -2.72 13.45 22.00
C VAL D 252 -2.45 14.03 20.61
N TYR D 253 -3.44 14.70 20.05
CA TYR D 253 -3.30 15.24 18.68
C TYR D 253 -3.38 16.77 18.67
N PRO D 254 -2.66 17.45 17.76
CA PRO D 254 -3.05 18.85 17.54
C PRO D 254 -4.47 18.79 16.95
N GLU D 255 -5.29 19.78 17.23
CA GLU D 255 -6.70 19.66 16.94
C GLU D 255 -6.96 19.57 15.44
N ASP D 256 -6.17 20.27 14.64
CA ASP D 256 -6.40 20.19 13.19
C ASP D 256 -6.15 18.79 12.65
N GLU D 257 -5.21 18.07 13.23
CA GLU D 257 -4.99 16.68 12.87
C GLU D 257 -6.18 15.81 13.33
N LEU D 258 -6.65 16.04 14.57
CA LEU D 258 -7.81 15.32 15.06
C LEU D 258 -8.98 15.48 14.03
N ARG D 259 -9.29 16.70 13.63
CA ARG D 259 -10.37 16.90 12.66
C ARG D 259 -10.07 16.17 11.33
N ARG D 260 -8.93 16.47 10.73
CA ARG D 260 -8.62 15.74 9.50
C ARG D 260 -8.83 14.22 9.67
N GLN D 261 -8.64 13.66 10.85
CA GLN D 261 -8.88 12.23 10.99
C GLN D 261 -10.34 11.90 11.27
N GLY D 262 -11.19 12.90 11.42
CA GLY D 262 -12.57 12.62 11.79
C GLY D 262 -12.76 11.99 13.19
N LEU D 263 -11.88 12.28 14.15
CA LEU D 263 -11.94 11.66 15.48
C LEU D 263 -12.61 12.60 16.47
N ARG D 264 -13.36 12.04 17.42
CA ARG D 264 -13.88 12.77 18.58
C ARG D 264 -12.75 12.79 19.61
N GLY D 265 -12.69 13.80 20.50
CA GLY D 265 -11.61 13.78 21.53
C GLY D 265 -11.96 14.71 22.65
N LEU D 266 -11.00 14.90 23.56
CA LEU D 266 -11.21 15.79 24.69
C LEU D 266 -10.19 16.92 24.54
N ARG D 267 -10.67 18.09 24.16
CA ARG D 267 -9.78 19.23 23.96
C ARG D 267 -9.27 19.71 25.35
N ILE D 268 -7.98 19.90 25.51
CA ILE D 268 -7.36 20.38 26.73
C ILE D 268 -7.55 21.89 26.80
N LEU D 269 -8.19 22.35 27.86
CA LEU D 269 -8.36 23.78 28.04
C LEU D 269 -7.34 24.33 29.00
N ALA D 270 -6.99 23.60 30.06
CA ALA D 270 -6.11 24.20 31.02
C ALA D 270 -5.56 23.13 31.94
N MET D 271 -4.46 23.43 32.59
CA MET D 271 -3.80 22.47 33.41
C MET D 271 -3.17 23.13 34.62
N SER D 272 -2.89 22.33 35.66
CA SER D 272 -2.38 22.89 36.91
C SER D 272 -1.82 21.77 37.70
N GLU D 273 -0.80 22.05 38.52
CA GLU D 273 -0.24 21.07 39.48
C GLU D 273 0.64 21.79 40.55
N HIS D 274 0.52 21.42 41.85
CA HIS D 274 1.52 21.89 42.73
C HIS D 274 1.41 21.09 44.02
N LEU D 275 2.31 21.41 44.95
CA LEU D 275 2.29 20.69 46.22
C LEU D 275 1.31 21.34 47.19
N LEU D 276 1.00 20.61 48.27
CA LEU D 276 0.12 21.07 49.30
C LEU D 276 0.96 21.13 50.57
N PRO D 277 0.75 22.17 51.40
CA PRO D 277 1.63 22.34 52.58
C PRO D 277 1.41 21.26 53.63
N ASP D 278 2.39 21.09 54.51
CA ASP D 278 2.28 20.26 55.71
C ASP D 278 1.81 18.88 55.47
N SER D 279 2.37 18.25 54.41
CA SER D 279 1.85 16.98 53.98
C SER D 279 2.87 15.95 53.47
N ALA D 280 4.12 16.33 53.29
CA ALA D 280 5.05 15.42 52.53
C ALA D 280 5.13 14.00 53.09
N ASP D 281 5.07 13.86 54.42
CA ASP D 281 5.23 12.53 55.02
C ASP D 281 3.98 11.68 55.04
N THR D 282 2.90 12.19 54.49
CA THR D 282 1.63 11.45 54.65
C THR D 282 1.45 10.35 53.59
N MET D 283 2.38 10.29 52.62
CA MET D 283 2.22 9.31 51.52
C MET D 283 3.58 9.18 50.86
N THR D 284 4.17 8.00 50.98
CA THR D 284 5.53 7.86 50.52
C THR D 284 5.58 6.55 49.77
N TRP D 285 6.56 6.45 48.90
CA TRP D 285 6.66 5.25 48.07
C TRP D 285 8.13 5.14 47.69
N VAL D 286 8.82 4.15 48.24
CA VAL D 286 10.27 4.03 48.06
C VAL D 286 10.74 2.61 47.68
N PRO D 287 11.66 2.51 46.71
CA PRO D 287 12.25 1.18 46.45
C PRO D 287 13.14 0.64 47.52
N GLY D 288 12.86 -0.58 47.91
CA GLY D 288 13.75 -1.25 48.87
C GLY D 288 14.25 -2.52 48.24
N SER D 289 14.70 -3.43 49.08
CA SER D 289 15.42 -4.63 48.62
C SER D 289 14.56 -5.58 47.83
N HIS D 290 13.25 -5.58 48.12
CA HIS D 290 12.33 -6.52 47.57
C HIS D 290 11.22 -5.93 46.71
N GLN D 291 10.63 -4.80 47.11
CA GLN D 291 9.60 -4.19 46.28
C GLN D 291 9.59 -2.71 46.56
N PHE D 292 8.69 -1.98 45.93
CA PHE D 292 8.56 -0.57 46.22
C PHE D 292 7.65 -0.60 47.46
N VAL D 293 8.02 0.18 48.48
CA VAL D 293 7.38 0.16 49.77
C VAL D 293 6.56 1.45 49.98
N MET D 294 5.34 1.30 50.48
CA MET D 294 4.43 2.40 50.63
C MET D 294 4.17 2.65 52.13
N THR D 295 4.01 3.90 52.51
CA THR D 295 3.35 4.22 53.75
C THR D 295 2.26 5.21 53.42
N LEU D 296 1.14 5.13 54.13
CA LEU D 296 0.01 6.03 53.91
C LEU D 296 -0.56 6.42 55.25
N SER D 297 -0.74 7.71 55.46
CA SER D 297 -1.23 8.21 56.73
C SER D 297 -2.74 8.34 56.54
N PRO D 298 -3.50 8.04 57.60
CA PRO D 298 -4.95 8.31 57.56
C PRO D 298 -5.27 9.83 57.49
N LEU D 299 -4.27 10.70 57.64
CA LEU D 299 -4.47 12.14 57.50
C LEU D 299 -4.72 12.63 56.07
N VAL D 300 -4.40 11.80 55.08
CA VAL D 300 -4.47 12.22 53.68
C VAL D 300 -5.83 12.78 53.19
N PRO D 301 -6.93 12.03 53.39
CA PRO D 301 -8.22 12.58 52.93
C PRO D 301 -8.52 13.97 53.53
N ALA D 302 -8.26 14.20 54.81
CA ALA D 302 -8.50 15.55 55.33
C ALA D 302 -7.58 16.62 54.69
N ILE D 303 -6.36 16.22 54.33
CA ILE D 303 -5.51 17.20 53.72
C ILE D 303 -6.04 17.51 52.33
N ILE D 304 -6.43 16.49 51.59
CA ILE D 304 -7.03 16.73 50.27
C ILE D 304 -8.35 17.58 50.34
N LYS D 305 -9.27 17.18 51.21
CA LYS D 305 -10.50 17.94 51.38
C LYS D 305 -10.20 19.40 51.68
N ARG D 306 -9.14 19.64 52.43
CA ARG D 306 -8.84 20.96 52.85
C ARG D 306 -8.39 21.91 51.74
N HIS D 307 -7.79 21.39 50.66
CA HIS D 307 -7.23 22.30 49.67
C HIS D 307 -7.92 22.16 48.30
N VAL D 308 -8.78 21.16 48.13
CA VAL D 308 -9.30 20.85 46.80
C VAL D 308 -10.18 21.94 46.25
N ARG D 309 -10.94 22.63 47.10
CA ARG D 309 -11.80 23.70 46.59
C ARG D 309 -11.04 24.82 45.95
N ALA D 310 -10.11 25.40 46.72
CA ALA D 310 -9.37 26.52 46.16
C ALA D 310 -8.59 26.04 44.89
N PHE D 311 -8.07 24.82 44.93
CA PHE D 311 -7.36 24.30 43.72
C PHE D 311 -8.32 24.30 42.52
N ALA D 312 -9.54 23.78 42.73
CA ALA D 312 -10.55 23.72 41.63
C ALA D 312 -10.99 25.07 41.11
N VAL D 313 -11.21 26.02 42.03
CA VAL D 313 -11.56 27.36 41.68
C VAL D 313 -10.45 27.90 40.78
N ASP D 314 -9.21 27.89 41.26
CA ASP D 314 -8.09 28.35 40.39
C ASP D 314 -8.01 27.57 39.03
N LEU D 315 -8.18 26.25 39.10
CA LEU D 315 -8.18 25.46 37.85
C LEU D 315 -9.22 25.96 36.80
N LEU D 316 -10.43 26.25 37.24
CA LEU D 316 -11.45 26.72 36.29
C LEU D 316 -11.13 28.11 35.72
N ARG D 317 -10.62 29.00 36.55
CA ARG D 317 -10.20 30.31 36.09
C ARG D 317 -9.11 30.20 35.00
N ARG D 318 -8.10 29.37 35.24
CA ARG D 318 -7.14 28.99 34.16
C ARG D 318 -7.84 28.65 32.84
N ALA D 319 -8.98 27.96 32.88
CA ALA D 319 -9.77 27.73 31.66
C ALA D 319 -10.74 28.82 31.27
N GLY D 320 -10.72 29.99 31.96
CA GLY D 320 -11.59 31.06 31.53
C GLY D 320 -12.99 30.75 32.00
N MET D 321 -13.11 29.84 32.97
CA MET D 321 -14.43 29.56 33.58
C MET D 321 -14.50 30.14 35.00
N ASP D 322 -15.67 30.02 35.63
CA ASP D 322 -15.93 30.53 36.96
C ASP D 322 -16.63 29.42 37.74
N PHE D 323 -16.06 29.05 38.85
CA PHE D 323 -16.54 27.96 39.67
C PHE D 323 -17.99 28.12 40.02
N GLU D 324 -18.36 29.28 40.58
CA GLU D 324 -19.71 29.51 40.97
C GLU D 324 -20.67 29.39 39.81
N ARG D 325 -20.41 30.08 38.70
CA ARG D 325 -21.32 30.04 37.53
C ARG D 325 -21.35 28.71 36.72
N ASP D 326 -20.21 28.02 36.68
CA ASP D 326 -20.04 26.95 35.70
C ASP D 326 -19.95 25.56 36.31
N LYS D 327 -19.75 25.47 37.63
CA LYS D 327 -19.49 24.15 38.21
C LYS D 327 -20.63 23.17 38.00
N ASP D 328 -21.88 23.63 38.06
CA ASP D 328 -23.02 22.73 37.92
C ASP D 328 -23.09 22.00 36.57
N ALA D 329 -22.60 22.59 35.51
CA ALA D 329 -22.70 21.97 34.22
C ALA D 329 -21.50 21.06 33.90
N LEU D 330 -20.51 21.02 34.81
CA LEU D 330 -19.30 20.24 34.61
C LEU D 330 -19.44 18.85 35.17
N SER D 331 -18.74 17.90 34.54
CA SER D 331 -18.42 16.62 35.12
C SER D 331 -17.08 16.75 35.82
N PHE D 332 -16.94 16.04 36.93
CA PHE D 332 -15.73 16.04 37.68
C PHE D 332 -15.14 14.63 37.68
N ALA D 333 -14.01 14.51 36.99
CA ALA D 333 -13.23 13.29 36.94
C ALA D 333 -12.19 13.37 38.08
N ILE D 334 -12.35 12.52 39.10
CA ILE D 334 -11.57 12.59 40.32
C ILE D 334 -10.85 11.26 40.53
N HIS D 335 -9.54 11.30 40.71
CA HIS D 335 -8.83 10.07 41.00
C HIS D 335 -9.33 9.46 42.32
N PRO D 336 -9.88 8.20 42.28
CA PRO D 336 -10.40 7.60 43.49
C PRO D 336 -9.23 6.94 44.24
N GLY D 337 -8.42 7.74 44.94
CA GLY D 337 -7.21 7.20 45.51
C GLY D 337 -7.45 6.28 46.72
N GLY D 338 -8.64 6.39 47.33
CA GLY D 338 -9.09 5.60 48.47
C GLY D 338 -10.59 5.50 48.34
N PRO D 339 -11.20 4.59 49.11
CA PRO D 339 -12.63 4.43 48.96
C PRO D 339 -13.50 5.68 49.21
N LYS D 340 -13.06 6.63 50.02
CA LYS D 340 -13.91 7.79 50.31
C LYS D 340 -13.48 9.07 49.58
N ILE D 341 -12.44 8.95 48.76
CA ILE D 341 -11.83 10.14 48.17
C ILE D 341 -12.79 10.90 47.30
N VAL D 342 -13.46 10.22 46.38
CA VAL D 342 -14.46 10.88 45.54
C VAL D 342 -15.63 11.53 46.35
N ASP D 343 -16.11 10.83 47.37
CA ASP D 343 -17.18 11.34 48.25
C ASP D 343 -16.67 12.62 48.90
N HIS D 344 -15.42 12.60 49.35
CA HIS D 344 -14.88 13.75 50.10
C HIS D 344 -14.82 14.99 49.20
N VAL D 345 -14.25 14.81 48.03
CA VAL D 345 -14.18 15.89 47.05
C VAL D 345 -15.56 16.34 46.62
N GLN D 346 -16.45 15.37 46.37
CA GLN D 346 -17.80 15.69 45.96
C GLN D 346 -18.46 16.55 47.04
N GLU D 347 -18.22 16.24 48.32
CA GLU D 347 -18.90 17.00 49.35
C GLU D 347 -18.28 18.38 49.46
N GLU D 348 -16.97 18.44 49.48
CA GLU D 348 -16.29 19.70 49.64
C GLU D 348 -16.64 20.62 48.48
N LEU D 349 -16.88 20.04 47.30
CA LEU D 349 -17.19 20.90 46.11
C LEU D 349 -18.69 21.12 45.88
N GLY D 350 -19.53 20.47 46.69
CA GLY D 350 -20.98 20.52 46.48
C GLY D 350 -21.50 19.93 45.17
N LEU D 351 -20.96 18.77 44.78
CA LEU D 351 -21.33 18.17 43.48
C LEU D 351 -22.49 17.20 43.61
N ALA D 352 -23.32 17.17 42.58
CA ALA D 352 -24.38 16.19 42.55
C ALA D 352 -23.78 14.78 42.23
N GLU D 353 -24.52 13.70 42.52
CA GLU D 353 -24.05 12.33 42.22
C GLU D 353 -23.66 12.16 40.74
N ASP D 354 -24.49 12.67 39.83
CA ASP D 354 -24.17 12.49 38.38
C ASP D 354 -22.95 13.23 37.87
N GLN D 355 -22.35 14.09 38.69
CA GLN D 355 -21.17 14.80 38.19
C GLN D 355 -19.91 14.00 38.51
N VAL D 356 -20.03 13.08 39.46
CA VAL D 356 -18.92 12.26 39.88
C VAL D 356 -19.22 10.74 39.73
N ALA D 357 -20.34 10.32 39.12
CA ALA D 357 -20.70 8.91 38.97
C ALA D 357 -19.66 7.97 38.24
N ILE D 358 -19.10 8.39 37.13
CA ILE D 358 -18.04 7.61 36.43
C ILE D 358 -16.81 7.34 37.35
N SER D 359 -16.38 8.35 38.06
CA SER D 359 -15.18 8.14 38.89
C SER D 359 -15.45 7.05 39.90
N LYS D 360 -16.63 7.10 40.53
CA LYS D 360 -16.93 6.11 41.57
C LYS D 360 -17.08 4.72 40.93
N SER D 361 -17.70 4.67 39.78
CA SER D 361 -17.88 3.39 39.12
C SER D 361 -16.55 2.72 38.66
N VAL D 362 -15.58 3.50 38.17
CA VAL D 362 -14.28 2.90 37.82
C VAL D 362 -13.57 2.31 39.06
N PHE D 363 -13.57 3.05 40.15
CA PHE D 363 -13.02 2.56 41.38
C PHE D 363 -13.78 1.29 41.78
N LEU D 364 -15.12 1.35 41.80
CA LEU D 364 -15.93 0.20 42.23
C LEU D 364 -15.61 -1.02 41.35
N GLU D 365 -15.48 -0.83 40.02
CA GLU D 365 -15.15 -1.98 39.13
C GLU D 365 -13.72 -2.46 39.03
N ASN D 366 -12.77 -1.60 39.43
CA ASN D 366 -11.35 -1.81 39.11
C ASN D 366 -10.40 -1.67 40.31
N GLY D 367 -10.81 -0.95 41.35
CA GLY D 367 -9.89 -0.63 42.50
C GLY D 367 -8.97 0.52 42.08
N ASN D 368 -7.95 0.85 42.88
CA ASN D 368 -7.08 1.98 42.49
C ASN D 368 -5.93 1.45 41.58
N MET D 369 -6.05 1.74 40.28
CA MET D 369 -5.06 1.35 39.26
C MET D 369 -3.92 2.40 39.11
N SER D 370 -3.69 3.15 40.19
CA SER D 370 -2.62 4.13 40.25
C SER D 370 -2.82 5.03 39.04
N SER D 371 -1.74 5.43 38.38
CA SER D 371 -1.84 6.43 37.33
C SER D 371 -2.86 6.10 36.25
N SER D 372 -3.17 4.80 36.09
CA SER D 372 -4.00 4.37 34.97
C SER D 372 -5.48 4.63 35.28
N THR D 373 -5.82 4.99 36.52
CA THR D 373 -7.24 5.19 36.86
C THR D 373 -7.94 6.35 36.15
N ILE D 374 -7.37 7.54 36.24
CA ILE D 374 -7.95 8.68 35.51
C ILE D 374 -8.17 8.50 33.99
N PRO D 375 -7.17 7.94 33.27
CA PRO D 375 -7.42 7.64 31.87
C PRO D 375 -8.62 6.73 31.58
N HIS D 376 -8.89 5.73 32.44
CA HIS D 376 -10.12 4.87 32.34
C HIS D 376 -11.37 5.74 32.53
N ILE D 377 -11.26 6.67 33.44
CA ILE D 377 -12.40 7.63 33.64
C ILE D 377 -12.57 8.51 32.38
N LEU D 378 -11.48 9.00 31.80
CA LEU D 378 -11.62 9.89 30.67
C LEU D 378 -12.14 9.12 29.47
N LYS D 379 -11.73 7.84 29.36
CA LYS D 379 -12.23 6.95 28.32
C LYS D 379 -13.76 6.86 28.33
N ALA D 380 -14.29 6.54 29.50
CA ALA D 380 -15.76 6.56 29.69
C ALA D 380 -16.42 7.87 29.31
N TYR D 381 -15.87 9.02 29.75
CA TYR D 381 -16.46 10.32 29.31
C TYR D 381 -16.39 10.51 27.80
N LEU D 382 -15.25 10.18 27.20
CA LEU D 382 -15.14 10.36 25.76
C LEU D 382 -16.15 9.46 25.03
N GLU D 383 -16.43 8.31 25.60
CA GLU D 383 -17.34 7.32 25.01
C GLU D 383 -18.82 7.56 25.30
N GLU D 384 -19.09 8.36 26.34
CA GLU D 384 -20.48 8.59 26.76
C GLU D 384 -21.04 10.02 26.69
N ALA D 385 -20.21 11.06 26.86
CA ALA D 385 -20.71 12.44 26.99
C ALA D 385 -21.08 13.06 25.63
N THR D 386 -22.03 14.00 25.62
CA THR D 386 -22.35 14.76 24.41
C THR D 386 -21.18 15.70 24.09
N VAL D 387 -21.01 16.01 22.83
CA VAL D 387 -20.04 16.96 22.39
C VAL D 387 -20.33 18.28 23.10
N GLY D 388 -19.31 18.96 23.58
CA GLY D 388 -19.53 20.21 24.30
C GLY D 388 -19.56 20.06 25.79
N THR D 389 -19.67 18.84 26.30
CA THR D 389 -19.47 18.59 27.76
C THR D 389 -18.08 18.95 28.26
N ARG D 390 -18.00 19.66 29.37
CA ARG D 390 -16.70 20.00 29.92
C ARG D 390 -16.41 19.18 31.16
N ILE D 391 -15.15 18.77 31.36
CA ILE D 391 -14.76 17.86 32.44
C ILE D 391 -13.60 18.51 33.20
N ALA D 392 -13.74 18.63 34.50
CA ALA D 392 -12.66 19.12 35.32
C ALA D 392 -12.06 17.89 35.93
N CYS D 393 -10.74 17.73 35.84
CA CYS D 393 -10.11 16.50 36.30
C CYS D 393 -9.25 16.85 37.49
N LEU D 394 -9.27 16.00 38.51
CA LEU D 394 -8.49 16.24 39.70
C LEU D 394 -7.86 14.97 40.13
N GLY D 395 -6.60 15.04 40.51
CA GLY D 395 -5.99 13.88 41.09
C GLY D 395 -4.95 14.25 42.13
N PHE D 396 -4.64 13.33 43.01
CA PHE D 396 -3.72 13.63 44.10
C PHE D 396 -2.67 12.57 44.19
N GLY D 397 -1.52 12.89 44.77
CA GLY D 397 -0.56 11.86 44.95
C GLY D 397 0.52 12.34 45.85
N PRO D 398 1.67 11.60 45.91
CA PRO D 398 2.74 11.96 46.82
C PRO D 398 3.23 13.39 46.68
N GLY D 399 3.52 14.02 47.81
CA GLY D 399 3.88 15.45 47.78
C GLY D 399 3.53 16.19 49.08
N LEU D 400 2.24 16.22 49.42
CA LEU D 400 1.17 15.72 48.53
C LEU D 400 1.08 16.66 47.33
N THR D 401 0.68 16.10 46.20
CA THR D 401 0.52 16.90 44.98
C THR D 401 -0.94 16.93 44.59
N ALA D 402 -1.36 18.07 44.05
CA ALA D 402 -2.66 18.19 43.47
C ALA D 402 -2.46 18.51 42.02
N ALA D 403 -3.23 17.83 41.18
CA ALA D 403 -3.04 18.05 39.75
C ALA D 403 -4.38 18.26 39.08
N GLY D 404 -4.43 19.08 38.02
CA GLY D 404 -5.75 19.33 37.53
C GLY D 404 -5.72 19.55 36.05
N LEU D 405 -6.86 19.36 35.41
CA LEU D 405 -6.94 19.42 33.97
C LEU D 405 -8.37 19.79 33.64
N VAL D 406 -8.55 20.70 32.68
CA VAL D 406 -9.90 21.00 32.21
C VAL D 406 -9.96 20.64 30.71
N LEU D 407 -11.02 19.92 30.30
CA LEU D 407 -11.15 19.25 28.99
C LEU D 407 -12.48 19.61 28.33
N GLU D 408 -12.56 19.61 27.02
CA GLU D 408 -13.91 19.77 26.45
C GLU D 408 -14.12 18.70 25.37
N LYS D 409 -15.24 18.01 25.44
CA LYS D 409 -15.44 17.02 24.43
C LYS D 409 -15.80 17.69 23.06
N ILE D 410 -15.10 17.35 21.98
CA ILE D 410 -15.28 17.99 20.66
C ILE D 410 -15.55 17.04 19.43
N HIS E 7 13.53 37.56 20.43
CA HIS E 7 12.65 36.66 19.61
C HIS E 7 11.41 36.19 20.40
N PRO E 8 10.20 36.23 19.77
CA PRO E 8 9.08 35.48 20.37
C PRO E 8 9.32 33.96 20.23
N ASN E 9 8.57 33.17 21.00
CA ASN E 9 8.66 31.74 20.89
C ASN E 9 10.11 31.25 20.94
N SER E 10 10.81 31.67 22.00
CA SER E 10 12.23 31.37 22.15
C SER E 10 12.57 31.16 23.63
N ALA E 11 13.23 30.06 23.98
CA ALA E 11 13.60 29.73 25.37
C ALA E 11 15.11 29.73 25.43
N VAL E 12 15.67 30.08 26.58
CA VAL E 12 17.11 30.26 26.67
C VAL E 12 17.62 29.72 28.00
N LEU E 13 18.76 29.03 27.93
CA LEU E 13 19.38 28.44 29.13
C LEU E 13 20.25 29.49 29.80
N ALA E 14 20.22 29.57 31.12
CA ALA E 14 21.18 30.43 31.76
C ALA E 14 21.42 30.04 33.24
N ASP E 15 22.36 30.72 33.88
CA ASP E 15 22.55 30.68 35.34
C ASP E 15 22.81 29.20 35.81
N PHE E 16 23.95 28.68 35.34
CA PHE E 16 24.38 27.31 35.59
C PHE E 16 25.12 27.35 36.91
N ILE E 17 24.70 26.53 37.87
CA ILE E 17 25.26 26.61 39.24
C ILE E 17 25.51 25.21 39.66
N PRO E 18 26.80 24.79 39.63
CA PRO E 18 27.22 23.48 40.20
C PRO E 18 27.34 23.50 41.71
N VAL E 19 27.17 22.37 42.34
CA VAL E 19 27.45 22.38 43.77
C VAL E 19 28.27 21.16 44.07
N GLN E 20 29.41 21.41 44.67
CA GLN E 20 30.31 20.38 45.06
C GLN E 20 30.03 19.96 46.51
N LEU E 21 29.78 18.67 46.71
CA LEU E 21 29.45 18.18 48.01
C LEU E 21 30.64 17.56 48.74
N ALA E 22 31.61 17.07 47.98
CA ALA E 22 32.76 16.46 48.58
C ALA E 22 33.98 16.73 47.74
N LYS E 23 35.13 16.74 48.41
CA LYS E 23 36.39 17.05 47.73
C LYS E 23 36.73 15.93 46.73
N PRO E 24 36.99 16.27 45.46
CA PRO E 24 37.26 15.21 44.46
C PRO E 24 38.50 14.41 44.84
N VAL E 25 38.48 13.11 44.57
CA VAL E 25 39.57 12.24 44.99
C VAL E 25 40.40 11.92 43.76
N PRO E 26 41.73 11.99 43.87
CA PRO E 26 42.60 11.75 42.70
C PRO E 26 42.39 10.35 42.14
N GLN E 27 42.32 10.24 40.83
CA GLN E 27 42.04 8.92 40.22
C GLN E 27 42.92 7.76 40.74
N ARG E 28 44.24 7.93 40.79
CA ARG E 28 45.12 6.77 41.21
C ARG E 28 44.71 6.17 42.56
N ILE E 29 44.39 7.02 43.51
CA ILE E 29 43.90 6.58 44.81
C ILE E 29 42.52 5.86 44.82
N THR E 30 41.59 6.33 43.99
CA THR E 30 40.33 5.60 43.84
C THR E 30 40.64 4.21 43.29
N LEU E 31 41.52 4.13 42.29
CA LEU E 31 41.83 2.82 41.68
C LEU E 31 42.37 1.87 42.75
N GLU E 32 43.34 2.36 43.52
CA GLU E 32 44.00 1.51 44.53
C GLU E 32 42.99 1.01 45.50
N LEU E 33 42.22 1.95 46.08
CA LEU E 33 41.16 1.56 47.05
C LEU E 33 40.08 0.68 46.50
N THR E 34 39.65 0.96 45.27
CA THR E 34 38.52 0.23 44.74
C THR E 34 38.99 -1.20 44.50
N ALA E 35 40.19 -1.34 43.94
CA ALA E 35 40.75 -2.66 43.66
C ALA E 35 40.88 -3.46 44.97
N TYR E 36 41.26 -2.78 46.04
CA TYR E 36 41.39 -3.44 47.34
C TYR E 36 40.02 -3.88 47.83
N GLY E 37 39.02 -3.02 47.67
CA GLY E 37 37.65 -3.34 48.00
C GLY E 37 37.13 -4.54 47.24
N PHE E 38 37.40 -4.58 45.91
CA PHE E 38 36.95 -5.69 45.08
C PHE E 38 37.59 -6.97 45.58
N ALA E 39 38.85 -6.87 45.98
CA ALA E 39 39.61 -8.03 46.44
C ALA E 39 39.03 -8.55 47.74
N ARG E 40 38.85 -7.69 48.74
CA ARG E 40 38.24 -8.07 49.99
C ARG E 40 36.89 -8.70 49.85
N ALA E 41 36.07 -8.12 48.97
CA ALA E 41 34.70 -8.58 48.79
C ALA E 41 34.71 -9.97 48.21
N HIS E 42 35.61 -10.20 47.26
CA HIS E 42 35.62 -11.49 46.60
C HIS E 42 35.99 -12.57 47.63
N CYS E 43 36.90 -12.23 48.52
CA CYS E 43 37.30 -13.18 49.51
C CYS E 43 36.14 -13.32 50.43
N LEU E 44 35.41 -12.23 50.71
CA LEU E 44 34.22 -12.37 51.56
C LEU E 44 33.19 -13.32 50.93
N SER E 45 32.84 -13.01 49.70
CA SER E 45 31.94 -13.83 48.91
C SER E 45 32.34 -15.28 48.94
N ASN E 46 33.63 -15.59 48.82
CA ASN E 46 34.04 -16.98 48.76
C ASN E 46 34.44 -17.61 50.09
N GLY E 47 34.30 -16.88 51.18
CA GLY E 47 34.69 -17.40 52.49
C GLY E 47 36.16 -17.75 52.45
N ILE E 48 36.95 -16.96 51.73
CA ILE E 48 38.39 -17.12 51.75
C ILE E 48 38.94 -16.29 52.91
N THR E 49 39.34 -16.96 53.97
CA THR E 49 39.81 -16.25 55.16
C THR E 49 41.31 -16.35 55.32
N ASP E 50 41.94 -17.10 54.41
CA ASP E 50 43.39 -17.35 54.27
C ASP E 50 44.15 -16.08 53.85
N GLU E 51 45.20 -15.75 54.58
CA GLU E 51 45.91 -14.51 54.32
C GLU E 51 46.72 -14.59 53.02
N GLU E 52 47.40 -15.73 52.84
CA GLU E 52 48.10 -15.95 51.59
C GLU E 52 47.11 -15.90 50.44
N GLY E 53 45.90 -16.45 50.62
CA GLY E 53 44.89 -16.50 49.57
C GLY E 53 44.44 -15.09 49.20
N PHE E 54 44.31 -14.22 50.20
CA PHE E 54 43.93 -12.84 49.89
C PHE E 54 44.99 -12.15 49.08
N VAL E 55 46.26 -12.36 49.41
CA VAL E 55 47.32 -11.65 48.74
C VAL E 55 47.22 -11.98 47.26
N GLN E 56 46.95 -13.26 46.97
CA GLN E 56 46.83 -13.74 45.58
C GLN E 56 45.66 -13.15 44.82
N VAL E 57 44.45 -13.27 45.34
CA VAL E 57 43.27 -12.58 44.81
C VAL E 57 43.51 -11.07 44.53
N TYR E 58 44.17 -10.40 45.49
CA TYR E 58 44.46 -8.98 45.41
C TYR E 58 45.39 -8.63 44.23
N LYS E 59 46.48 -9.37 44.10
CA LYS E 59 47.36 -9.25 42.96
C LYS E 59 46.58 -9.43 41.64
N THR E 60 45.74 -10.46 41.58
CA THR E 60 44.97 -10.70 40.38
C THR E 60 44.00 -9.54 40.11
N VAL E 61 43.31 -9.11 41.15
CA VAL E 61 42.35 -8.02 41.00
C VAL E 61 43.06 -6.76 40.49
N LYS E 62 44.20 -6.45 41.07
CA LYS E 62 44.96 -5.30 40.65
C LYS E 62 45.38 -5.42 39.20
N GLU E 63 45.69 -6.64 38.75
CA GLU E 63 46.02 -6.84 37.34
C GLU E 63 44.85 -6.54 36.41
N LYS E 64 43.63 -6.98 36.77
CA LYS E 64 42.46 -6.65 35.97
C LYS E 64 42.22 -5.16 35.93
N PHE E 65 42.41 -4.48 37.06
CA PHE E 65 42.28 -3.02 37.12
C PHE E 65 43.27 -2.32 36.19
N ASP E 66 44.51 -2.81 36.14
CA ASP E 66 45.54 -2.27 35.24
C ASP E 66 45.12 -2.41 33.82
N LYS E 67 44.50 -3.52 33.52
CA LYS E 67 44.16 -3.77 32.16
C LYS E 67 42.89 -2.99 31.77
N TYR E 68 41.91 -2.88 32.68
CA TYR E 68 40.57 -2.38 32.31
C TYR E 68 40.09 -1.06 32.98
N ALA E 69 40.70 -0.67 34.08
CA ALA E 69 40.18 0.51 34.77
C ALA E 69 40.43 1.79 33.93
N VAL E 70 39.56 2.79 34.05
CA VAL E 70 39.80 4.07 33.44
C VAL E 70 41.01 4.66 34.21
N SER E 71 42.07 5.07 33.52
CA SER E 71 43.38 5.47 34.15
C SER E 71 43.39 6.92 34.67
N PRO E 72 44.37 7.27 35.53
CA PRO E 72 44.55 8.65 35.93
C PRO E 72 44.87 9.56 34.74
N ALA E 73 45.39 8.99 33.66
CA ALA E 73 45.60 9.73 32.43
C ALA E 73 44.29 10.04 31.69
N GLN E 74 43.22 9.28 31.97
CA GLN E 74 41.96 9.48 31.25
C GLN E 74 40.98 10.36 32.04
N ILE E 75 40.95 10.10 33.34
CA ILE E 75 40.22 10.90 34.30
C ILE E 75 41.18 11.22 35.47
N LYS E 76 41.35 12.49 35.79
CA LYS E 76 42.35 12.91 36.75
C LYS E 76 41.83 12.82 38.16
N GLN E 77 40.59 13.21 38.33
CA GLN E 77 39.96 13.05 39.64
C GLN E 77 38.46 12.98 39.52
N ARG E 78 37.79 12.45 40.54
CA ARG E 78 36.32 12.40 40.55
C ARG E 78 35.70 12.77 41.90
N GLN E 79 34.57 13.47 41.83
CA GLN E 79 33.74 13.64 43.05
C GLN E 79 32.98 12.34 43.40
N LEU E 80 33.27 11.75 44.56
CA LEU E 80 32.67 10.47 44.96
C LEU E 80 32.27 10.59 46.40
N VAL E 81 31.02 11.03 46.61
CA VAL E 81 30.53 11.35 47.96
C VAL E 81 30.61 10.08 48.84
N TYR E 82 30.41 8.92 48.20
CA TYR E 82 30.34 7.62 48.89
C TYR E 82 31.63 6.85 48.85
N PHE E 83 32.69 7.52 48.40
CA PHE E 83 34.06 7.02 48.55
C PHE E 83 34.70 7.66 49.81
N PRO E 84 35.48 6.88 50.57
CA PRO E 84 36.01 7.51 51.80
C PRO E 84 36.86 8.75 51.51
N LYS E 85 36.73 9.80 52.29
CA LYS E 85 37.68 10.91 52.25
C LYS E 85 39.13 10.46 52.52
N LEU E 86 40.06 11.07 51.81
CA LEU E 86 41.47 10.70 52.00
C LEU E 86 41.85 10.75 53.47
N THR E 87 41.33 11.74 54.20
CA THR E 87 41.74 11.92 55.60
C THR E 87 41.32 10.71 56.43
N ASP E 88 40.48 9.86 55.87
CA ASP E 88 40.03 8.69 56.62
C ASP E 88 40.73 7.41 56.23
N ILE E 89 41.66 7.49 55.28
CA ILE E 89 42.34 6.30 54.79
C ILE E 89 43.76 6.15 55.31
N ARG E 90 43.96 5.18 56.19
CA ARG E 90 45.23 4.99 56.94
C ARG E 90 46.16 3.92 56.34
N ASN E 95 47.21 -3.79 51.95
CA ASN E 95 46.31 -3.55 53.07
C ASN E 95 46.22 -2.09 53.54
N PHE E 96 45.02 -1.56 53.41
CA PHE E 96 44.63 -0.26 53.92
C PHE E 96 43.72 -0.52 55.10
N ASP E 97 42.65 0.27 55.12
CA ASP E 97 41.66 0.21 56.19
C ASP E 97 41.16 1.64 56.37
N ILE E 98 39.85 1.78 56.38
CA ILE E 98 39.22 3.08 56.44
C ILE E 98 38.74 3.30 57.88
N ALA E 99 38.97 4.49 58.43
CA ALA E 99 38.42 4.86 59.73
C ALA E 99 36.90 4.84 59.77
N ASP E 100 36.38 4.55 60.96
CA ASP E 100 34.95 4.65 61.24
C ASP E 100 34.42 6.05 60.95
N PRO E 101 33.25 6.11 60.33
CA PRO E 101 32.70 7.42 60.01
C PRO E 101 32.24 8.17 61.27
N GLU E 102 32.09 9.48 61.16
CA GLU E 102 31.34 10.25 62.13
C GLU E 102 29.85 9.85 62.18
N PRO E 103 29.20 9.99 63.35
CA PRO E 103 27.75 9.81 63.40
C PRO E 103 27.02 10.61 62.36
N ASP E 104 27.27 11.91 62.31
CA ASP E 104 26.53 12.76 61.37
C ASP E 104 26.70 12.25 59.94
N GLN E 105 27.71 11.41 59.72
CA GLN E 105 28.08 10.97 58.38
C GLN E 105 28.07 9.46 58.09
N ALA E 106 27.61 8.66 59.06
CA ALA E 106 27.49 7.24 58.87
C ALA E 106 26.77 6.89 57.55
N HIS E 107 25.75 7.67 57.17
CA HIS E 107 24.96 7.33 55.99
C HIS E 107 25.83 7.43 54.72
N LEU E 108 27.04 7.98 54.82
CA LEU E 108 27.94 8.01 53.63
C LEU E 108 28.68 6.72 53.40
N ARG E 109 28.55 5.77 54.33
CA ARG E 109 29.20 4.48 54.16
C ARG E 109 28.23 3.42 53.65
N LEU E 110 28.30 3.05 52.36
CA LEU E 110 27.29 2.14 51.86
C LEU E 110 27.88 0.80 51.46
N PHE E 111 29.21 0.67 51.55
CA PHE E 111 29.88 -0.56 51.11
C PHE E 111 30.31 -1.28 52.35
N ASP E 112 30.71 -2.53 52.23
CA ASP E 112 31.09 -3.28 53.43
C ASP E 112 32.14 -4.27 52.95
N ILE E 113 33.35 -4.13 53.48
CA ILE E 113 34.40 -5.06 53.14
C ILE E 113 34.77 -5.93 54.34
N LYS E 114 33.87 -6.02 55.31
CA LYS E 114 34.09 -6.79 56.51
C LYS E 114 33.06 -7.91 56.76
N LYS E 115 31.78 -7.60 56.60
CA LYS E 115 30.72 -8.57 56.88
C LYS E 115 30.09 -9.13 55.62
N ASP E 116 29.35 -8.29 54.88
CA ASP E 116 28.54 -8.69 53.71
C ASP E 116 28.90 -7.76 52.56
N PRO E 117 29.58 -8.30 51.55
CA PRO E 117 30.17 -7.44 50.53
C PRO E 117 29.16 -6.87 49.57
N ARG E 118 27.87 -7.25 49.71
CA ARG E 118 26.79 -6.55 48.95
C ARG E 118 26.54 -5.14 49.47
N GLY E 119 26.92 -4.86 50.73
CA GLY E 119 26.80 -3.47 51.23
C GLY E 119 25.39 -3.10 51.69
N ALA E 120 25.13 -1.81 51.80
CA ALA E 120 23.80 -1.31 52.16
C ALA E 120 22.73 -1.86 51.16
N ASP E 121 21.53 -2.21 51.63
CA ASP E 121 20.49 -2.55 50.71
C ASP E 121 19.87 -1.29 50.06
N LEU E 122 18.99 -1.49 49.10
CA LEU E 122 18.56 -0.35 48.31
C LEU E 122 17.76 0.65 49.14
N LYS E 123 17.00 0.17 50.11
CA LYS E 123 16.26 1.11 50.93
C LYS E 123 17.24 2.04 51.65
N THR E 124 18.29 1.46 52.24
CA THR E 124 19.24 2.26 52.98
C THR E 124 19.94 3.22 52.02
N ARG E 125 20.20 2.79 50.78
CA ARG E 125 20.89 3.66 49.86
C ARG E 125 19.98 4.85 49.47
N HIS E 126 18.67 4.57 49.27
CA HIS E 126 17.72 5.62 48.93
C HIS E 126 17.58 6.63 50.08
N GLU E 127 17.56 6.10 51.31
CA GLU E 127 17.49 6.94 52.48
C GLU E 127 18.72 7.83 52.60
N SER E 128 19.87 7.27 52.25
CA SER E 128 21.09 8.10 52.16
C SER E 128 21.02 9.15 51.04
N TYR E 129 20.59 8.72 49.84
CA TYR E 129 20.50 9.65 48.70
C TYR E 129 19.69 10.90 49.11
N ALA E 130 18.56 10.66 49.78
CA ALA E 130 17.59 11.73 50.11
C ALA E 130 18.17 12.70 51.13
N LYS E 131 18.96 12.18 52.09
CA LYS E 131 19.63 13.04 53.02
C LYS E 131 20.74 13.89 52.38
N VAL E 132 21.65 13.27 51.62
CA VAL E 132 22.72 13.97 50.90
C VAL E 132 22.16 14.90 49.79
N VAL E 133 21.18 14.44 49.01
CA VAL E 133 20.59 15.34 47.99
C VAL E 133 19.78 16.51 48.60
N GLY E 134 19.06 16.23 49.68
CA GLY E 134 18.32 17.24 50.41
C GLY E 134 19.23 18.38 50.79
N LYS E 135 20.43 18.04 51.23
CA LYS E 135 21.48 19.03 51.65
C LYS E 135 22.07 19.69 50.41
N GLY E 136 22.27 18.93 49.34
CA GLY E 136 22.84 19.50 48.14
C GLY E 136 21.85 20.44 47.44
N LEU E 137 20.55 20.11 47.45
CA LEU E 137 19.55 21.06 46.93
C LEU E 137 19.44 22.37 47.71
N GLU E 138 19.57 22.32 49.05
CA GLU E 138 19.62 23.54 49.88
C GLU E 138 20.78 24.45 49.43
N GLN E 139 22.00 23.92 49.25
CA GLN E 139 23.09 24.70 48.72
C GLN E 139 22.84 25.19 47.28
N MET E 140 22.25 24.35 46.47
CA MET E 140 22.08 24.70 45.08
C MET E 140 21.10 25.84 44.90
N PHE E 141 20.10 25.93 45.77
CA PHE E 141 19.04 26.95 45.68
C PHE E 141 19.18 28.06 46.70
N GLU E 142 20.37 28.17 47.30
CA GLU E 142 20.50 29.20 48.37
C GLU E 142 20.39 30.59 47.81
N GLY E 143 20.93 30.81 46.62
CA GLY E 143 20.89 32.15 46.06
C GLY E 143 19.63 32.43 45.30
N THR E 144 18.68 31.52 45.31
CA THR E 144 17.44 31.73 44.51
C THR E 144 16.58 32.84 45.16
N LEU E 145 16.15 33.84 44.41
CA LEU E 145 15.46 34.99 44.97
C LEU E 145 13.92 34.94 44.86
N GLU E 146 13.45 34.26 43.82
CA GLU E 146 12.04 34.17 43.46
C GLU E 146 11.75 32.74 42.95
N ALA E 147 10.66 32.13 43.43
CA ALA E 147 10.40 30.75 43.04
C ALA E 147 10.24 30.61 41.55
N PRO E 148 10.72 29.50 40.99
CA PRO E 148 10.43 29.27 39.56
C PRO E 148 8.95 28.85 39.40
N ASP E 149 8.42 28.98 38.17
CA ASP E 149 7.11 28.44 37.80
C ASP E 149 7.15 26.92 37.75
N ASP E 150 8.31 26.35 37.40
CA ASP E 150 8.51 24.94 37.30
C ASP E 150 9.86 24.59 37.85
N LEU E 151 9.93 23.48 38.57
CA LEU E 151 11.20 22.90 38.92
C LEU E 151 11.24 21.46 38.38
N ILE E 152 12.30 21.10 37.64
CA ILE E 152 12.35 19.75 37.02
C ILE E 152 13.49 19.05 37.71
N HIS E 153 13.20 17.94 38.40
CA HIS E 153 14.27 17.18 39.07
C HIS E 153 14.81 16.12 38.09
N VAL E 154 16.11 16.16 37.80
CA VAL E 154 16.67 15.19 36.83
C VAL E 154 17.59 14.28 37.61
N THR E 155 17.32 12.96 37.57
CA THR E 155 18.21 11.96 38.15
C THR E 155 17.97 10.59 37.52
N CYS E 156 19.02 9.75 37.54
CA CYS E 156 18.83 8.37 37.30
C CYS E 156 19.42 7.61 38.46
N SER E 157 19.63 8.28 39.58
CA SER E 157 20.37 7.62 40.64
C SER E 157 19.71 7.51 42.00
N GLY E 158 18.46 7.90 42.12
CA GLY E 158 17.73 7.72 43.40
C GLY E 158 16.29 8.10 43.16
N TYR E 159 15.35 7.24 43.47
CA TYR E 159 13.93 7.52 43.12
C TYR E 159 13.12 7.43 44.41
N LEU E 160 12.66 8.53 44.96
CA LEU E 160 11.77 8.42 46.13
C LEU E 160 10.56 9.22 45.89
N ALA E 161 9.48 8.95 46.62
CA ALA E 161 8.23 9.74 46.51
C ALA E 161 7.74 9.95 47.91
N PRO E 162 7.60 11.21 48.33
CA PRO E 162 7.99 12.40 47.54
C PRO E 162 9.52 12.47 47.39
N SER E 163 9.97 13.18 46.36
CA SER E 163 11.39 13.30 46.11
C SER E 163 12.08 14.34 46.98
N PRO E 164 13.41 14.30 46.94
CA PRO E 164 14.14 15.35 47.69
C PRO E 164 13.83 16.68 47.11
N ALA E 165 13.56 16.68 45.78
CA ALA E 165 13.19 17.94 45.13
C ALA E 165 11.81 18.51 45.58
N GLU E 166 10.78 17.67 45.63
CA GLU E 166 9.50 18.06 46.20
C GLU E 166 9.59 18.46 47.67
N ARG E 167 10.35 17.73 48.48
CA ARG E 167 10.50 18.16 49.91
C ARG E 167 11.14 19.58 50.05
N MET E 168 12.17 19.82 49.29
CA MET E 168 12.81 21.14 49.22
C MET E 168 11.80 22.18 48.76
N VAL E 169 11.05 21.89 47.71
CA VAL E 169 10.07 22.89 47.27
C VAL E 169 9.00 23.22 48.30
N ALA E 170 8.49 22.19 48.99
CA ALA E 170 7.68 22.40 50.21
C ALA E 170 8.38 23.18 51.32
N ASP E 171 9.64 22.84 51.62
CA ASP E 171 10.42 23.53 52.66
C ASP E 171 10.51 25.04 52.39
N ARG E 172 10.61 25.40 51.12
CA ARG E 172 10.76 26.79 50.80
C ARG E 172 9.44 27.46 50.73
N GLY E 173 8.33 26.74 50.88
CA GLY E 173 7.02 27.41 50.82
C GLY E 173 6.61 27.68 49.35
N TRP E 174 7.19 26.97 48.39
CA TRP E 174 7.03 27.31 46.95
C TRP E 174 5.81 26.52 46.44
N PHE E 175 4.67 26.82 47.03
CA PHE E 175 3.47 26.07 46.75
C PHE E 175 2.76 26.54 45.48
N GLU E 176 3.38 27.40 44.69
CA GLU E 176 2.84 27.64 43.32
C GLU E 176 3.68 26.90 42.24
N THR E 177 4.79 26.29 42.65
CA THR E 177 5.71 25.67 41.68
C THR E 177 5.28 24.26 41.32
N THR E 178 5.15 24.01 40.03
CA THR E 178 4.95 22.66 39.53
C THR E 178 6.27 21.89 39.54
N VAL E 179 6.27 20.72 40.16
CA VAL E 179 7.45 19.90 40.15
C VAL E 179 7.24 18.74 39.17
N THR E 180 8.23 18.55 38.31
CA THR E 180 8.24 17.45 37.35
C THR E 180 9.50 16.61 37.58
N HIS E 181 9.28 15.31 37.69
CA HIS E 181 10.33 14.36 37.78
C HIS E 181 10.74 13.94 36.34
N SER E 182 12.00 14.10 36.01
CA SER E 182 12.50 13.69 34.69
C SER E 182 13.56 12.65 35.00
N TYR E 183 13.12 11.40 35.13
CA TYR E 183 13.82 10.34 35.77
C TYR E 183 14.11 9.24 34.77
N ASN E 184 15.16 8.50 35.04
CA ASN E 184 15.52 7.31 34.27
C ASN E 184 15.73 7.58 32.80
N MET E 185 16.34 8.74 32.51
CA MET E 185 16.83 9.01 31.18
C MET E 185 18.30 9.24 31.18
N GLY E 186 18.93 8.54 32.13
CA GLY E 186 20.41 8.34 32.08
C GLY E 186 21.33 9.54 31.80
N CYS E 187 22.50 9.24 31.22
CA CYS E 187 23.50 10.23 30.98
C CYS E 187 23.06 11.33 30.07
N TYR E 188 22.04 11.10 29.27
CA TYR E 188 21.62 12.20 28.35
C TYR E 188 20.44 12.97 29.04
N GLY E 189 20.23 12.79 30.32
CA GLY E 189 18.98 13.38 30.85
C GLY E 189 18.69 14.89 30.78
N ALA E 190 19.68 15.72 30.48
CA ALA E 190 19.47 17.14 30.41
C ALA E 190 18.67 17.38 29.12
N PHE E 191 18.86 16.53 28.10
CA PHE E 191 18.17 16.77 26.82
C PHE E 191 16.61 16.64 26.96
N PRO E 192 16.12 15.55 27.57
CA PRO E 192 14.68 15.64 27.74
C PRO E 192 14.23 16.63 28.83
N ALA E 193 15.04 16.90 29.89
CA ALA E 193 14.67 17.98 30.82
C ALA E 193 14.50 19.31 30.10
N ILE E 194 15.50 19.65 29.31
CA ILE E 194 15.40 20.87 28.51
C ILE E 194 14.20 20.87 27.59
N LYS E 195 14.00 19.75 26.93
CA LYS E 195 12.78 19.56 26.14
C LYS E 195 11.53 19.83 26.96
N MET E 196 11.45 19.35 28.20
CA MET E 196 10.25 19.58 28.97
C MET E 196 10.12 21.10 29.30
N ALA E 197 11.27 21.75 29.60
CA ALA E 197 11.24 23.19 30.02
C ALA E 197 10.75 24.03 28.84
N HIS E 198 11.31 23.76 27.69
CA HIS E 198 10.83 24.43 26.42
C HIS E 198 9.32 24.22 26.23
N GLY E 199 8.90 22.95 26.31
CA GLY E 199 7.47 22.64 26.37
C GLY E 199 6.65 23.49 27.34
N MET E 200 7.12 23.65 28.60
CA MET E 200 6.35 24.37 29.60
C MET E 200 6.13 25.85 29.18
N LEU E 201 7.21 26.49 28.74
CA LEU E 201 7.11 27.85 28.22
C LEU E 201 6.20 27.94 27.03
N ALA E 202 6.30 26.97 26.16
CA ALA E 202 5.49 27.04 24.92
C ALA E 202 4.03 26.74 25.26
N SER E 203 3.80 25.78 26.19
CA SER E 203 2.44 25.48 26.65
C SER E 203 1.82 26.71 27.29
N ALA E 204 2.61 27.48 28.08
CA ALA E 204 2.10 28.76 28.72
C ALA E 204 1.69 29.78 27.66
N GLN E 205 2.54 29.95 26.67
CA GLN E 205 2.20 30.81 25.50
C GLN E 205 0.95 30.35 24.77
N TRP E 206 0.78 29.03 24.61
CA TRP E 206 -0.51 28.56 24.08
C TRP E 206 -1.71 28.95 24.96
N GLY E 207 -1.48 29.20 26.25
CA GLY E 207 -2.55 29.64 27.13
C GLY E 207 -3.12 28.56 28.00
N ALA E 208 -2.49 27.39 28.02
CA ALA E 208 -3.00 26.27 28.84
C ALA E 208 -2.55 26.44 30.29
N THR E 209 -1.58 27.30 30.54
CA THR E 209 -1.39 27.79 31.92
C THR E 209 -1.27 29.27 31.77
N PRO E 210 -1.31 30.01 32.90
CA PRO E 210 -0.98 31.43 32.91
C PRO E 210 0.49 31.55 32.46
N PRO E 211 0.94 32.78 32.19
CA PRO E 211 2.32 33.05 31.74
C PRO E 211 3.33 32.56 32.76
N LYS E 212 4.48 32.13 32.24
CA LYS E 212 5.57 31.69 33.08
C LYS E 212 6.80 32.49 32.66
N THR E 213 7.73 32.62 33.60
CA THR E 213 9.00 33.33 33.34
C THR E 213 10.28 32.57 33.62
N ARG E 214 10.19 31.47 34.37
CA ARG E 214 11.38 30.73 34.67
C ARG E 214 11.13 29.29 35.00
N VAL E 215 11.84 28.41 34.27
CA VAL E 215 11.93 26.97 34.64
C VAL E 215 13.28 26.64 35.23
N ASP E 216 13.33 26.01 36.42
CA ASP E 216 14.63 25.59 36.96
C ASP E 216 14.83 24.10 36.80
N ILE E 217 16.04 23.72 36.38
CA ILE E 217 16.39 22.28 36.20
C ILE E 217 17.50 21.92 37.15
N ALA E 218 17.21 20.98 38.04
CA ALA E 218 18.12 20.58 39.08
C ALA E 218 18.52 19.12 38.83
N HIS E 219 19.81 18.90 38.47
CA HIS E 219 20.38 17.56 38.24
C HIS E 219 21.04 17.13 39.55
N THR E 220 20.69 15.97 40.08
CA THR E 220 21.43 15.49 41.24
C THR E 220 21.77 14.03 40.96
N GLU E 221 23.01 13.80 40.50
CA GLU E 221 23.47 12.42 40.22
C GLU E 221 24.47 11.95 41.25
N LEU E 222 24.10 10.97 42.07
CA LEU E 222 25.00 10.38 43.01
C LEU E 222 25.30 8.94 42.45
N MET E 223 26.07 8.89 41.36
CA MET E 223 26.50 7.58 40.81
C MET E 223 27.28 6.73 41.87
N SER E 224 28.08 7.37 42.72
CA SER E 224 28.89 6.58 43.66
C SER E 224 28.04 5.83 44.66
N ALA E 225 26.76 6.19 44.82
CA ALA E 225 25.88 5.50 45.77
C ALA E 225 25.65 4.09 45.28
N HIS E 226 25.89 3.88 43.99
CA HIS E 226 25.67 2.55 43.36
C HIS E 226 26.89 1.67 43.21
N ASN E 227 27.92 2.00 43.98
CA ASN E 227 29.08 1.16 44.02
C ASN E 227 28.70 -0.31 44.21
N ASN E 228 29.37 -1.12 43.40
CA ASN E 228 29.18 -2.56 43.32
C ASN E 228 30.59 -3.16 43.32
N ILE E 229 31.06 -3.53 44.50
CA ILE E 229 32.38 -4.12 44.61
C ILE E 229 32.27 -5.70 44.64
N ALA E 230 31.06 -6.25 44.55
CA ALA E 230 30.88 -7.71 44.60
C ALA E 230 30.86 -8.41 43.24
N GLU E 231 30.75 -7.64 42.16
CA GLU E 231 30.95 -8.22 40.81
C GLU E 231 32.28 -7.83 40.15
N SER E 232 33.10 -8.80 39.75
CA SER E 232 34.36 -8.37 39.18
C SER E 232 34.39 -8.58 37.69
N ARG E 233 33.24 -8.76 37.08
CA ARG E 233 33.17 -8.77 35.63
C ARG E 233 33.78 -7.46 35.11
N VAL E 234 34.43 -7.54 33.96
CA VAL E 234 35.12 -6.41 33.41
C VAL E 234 34.28 -5.14 33.28
N ASP E 235 33.03 -5.20 32.78
CA ASP E 235 32.28 -3.99 32.50
C ASP E 235 31.98 -3.24 33.82
N ASN E 236 31.95 -3.98 34.93
CA ASN E 236 31.70 -3.32 36.21
C ASN E 236 32.97 -2.62 36.82
N ILE E 237 34.15 -3.16 36.48
CA ILE E 237 35.43 -2.53 36.81
C ILE E 237 35.51 -1.19 36.08
N ILE E 238 35.24 -1.22 34.79
CA ILE E 238 35.14 0.03 34.00
C ILE E 238 34.11 1.00 34.61
N SER E 239 32.89 0.57 34.80
CA SER E 239 31.87 1.50 35.35
C SER E 239 32.25 2.06 36.73
N ALA E 240 32.80 1.21 37.59
CA ALA E 240 33.13 1.71 38.92
C ALA E 240 34.24 2.77 38.88
N THR E 241 35.00 2.83 37.80
CA THR E 241 36.15 3.75 37.75
C THR E 241 35.88 4.89 36.78
N LEU E 242 34.80 4.79 36.04
CA LEU E 242 34.41 5.80 35.11
C LEU E 242 33.42 6.86 35.64
N PHE E 243 32.40 6.42 36.34
CA PHE E 243 31.27 7.31 36.75
C PHE E 243 31.57 8.08 37.99
N SER E 244 30.92 9.20 38.11
CA SER E 244 31.17 10.09 39.22
C SER E 244 29.91 10.89 39.56
N ASP E 245 30.00 11.73 40.59
CA ASP E 245 28.88 12.45 41.06
C ASP E 245 28.89 13.90 40.57
N GLY E 246 27.72 14.45 40.45
CA GLY E 246 27.58 15.81 39.93
C GLY E 246 26.22 16.38 40.24
N LEU E 247 26.25 17.54 40.90
CA LEU E 247 25.01 18.26 41.21
C LEU E 247 25.12 19.61 40.52
N ILE E 248 24.11 19.98 39.76
CA ILE E 248 24.13 21.27 39.08
C ILE E 248 22.71 21.74 38.69
N LYS E 249 22.44 23.02 38.86
CA LYS E 249 21.17 23.51 38.41
C LYS E 249 21.38 24.55 37.32
N TYR E 250 20.36 24.69 36.46
CA TYR E 250 20.30 25.82 35.56
C TYR E 250 18.85 26.23 35.27
N SER E 251 18.63 27.34 34.51
CA SER E 251 17.32 27.89 34.32
C SER E 251 17.02 28.06 32.85
N VAL E 252 15.74 27.99 32.52
CA VAL E 252 15.29 28.18 31.17
C VAL E 252 14.28 29.35 31.19
N TYR E 253 14.53 30.39 30.41
CA TYR E 253 13.75 31.62 30.48
C TYR E 253 13.15 31.80 29.10
N PRO E 254 11.95 32.41 29.01
CA PRO E 254 11.54 32.94 27.69
C PRO E 254 12.54 34.10 27.34
N GLU E 255 12.89 34.21 26.08
CA GLU E 255 13.95 35.15 25.71
C GLU E 255 13.69 36.62 26.10
N ASP E 256 12.44 37.07 26.06
CA ASP E 256 12.12 38.44 26.48
C ASP E 256 12.42 38.64 27.98
N GLU E 257 12.12 37.62 28.77
CA GLU E 257 12.41 37.72 30.18
C GLU E 257 13.91 37.72 30.42
N LEU E 258 14.66 36.93 29.64
CA LEU E 258 16.10 36.82 29.82
C LEU E 258 16.76 38.21 29.56
N ARG E 259 16.32 38.85 28.48
CA ARG E 259 16.83 40.18 28.09
C ARG E 259 16.45 41.22 29.14
N ARG E 260 15.20 41.21 29.61
CA ARG E 260 14.80 42.12 30.72
C ARG E 260 15.74 41.98 31.92
N GLN E 261 16.22 40.77 32.18
CA GLN E 261 17.08 40.64 33.33
C GLN E 261 18.53 40.90 32.95
N GLY E 262 18.77 41.25 31.70
CA GLY E 262 20.14 41.53 31.26
C GLY E 262 21.10 40.33 31.27
N LEU E 263 20.56 39.12 31.31
CA LEU E 263 21.40 37.91 31.39
C LEU E 263 21.93 37.44 30.00
N ARG E 264 23.15 36.93 29.97
CA ARG E 264 23.62 36.23 28.77
C ARG E 264 23.02 34.78 28.84
N GLY E 265 22.69 34.19 27.70
CA GLY E 265 22.23 32.79 27.72
C GLY E 265 22.52 31.99 26.46
N LEU E 266 22.12 30.73 26.49
CA LEU E 266 22.18 29.88 25.32
C LEU E 266 20.76 29.66 24.80
N ARG E 267 20.48 30.33 23.68
CA ARG E 267 19.18 30.26 23.09
C ARG E 267 19.02 28.89 22.40
N ILE E 268 17.86 28.27 22.58
CA ILE E 268 17.61 26.98 22.02
C ILE E 268 17.08 27.17 20.60
N LEU E 269 17.72 26.55 19.60
CA LEU E 269 17.24 26.67 18.18
C LEU E 269 16.49 25.41 17.76
N ALA E 270 16.88 24.25 18.30
CA ALA E 270 16.29 23.02 17.83
C ALA E 270 16.66 21.85 18.76
N MET E 271 15.88 20.77 18.66
CA MET E 271 16.07 19.68 19.60
C MET E 271 15.73 18.40 18.83
N SER E 272 16.30 17.27 19.22
CA SER E 272 15.88 15.99 18.63
C SER E 272 16.28 14.90 19.52
N GLU E 273 15.66 13.72 19.35
CA GLU E 273 15.94 12.55 20.17
C GLU E 273 15.19 11.35 19.66
N HIS E 274 15.93 10.26 19.48
CA HIS E 274 15.34 8.96 19.15
C HIS E 274 16.28 7.81 19.42
N LEU E 275 15.79 6.60 19.18
CA LEU E 275 16.51 5.38 19.44
C LEU E 275 17.42 5.00 18.34
N LEU E 276 18.47 4.25 18.67
CA LEU E 276 19.35 3.66 17.66
C LEU E 276 19.01 2.17 17.52
N PRO E 277 18.96 1.64 16.27
CA PRO E 277 18.61 0.23 16.07
C PRO E 277 19.46 -0.80 16.82
N ASP E 278 18.85 -1.87 17.27
CA ASP E 278 19.59 -3.06 17.60
C ASP E 278 20.58 -2.89 18.71
N SER E 279 20.23 -2.12 19.72
CA SER E 279 21.25 -1.76 20.73
C SER E 279 20.74 -1.74 22.14
N ALA E 280 19.51 -2.22 22.37
CA ALA E 280 18.89 -2.11 23.67
C ALA E 280 19.69 -2.80 24.75
N ASP E 281 20.36 -3.88 24.40
CA ASP E 281 20.99 -4.70 25.41
C ASP E 281 22.47 -4.27 25.66
N THR E 282 22.93 -3.22 25.00
CA THR E 282 24.37 -2.87 25.06
C THR E 282 24.62 -1.88 26.16
N MET E 283 23.57 -1.39 26.83
CA MET E 283 23.80 -0.52 28.02
C MET E 283 22.52 -0.52 28.92
N THR E 284 22.63 -1.10 30.10
CA THR E 284 21.42 -1.28 30.87
C THR E 284 21.64 -0.86 32.34
N TRP E 285 20.54 -0.58 33.02
CA TRP E 285 20.64 0.07 34.32
C TRP E 285 19.32 -0.26 35.00
N VAL E 286 19.38 -1.18 35.96
CA VAL E 286 18.14 -1.73 36.58
C VAL E 286 18.25 -1.78 38.10
N PRO E 287 17.25 -1.24 38.84
CA PRO E 287 17.37 -1.35 40.31
C PRO E 287 17.27 -2.76 40.83
N GLY E 288 18.20 -3.10 41.73
CA GLY E 288 18.15 -4.39 42.34
C GLY E 288 18.07 -4.30 43.86
N SER E 289 18.40 -5.42 44.50
CA SER E 289 18.34 -5.56 45.94
C SER E 289 19.11 -4.53 46.71
N HIS E 290 20.29 -4.25 46.18
CA HIS E 290 21.27 -3.42 46.80
C HIS E 290 21.60 -2.13 46.06
N GLN E 291 21.59 -2.09 44.72
CA GLN E 291 21.81 -0.82 44.05
C GLN E 291 21.24 -0.91 42.67
N PHE E 292 21.41 0.15 41.91
CA PHE E 292 21.01 0.09 40.53
C PHE E 292 22.25 -0.60 39.87
N VAL E 293 22.02 -1.60 39.07
CA VAL E 293 23.07 -2.49 38.47
C VAL E 293 23.25 -2.10 37.03
N MET E 294 24.50 -1.84 36.63
CA MET E 294 24.79 -1.41 35.26
C MET E 294 25.35 -2.58 34.43
N THR E 295 25.09 -2.61 33.11
CA THR E 295 25.85 -3.41 32.17
C THR E 295 26.22 -2.50 31.04
N LEU E 296 27.39 -2.76 30.46
CA LEU E 296 27.90 -1.85 29.46
C LEU E 296 28.64 -2.69 28.40
N SER E 297 28.18 -2.63 27.14
CA SER E 297 28.86 -3.39 26.10
C SER E 297 30.04 -2.63 25.47
N PRO E 298 31.15 -3.35 25.27
CA PRO E 298 32.25 -2.74 24.54
C PRO E 298 31.87 -2.24 23.10
N LEU E 299 30.67 -2.62 22.61
CA LEU E 299 30.21 -2.17 21.29
C LEU E 299 29.63 -0.75 21.27
N VAL E 300 29.29 -0.23 22.43
CA VAL E 300 28.62 1.11 22.46
C VAL E 300 29.30 2.21 21.59
N PRO E 301 30.63 2.43 21.68
CA PRO E 301 31.28 3.52 20.85
C PRO E 301 31.09 3.33 19.35
N ALA E 302 31.18 2.09 18.89
CA ALA E 302 31.00 1.85 17.45
C ALA E 302 29.58 2.08 16.99
N ILE E 303 28.62 1.70 17.82
CA ILE E 303 27.21 1.88 17.47
C ILE E 303 26.90 3.38 17.41
N ILE E 304 27.32 4.10 18.44
CA ILE E 304 27.18 5.56 18.37
C ILE E 304 27.86 6.14 17.16
N LYS E 305 29.09 5.68 16.90
CA LYS E 305 29.84 6.29 15.79
C LYS E 305 29.09 6.09 14.49
N ARG E 306 28.48 4.90 14.31
CA ARG E 306 27.90 4.60 12.98
C ARG E 306 26.57 5.29 12.74
N HIS E 307 25.92 5.77 13.80
CA HIS E 307 24.68 6.51 13.62
C HIS E 307 24.81 8.03 13.80
N VAL E 308 25.93 8.54 14.33
CA VAL E 308 25.95 9.94 14.83
C VAL E 308 25.94 10.98 13.65
N ARG E 309 26.56 10.63 12.53
CA ARG E 309 26.59 11.65 11.44
C ARG E 309 25.20 11.95 10.88
N ALA E 310 24.42 10.92 10.63
CA ALA E 310 23.10 11.14 10.08
C ALA E 310 22.26 11.88 11.15
N PHE E 311 22.49 11.56 12.43
CA PHE E 311 21.75 12.21 13.49
C PHE E 311 22.09 13.71 13.54
N ALA E 312 23.39 14.04 13.48
CA ALA E 312 23.84 15.42 13.57
C ALA E 312 23.44 16.19 12.28
N VAL E 313 23.44 15.54 11.13
CA VAL E 313 23.02 16.25 9.89
C VAL E 313 21.56 16.67 10.04
N ASP E 314 20.72 15.74 10.45
CA ASP E 314 19.32 16.05 10.79
C ASP E 314 19.11 17.16 11.86
N LEU E 315 19.81 17.04 13.01
CA LEU E 315 19.73 18.04 14.05
C LEU E 315 20.02 19.45 13.53
N LEU E 316 21.11 19.59 12.83
CA LEU E 316 21.45 20.90 12.28
C LEU E 316 20.41 21.35 11.25
N ARG E 317 19.83 20.40 10.52
CA ARG E 317 18.78 20.71 9.54
C ARG E 317 17.56 21.33 10.28
N ARG E 318 17.27 20.78 11.45
CA ARG E 318 16.16 21.29 12.23
C ARG E 318 16.44 22.70 12.74
N ALA E 319 17.72 23.07 12.87
CA ALA E 319 18.03 24.47 13.21
C ALA E 319 18.11 25.39 11.97
N GLY E 320 17.76 24.90 10.80
CA GLY E 320 17.91 25.69 9.51
C GLY E 320 19.37 25.73 9.03
N MET E 321 20.20 24.77 9.41
CA MET E 321 21.60 24.85 9.05
C MET E 321 22.00 23.63 8.25
N ASP E 322 23.19 23.65 7.71
CA ASP E 322 23.61 22.53 6.90
C ASP E 322 24.93 22.01 7.45
N PHE E 323 24.94 20.74 7.84
CA PHE E 323 26.09 20.16 8.50
C PHE E 323 27.38 20.45 7.69
N GLU E 324 27.38 20.00 6.45
CA GLU E 324 28.54 20.09 5.60
C GLU E 324 28.95 21.56 5.42
N ARG E 325 27.99 22.44 5.18
CA ARG E 325 28.38 23.84 4.96
C ARG E 325 28.86 24.55 6.24
N ASP E 326 28.27 24.21 7.40
CA ASP E 326 28.36 25.06 8.60
C ASP E 326 29.18 24.44 9.76
N LYS E 327 29.50 23.16 9.71
CA LYS E 327 30.15 22.54 10.86
C LYS E 327 31.42 23.28 11.34
N ASP E 328 32.17 23.89 10.42
CA ASP E 328 33.43 24.49 10.79
C ASP E 328 33.27 25.71 11.68
N ALA E 329 32.09 26.33 11.63
CA ALA E 329 31.82 27.45 12.46
C ALA E 329 31.28 27.05 13.84
N LEU E 330 30.91 25.79 14.04
CA LEU E 330 30.23 25.35 15.27
C LEU E 330 31.15 24.77 16.36
N SER E 331 30.75 24.90 17.61
CA SER E 331 31.30 24.09 18.68
C SER E 331 30.39 22.87 18.87
N PHE E 332 30.94 21.73 19.25
CA PHE E 332 30.21 20.46 19.44
C PHE E 332 30.38 20.03 20.90
N ALA E 333 29.30 20.13 21.68
CA ALA E 333 29.34 19.61 23.04
C ALA E 333 28.92 18.17 23.00
N ILE E 334 29.77 17.29 23.51
CA ILE E 334 29.53 15.85 23.40
C ILE E 334 29.56 15.19 24.73
N HIS E 335 28.46 14.51 25.08
CA HIS E 335 28.52 13.77 26.30
C HIS E 335 29.68 12.73 26.34
N PRO E 336 30.59 12.85 27.32
CA PRO E 336 31.71 11.91 27.27
C PRO E 336 31.39 10.64 28.09
N GLY E 337 30.64 9.75 27.45
CA GLY E 337 30.07 8.57 28.05
C GLY E 337 31.13 7.56 28.50
N GLY E 338 32.26 7.53 27.76
CA GLY E 338 33.41 6.72 28.14
C GLY E 338 34.61 7.43 27.57
N PRO E 339 35.82 6.87 27.85
CA PRO E 339 37.07 7.48 27.44
C PRO E 339 37.19 7.70 25.95
N LYS E 340 36.57 6.88 25.11
CA LYS E 340 36.76 7.08 23.65
C LYS E 340 35.64 7.84 22.97
N ILE E 341 34.57 8.17 23.72
CA ILE E 341 33.33 8.68 23.04
C ILE E 341 33.50 9.94 22.19
N VAL E 342 34.04 10.97 22.81
CA VAL E 342 34.22 12.24 22.14
C VAL E 342 35.15 12.02 21.01
N ASP E 343 36.25 11.32 21.27
CA ASP E 343 37.16 10.99 20.13
C ASP E 343 36.45 10.29 18.91
N HIS E 344 35.57 9.31 19.18
CA HIS E 344 34.89 8.63 18.09
C HIS E 344 33.97 9.58 17.35
N VAL E 345 33.23 10.44 18.09
CA VAL E 345 32.32 11.37 17.46
C VAL E 345 33.09 12.40 16.68
N GLN E 346 34.10 12.98 17.32
CA GLN E 346 35.00 13.90 16.63
C GLN E 346 35.48 13.31 15.28
N GLU E 347 35.98 12.07 15.32
CA GLU E 347 36.47 11.44 14.13
C GLU E 347 35.38 11.30 13.07
N GLU E 348 34.25 10.72 13.45
CA GLU E 348 33.16 10.52 12.50
C GLU E 348 32.63 11.81 11.88
N LEU E 349 32.59 12.88 12.68
CA LEU E 349 32.10 14.12 12.15
C LEU E 349 33.20 15.02 11.53
N GLY E 350 34.49 14.58 11.50
CA GLY E 350 35.58 15.37 10.84
C GLY E 350 35.80 16.71 11.57
N LEU E 351 35.79 16.66 12.91
CA LEU E 351 35.87 17.88 13.70
C LEU E 351 37.34 18.17 14.10
N ALA E 352 37.67 19.45 14.18
CA ALA E 352 38.96 19.82 14.74
C ALA E 352 38.99 19.67 16.29
N GLU E 353 40.17 19.39 16.84
CA GLU E 353 40.31 19.36 18.29
C GLU E 353 39.63 20.52 19.02
N ASP E 354 39.73 21.77 18.48
CA ASP E 354 39.24 22.96 19.23
C ASP E 354 37.74 22.99 19.33
N GLN E 355 37.07 22.19 18.51
CA GLN E 355 35.64 22.17 18.47
C GLN E 355 35.08 21.25 19.55
N VAL E 356 35.94 20.45 20.19
CA VAL E 356 35.45 19.41 21.15
C VAL E 356 36.23 19.49 22.45
N ALA E 357 37.04 20.54 22.57
CA ALA E 357 38.00 20.62 23.68
C ALA E 357 37.33 20.67 25.06
N ILE E 358 36.24 21.42 25.14
CA ILE E 358 35.59 21.58 26.46
C ILE E 358 34.99 20.26 26.93
N SER E 359 34.32 19.56 26.02
CA SER E 359 33.82 18.21 26.37
C SER E 359 34.90 17.27 26.90
N LYS E 360 36.06 17.22 26.22
CA LYS E 360 37.21 16.43 26.70
C LYS E 360 37.72 16.86 28.06
N SER E 361 37.88 18.16 28.22
CA SER E 361 38.36 18.70 29.46
C SER E 361 37.41 18.42 30.61
N VAL E 362 36.10 18.57 30.39
CA VAL E 362 35.20 18.28 31.48
C VAL E 362 35.31 16.81 31.96
N PHE E 363 35.46 15.88 30.99
CA PHE E 363 35.64 14.48 31.25
C PHE E 363 36.92 14.22 32.08
N LEU E 364 38.03 14.83 31.64
CA LEU E 364 39.32 14.66 32.24
C LEU E 364 39.28 15.12 33.69
N GLU E 365 38.55 16.19 33.93
CA GLU E 365 38.53 16.82 35.20
C GLU E 365 37.53 16.22 36.20
N ASN E 366 36.50 15.51 35.71
CA ASN E 366 35.34 15.18 36.52
C ASN E 366 34.86 13.76 36.43
N GLY E 367 35.33 13.04 35.43
CA GLY E 367 34.73 11.77 35.10
C GLY E 367 33.38 11.93 34.42
N ASN E 368 32.61 10.84 34.30
CA ASN E 368 31.26 10.87 33.66
C ASN E 368 30.26 11.07 34.79
N MET E 369 29.74 12.30 34.91
CA MET E 369 28.81 12.61 36.02
C MET E 369 27.38 12.35 35.52
N SER E 370 27.23 11.37 34.66
CA SER E 370 25.92 11.06 34.16
C SER E 370 25.22 12.29 33.55
N SER E 371 23.93 12.50 33.85
CA SER E 371 23.18 13.57 33.17
C SER E 371 23.72 14.98 33.46
N SER E 372 24.42 15.14 34.61
CA SER E 372 25.04 16.43 34.99
C SER E 372 26.22 16.90 34.16
N THR E 373 26.79 16.01 33.34
CA THR E 373 28.00 16.27 32.56
C THR E 373 27.78 17.28 31.48
N ILE E 374 26.79 17.07 30.63
CA ILE E 374 26.50 18.07 29.58
C ILE E 374 26.19 19.46 30.16
N PRO E 375 25.41 19.53 31.29
CA PRO E 375 25.27 20.90 31.83
C PRO E 375 26.60 21.59 32.30
N HIS E 376 27.57 20.85 32.83
CA HIS E 376 28.84 21.53 33.14
C HIS E 376 29.52 21.97 31.81
N ILE E 377 29.43 21.17 30.76
CA ILE E 377 29.99 21.57 29.46
C ILE E 377 29.30 22.86 28.96
N LEU E 378 27.98 22.89 29.00
CA LEU E 378 27.24 24.14 28.66
C LEU E 378 27.61 25.32 29.56
N LYS E 379 27.81 25.12 30.86
CA LYS E 379 28.20 26.26 31.70
C LYS E 379 29.48 26.85 31.08
N ALA E 380 30.42 26.00 30.71
CA ALA E 380 31.75 26.47 30.26
C ALA E 380 31.62 27.19 28.93
N TYR E 381 30.78 26.69 28.04
CA TYR E 381 30.49 27.42 26.80
C TYR E 381 29.81 28.77 27.04
N LEU E 382 28.85 28.84 27.98
CA LEU E 382 28.14 30.12 28.18
C LEU E 382 29.18 31.15 28.65
N GLU E 383 30.07 30.70 29.51
CA GLU E 383 31.11 31.53 30.08
C GLU E 383 32.15 31.95 29.07
N GLU E 384 32.51 31.08 28.13
CA GLU E 384 33.71 31.40 27.30
C GLU E 384 33.39 31.78 25.86
N ALA E 385 32.29 31.26 25.34
CA ALA E 385 31.99 31.43 23.93
C ALA E 385 31.80 32.87 23.57
N THR E 386 32.12 33.21 22.33
CA THR E 386 31.80 34.48 21.75
C THR E 386 30.30 34.54 21.52
N VAL E 387 29.69 35.69 21.76
CA VAL E 387 28.27 35.88 21.50
C VAL E 387 28.01 35.63 20.03
N GLY E 388 26.90 34.96 19.67
CA GLY E 388 26.74 34.52 18.28
C GLY E 388 27.23 33.08 17.97
N THR E 389 28.09 32.52 18.79
CA THR E 389 28.50 31.15 18.59
C THR E 389 27.37 30.14 18.69
N ARG E 390 27.36 29.19 17.79
CA ARG E 390 26.35 28.16 17.84
C ARG E 390 26.98 26.83 18.30
N ILE E 391 26.20 26.03 19.00
CA ILE E 391 26.74 24.83 19.63
C ILE E 391 25.76 23.71 19.32
N ALA E 392 26.28 22.67 18.67
CA ALA E 392 25.53 21.45 18.46
C ALA E 392 25.86 20.58 19.63
N CYS E 393 24.84 20.08 20.32
CA CYS E 393 25.01 19.25 21.53
C CYS E 393 24.51 17.85 21.26
N LEU E 394 25.26 16.85 21.73
CA LEU E 394 25.01 15.44 21.40
C LEU E 394 25.22 14.61 22.65
N GLY E 395 24.21 13.82 23.04
CA GLY E 395 24.35 12.94 24.21
C GLY E 395 23.79 11.56 23.90
N PHE E 396 24.28 10.49 24.55
CA PHE E 396 23.78 9.13 24.27
C PHE E 396 23.51 8.47 25.61
N GLY E 397 22.65 7.47 25.65
CA GLY E 397 22.42 6.78 26.92
C GLY E 397 21.60 5.53 26.56
N PRO E 398 20.99 4.87 27.56
CA PRO E 398 20.32 3.60 27.29
C PRO E 398 19.25 3.74 26.22
N GLY E 399 18.97 2.64 25.51
CA GLY E 399 18.15 2.65 24.28
C GLY E 399 18.68 1.76 23.14
N LEU E 400 19.85 2.06 22.56
CA LEU E 400 20.54 3.29 22.91
C LEU E 400 19.77 4.51 22.37
N THR E 401 19.98 5.64 23.03
CA THR E 401 19.33 6.88 22.63
C THR E 401 20.34 7.88 22.20
N ALA E 402 20.04 8.61 21.11
CA ALA E 402 20.84 9.71 20.70
C ALA E 402 19.96 10.95 21.00
N ALA E 403 20.54 11.96 21.63
CA ALA E 403 19.79 13.19 21.89
C ALA E 403 20.56 14.36 21.34
N GLY E 404 19.85 15.31 20.74
CA GLY E 404 20.57 16.47 20.29
C GLY E 404 19.99 17.84 20.63
N LEU E 405 20.82 18.88 20.62
CA LEU E 405 20.32 20.20 20.85
C LEU E 405 21.18 21.20 20.09
N VAL E 406 20.56 22.22 19.52
CA VAL E 406 21.37 23.27 18.89
C VAL E 406 21.13 24.59 19.64
N LEU E 407 22.19 25.28 20.01
CA LEU E 407 22.07 26.43 20.87
C LEU E 407 22.88 27.56 20.30
N GLU E 408 22.55 28.79 20.68
CA GLU E 408 23.30 29.95 20.19
C GLU E 408 23.55 30.87 21.35
N LYS E 409 24.79 31.26 21.58
CA LYS E 409 25.00 32.20 22.70
C LYS E 409 24.56 33.64 22.37
N ILE E 410 23.70 34.22 23.22
CA ILE E 410 23.13 35.60 23.04
C ILE E 410 23.32 36.45 24.31
N HIS F 7 -63.48 27.76 -28.31
CA HIS F 7 -62.89 28.82 -27.41
C HIS F 7 -61.44 29.19 -27.81
N PRO F 8 -61.28 30.34 -28.52
CA PRO F 8 -59.96 30.92 -28.74
C PRO F 8 -59.40 31.51 -27.42
N ASN F 9 -58.12 31.86 -27.40
CA ASN F 9 -57.54 32.34 -26.15
C ASN F 9 -57.96 31.49 -24.94
N SER F 10 -57.86 30.18 -25.11
CA SER F 10 -58.12 29.20 -24.03
C SER F 10 -57.08 28.08 -23.97
N ALA F 11 -56.57 27.79 -22.76
CA ALA F 11 -55.59 26.72 -22.56
C ALA F 11 -56.15 25.67 -21.65
N VAL F 12 -55.69 24.43 -21.83
CA VAL F 12 -56.40 23.34 -21.21
C VAL F 12 -55.47 22.27 -20.65
N LEU F 13 -55.61 21.94 -19.36
CA LEU F 13 -54.80 20.83 -18.83
C LEU F 13 -55.38 19.44 -19.26
N ALA F 14 -54.49 18.52 -19.72
CA ALA F 14 -54.91 17.19 -20.14
C ALA F 14 -53.79 16.16 -19.91
N ASP F 15 -54.16 14.87 -19.87
CA ASP F 15 -53.21 13.76 -20.01
C ASP F 15 -52.21 13.67 -18.84
N PHE F 16 -52.75 13.53 -17.63
CA PHE F 16 -51.96 13.41 -16.39
C PHE F 16 -51.41 12.00 -16.33
N ILE F 17 -50.09 11.90 -16.33
CA ILE F 17 -49.37 10.65 -16.27
C ILE F 17 -48.36 10.53 -15.05
N PRO F 18 -48.74 9.85 -13.92
CA PRO F 18 -47.67 9.72 -12.92
C PRO F 18 -46.74 8.55 -13.21
N VAL F 19 -45.61 8.51 -12.52
CA VAL F 19 -44.66 7.46 -12.79
C VAL F 19 -44.17 7.00 -11.43
N GLN F 20 -44.45 5.77 -11.05
CA GLN F 20 -43.98 5.25 -9.76
C GLN F 20 -42.58 4.62 -9.89
N LEU F 21 -41.62 5.14 -9.13
CA LEU F 21 -40.23 4.69 -9.27
C LEU F 21 -39.92 3.65 -8.20
N ALA F 22 -40.67 3.73 -7.11
CA ALA F 22 -40.48 2.79 -6.00
C ALA F 22 -41.83 2.52 -5.29
N LYS F 23 -42.00 1.28 -4.85
CA LYS F 23 -43.18 0.84 -4.14
C LYS F 23 -43.29 1.57 -2.84
N PRO F 24 -44.43 2.21 -2.61
CA PRO F 24 -44.70 2.97 -1.40
C PRO F 24 -44.34 2.11 -0.21
N VAL F 25 -43.80 2.69 0.82
CA VAL F 25 -43.58 1.99 2.09
C VAL F 25 -44.62 2.45 3.10
N PRO F 26 -45.22 1.51 3.85
CA PRO F 26 -46.28 1.79 4.82
C PRO F 26 -45.74 2.76 5.86
N GLN F 27 -46.59 3.65 6.36
CA GLN F 27 -46.12 4.66 7.30
C GLN F 27 -45.36 4.06 8.49
N ARG F 28 -45.93 2.99 9.02
CA ARG F 28 -45.50 2.54 10.37
C ARG F 28 -44.02 2.22 10.34
N ILE F 29 -43.56 1.50 9.28
CA ILE F 29 -42.12 1.15 9.15
C ILE F 29 -41.20 2.37 8.93
N THR F 30 -41.65 3.37 8.16
CA THR F 30 -40.85 4.56 8.03
C THR F 30 -40.68 5.34 9.32
N LEU F 31 -41.67 5.28 10.22
CA LEU F 31 -41.54 5.92 11.53
C LEU F 31 -40.56 5.16 12.41
N GLU F 32 -40.68 3.81 12.45
CA GLU F 32 -39.77 3.04 13.30
C GLU F 32 -38.35 3.23 12.83
N LEU F 33 -38.13 3.09 11.52
CA LEU F 33 -36.76 3.16 11.03
C LEU F 33 -36.18 4.59 11.09
N THR F 34 -37.04 5.61 10.91
CA THR F 34 -36.59 7.02 10.99
C THR F 34 -36.16 7.38 12.45
N ALA F 35 -37.04 7.04 13.40
CA ALA F 35 -36.68 7.21 14.81
C ALA F 35 -35.30 6.60 15.03
N TYR F 36 -35.16 5.30 14.80
CA TYR F 36 -33.90 4.61 14.80
C TYR F 36 -32.75 5.38 14.19
N GLY F 37 -32.96 5.93 13.01
CA GLY F 37 -31.89 6.69 12.34
C GLY F 37 -31.53 7.98 13.06
N PHE F 38 -32.53 8.71 13.57
CA PHE F 38 -32.27 9.96 14.25
C PHE F 38 -31.39 9.64 15.48
N ALA F 39 -31.71 8.54 16.17
CA ALA F 39 -30.98 8.13 17.36
C ALA F 39 -29.54 7.72 17.06
N ARG F 40 -29.33 6.87 16.04
CA ARG F 40 -27.97 6.53 15.67
C ARG F 40 -27.19 7.76 15.24
N ALA F 41 -27.82 8.64 14.47
CA ALA F 41 -27.19 9.86 14.05
C ALA F 41 -26.79 10.75 15.21
N HIS F 42 -27.65 10.91 16.21
CA HIS F 42 -27.36 11.79 17.32
C HIS F 42 -26.10 11.20 17.97
N CYS F 43 -26.10 9.88 18.17
CA CYS F 43 -24.93 9.28 18.82
C CYS F 43 -23.66 9.37 17.94
N LEU F 44 -23.74 9.07 16.65
CA LEU F 44 -22.52 9.22 15.82
C LEU F 44 -21.99 10.64 15.95
N SER F 45 -22.84 11.58 15.57
CA SER F 45 -22.53 12.99 15.74
C SER F 45 -21.79 13.26 17.02
N ASN F 46 -22.32 12.78 18.13
CA ASN F 46 -21.68 13.03 19.45
C ASN F 46 -20.55 12.08 19.82
N GLY F 47 -20.20 11.20 18.88
CA GLY F 47 -19.26 10.13 19.16
C GLY F 47 -19.66 9.46 20.45
N ILE F 48 -20.94 9.14 20.62
CA ILE F 48 -21.32 8.35 21.79
C ILE F 48 -21.35 6.89 21.28
N THR F 49 -20.55 6.03 21.92
CA THR F 49 -20.41 4.68 21.45
C THR F 49 -20.88 3.73 22.52
N ASP F 50 -21.27 4.24 23.69
CA ASP F 50 -21.73 3.38 24.78
C ASP F 50 -23.14 2.91 24.36
N GLU F 51 -23.36 1.58 24.34
CA GLU F 51 -24.68 0.98 24.03
C GLU F 51 -25.83 1.45 24.99
N GLU F 52 -25.60 1.54 26.29
CA GLU F 52 -26.63 2.14 27.19
C GLU F 52 -26.92 3.64 26.82
N GLY F 53 -25.88 4.38 26.48
CA GLY F 53 -26.11 5.75 26.11
C GLY F 53 -27.01 5.71 24.86
N PHE F 54 -26.77 4.76 23.95
CA PHE F 54 -27.66 4.65 22.73
C PHE F 54 -29.11 4.40 23.15
N VAL F 55 -29.26 3.53 24.14
CA VAL F 55 -30.60 3.18 24.64
C VAL F 55 -31.36 4.39 25.11
N GLN F 56 -30.70 5.33 25.77
CA GLN F 56 -31.44 6.46 26.35
C GLN F 56 -31.79 7.48 25.30
N VAL F 57 -30.84 7.77 24.41
CA VAL F 57 -31.15 8.67 23.30
C VAL F 57 -32.36 8.06 22.57
N TYR F 58 -32.28 6.76 22.27
CA TYR F 58 -33.20 6.11 21.34
C TYR F 58 -34.60 6.21 21.96
N LYS F 59 -34.66 5.82 23.23
CA LYS F 59 -35.85 6.00 23.99
C LYS F 59 -36.37 7.45 23.91
N THR F 60 -35.49 8.42 23.99
CA THR F 60 -35.91 9.81 23.93
C THR F 60 -36.41 10.19 22.52
N VAL F 61 -35.75 9.68 21.49
CA VAL F 61 -36.14 9.94 20.12
C VAL F 61 -37.48 9.31 19.83
N LYS F 62 -37.65 8.04 20.21
CA LYS F 62 -38.98 7.36 20.05
C LYS F 62 -40.17 8.19 20.62
N GLU F 63 -39.99 8.75 21.81
CA GLU F 63 -40.95 9.64 22.44
C GLU F 63 -41.26 10.90 21.63
N LYS F 64 -40.23 11.53 21.08
CA LYS F 64 -40.47 12.73 20.35
C LYS F 64 -41.28 12.37 19.13
N PHE F 65 -40.96 11.25 18.48
CA PHE F 65 -41.64 10.82 17.28
C PHE F 65 -43.11 10.50 17.59
N ASP F 66 -43.32 9.87 18.74
CA ASP F 66 -44.64 9.44 19.15
C ASP F 66 -45.47 10.69 19.24
N LYS F 67 -44.80 11.76 19.61
CA LYS F 67 -45.53 12.98 19.91
C LYS F 67 -45.71 13.89 18.68
N TYR F 68 -44.74 13.89 17.76
CA TYR F 68 -44.72 14.89 16.74
C TYR F 68 -44.80 14.30 15.35
N ALA F 69 -44.55 13.00 15.23
CA ALA F 69 -44.46 12.43 13.94
C ALA F 69 -45.78 12.40 13.10
N VAL F 70 -45.75 12.72 11.82
CA VAL F 70 -46.99 12.45 11.05
C VAL F 70 -47.37 10.95 11.11
N SER F 71 -48.56 10.66 11.62
CA SER F 71 -48.92 9.28 11.92
C SER F 71 -49.43 8.44 10.73
N PRO F 72 -49.46 7.12 10.98
CA PRO F 72 -49.96 6.17 10.04
C PRO F 72 -51.50 6.33 9.89
N ALA F 73 -52.17 6.94 10.91
CA ALA F 73 -53.58 7.42 10.75
C ALA F 73 -53.68 8.52 9.69
N GLN F 74 -52.57 9.25 9.49
CA GLN F 74 -52.65 10.43 8.70
C GLN F 74 -52.00 10.24 7.34
N ILE F 75 -50.90 9.51 7.29
CA ILE F 75 -50.36 9.12 5.95
C ILE F 75 -50.24 7.60 5.94
N LYS F 76 -50.81 6.91 4.99
CA LYS F 76 -50.70 5.44 5.11
C LYS F 76 -49.38 4.88 4.61
N GLN F 77 -48.89 5.45 3.53
CA GLN F 77 -47.67 4.97 2.93
C GLN F 77 -47.13 6.15 2.15
N ARG F 78 -45.81 6.19 1.96
CA ARG F 78 -45.18 7.19 1.15
C ARG F 78 -44.20 6.58 0.10
N GLN F 79 -44.17 7.13 -1.15
CA GLN F 79 -43.11 6.72 -2.06
C GLN F 79 -41.83 7.43 -1.56
N LEU F 80 -40.85 6.64 -1.15
CA LEU F 80 -39.60 7.21 -0.73
C LEU F 80 -38.45 6.47 -1.40
N VAL F 81 -38.06 6.95 -2.57
CA VAL F 81 -36.94 6.35 -3.28
C VAL F 81 -35.65 6.16 -2.47
N TYR F 82 -35.43 7.03 -1.48
CA TYR F 82 -34.16 7.07 -0.75
C TYR F 82 -34.31 6.48 0.69
N PHE F 83 -35.45 5.84 0.90
CA PHE F 83 -35.73 4.93 2.04
C PHE F 83 -35.45 3.44 1.64
N PRO F 84 -34.78 2.67 2.50
CA PRO F 84 -34.58 1.29 2.04
C PRO F 84 -35.89 0.49 1.74
N LYS F 85 -35.82 -0.40 0.76
CA LYS F 85 -36.93 -1.31 0.44
C LYS F 85 -37.16 -2.22 1.65
N LEU F 86 -38.41 -2.61 1.96
CA LEU F 86 -38.65 -3.63 3.03
C LEU F 86 -37.69 -4.80 2.97
N THR F 87 -37.64 -5.42 1.79
CA THR F 87 -36.78 -6.58 1.62
C THR F 87 -35.40 -6.38 2.25
N ASP F 88 -34.88 -5.16 2.20
CA ASP F 88 -33.53 -4.94 2.68
C ASP F 88 -33.47 -4.72 4.19
N ILE F 89 -34.61 -4.71 4.83
CA ILE F 89 -34.61 -4.32 6.22
C ILE F 89 -34.42 -5.54 7.13
N ARG F 90 -33.30 -5.59 7.80
CA ARG F 90 -33.02 -6.68 8.71
C ARG F 90 -33.09 -6.21 10.15
N PHE F 91 -33.40 -7.15 11.02
CA PHE F 91 -33.43 -6.91 12.46
C PHE F 91 -33.32 -8.27 13.10
N ASN F 95 -32.62 -3.04 17.55
CA ASN F 95 -31.81 -2.62 16.42
C ASN F 95 -32.06 -3.20 15.00
N PHE F 96 -32.25 -2.28 14.11
CA PHE F 96 -32.42 -2.62 12.74
C PHE F 96 -31.05 -2.71 12.09
N ASP F 97 -30.96 -3.45 10.99
CA ASP F 97 -29.76 -3.32 10.19
C ASP F 97 -30.18 -3.23 8.72
N ILE F 98 -29.46 -2.43 7.94
CA ILE F 98 -29.76 -2.28 6.54
C ILE F 98 -28.74 -3.06 5.73
N ALA F 99 -29.22 -3.96 4.87
CA ALA F 99 -28.32 -4.59 3.88
C ALA F 99 -27.59 -3.54 3.03
N ASP F 100 -26.32 -3.79 2.66
CA ASP F 100 -25.59 -2.91 1.72
C ASP F 100 -26.25 -2.94 0.34
N PRO F 101 -26.15 -1.85 -0.43
CA PRO F 101 -26.86 -1.94 -1.70
C PRO F 101 -26.16 -2.88 -2.70
N GLU F 102 -26.92 -3.39 -3.65
CA GLU F 102 -26.32 -3.87 -4.89
C GLU F 102 -25.53 -2.66 -5.40
N PRO F 103 -24.27 -2.86 -5.86
CA PRO F 103 -23.34 -1.76 -6.10
C PRO F 103 -23.87 -0.73 -7.08
N ASP F 104 -24.73 -1.20 -7.98
CA ASP F 104 -25.43 -0.42 -8.98
C ASP F 104 -26.66 0.30 -8.40
N GLN F 105 -27.01 -0.01 -7.16
CA GLN F 105 -28.08 0.74 -6.43
C GLN F 105 -27.51 1.61 -5.30
N ALA F 106 -26.19 1.80 -5.33
CA ALA F 106 -25.46 2.53 -4.30
C ALA F 106 -25.89 4.01 -4.16
N HIS F 107 -26.14 4.65 -5.31
CA HIS F 107 -26.60 6.04 -5.36
C HIS F 107 -27.97 6.18 -4.66
N LEU F 108 -28.69 5.08 -4.43
CA LEU F 108 -29.92 5.19 -3.59
C LEU F 108 -29.62 5.24 -2.08
N ARG F 109 -28.36 5.06 -1.67
CA ARG F 109 -28.05 5.17 -0.24
C ARG F 109 -27.43 6.53 0.00
N LEU F 110 -28.22 7.48 0.47
CA LEU F 110 -27.75 8.86 0.72
C LEU F 110 -27.55 9.11 2.22
N PHE F 111 -28.05 8.22 3.06
CA PHE F 111 -27.83 8.39 4.52
C PHE F 111 -26.74 7.46 4.96
N ASP F 112 -26.28 7.59 6.21
CA ASP F 112 -25.15 6.81 6.69
C ASP F 112 -25.37 6.83 8.19
N ILE F 113 -25.47 5.65 8.78
CA ILE F 113 -25.74 5.62 10.22
C ILE F 113 -24.69 4.79 10.87
N LYS F 114 -23.49 4.79 10.30
CA LYS F 114 -22.38 3.99 10.77
C LYS F 114 -21.14 4.83 10.75
N LYS F 115 -20.94 5.66 9.73
CA LYS F 115 -19.80 6.56 9.81
C LYS F 115 -20.11 8.06 9.88
N ASP F 116 -20.50 8.70 8.77
CA ASP F 116 -20.82 10.14 8.82
C ASP F 116 -22.34 10.41 8.77
N PRO F 117 -22.94 10.81 9.92
CA PRO F 117 -24.40 10.88 10.10
C PRO F 117 -25.00 11.98 9.29
N ARG F 118 -24.14 12.82 8.73
CA ARG F 118 -24.54 13.80 7.71
C ARG F 118 -24.89 13.11 6.38
N GLY F 119 -24.36 11.90 6.17
CA GLY F 119 -24.62 11.18 4.90
C GLY F 119 -24.03 11.83 3.64
N ALA F 120 -24.62 11.52 2.48
CA ALA F 120 -24.07 11.97 1.20
C ALA F 120 -23.92 13.49 1.16
N ASP F 121 -22.89 14.02 0.52
CA ASP F 121 -22.86 15.46 0.38
C ASP F 121 -23.77 15.94 -0.73
N LEU F 122 -23.99 17.25 -0.87
CA LEU F 122 -24.98 17.73 -1.85
C LEU F 122 -24.65 17.34 -3.29
N LYS F 123 -23.36 17.36 -3.61
CA LYS F 123 -22.88 16.99 -4.98
C LYS F 123 -23.31 15.54 -5.31
N THR F 124 -23.00 14.62 -4.38
CA THR F 124 -23.35 13.21 -4.47
C THR F 124 -24.86 13.06 -4.63
N ARG F 125 -25.65 13.87 -3.88
CA ARG F 125 -27.10 13.74 -3.89
C ARG F 125 -27.61 14.28 -5.21
N HIS F 126 -26.95 15.32 -5.72
CA HIS F 126 -27.41 15.86 -6.98
C HIS F 126 -27.12 14.85 -8.08
N GLU F 127 -25.93 14.24 -8.04
CA GLU F 127 -25.63 13.25 -9.10
C GLU F 127 -26.56 12.06 -9.03
N SER F 128 -26.84 11.59 -7.81
CA SER F 128 -27.90 10.58 -7.65
C SER F 128 -29.30 11.06 -8.13
N TYR F 129 -29.75 12.25 -7.74
CA TYR F 129 -31.01 12.84 -8.32
C TYR F 129 -31.00 12.84 -9.87
N ALA F 130 -29.88 13.19 -10.46
CA ALA F 130 -29.80 13.31 -11.95
C ALA F 130 -29.96 11.86 -12.54
N LYS F 131 -29.36 10.88 -11.85
CA LYS F 131 -29.47 9.49 -12.35
C LYS F 131 -30.91 8.92 -12.21
N VAL F 132 -31.55 9.16 -11.07
CA VAL F 132 -32.89 8.65 -10.83
C VAL F 132 -33.92 9.34 -11.73
N VAL F 133 -33.85 10.65 -11.78
CA VAL F 133 -34.82 11.44 -12.54
C VAL F 133 -34.70 11.21 -14.07
N GLY F 134 -33.46 11.00 -14.52
CA GLY F 134 -33.21 10.70 -15.96
C GLY F 134 -33.95 9.45 -16.43
N LYS F 135 -33.90 8.43 -15.60
CA LYS F 135 -34.74 7.26 -15.86
C LYS F 135 -36.25 7.48 -15.57
N GLY F 136 -36.63 8.19 -14.51
CA GLY F 136 -38.09 8.39 -14.33
C GLY F 136 -38.53 9.17 -15.56
N LEU F 137 -37.69 10.07 -16.04
CA LEU F 137 -38.15 10.89 -17.19
C LEU F 137 -38.37 10.10 -18.53
N GLU F 138 -37.48 9.13 -18.80
CA GLU F 138 -37.62 8.27 -19.96
C GLU F 138 -38.92 7.53 -19.82
N GLN F 139 -39.24 7.04 -18.59
CA GLN F 139 -40.54 6.40 -18.39
C GLN F 139 -41.72 7.35 -18.67
N MET F 140 -41.62 8.60 -18.16
CA MET F 140 -42.71 9.56 -18.23
C MET F 140 -43.10 9.84 -19.68
N PHE F 141 -42.09 10.01 -20.55
CA PHE F 141 -42.25 10.43 -21.97
C PHE F 141 -42.22 9.25 -22.92
N GLU F 142 -42.14 8.06 -22.31
CA GLU F 142 -42.13 6.84 -23.12
C GLU F 142 -43.25 6.79 -24.15
N GLY F 143 -44.44 7.27 -23.82
CA GLY F 143 -45.57 7.21 -24.72
C GLY F 143 -45.71 8.47 -25.56
N THR F 144 -44.74 9.39 -25.49
CA THR F 144 -44.88 10.64 -26.27
C THR F 144 -44.21 10.42 -27.58
N LEU F 145 -44.87 10.82 -28.67
CA LEU F 145 -44.35 10.67 -30.02
C LEU F 145 -44.00 12.03 -30.63
N GLU F 146 -44.85 13.02 -30.38
CA GLU F 146 -44.70 14.35 -30.92
C GLU F 146 -44.06 15.16 -29.80
N ALA F 147 -42.84 15.67 -30.06
CA ALA F 147 -42.13 16.54 -29.13
C ALA F 147 -43.01 17.73 -28.73
N PRO F 148 -42.93 18.14 -27.45
CA PRO F 148 -43.74 19.32 -27.09
C PRO F 148 -43.09 20.61 -27.63
N ASP F 149 -43.88 21.63 -27.98
CA ASP F 149 -43.34 23.00 -28.27
C ASP F 149 -42.53 23.53 -27.07
N ASP F 150 -43.01 23.30 -25.85
CA ASP F 150 -42.25 23.69 -24.70
C ASP F 150 -42.26 22.55 -23.72
N LEU F 151 -41.21 22.43 -22.91
CA LEU F 151 -41.26 21.48 -21.80
C LEU F 151 -40.80 22.25 -20.56
N ILE F 152 -41.67 22.31 -19.55
CA ILE F 152 -41.37 22.94 -18.30
C ILE F 152 -40.98 21.81 -17.30
N HIS F 153 -39.83 21.99 -16.65
CA HIS F 153 -39.35 21.08 -15.63
C HIS F 153 -39.60 21.72 -14.28
N VAL F 154 -40.33 21.04 -13.44
CA VAL F 154 -40.73 21.68 -12.24
C VAL F 154 -40.09 20.90 -11.05
N THR F 155 -39.31 21.55 -10.18
CA THR F 155 -38.77 20.75 -9.00
C THR F 155 -38.31 21.70 -7.92
N CYS F 156 -38.31 21.28 -6.64
CA CYS F 156 -37.55 22.09 -5.66
C CYS F 156 -36.64 21.19 -4.90
N SER F 157 -36.26 20.07 -5.52
CA SER F 157 -35.48 19.04 -4.89
C SER F 157 -34.23 18.59 -5.63
N GLY F 158 -33.92 19.20 -6.77
CA GLY F 158 -32.58 19.04 -7.29
C GLY F 158 -32.31 20.00 -8.43
N TYR F 159 -31.16 20.67 -8.40
CA TYR F 159 -30.91 21.75 -9.32
C TYR F 159 -29.61 21.44 -10.01
N LEU F 160 -29.67 21.08 -11.30
CA LEU F 160 -28.44 20.85 -12.12
C LEU F 160 -28.57 21.55 -13.47
N ALA F 161 -27.43 21.92 -14.05
CA ALA F 161 -27.46 22.42 -15.43
C ALA F 161 -26.33 21.74 -16.18
N PRO F 162 -26.62 21.16 -17.36
CA PRO F 162 -27.97 21.04 -17.92
C PRO F 162 -28.81 20.21 -17.02
N SER F 163 -30.10 20.45 -16.93
CA SER F 163 -30.89 19.54 -16.07
C SER F 163 -31.16 18.13 -16.62
N PRO F 164 -31.77 17.27 -15.78
CA PRO F 164 -32.25 16.02 -16.32
C PRO F 164 -33.29 16.23 -17.44
N ALA F 165 -34.12 17.27 -17.34
CA ALA F 165 -35.15 17.54 -18.42
C ALA F 165 -34.49 17.95 -19.74
N GLU F 166 -33.48 18.82 -19.61
CA GLU F 166 -32.60 19.22 -20.71
C GLU F 166 -31.86 18.07 -21.43
N ARG F 167 -31.26 17.17 -20.63
CA ARG F 167 -30.64 15.96 -21.16
C ARG F 167 -31.60 15.03 -21.94
N MET F 168 -32.83 14.86 -21.43
CA MET F 168 -33.83 13.99 -22.07
C MET F 168 -34.26 14.55 -23.43
N VAL F 169 -34.56 15.86 -23.42
CA VAL F 169 -35.00 16.55 -24.68
C VAL F 169 -33.88 16.36 -25.70
N ALA F 170 -32.60 16.52 -25.29
CA ALA F 170 -31.46 16.37 -26.25
C ALA F 170 -31.38 14.91 -26.69
N ASP F 171 -31.51 14.01 -25.71
CA ASP F 171 -31.63 12.56 -25.97
C ASP F 171 -32.71 12.16 -27.00
N ARG F 172 -33.87 12.80 -26.96
CA ARG F 172 -34.92 12.45 -27.91
C ARG F 172 -34.72 13.11 -29.26
N GLY F 173 -33.69 13.93 -29.41
CA GLY F 173 -33.52 14.70 -30.64
C GLY F 173 -34.51 15.85 -30.78
N TRP F 174 -35.03 16.36 -29.67
CA TRP F 174 -36.10 17.35 -29.80
C TRP F 174 -35.51 18.75 -29.82
N PHE F 175 -34.79 19.05 -30.89
CA PHE F 175 -34.04 20.28 -30.96
C PHE F 175 -34.93 21.49 -31.43
N GLU F 176 -36.25 21.35 -31.34
CA GLU F 176 -37.15 22.48 -31.68
C GLU F 176 -38.05 22.82 -30.47
N THR F 177 -37.69 22.24 -29.33
CA THR F 177 -38.52 22.32 -28.11
C THR F 177 -37.83 23.21 -27.06
N THR F 178 -38.52 24.27 -26.64
CA THR F 178 -37.93 25.20 -25.68
C THR F 178 -37.99 24.60 -24.26
N VAL F 179 -36.86 24.49 -23.55
CA VAL F 179 -36.87 24.02 -22.09
C VAL F 179 -36.80 25.24 -21.10
N THR F 180 -37.80 25.30 -20.24
CA THR F 180 -37.88 26.27 -19.14
C THR F 180 -37.78 25.57 -17.77
N HIS F 181 -36.95 26.10 -16.90
CA HIS F 181 -36.81 25.55 -15.55
C HIS F 181 -37.74 26.39 -14.71
N SER F 182 -38.61 25.75 -13.94
CA SER F 182 -39.56 26.40 -13.04
C SER F 182 -39.23 25.81 -11.61
N TYR F 183 -38.30 26.43 -10.87
CA TYR F 183 -37.59 25.76 -9.84
C TYR F 183 -37.75 26.62 -8.57
N ASN F 184 -37.64 26.00 -7.40
CA ASN F 184 -37.68 26.79 -6.15
C ASN F 184 -38.95 27.58 -5.90
N MET F 185 -40.07 27.00 -6.34
CA MET F 185 -41.34 27.54 -5.92
C MET F 185 -42.14 26.48 -5.20
N GLY F 186 -41.38 25.69 -4.43
CA GLY F 186 -41.92 24.79 -3.42
C GLY F 186 -43.12 23.92 -3.78
N CYS F 187 -43.99 23.75 -2.75
CA CYS F 187 -45.17 22.89 -2.81
C CYS F 187 -46.19 23.34 -3.88
N TYR F 188 -46.23 24.66 -4.15
CA TYR F 188 -47.21 25.25 -5.08
C TYR F 188 -46.69 25.22 -6.49
N GLY F 189 -45.63 24.46 -6.70
CA GLY F 189 -44.83 24.58 -7.93
C GLY F 189 -45.68 24.45 -9.18
N ALA F 190 -46.81 23.73 -9.07
CA ALA F 190 -47.66 23.51 -10.31
C ALA F 190 -48.28 24.83 -10.86
N PHE F 191 -48.74 25.71 -9.93
CA PHE F 191 -49.34 27.02 -10.23
C PHE F 191 -48.51 27.92 -11.22
N PRO F 192 -47.27 28.26 -10.84
CA PRO F 192 -46.42 29.07 -11.73
C PRO F 192 -46.05 28.31 -12.99
N ALA F 193 -45.81 26.99 -12.90
CA ALA F 193 -45.58 26.23 -14.19
C ALA F 193 -46.78 26.35 -15.16
N ILE F 194 -47.98 26.32 -14.58
CA ILE F 194 -49.17 26.44 -15.42
C ILE F 194 -49.35 27.88 -15.98
N LYS F 195 -49.12 28.86 -15.11
CA LYS F 195 -49.02 30.25 -15.52
C LYS F 195 -48.02 30.32 -16.67
N MET F 196 -46.80 29.80 -16.49
CA MET F 196 -45.85 29.83 -17.65
C MET F 196 -46.41 29.21 -18.94
N ALA F 197 -47.07 28.08 -18.82
CA ALA F 197 -47.58 27.40 -20.01
C ALA F 197 -48.74 28.18 -20.64
N HIS F 198 -49.61 28.73 -19.79
CA HIS F 198 -50.71 29.53 -20.28
C HIS F 198 -50.07 30.72 -21.07
N GLY F 199 -49.03 31.33 -20.47
CA GLY F 199 -48.40 32.42 -21.14
C GLY F 199 -47.70 31.98 -22.40
N MET F 200 -47.14 30.75 -22.41
CA MET F 200 -46.49 30.30 -23.66
C MET F 200 -47.47 30.34 -24.88
N LEU F 201 -48.68 29.80 -24.70
CA LEU F 201 -49.71 29.81 -25.78
C LEU F 201 -50.19 31.22 -26.13
N ALA F 202 -50.34 32.07 -25.11
CA ALA F 202 -50.76 33.45 -25.32
C ALA F 202 -49.71 34.22 -26.14
N SER F 203 -48.43 34.03 -25.79
CA SER F 203 -47.31 34.63 -26.62
C SER F 203 -47.32 34.15 -28.04
N ALA F 204 -47.53 32.83 -28.19
CA ALA F 204 -47.66 32.25 -29.49
C ALA F 204 -48.68 33.09 -30.30
N GLN F 205 -49.85 33.24 -29.69
CA GLN F 205 -50.99 33.94 -30.23
C GLN F 205 -50.73 35.39 -30.52
N TRP F 206 -50.00 36.04 -29.60
CA TRP F 206 -49.56 37.41 -29.81
C TRP F 206 -48.65 37.41 -31.01
N GLY F 207 -48.02 36.28 -31.30
CA GLY F 207 -47.31 36.22 -32.60
C GLY F 207 -45.85 36.33 -32.33
N ALA F 208 -45.47 36.24 -31.04
CA ALA F 208 -44.08 36.36 -30.59
C ALA F 208 -43.26 35.11 -30.98
N THR F 209 -43.95 33.97 -31.09
CA THR F 209 -43.38 32.74 -31.62
C THR F 209 -44.41 32.20 -32.64
N PRO F 210 -43.95 31.33 -33.58
CA PRO F 210 -44.81 30.56 -34.52
C PRO F 210 -45.88 29.85 -33.66
N PRO F 211 -47.06 29.52 -34.23
CA PRO F 211 -48.10 28.84 -33.43
C PRO F 211 -47.59 27.69 -32.55
N LYS F 212 -48.21 27.41 -31.42
CA LYS F 212 -47.80 26.26 -30.61
C LYS F 212 -49.05 25.41 -30.32
N THR F 213 -48.84 24.10 -30.17
CA THR F 213 -49.97 23.16 -30.09
C THR F 213 -49.85 22.37 -28.77
N ARG F 214 -48.68 22.43 -28.13
CA ARG F 214 -48.58 21.73 -26.84
C ARG F 214 -47.36 22.08 -26.00
N VAL F 215 -47.62 22.22 -24.67
CA VAL F 215 -46.56 22.42 -23.68
C VAL F 215 -46.76 21.27 -22.69
N ASP F 216 -45.66 20.74 -22.16
CA ASP F 216 -45.69 19.59 -21.28
C ASP F 216 -44.93 20.11 -20.08
N ILE F 217 -45.41 19.65 -18.93
CA ILE F 217 -44.93 20.10 -17.66
C ILE F 217 -44.51 18.82 -16.95
N ALA F 218 -43.26 18.74 -16.50
CA ALA F 218 -42.86 17.51 -15.84
C ALA F 218 -42.39 17.84 -14.46
N HIS F 219 -43.10 17.31 -13.48
CA HIS F 219 -42.72 17.43 -12.08
C HIS F 219 -41.81 16.27 -11.70
N THR F 220 -40.70 16.57 -11.01
CA THR F 220 -39.87 15.51 -10.49
C THR F 220 -39.45 15.97 -9.10
N GLU F 221 -40.18 15.46 -8.10
CA GLU F 221 -39.90 15.81 -6.70
C GLU F 221 -39.37 14.59 -6.01
N LEU F 222 -38.15 14.69 -5.52
CA LEU F 222 -37.54 13.62 -4.69
C LEU F 222 -37.20 14.22 -3.32
N MET F 223 -38.23 14.46 -2.52
CA MET F 223 -38.04 14.99 -1.19
C MET F 223 -37.18 14.13 -0.29
N SER F 224 -37.21 12.83 -0.51
CA SER F 224 -36.52 11.90 0.39
C SER F 224 -35.01 11.96 0.13
N ALA F 225 -34.62 12.49 -1.03
CA ALA F 225 -33.22 12.76 -1.27
C ALA F 225 -32.70 13.71 -0.17
N HIS F 226 -33.58 14.48 0.41
CA HIS F 226 -33.14 15.53 1.32
C HIS F 226 -33.28 15.07 2.75
N ASN F 227 -33.45 13.78 2.94
CA ASN F 227 -33.46 13.34 4.36
C ASN F 227 -32.34 13.93 5.17
N ASN F 228 -32.67 14.23 6.44
CA ASN F 228 -31.84 14.94 7.37
C ASN F 228 -32.13 14.27 8.68
N ILE F 229 -31.29 13.35 9.08
CA ILE F 229 -31.53 12.62 10.31
C ILE F 229 -30.62 13.12 11.42
N ALA F 230 -29.74 14.07 11.10
CA ALA F 230 -28.78 14.56 12.13
C ALA F 230 -29.37 15.70 12.96
N GLU F 231 -30.49 16.29 12.54
CA GLU F 231 -31.08 17.29 13.41
C GLU F 231 -32.34 16.77 14.01
N SER F 232 -32.39 16.74 15.33
CA SER F 232 -33.60 16.25 15.98
C SER F 232 -34.51 17.32 16.54
N ARG F 233 -34.35 18.56 16.09
CA ARG F 233 -35.33 19.57 16.39
C ARG F 233 -36.70 19.06 15.92
N VAL F 234 -37.75 19.48 16.60
CA VAL F 234 -39.09 19.13 16.20
C VAL F 234 -39.54 19.31 14.76
N ASP F 235 -39.30 20.47 14.17
CA ASP F 235 -39.86 20.64 12.86
C ASP F 235 -39.24 19.67 11.89
N ASN F 236 -38.11 19.09 12.26
CA ASN F 236 -37.46 18.20 11.33
C ASN F 236 -38.02 16.77 11.41
N ILE F 237 -38.32 16.31 12.62
CA ILE F 237 -39.20 15.14 12.76
C ILE F 237 -40.49 15.34 11.93
N ILE F 238 -41.14 16.47 12.06
CA ILE F 238 -42.31 16.62 11.21
C ILE F 238 -41.93 16.45 9.74
N SER F 239 -40.96 17.21 9.25
CA SER F 239 -40.66 17.19 7.83
C SER F 239 -40.35 15.82 7.43
N ALA F 240 -39.53 15.18 8.25
CA ALA F 240 -39.02 13.88 7.88
C ALA F 240 -40.17 12.87 7.62
N THR F 241 -41.27 13.02 8.31
CA THR F 241 -42.29 11.98 8.26
C THR F 241 -43.51 12.40 7.41
N LEU F 242 -43.39 13.57 6.78
CA LEU F 242 -44.54 14.23 6.09
C LEU F 242 -44.32 14.15 4.57
N PHE F 243 -43.09 14.36 4.15
CA PHE F 243 -42.80 14.58 2.71
C PHE F 243 -42.53 13.27 2.00
N SER F 244 -42.91 13.24 0.73
CA SER F 244 -42.79 12.05 -0.10
C SER F 244 -42.37 12.38 -1.56
N ASP F 245 -42.15 11.37 -2.37
CA ASP F 245 -41.65 11.66 -3.72
C ASP F 245 -42.79 11.54 -4.70
N GLY F 246 -42.74 12.21 -5.86
CA GLY F 246 -43.80 12.02 -6.79
C GLY F 246 -43.30 12.60 -8.11
N LEU F 247 -43.44 11.82 -9.16
CA LEU F 247 -43.12 12.32 -10.47
C LEU F 247 -44.39 12.22 -11.29
N ILE F 248 -44.60 13.18 -12.23
CA ILE F 248 -45.85 13.23 -12.96
C ILE F 248 -45.74 14.31 -13.99
N LYS F 249 -46.32 14.03 -15.12
CA LYS F 249 -46.44 15.04 -16.21
C LYS F 249 -47.91 15.32 -16.52
N TYR F 250 -48.17 16.44 -17.21
CA TYR F 250 -49.45 16.67 -17.89
C TYR F 250 -49.16 17.72 -18.94
N SER F 251 -50.13 17.98 -19.79
CA SER F 251 -49.85 18.90 -20.83
C SER F 251 -50.93 19.98 -20.85
N VAL F 252 -50.58 21.07 -21.51
CA VAL F 252 -51.39 22.23 -21.65
C VAL F 252 -51.46 22.46 -23.18
N TYR F 253 -52.68 22.41 -23.70
CA TYR F 253 -52.98 22.57 -25.13
C TYR F 253 -53.80 23.79 -25.41
N PRO F 254 -53.57 24.44 -26.57
CA PRO F 254 -54.66 25.42 -26.81
C PRO F 254 -55.98 24.62 -26.93
N GLU F 255 -57.13 25.20 -26.62
CA GLU F 255 -58.39 24.40 -26.60
C GLU F 255 -58.78 23.74 -27.96
N ASP F 256 -58.52 24.41 -29.06
CA ASP F 256 -58.96 23.90 -30.38
C ASP F 256 -58.22 22.59 -30.67
N GLU F 257 -56.93 22.57 -30.32
CA GLU F 257 -56.08 21.42 -30.53
C GLU F 257 -56.46 20.22 -29.62
N LEU F 258 -56.87 20.54 -28.40
CA LEU F 258 -57.33 19.51 -27.50
C LEU F 258 -58.58 18.86 -28.14
N ARG F 259 -59.52 19.72 -28.57
CA ARG F 259 -60.71 19.29 -29.33
C ARG F 259 -60.36 18.41 -30.50
N ARG F 260 -59.45 18.90 -31.35
CA ARG F 260 -58.92 18.12 -32.48
C ARG F 260 -58.38 16.78 -32.03
N GLN F 261 -57.69 16.78 -30.92
CA GLN F 261 -57.21 15.56 -30.30
C GLN F 261 -58.37 14.72 -29.71
N GLY F 262 -59.56 15.31 -29.60
CA GLY F 262 -60.72 14.70 -28.92
C GLY F 262 -60.58 14.44 -27.42
N LEU F 263 -59.82 15.27 -26.70
CA LEU F 263 -59.48 15.00 -25.29
C LEU F 263 -60.40 15.64 -24.20
N ARG F 264 -60.73 14.91 -23.15
CA ARG F 264 -61.27 15.60 -21.98
C ARG F 264 -60.17 16.54 -21.45
N GLY F 265 -60.59 17.62 -20.77
CA GLY F 265 -59.66 18.58 -20.21
C GLY F 265 -60.16 19.35 -19.01
N LEU F 266 -59.22 20.09 -18.41
CA LEU F 266 -59.46 21.15 -17.40
C LEU F 266 -59.11 22.55 -17.96
N ARG F 267 -60.14 23.22 -18.50
CA ARG F 267 -59.96 24.52 -19.14
C ARG F 267 -59.53 25.49 -18.06
N ILE F 268 -58.60 26.37 -18.40
CA ILE F 268 -58.12 27.30 -17.41
C ILE F 268 -59.05 28.51 -17.45
N LEU F 269 -59.76 28.81 -16.35
CA LEU F 269 -60.55 30.04 -16.29
C LEU F 269 -59.80 31.19 -15.68
N ALA F 270 -59.08 31.00 -14.54
CA ALA F 270 -58.40 32.14 -13.96
C ALA F 270 -57.17 31.71 -13.16
N MET F 271 -56.27 32.65 -12.80
CA MET F 271 -55.09 32.33 -11.95
C MET F 271 -54.82 33.46 -11.06
N SER F 272 -54.21 33.18 -9.91
CA SER F 272 -53.60 34.24 -9.16
C SER F 272 -52.57 33.66 -8.14
N GLU F 273 -51.72 34.53 -7.63
CA GLU F 273 -50.59 34.16 -6.77
C GLU F 273 -50.01 35.44 -6.16
N HIS F 274 -49.87 35.45 -4.84
CA HIS F 274 -49.16 36.54 -4.20
C HIS F 274 -48.72 36.14 -2.78
N LEU F 275 -47.99 37.03 -2.10
CA LEU F 275 -47.38 36.71 -0.79
C LEU F 275 -48.36 37.02 0.30
N LEU F 276 -48.07 36.51 1.50
CA LEU F 276 -48.90 36.74 2.62
C LEU F 276 -48.02 37.53 3.56
N PRO F 277 -48.58 38.55 4.24
CA PRO F 277 -47.82 39.41 5.19
C PRO F 277 -47.29 38.69 6.43
N ASP F 278 -46.19 39.20 6.97
CA ASP F 278 -45.73 38.77 8.29
C ASP F 278 -45.51 37.27 8.42
N SER F 279 -44.75 36.64 7.49
CA SER F 279 -44.71 35.18 7.43
C SER F 279 -43.45 34.59 6.81
N ALA F 280 -42.56 35.44 6.31
CA ALA F 280 -41.42 35.02 5.46
C ALA F 280 -40.61 33.98 6.17
N ASP F 281 -40.39 34.23 7.46
CA ASP F 281 -39.58 33.32 8.26
C ASP F 281 -40.24 32.02 8.70
N THR F 282 -41.51 31.84 8.39
CA THR F 282 -42.23 30.69 8.94
C THR F 282 -42.04 29.37 8.17
N MET F 283 -41.36 29.39 7.03
CA MET F 283 -41.22 28.20 6.18
C MET F 283 -40.04 28.49 5.23
N THR F 284 -38.94 27.77 5.44
CA THR F 284 -37.65 28.08 4.74
C THR F 284 -37.02 26.80 4.24
N TRP F 285 -36.22 26.92 3.20
CA TRP F 285 -35.81 25.76 2.43
C TRP F 285 -34.58 26.28 1.73
N VAL F 286 -33.42 25.85 2.21
CA VAL F 286 -32.16 26.41 1.75
C VAL F 286 -31.08 25.34 1.49
N PRO F 287 -30.51 25.30 0.26
CA PRO F 287 -29.43 24.33 0.05
C PRO F 287 -28.21 24.53 0.96
N GLY F 288 -27.79 23.47 1.64
CA GLY F 288 -26.55 23.44 2.47
C GLY F 288 -25.54 22.40 1.97
N SER F 289 -24.52 22.05 2.77
CA SER F 289 -23.51 21.16 2.26
C SER F 289 -23.98 19.72 1.87
N HIS F 290 -25.08 19.24 2.49
CA HIS F 290 -25.50 17.85 2.30
C HIS F 290 -26.91 17.70 1.73
N GLN F 291 -27.84 18.56 2.08
CA GLN F 291 -29.21 18.50 1.54
C GLN F 291 -29.83 19.89 1.52
N PHE F 292 -30.98 20.05 0.88
CA PHE F 292 -31.80 21.23 1.13
C PHE F 292 -32.40 21.11 2.53
N VAL F 293 -32.26 22.16 3.34
CA VAL F 293 -32.63 22.14 4.75
C VAL F 293 -33.86 22.98 4.95
N MET F 294 -34.78 22.42 5.72
CA MET F 294 -36.12 22.97 5.96
C MET F 294 -36.21 23.41 7.40
N THR F 295 -36.90 24.52 7.64
CA THR F 295 -37.43 24.91 8.93
C THR F 295 -38.93 25.14 8.67
N LEU F 296 -39.74 24.77 9.63
CA LEU F 296 -41.20 24.85 9.44
C LEU F 296 -41.73 25.34 10.76
N SER F 297 -42.35 26.52 10.80
CA SER F 297 -42.93 26.97 12.08
C SER F 297 -44.39 26.50 12.28
N PRO F 298 -44.77 26.30 13.55
CA PRO F 298 -46.12 25.85 13.82
C PRO F 298 -47.18 26.93 13.53
N LEU F 299 -46.77 28.19 13.32
CA LEU F 299 -47.72 29.28 12.97
C LEU F 299 -48.25 29.20 11.49
N VAL F 300 -47.63 28.37 10.67
CA VAL F 300 -48.11 28.33 9.28
C VAL F 300 -49.63 28.12 9.11
N PRO F 301 -50.21 27.11 9.81
CA PRO F 301 -51.67 26.88 9.57
C PRO F 301 -52.56 28.11 9.88
N ALA F 302 -52.28 28.79 11.00
CA ALA F 302 -52.96 30.02 11.39
C ALA F 302 -52.91 31.11 10.33
N ILE F 303 -51.72 31.32 9.75
CA ILE F 303 -51.47 32.42 8.90
C ILE F 303 -52.27 32.12 7.62
N ILE F 304 -52.18 30.89 7.12
CA ILE F 304 -52.92 30.51 5.91
C ILE F 304 -54.43 30.74 6.14
N LYS F 305 -54.89 30.30 7.29
CA LYS F 305 -56.32 30.32 7.61
C LYS F 305 -56.74 31.80 7.66
N ARG F 306 -55.88 32.61 8.28
CA ARG F 306 -56.15 34.05 8.37
C ARG F 306 -56.36 34.69 6.97
N HIS F 307 -55.64 34.28 5.94
CA HIS F 307 -55.80 34.98 4.64
C HIS F 307 -56.61 34.30 3.51
N VAL F 308 -56.88 33.01 3.65
CA VAL F 308 -57.36 32.19 2.52
C VAL F 308 -58.72 32.70 1.93
N ARG F 309 -59.57 33.35 2.74
CA ARG F 309 -60.92 33.74 2.23
C ARG F 309 -60.91 34.91 1.26
N ALA F 310 -60.29 36.02 1.72
CA ALA F 310 -59.98 37.12 0.82
C ALA F 310 -59.37 36.57 -0.50
N PHE F 311 -58.38 35.71 -0.35
CA PHE F 311 -57.71 35.10 -1.53
C PHE F 311 -58.67 34.31 -2.45
N ALA F 312 -59.46 33.43 -1.83
CA ALA F 312 -60.47 32.67 -2.54
C ALA F 312 -61.56 33.56 -3.20
N VAL F 313 -62.01 34.58 -2.47
CA VAL F 313 -62.97 35.48 -3.01
C VAL F 313 -62.38 36.13 -4.26
N ASP F 314 -61.17 36.69 -4.13
CA ASP F 314 -60.63 37.38 -5.27
C ASP F 314 -60.38 36.39 -6.44
N LEU F 315 -59.92 35.16 -6.12
CA LEU F 315 -59.70 34.12 -7.15
C LEU F 315 -60.99 33.90 -8.01
N LEU F 316 -62.11 33.57 -7.38
CA LEU F 316 -63.34 33.32 -8.17
C LEU F 316 -63.81 34.58 -8.91
N ARG F 317 -63.68 35.74 -8.23
CA ARG F 317 -63.91 37.05 -8.85
C ARG F 317 -63.18 37.14 -10.19
N ARG F 318 -61.91 36.81 -10.17
CA ARG F 318 -61.10 36.56 -11.39
C ARG F 318 -61.72 35.64 -12.51
N ALA F 319 -62.34 34.54 -12.14
CA ALA F 319 -62.98 33.68 -13.15
C ALA F 319 -64.40 34.19 -13.46
N GLY F 320 -64.68 35.45 -13.11
CA GLY F 320 -66.03 36.05 -13.20
C GLY F 320 -67.12 35.36 -12.39
N MET F 321 -66.85 35.06 -11.11
CA MET F 321 -67.79 34.33 -10.25
C MET F 321 -67.86 34.97 -8.87
N ASP F 322 -68.77 34.49 -8.03
CA ASP F 322 -69.00 35.04 -6.70
C ASP F 322 -68.86 33.93 -5.63
N PHE F 323 -67.96 34.16 -4.67
CA PHE F 323 -67.70 33.15 -3.60
C PHE F 323 -68.89 32.81 -2.70
N GLU F 324 -69.51 33.82 -2.08
CA GLU F 324 -70.73 33.55 -1.32
C GLU F 324 -71.64 32.73 -2.19
N ARG F 325 -71.96 33.27 -3.38
CA ARG F 325 -73.00 32.71 -4.23
C ARG F 325 -72.75 31.37 -4.94
N ASP F 326 -71.50 31.10 -5.34
CA ASP F 326 -71.22 29.95 -6.22
C ASP F 326 -70.42 28.83 -5.55
N LYS F 327 -69.97 29.06 -4.31
CA LYS F 327 -69.10 28.08 -3.59
C LYS F 327 -69.65 26.63 -3.57
N ASP F 328 -70.92 26.44 -3.23
CA ASP F 328 -71.46 25.08 -3.15
C ASP F 328 -71.41 24.22 -4.44
N ALA F 329 -71.29 24.85 -5.62
CA ALA F 329 -71.27 24.08 -6.88
C ALA F 329 -69.84 23.76 -7.40
N LEU F 330 -68.85 24.18 -6.59
CA LEU F 330 -67.41 24.06 -6.84
C LEU F 330 -66.75 22.93 -6.04
N SER F 331 -65.76 22.29 -6.64
CA SER F 331 -64.82 21.50 -5.87
C SER F 331 -63.63 22.35 -5.49
N PHE F 332 -63.00 22.00 -4.37
CA PHE F 332 -61.80 22.72 -3.88
C PHE F 332 -60.60 21.81 -3.80
N ALA F 333 -59.69 21.96 -4.77
CA ALA F 333 -58.41 21.25 -4.75
C ALA F 333 -57.48 22.08 -3.90
N ILE F 334 -57.09 21.53 -2.76
CA ILE F 334 -56.23 22.24 -1.81
C ILE F 334 -54.97 21.43 -1.56
N HIS F 335 -53.83 22.07 -1.80
CA HIS F 335 -52.57 21.41 -1.50
C HIS F 335 -52.54 21.14 0.02
N PRO F 336 -52.48 19.84 0.39
CA PRO F 336 -52.45 19.39 1.78
C PRO F 336 -51.01 19.42 2.23
N GLY F 337 -50.54 20.62 2.54
CA GLY F 337 -49.12 20.83 2.87
C GLY F 337 -48.76 20.26 4.23
N GLY F 338 -49.78 19.98 5.03
CA GLY F 338 -49.54 19.39 6.38
C GLY F 338 -50.75 18.55 6.69
N PRO F 339 -50.70 17.75 7.76
CA PRO F 339 -51.86 16.87 8.04
C PRO F 339 -53.24 17.61 8.14
N LYS F 340 -53.22 18.81 8.72
CA LYS F 340 -54.43 19.55 9.03
C LYS F 340 -54.70 20.69 8.03
N ILE F 341 -53.80 20.89 7.07
CA ILE F 341 -53.96 22.03 6.13
C ILE F 341 -55.35 22.06 5.49
N VAL F 342 -55.82 20.91 4.97
CA VAL F 342 -57.11 20.89 4.29
C VAL F 342 -58.26 21.19 5.26
N ASP F 343 -58.17 20.65 6.46
CA ASP F 343 -59.20 20.93 7.48
C ASP F 343 -59.36 22.43 7.83
N HIS F 344 -58.23 23.10 7.95
CA HIS F 344 -58.20 24.54 8.21
C HIS F 344 -58.79 25.38 7.10
N VAL F 345 -58.35 25.13 5.88
CA VAL F 345 -58.88 25.81 4.70
C VAL F 345 -60.37 25.46 4.62
N GLN F 346 -60.74 24.21 4.93
CA GLN F 346 -62.14 23.75 4.72
C GLN F 346 -63.06 24.49 5.70
N GLU F 347 -62.60 24.52 6.96
CA GLU F 347 -63.27 25.15 8.07
C GLU F 347 -63.36 26.66 7.88
N GLU F 348 -62.27 27.25 7.38
CA GLU F 348 -62.22 28.69 7.16
C GLU F 348 -63.18 29.17 6.04
N LEU F 349 -63.33 28.35 4.97
CA LEU F 349 -64.20 28.67 3.81
C LEU F 349 -65.57 28.01 3.88
N GLY F 350 -65.80 27.24 4.94
CA GLY F 350 -67.11 26.57 5.13
C GLY F 350 -67.49 25.56 4.04
N LEU F 351 -66.50 24.74 3.68
CA LEU F 351 -66.68 23.67 2.68
C LEU F 351 -67.24 22.40 3.35
N ALA F 352 -68.06 21.65 2.61
CA ALA F 352 -68.55 20.36 3.07
C ALA F 352 -67.50 19.32 2.69
N GLU F 353 -67.37 18.30 3.54
CA GLU F 353 -66.44 17.19 3.28
C GLU F 353 -66.33 16.89 1.77
N ASP F 354 -67.45 16.74 1.09
CA ASP F 354 -67.39 16.28 -0.30
C ASP F 354 -66.64 17.20 -1.29
N GLN F 355 -66.41 18.45 -0.89
CA GLN F 355 -65.75 19.43 -1.75
C GLN F 355 -64.22 19.38 -1.71
N VAL F 356 -63.72 18.67 -0.69
CA VAL F 356 -62.27 18.64 -0.44
C VAL F 356 -61.75 17.16 -0.37
N ALA F 357 -62.64 16.22 -0.66
CA ALA F 357 -62.36 14.80 -0.38
C ALA F 357 -61.19 14.22 -1.19
N ILE F 358 -61.14 14.59 -2.45
CA ILE F 358 -60.05 14.14 -3.30
C ILE F 358 -58.73 14.64 -2.68
N SER F 359 -58.70 15.89 -2.18
CA SER F 359 -57.44 16.40 -1.59
C SER F 359 -57.02 15.64 -0.34
N LYS F 360 -57.98 15.22 0.49
CA LYS F 360 -57.58 14.52 1.78
C LYS F 360 -57.16 13.14 1.42
N SER F 361 -57.75 12.66 0.32
CA SER F 361 -57.46 11.31 -0.09
C SER F 361 -56.01 11.17 -0.64
N VAL F 362 -55.66 12.05 -1.57
CA VAL F 362 -54.34 11.97 -2.16
C VAL F 362 -53.32 12.02 -1.02
N PHE F 363 -53.59 12.91 -0.09
CA PHE F 363 -52.69 13.09 1.05
C PHE F 363 -52.52 11.75 1.74
N LEU F 364 -53.64 11.12 2.07
CA LEU F 364 -53.68 9.96 2.90
C LEU F 364 -52.87 8.90 2.18
N GLU F 365 -52.96 8.88 0.87
CA GLU F 365 -52.49 7.72 0.11
C GLU F 365 -51.02 7.90 -0.27
N ASN F 366 -50.51 9.12 -0.28
CA ASN F 366 -49.15 9.38 -0.75
C ASN F 366 -48.25 10.30 0.05
N GLY F 367 -48.80 10.98 1.09
CA GLY F 367 -48.14 12.07 1.81
C GLY F 367 -47.90 13.35 1.01
N ASN F 368 -46.98 14.20 1.48
CA ASN F 368 -46.84 15.49 0.77
C ASN F 368 -45.75 15.28 -0.29
N MET F 369 -46.19 15.24 -1.53
CA MET F 369 -45.26 15.08 -2.65
C MET F 369 -44.90 16.46 -3.22
N SER F 370 -44.98 17.49 -2.36
CA SER F 370 -44.55 18.85 -2.74
C SER F 370 -45.25 19.19 -4.03
N SER F 371 -44.57 19.82 -4.99
CA SER F 371 -45.35 20.38 -6.12
C SER F 371 -46.17 19.34 -6.87
N SER F 372 -45.85 18.05 -6.71
CA SER F 372 -46.42 17.00 -7.50
C SER F 372 -47.80 16.67 -6.98
N THR F 373 -48.06 17.16 -5.79
CA THR F 373 -49.28 16.77 -5.10
C THR F 373 -50.52 17.31 -5.88
N ILE F 374 -50.53 18.59 -6.14
CA ILE F 374 -51.73 19.23 -6.79
C ILE F 374 -52.07 18.58 -8.17
N PRO F 375 -51.05 18.27 -8.97
CA PRO F 375 -51.38 17.54 -10.24
C PRO F 375 -52.02 16.16 -9.99
N HIS F 376 -51.54 15.40 -9.00
CA HIS F 376 -52.24 14.17 -8.65
C HIS F 376 -53.74 14.42 -8.34
N ILE F 377 -54.07 15.37 -7.47
CA ILE F 377 -55.48 15.76 -7.20
C ILE F 377 -56.16 16.15 -8.55
N LEU F 378 -55.48 16.94 -9.37
CA LEU F 378 -56.15 17.35 -10.63
C LEU F 378 -56.39 16.22 -11.61
N LYS F 379 -55.49 15.24 -11.63
CA LYS F 379 -55.76 14.06 -12.47
C LYS F 379 -57.02 13.31 -11.97
N ALA F 380 -57.17 13.14 -10.64
CA ALA F 380 -58.39 12.49 -10.08
C ALA F 380 -59.69 13.25 -10.47
N TYR F 381 -59.65 14.58 -10.38
CA TYR F 381 -60.79 15.42 -10.81
C TYR F 381 -61.11 15.30 -12.28
N LEU F 382 -60.07 15.25 -13.14
CA LEU F 382 -60.30 15.16 -14.61
C LEU F 382 -61.04 13.85 -14.96
N GLU F 383 -60.55 12.75 -14.38
CA GLU F 383 -61.23 11.43 -14.33
C GLU F 383 -62.67 11.49 -13.78
N GLU F 384 -62.81 11.99 -12.54
CA GLU F 384 -63.99 11.72 -11.71
C GLU F 384 -65.10 12.77 -11.80
N ALA F 385 -64.77 13.98 -12.27
CA ALA F 385 -65.69 15.15 -12.33
C ALA F 385 -66.67 15.10 -13.51
N THR F 386 -67.86 15.67 -13.34
CA THR F 386 -68.79 15.69 -14.45
C THR F 386 -68.46 16.90 -15.33
N VAL F 387 -68.50 16.71 -16.63
CA VAL F 387 -68.33 17.83 -17.58
C VAL F 387 -69.08 19.04 -16.98
N GLY F 388 -68.46 20.24 -17.10
CA GLY F 388 -69.06 21.48 -16.58
C GLY F 388 -68.69 21.80 -15.13
N THR F 389 -68.27 20.79 -14.38
CA THR F 389 -67.72 21.02 -13.03
C THR F 389 -66.59 22.06 -12.99
N ARG F 390 -66.67 23.00 -12.06
CA ARG F 390 -65.59 23.93 -11.83
C ARG F 390 -64.82 23.60 -10.57
N ILE F 391 -63.50 23.80 -10.66
CA ILE F 391 -62.58 23.52 -9.55
C ILE F 391 -61.78 24.77 -9.18
N ALA F 392 -61.87 25.13 -7.89
CA ALA F 392 -61.04 26.17 -7.33
C ALA F 392 -59.82 25.46 -6.72
N CYS F 393 -58.63 25.84 -7.10
CA CYS F 393 -57.46 25.17 -6.64
C CYS F 393 -56.68 26.19 -5.85
N LEU F 394 -56.14 25.77 -4.71
CA LEU F 394 -55.44 26.70 -3.85
C LEU F 394 -54.16 25.99 -3.44
N GLY F 395 -53.05 26.71 -3.42
CA GLY F 395 -51.82 26.06 -2.94
C GLY F 395 -50.99 27.00 -2.09
N PHE F 396 -50.24 26.46 -1.11
CA PHE F 396 -49.32 27.33 -0.33
C PHE F 396 -47.85 26.84 -0.13
N GLY F 397 -46.95 27.80 0.14
CA GLY F 397 -45.58 27.43 0.41
C GLY F 397 -44.77 28.63 0.82
N PRO F 398 -43.43 28.53 0.68
CA PRO F 398 -42.63 29.60 1.32
C PRO F 398 -42.97 30.98 0.79
N GLY F 399 -42.81 31.95 1.63
CA GLY F 399 -43.14 33.28 1.20
C GLY F 399 -43.72 34.08 2.35
N LEU F 400 -44.87 33.70 2.89
CA LEU F 400 -45.60 32.56 2.46
C LEU F 400 -46.33 33.03 1.21
N THR F 401 -46.47 32.11 0.25
CA THR F 401 -47.12 32.39 -1.04
C THR F 401 -48.49 31.73 -1.05
N ALA F 402 -49.49 32.35 -1.70
CA ALA F 402 -50.75 31.70 -1.90
C ALA F 402 -50.99 31.68 -3.43
N ALA F 403 -51.32 30.51 -3.97
CA ALA F 403 -51.55 30.35 -5.45
C ALA F 403 -52.96 29.82 -5.73
N GLY F 404 -53.60 30.35 -6.77
CA GLY F 404 -54.96 29.92 -6.94
C GLY F 404 -55.19 29.71 -8.42
N LEU F 405 -56.07 28.77 -8.71
CA LEU F 405 -56.30 28.47 -10.10
C LEU F 405 -57.76 28.12 -10.12
N VAL F 406 -58.48 28.57 -11.14
CA VAL F 406 -59.84 28.13 -11.35
C VAL F 406 -59.96 27.41 -12.70
N LEU F 407 -60.49 26.18 -12.65
CA LEU F 407 -60.56 25.29 -13.82
C LEU F 407 -62.01 24.82 -14.00
N GLU F 408 -62.38 24.54 -15.25
CA GLU F 408 -63.63 23.85 -15.55
C GLU F 408 -63.30 22.63 -16.44
N LYS F 409 -63.83 21.45 -16.15
CA LYS F 409 -63.66 20.30 -17.05
C LYS F 409 -64.57 20.36 -18.29
N ILE F 410 -63.99 19.99 -19.42
CA ILE F 410 -64.65 20.07 -20.74
C ILE F 410 -64.44 18.79 -21.57
N HIS G 7 -52.24 50.41 -29.00
CA HIS G 7 -51.25 49.56 -29.75
C HIS G 7 -51.02 48.15 -29.14
N PRO G 8 -51.99 47.24 -29.33
CA PRO G 8 -52.25 46.05 -28.52
C PRO G 8 -51.27 44.88 -28.71
N ASN G 9 -51.27 43.94 -27.79
CA ASN G 9 -50.49 42.73 -27.96
C ASN G 9 -48.99 42.97 -28.18
N SER G 10 -48.47 44.02 -27.56
CA SER G 10 -47.06 44.30 -27.66
C SER G 10 -46.49 44.50 -26.26
N ALA G 11 -45.37 43.85 -25.96
CA ALA G 11 -44.63 44.12 -24.72
C ALA G 11 -43.36 44.88 -25.06
N VAL G 12 -43.01 45.88 -24.23
CA VAL G 12 -41.81 46.69 -24.44
C VAL G 12 -40.90 46.71 -23.14
N LEU G 13 -39.58 46.50 -23.28
CA LEU G 13 -38.61 46.61 -22.14
C LEU G 13 -38.25 48.04 -21.95
N ALA G 14 -38.01 48.43 -20.70
CA ALA G 14 -37.59 49.80 -20.43
C ALA G 14 -36.94 49.94 -19.07
N ASP G 15 -36.42 51.13 -18.84
CA ASP G 15 -35.93 51.49 -17.53
C ASP G 15 -34.95 50.50 -16.91
N PHE G 16 -33.79 50.32 -17.51
CA PHE G 16 -32.81 49.39 -17.00
C PHE G 16 -32.00 50.13 -15.94
N ILE G 17 -31.95 49.56 -14.73
CA ILE G 17 -31.24 50.11 -13.59
C ILE G 17 -30.27 49.10 -12.99
N PRO G 18 -28.99 49.27 -13.29
CA PRO G 18 -27.95 48.44 -12.68
C PRO G 18 -27.62 48.97 -11.30
N VAL G 19 -26.97 48.14 -10.47
CA VAL G 19 -26.55 48.56 -9.19
C VAL G 19 -25.17 47.92 -8.96
N GLN G 20 -24.21 48.76 -8.62
CA GLN G 20 -22.88 48.26 -8.39
C GLN G 20 -22.78 48.11 -6.88
N LEU G 21 -22.39 46.95 -6.40
CA LEU G 21 -22.24 46.72 -4.96
C LEU G 21 -20.82 46.87 -4.43
N ALA G 22 -19.82 46.60 -5.26
CA ALA G 22 -18.39 46.79 -4.91
C ALA G 22 -17.68 47.47 -6.05
N LYS G 23 -16.64 48.25 -5.74
CA LYS G 23 -15.81 48.80 -6.82
C LYS G 23 -15.17 47.70 -7.65
N PRO G 24 -15.25 47.78 -9.00
CA PRO G 24 -14.55 46.76 -9.72
C PRO G 24 -13.01 46.72 -9.45
N VAL G 25 -12.43 45.54 -9.63
CA VAL G 25 -11.04 45.28 -9.38
C VAL G 25 -10.39 45.01 -10.75
N PRO G 26 -9.22 45.67 -10.99
CA PRO G 26 -8.53 45.56 -12.27
C PRO G 26 -8.13 44.11 -12.37
N GLN G 27 -8.25 43.60 -13.58
CA GLN G 27 -8.04 42.19 -13.86
C GLN G 27 -6.69 41.68 -13.31
N ARG G 28 -5.65 42.46 -13.46
CA ARG G 28 -4.33 41.89 -13.19
C ARG G 28 -4.20 41.42 -11.74
N ILE G 29 -4.67 42.22 -10.78
CA ILE G 29 -4.56 41.81 -9.40
C ILE G 29 -5.45 40.56 -9.15
N THR G 30 -6.56 40.45 -9.88
CA THR G 30 -7.38 39.24 -9.75
C THR G 30 -6.54 38.01 -10.17
N LEU G 31 -5.80 38.12 -11.26
CA LEU G 31 -4.99 36.94 -11.71
C LEU G 31 -3.94 36.56 -10.70
N GLU G 32 -3.27 37.56 -10.17
CA GLU G 32 -2.14 37.36 -9.28
C GLU G 32 -2.57 36.86 -7.89
N LEU G 33 -3.67 37.40 -7.36
CA LEU G 33 -4.15 36.91 -6.07
C LEU G 33 -4.86 35.54 -6.19
N THR G 34 -5.58 35.35 -7.31
CA THR G 34 -6.23 34.05 -7.50
C THR G 34 -5.17 32.94 -7.74
N ALA G 35 -4.13 33.27 -8.50
CA ALA G 35 -3.08 32.29 -8.76
C ALA G 35 -2.39 31.88 -7.46
N TYR G 36 -2.09 32.88 -6.65
CA TYR G 36 -1.55 32.67 -5.33
C TYR G 36 -2.51 31.78 -4.54
N GLY G 37 -3.81 31.98 -4.77
CA GLY G 37 -4.88 31.19 -4.11
C GLY G 37 -4.86 29.74 -4.50
N PHE G 38 -4.90 29.47 -5.79
CA PHE G 38 -4.74 28.09 -6.28
C PHE G 38 -3.52 27.40 -5.64
N ALA G 39 -2.38 28.10 -5.63
CA ALA G 39 -1.15 27.51 -5.15
C ALA G 39 -1.27 27.16 -3.67
N ARG G 40 -1.74 28.11 -2.87
CA ARG G 40 -1.96 27.87 -1.46
C ARG G 40 -2.82 26.65 -1.16
N ALA G 41 -3.93 26.53 -1.90
CA ALA G 41 -4.95 25.51 -1.68
C ALA G 41 -4.40 24.12 -2.02
N HIS G 42 -3.79 24.06 -3.19
CA HIS G 42 -3.14 22.87 -3.67
C HIS G 42 -2.15 22.34 -2.62
N CYS G 43 -1.27 23.22 -2.15
CA CYS G 43 -0.40 22.96 -0.99
C CYS G 43 -1.14 22.55 0.32
N LEU G 44 -2.18 23.29 0.70
CA LEU G 44 -2.89 23.03 1.94
C LEU G 44 -3.55 21.67 1.79
N SER G 45 -3.98 21.36 0.57
CA SER G 45 -4.60 20.08 0.24
C SER G 45 -3.63 18.93 0.31
N ASN G 46 -2.52 19.02 -0.40
CA ASN G 46 -1.64 17.88 -0.50
C ASN G 46 -0.74 17.76 0.73
N GLY G 47 0.57 17.82 0.54
CA GLY G 47 1.47 17.77 1.68
C GLY G 47 2.63 18.71 1.50
N ILE G 48 2.49 19.65 0.57
CA ILE G 48 3.59 20.50 0.13
C ILE G 48 3.70 21.74 1.01
N GLY G 53 9.10 24.58 -1.73
CA GLY G 53 8.13 23.50 -2.00
C GLY G 53 6.83 24.18 -2.44
N PHE G 54 6.41 25.16 -1.64
CA PHE G 54 5.35 26.06 -2.05
C PHE G 54 5.78 26.91 -3.24
N VAL G 55 7.04 27.36 -3.26
CA VAL G 55 7.53 28.24 -4.35
C VAL G 55 7.40 27.50 -5.66
N GLN G 56 7.66 26.19 -5.59
CA GLN G 56 7.42 25.21 -6.67
C GLN G 56 6.01 25.22 -7.29
N VAL G 57 4.99 25.07 -6.48
CA VAL G 57 3.61 24.98 -6.97
C VAL G 57 3.22 26.32 -7.58
N TYR G 58 3.38 27.34 -6.78
CA TYR G 58 3.07 28.72 -7.13
C TYR G 58 3.54 29.08 -8.53
N LYS G 59 4.79 28.68 -8.82
CA LYS G 59 5.43 28.87 -10.12
C LYS G 59 4.70 28.15 -11.25
N THR G 60 4.34 26.90 -11.01
CA THR G 60 3.60 26.08 -11.97
C THR G 60 2.22 26.67 -12.19
N VAL G 61 1.60 27.12 -11.10
CA VAL G 61 0.24 27.67 -11.16
C VAL G 61 0.23 28.91 -12.05
N LYS G 62 1.15 29.83 -11.76
CA LYS G 62 1.24 31.08 -12.49
C LYS G 62 1.43 30.89 -14.00
N GLU G 63 2.26 29.92 -14.39
CA GLU G 63 2.43 29.56 -15.80
C GLU G 63 1.09 29.14 -16.42
N LYS G 64 0.33 28.37 -15.65
CA LYS G 64 -0.99 27.93 -16.03
C LYS G 64 -1.95 29.12 -16.15
N PHE G 65 -1.79 30.10 -15.26
CA PHE G 65 -2.66 31.26 -15.34
C PHE G 65 -2.27 32.12 -16.54
N ASP G 66 -0.95 32.27 -16.76
CA ASP G 66 -0.46 33.06 -17.88
C ASP G 66 -0.86 32.43 -19.21
N LYS G 67 -0.86 31.12 -19.25
CA LYS G 67 -1.34 30.39 -20.39
C LYS G 67 -2.85 30.57 -20.62
N TYR G 68 -3.64 30.32 -19.58
CA TYR G 68 -5.06 30.02 -19.76
C TYR G 68 -6.03 31.04 -19.22
N ALA G 69 -5.54 31.85 -18.29
CA ALA G 69 -6.47 32.72 -17.55
C ALA G 69 -6.99 33.78 -18.50
N VAL G 70 -8.16 34.34 -18.22
CA VAL G 70 -8.59 35.55 -19.01
C VAL G 70 -7.81 36.84 -18.60
N SER G 71 -7.16 37.46 -19.57
CA SER G 71 -6.09 38.47 -19.34
C SER G 71 -6.66 39.84 -19.33
N PRO G 72 -5.89 40.81 -18.78
CA PRO G 72 -6.38 42.15 -18.64
C PRO G 72 -6.62 42.80 -19.99
N ALA G 73 -6.00 42.28 -21.04
CA ALA G 73 -6.33 42.71 -22.39
C ALA G 73 -7.78 42.31 -22.75
N GLN G 74 -8.30 41.26 -22.12
CA GLN G 74 -9.61 40.69 -22.53
C GLN G 74 -10.79 41.12 -21.65
N ILE G 75 -10.53 41.26 -20.34
CA ILE G 75 -11.41 41.93 -19.40
C ILE G 75 -10.56 42.87 -18.56
N LYS G 76 -10.89 44.16 -18.54
CA LYS G 76 -10.06 45.14 -17.79
C LYS G 76 -10.28 45.10 -16.31
N GLN G 77 -11.53 44.86 -15.90
CA GLN G 77 -11.89 44.81 -14.48
C GLN G 77 -13.19 44.02 -14.30
N ARG G 78 -13.41 43.47 -13.10
CA ARG G 78 -14.67 42.78 -12.82
C ARG G 78 -15.16 43.22 -11.48
N GLN G 79 -16.48 43.34 -11.37
CA GLN G 79 -17.09 43.47 -10.06
C GLN G 79 -17.08 42.07 -9.40
N LEU G 80 -16.42 41.97 -8.25
CA LEU G 80 -16.27 40.69 -7.53
C LEU G 80 -16.44 41.01 -6.08
N VAL G 81 -17.69 40.96 -5.66
CA VAL G 81 -18.09 41.28 -4.31
C VAL G 81 -17.31 40.40 -3.33
N TYR G 82 -16.97 39.19 -3.75
CA TYR G 82 -16.30 38.20 -2.86
C TYR G 82 -14.79 38.11 -3.07
N PHE G 83 -14.26 39.01 -3.88
CA PHE G 83 -12.82 39.23 -3.95
C PHE G 83 -12.45 40.30 -2.92
N PRO G 84 -11.31 40.14 -2.24
CA PRO G 84 -11.01 41.16 -1.23
C PRO G 84 -10.84 42.61 -1.78
N LYS G 85 -11.12 43.59 -0.94
CA LYS G 85 -10.89 44.99 -1.28
C LYS G 85 -9.37 45.29 -1.40
N LEU G 86 -9.00 46.09 -2.40
CA LEU G 86 -7.60 46.39 -2.67
C LEU G 86 -6.94 46.82 -1.37
N THR G 87 -7.63 47.67 -0.62
CA THR G 87 -7.08 48.17 0.62
C THR G 87 -6.81 47.03 1.62
N ASP G 88 -7.28 45.83 1.32
CA ASP G 88 -7.11 44.71 2.24
C ASP G 88 -6.05 43.71 1.77
N ILE G 89 -5.50 43.97 0.60
CA ILE G 89 -4.51 43.10 0.00
C ILE G 89 -3.08 43.64 0.10
N ARG G 90 -2.15 42.83 0.57
CA ARG G 90 -0.76 43.23 0.49
C ARG G 90 0.11 42.14 -0.09
N PHE G 91 1.09 42.55 -0.90
CA PHE G 91 2.09 41.63 -1.39
C PHE G 91 3.48 42.01 -0.81
N GLY G 92 4.28 41.00 -0.46
CA GLY G 92 5.65 41.22 0.02
C GLY G 92 6.47 39.93 -0.04
N ASP G 93 7.75 40.07 -0.40
CA ASP G 93 8.61 38.94 -0.73
C ASP G 93 8.14 37.61 -0.11
N GLY G 94 7.53 36.72 -0.88
CA GLY G 94 6.91 36.97 -2.17
C GLY G 94 5.57 36.25 -1.99
N ASN G 95 4.75 36.80 -1.11
CA ASN G 95 3.53 36.14 -0.65
C ASN G 95 2.43 37.15 -0.36
N PHE G 96 1.19 36.81 -0.69
CA PHE G 96 0.09 37.72 -0.43
C PHE G 96 -0.35 37.60 1.00
N ASP G 97 -0.79 38.73 1.55
CA ASP G 97 -1.32 38.76 2.89
C ASP G 97 -2.64 39.54 2.82
N ILE G 98 -3.76 38.85 2.95
CA ILE G 98 -5.07 39.50 3.02
C ILE G 98 -5.40 39.90 4.44
N ALA G 99 -5.71 41.18 4.64
CA ALA G 99 -6.18 41.64 5.97
C ALA G 99 -7.37 40.80 6.45
N PRO G 103 -15.77 43.03 11.28
CA PRO G 103 -16.19 41.62 11.19
C PRO G 103 -17.67 41.50 10.77
N ASP G 104 -18.25 42.59 10.29
CA ASP G 104 -19.62 42.54 9.86
C ASP G 104 -19.56 42.15 8.40
N GLN G 105 -18.57 42.73 7.70
CA GLN G 105 -18.23 42.31 6.33
C GLN G 105 -17.61 40.93 6.26
N ALA G 106 -17.48 40.25 7.39
CA ALA G 106 -16.88 38.93 7.38
C ALA G 106 -17.66 37.95 6.49
N HIS G 107 -18.98 38.16 6.31
CA HIS G 107 -19.74 37.36 5.35
C HIS G 107 -19.21 37.48 3.92
N LEU G 108 -18.36 38.47 3.63
CA LEU G 108 -17.82 38.57 2.26
C LEU G 108 -16.56 37.72 2.12
N ARG G 109 -16.04 37.19 3.22
CA ARG G 109 -14.87 36.30 3.12
C ARG G 109 -15.33 34.84 3.05
N LEU G 110 -15.30 34.26 1.86
CA LEU G 110 -15.81 32.89 1.68
C LEU G 110 -14.73 31.92 1.22
N PHE G 111 -13.50 32.38 1.07
CA PHE G 111 -12.43 31.49 0.63
C PHE G 111 -11.50 31.27 1.81
N ASP G 112 -10.75 30.19 1.79
CA ASP G 112 -9.75 29.96 2.87
C ASP G 112 -8.41 29.54 2.28
N ILE G 113 -7.42 30.44 2.36
CA ILE G 113 -6.05 30.11 1.98
C ILE G 113 -5.21 29.84 3.21
N LYS G 114 -5.81 29.30 4.27
CA LYS G 114 -5.06 29.05 5.51
C LYS G 114 -5.31 27.71 6.18
N LYS G 115 -6.57 27.30 6.33
CA LYS G 115 -6.83 25.95 6.90
C LYS G 115 -7.55 24.96 5.98
N ASP G 116 -8.79 25.26 5.58
CA ASP G 116 -9.60 24.34 4.79
C ASP G 116 -9.88 25.01 3.45
N PRO G 117 -9.14 24.61 2.40
CA PRO G 117 -9.09 25.33 1.11
C PRO G 117 -10.37 25.20 0.35
N ARG G 118 -11.30 24.43 0.88
CA ARG G 118 -12.61 24.37 0.24
C ARG G 118 -13.38 25.62 0.61
N GLY G 119 -13.03 26.23 1.74
CA GLY G 119 -13.66 27.48 2.23
C GLY G 119 -15.05 27.40 2.89
N ALA G 120 -15.78 28.50 2.87
CA ALA G 120 -17.14 28.48 3.43
C ALA G 120 -17.96 27.39 2.74
N ASP G 121 -18.81 26.71 3.51
CA ASP G 121 -19.70 25.72 2.94
C ASP G 121 -20.92 26.35 2.26
N LEU G 122 -21.71 25.56 1.60
CA LEU G 122 -22.73 26.17 0.71
C LEU G 122 -23.84 26.85 1.52
N LYS G 123 -24.10 26.36 2.71
CA LYS G 123 -25.04 27.00 3.61
C LYS G 123 -24.57 28.44 3.92
N THR G 124 -23.29 28.60 4.27
CA THR G 124 -22.77 29.89 4.66
C THR G 124 -22.76 30.76 3.44
N ARG G 125 -22.49 30.19 2.28
CA ARG G 125 -22.54 31.04 1.06
C ARG G 125 -23.96 31.56 0.75
N HIS G 126 -24.99 30.75 0.91
CA HIS G 126 -26.33 31.21 0.61
C HIS G 126 -26.78 32.28 1.59
N GLU G 127 -26.46 32.10 2.88
CA GLU G 127 -26.77 33.12 3.85
C GLU G 127 -25.98 34.41 3.53
N SER G 128 -24.73 34.30 3.11
CA SER G 128 -24.08 35.52 2.71
C SER G 128 -24.79 36.09 1.42
N TYR G 129 -25.10 35.22 0.49
CA TYR G 129 -25.84 35.68 -0.73
C TYR G 129 -27.13 36.45 -0.43
N ALA G 130 -27.91 35.92 0.54
CA ALA G 130 -29.19 36.52 0.91
C ALA G 130 -28.93 37.96 1.45
N LYS G 131 -27.85 38.09 2.22
CA LYS G 131 -27.56 39.41 2.83
C LYS G 131 -27.05 40.41 1.78
N VAL G 132 -26.12 40.00 0.94
CA VAL G 132 -25.62 40.90 -0.12
C VAL G 132 -26.72 41.22 -1.11
N VAL G 133 -27.48 40.20 -1.51
CA VAL G 133 -28.57 40.44 -2.44
C VAL G 133 -29.71 41.23 -1.78
N GLY G 134 -30.03 40.99 -0.51
CA GLY G 134 -30.96 41.91 0.23
C GLY G 134 -30.66 43.44 0.09
N LYS G 135 -29.41 43.83 0.35
CA LYS G 135 -28.96 45.22 0.27
C LYS G 135 -29.11 45.66 -1.22
N GLY G 136 -28.70 44.79 -2.14
CA GLY G 136 -28.72 45.12 -3.57
C GLY G 136 -30.08 45.48 -4.12
N LEU G 137 -31.07 44.65 -3.81
CA LEU G 137 -32.47 44.82 -4.26
C LEU G 137 -33.04 46.11 -3.70
N GLU G 138 -32.78 46.39 -2.43
CA GLU G 138 -33.17 47.68 -1.83
C GLU G 138 -32.61 48.85 -2.62
N GLN G 139 -31.34 48.83 -2.89
CA GLN G 139 -30.78 49.81 -3.82
C GLN G 139 -31.43 49.83 -5.21
N MET G 140 -31.65 48.66 -5.82
CA MET G 140 -32.21 48.59 -7.19
C MET G 140 -33.60 49.20 -7.29
N PHE G 141 -34.38 49.01 -6.25
CA PHE G 141 -35.75 49.42 -6.25
C PHE G 141 -36.01 50.71 -5.51
N GLU G 142 -34.97 51.43 -5.10
CA GLU G 142 -35.16 52.66 -4.34
C GLU G 142 -36.00 53.66 -5.08
N GLY G 143 -35.87 53.77 -6.40
CA GLY G 143 -36.70 54.76 -7.11
C GLY G 143 -38.04 54.23 -7.59
N THR G 144 -38.37 53.00 -7.18
CA THR G 144 -39.58 52.36 -7.67
C THR G 144 -40.80 52.99 -6.99
N LEU G 145 -41.68 53.66 -7.76
CA LEU G 145 -42.79 54.36 -7.14
C LEU G 145 -44.07 53.53 -6.83
N GLU G 146 -44.37 52.52 -7.64
CA GLU G 146 -45.58 51.70 -7.49
C GLU G 146 -45.22 50.26 -7.78
N ALA G 147 -45.95 49.33 -7.14
CA ALA G 147 -45.66 47.90 -7.21
C ALA G 147 -45.83 47.38 -8.62
N PRO G 148 -44.90 46.53 -9.08
CA PRO G 148 -45.26 45.91 -10.36
C PRO G 148 -46.38 44.88 -10.16
N ASP G 149 -47.14 44.58 -11.20
CA ASP G 149 -48.01 43.39 -11.14
C ASP G 149 -47.29 42.03 -10.91
N ASP G 150 -46.08 41.89 -11.49
CA ASP G 150 -45.23 40.69 -11.35
C ASP G 150 -43.80 41.12 -11.03
N LEU G 151 -43.14 40.44 -10.10
CA LEU G 151 -41.68 40.61 -9.99
C LEU G 151 -40.99 39.27 -10.27
N ILE G 152 -40.10 39.25 -11.25
CA ILE G 152 -39.41 38.01 -11.64
C ILE G 152 -37.96 38.12 -11.18
N HIS G 153 -37.51 37.15 -10.37
CA HIS G 153 -36.17 37.18 -9.84
C HIS G 153 -35.33 36.22 -10.68
N VAL G 154 -34.28 36.70 -11.30
CA VAL G 154 -33.45 35.84 -12.09
C VAL G 154 -32.10 35.63 -11.41
N THR G 155 -31.73 34.36 -11.26
CA THR G 155 -30.39 34.11 -10.76
C THR G 155 -30.02 32.66 -11.09
N CYS G 156 -28.74 32.38 -11.25
CA CYS G 156 -28.33 31.00 -11.28
C CYS G 156 -27.29 30.84 -10.18
N SER G 157 -27.24 31.80 -9.25
CA SER G 157 -26.13 31.84 -8.28
C SER G 157 -26.49 31.90 -6.79
N GLY G 158 -27.78 31.81 -6.44
CA GLY G 158 -28.08 31.45 -5.01
C GLY G 158 -29.57 31.16 -4.90
N TYR G 159 -29.95 30.04 -4.28
CA TYR G 159 -31.35 29.63 -4.31
C TYR G 159 -31.85 29.51 -2.87
N LEU G 160 -32.68 30.44 -2.41
CA LEU G 160 -33.23 30.34 -1.04
C LEU G 160 -34.74 30.44 -1.15
N ALA G 161 -35.47 29.80 -0.25
CA ALA G 161 -36.93 29.98 -0.14
C ALA G 161 -37.19 30.33 1.30
N PRO G 162 -37.83 31.49 1.56
CA PRO G 162 -38.23 32.39 0.49
C PRO G 162 -36.99 33.11 -0.04
N SER G 163 -37.00 33.60 -1.31
CA SER G 163 -35.84 34.33 -1.79
C SER G 163 -35.72 35.74 -1.26
N PRO G 164 -34.54 36.32 -1.44
CA PRO G 164 -34.37 37.72 -1.14
C PRO G 164 -35.37 38.58 -1.90
N ALA G 165 -35.77 38.16 -3.10
CA ALA G 165 -36.73 38.92 -3.86
C ALA G 165 -38.09 38.86 -3.15
N GLU G 166 -38.46 37.68 -2.68
CA GLU G 166 -39.78 37.56 -2.00
C GLU G 166 -39.77 38.35 -0.72
N ARG G 167 -38.64 38.38 -0.04
CA ARG G 167 -38.60 39.15 1.21
C ARG G 167 -38.65 40.68 0.97
N MET G 168 -37.95 41.17 -0.04
CA MET G 168 -38.06 42.60 -0.40
C MET G 168 -39.50 42.99 -0.83
N VAL G 169 -40.14 42.18 -1.67
CA VAL G 169 -41.53 42.48 -2.06
C VAL G 169 -42.45 42.54 -0.84
N ALA G 170 -42.19 41.70 0.15
CA ALA G 170 -42.90 41.77 1.43
C ALA G 170 -42.45 42.92 2.33
N ASP G 171 -41.19 43.30 2.28
CA ASP G 171 -40.74 44.45 3.08
C ASP G 171 -41.36 45.69 2.50
N ARG G 172 -41.60 45.69 1.19
CA ARG G 172 -42.22 46.86 0.59
C ARG G 172 -43.76 46.97 0.83
N GLY G 173 -44.40 45.89 1.26
CA GLY G 173 -45.85 45.91 1.43
C GLY G 173 -46.51 45.51 0.13
N TRP G 174 -45.74 44.94 -0.79
CA TRP G 174 -46.33 44.61 -2.10
C TRP G 174 -47.10 43.27 -2.12
N PHE G 175 -48.32 43.28 -1.58
CA PHE G 175 -49.07 42.04 -1.41
C PHE G 175 -50.02 41.70 -2.57
N GLU G 176 -49.95 42.50 -3.63
CA GLU G 176 -50.65 42.15 -4.87
C GLU G 176 -49.74 41.75 -6.03
N THR G 177 -48.43 41.65 -5.76
CA THR G 177 -47.44 41.42 -6.79
C THR G 177 -47.15 39.92 -6.89
N THR G 178 -47.33 39.33 -8.05
CA THR G 178 -46.94 37.91 -8.15
C THR G 178 -45.39 37.81 -8.32
N VAL G 179 -44.74 37.03 -7.45
CA VAL G 179 -43.30 36.76 -7.62
C VAL G 179 -43.03 35.42 -8.31
N THR G 180 -42.26 35.45 -9.36
CA THR G 180 -41.88 34.25 -10.07
C THR G 180 -40.35 34.12 -9.98
N HIS G 181 -39.89 32.89 -9.74
CA HIS G 181 -38.50 32.59 -9.81
C HIS G 181 -38.15 32.02 -11.17
N SER G 182 -37.13 32.59 -11.79
CA SER G 182 -36.62 32.17 -13.02
C SER G 182 -35.14 31.80 -12.84
N TYR G 183 -34.97 30.57 -12.37
CA TYR G 183 -33.77 30.16 -11.72
C TYR G 183 -33.07 29.12 -12.55
N ASN G 184 -31.77 29.00 -12.39
CA ASN G 184 -30.97 27.90 -13.00
C ASN G 184 -31.04 27.83 -14.54
N MET G 185 -31.15 28.99 -15.15
CA MET G 185 -31.03 29.17 -16.64
C MET G 185 -29.84 30.00 -17.02
N GLY G 186 -28.80 29.97 -16.16
CA GLY G 186 -27.47 30.38 -16.63
C GLY G 186 -27.32 31.73 -17.32
N CYS G 187 -26.29 31.82 -18.13
CA CYS G 187 -25.90 33.03 -18.74
C CYS G 187 -27.05 33.60 -19.61
N TYR G 188 -27.98 32.78 -20.11
CA TYR G 188 -28.98 33.34 -21.09
C TYR G 188 -30.25 33.61 -20.29
N GLY G 189 -30.12 33.62 -18.95
CA GLY G 189 -31.29 33.85 -18.07
C GLY G 189 -32.33 35.00 -18.31
N ALA G 190 -31.91 36.12 -18.89
CA ALA G 190 -32.84 37.16 -19.28
C ALA G 190 -33.84 36.68 -20.31
N PHE G 191 -33.43 35.76 -21.19
CA PHE G 191 -34.32 35.38 -22.30
C PHE G 191 -35.53 34.66 -21.70
N PRO G 192 -35.33 33.59 -20.85
CA PRO G 192 -36.58 33.03 -20.29
C PRO G 192 -37.41 33.99 -19.41
N ALA G 193 -36.76 34.96 -18.78
CA ALA G 193 -37.46 35.85 -17.90
C ALA G 193 -38.31 36.81 -18.69
N ILE G 194 -37.74 37.34 -19.77
CA ILE G 194 -38.46 38.20 -20.67
C ILE G 194 -39.61 37.47 -21.40
N LYS G 195 -39.31 36.26 -21.92
CA LYS G 195 -40.31 35.31 -22.47
C LYS G 195 -41.44 35.19 -21.44
N MET G 196 -41.10 34.98 -20.17
CA MET G 196 -42.12 34.85 -19.12
C MET G 196 -42.96 36.13 -18.88
N ALA G 197 -42.30 37.27 -18.96
CA ALA G 197 -42.96 38.53 -18.71
C ALA G 197 -43.82 38.87 -19.98
N HIS G 198 -43.26 38.58 -21.15
CA HIS G 198 -44.12 38.69 -22.36
C HIS G 198 -45.38 37.84 -22.15
N GLY G 199 -45.23 36.67 -21.50
CA GLY G 199 -46.37 35.72 -21.34
C GLY G 199 -47.45 36.25 -20.39
N MET G 200 -46.99 36.93 -19.35
CA MET G 200 -47.81 37.39 -18.25
C MET G 200 -48.65 38.50 -18.76
N LEU G 201 -48.08 39.34 -19.63
CA LEU G 201 -48.89 40.36 -20.28
C LEU G 201 -49.92 39.76 -21.21
N ALA G 202 -49.51 38.75 -21.98
CA ALA G 202 -50.42 38.23 -23.03
C ALA G 202 -51.48 37.39 -22.36
N SER G 203 -51.12 36.71 -21.24
CA SER G 203 -52.11 35.92 -20.45
C SER G 203 -53.16 36.84 -19.86
N ALA G 204 -52.74 38.04 -19.51
CA ALA G 204 -53.67 39.00 -18.96
C ALA G 204 -54.58 39.49 -20.10
N GLN G 205 -54.01 39.77 -21.26
CA GLN G 205 -54.88 40.19 -22.39
C GLN G 205 -55.95 39.12 -22.70
N TRP G 206 -55.58 37.83 -22.65
CA TRP G 206 -56.53 36.71 -22.82
C TRP G 206 -57.50 36.63 -21.65
N GLY G 207 -57.26 37.33 -20.56
CA GLY G 207 -58.27 37.37 -19.49
C GLY G 207 -58.12 36.39 -18.31
N ALA G 208 -57.00 35.68 -18.19
CA ALA G 208 -56.80 34.72 -17.04
C ALA G 208 -56.39 35.42 -15.73
N THR G 209 -55.99 36.67 -15.84
CA THR G 209 -55.82 37.56 -14.69
C THR G 209 -56.45 38.91 -15.08
N PRO G 210 -56.82 39.74 -14.07
CA PRO G 210 -57.07 41.16 -14.35
C PRO G 210 -55.89 41.85 -15.13
N PRO G 211 -56.20 42.95 -15.86
CA PRO G 211 -55.14 43.67 -16.61
C PRO G 211 -53.89 44.04 -15.78
N LYS G 212 -52.72 43.93 -16.43
CA LYS G 212 -51.47 44.28 -15.79
C LYS G 212 -50.80 45.43 -16.53
N THR G 213 -49.95 46.18 -15.85
CA THR G 213 -49.28 47.33 -16.46
C THR G 213 -47.73 47.31 -16.40
N ARG G 214 -47.13 46.41 -15.61
CA ARG G 214 -45.69 46.37 -15.53
C ARG G 214 -45.19 45.13 -14.81
N VAL G 215 -44.25 44.43 -15.44
CA VAL G 215 -43.59 43.33 -14.81
C VAL G 215 -42.19 43.85 -14.65
N ASP G 216 -41.61 43.62 -13.48
CA ASP G 216 -40.22 43.99 -13.17
C ASP G 216 -39.39 42.72 -13.17
N ILE G 217 -38.19 42.80 -13.68
CA ILE G 217 -37.30 41.65 -13.74
C ILE G 217 -36.03 42.07 -13.01
N ALA G 218 -35.67 41.33 -11.96
CA ALA G 218 -34.52 41.66 -11.14
C ALA G 218 -33.47 40.55 -11.25
N HIS G 219 -32.34 40.84 -11.87
CA HIS G 219 -31.25 39.89 -12.05
C HIS G 219 -30.26 40.16 -10.93
N THR G 220 -29.94 39.13 -10.17
CA THR G 220 -28.90 39.30 -9.12
C THR G 220 -27.93 38.13 -9.28
N GLU G 221 -26.79 38.33 -9.90
CA GLU G 221 -25.84 37.25 -10.09
C GLU G 221 -24.61 37.55 -9.28
N LEU G 222 -24.37 36.73 -8.27
CA LEU G 222 -23.10 36.85 -7.55
C LEU G 222 -22.23 35.61 -7.92
N MET G 223 -21.65 35.63 -9.11
CA MET G 223 -20.79 34.54 -9.57
C MET G 223 -19.60 34.40 -8.63
N SER G 224 -19.12 35.51 -8.10
CA SER G 224 -17.89 35.42 -7.30
C SER G 224 -18.12 34.67 -6.00
N ALA G 225 -19.38 34.42 -5.71
CA ALA G 225 -19.75 33.75 -4.45
C ALA G 225 -19.26 32.34 -4.54
N HIS G 226 -19.13 31.92 -5.79
CA HIS G 226 -18.86 30.53 -6.05
C HIS G 226 -17.36 30.24 -6.29
N ASN G 227 -16.50 31.13 -5.79
CA ASN G 227 -15.09 30.94 -6.04
C ASN G 227 -14.67 29.61 -5.52
N ASN G 228 -13.86 28.98 -6.37
CA ASN G 228 -13.42 27.62 -6.20
C ASN G 228 -11.89 27.66 -6.36
N ILE G 229 -11.11 27.70 -5.30
CA ILE G 229 -9.67 27.72 -5.52
C ILE G 229 -9.05 26.34 -5.32
N ALA G 230 -9.88 25.31 -5.13
CA ALA G 230 -9.39 23.96 -4.78
C ALA G 230 -9.12 23.11 -6.00
N GLU G 231 -9.70 23.44 -7.13
CA GLU G 231 -9.50 22.66 -8.31
C GLU G 231 -8.61 23.42 -9.30
N SER G 232 -7.40 22.89 -9.57
CA SER G 232 -6.49 23.61 -10.48
C SER G 232 -6.69 23.20 -11.96
N ARG G 233 -7.66 22.32 -12.22
CA ARG G 233 -7.98 22.02 -13.60
C ARG G 233 -8.07 23.31 -14.41
N VAL G 234 -7.52 23.25 -15.62
CA VAL G 234 -7.51 24.41 -16.54
C VAL G 234 -8.86 25.10 -16.67
N ASP G 235 -9.95 24.33 -16.81
CA ASP G 235 -11.25 25.00 -17.06
C ASP G 235 -11.76 25.77 -15.82
N ASN G 236 -11.29 25.39 -14.64
CA ASN G 236 -11.61 26.18 -13.45
C ASN G 236 -10.77 27.47 -13.35
N ILE G 237 -9.55 27.49 -13.90
CA ILE G 237 -8.77 28.73 -13.96
C ILE G 237 -9.47 29.65 -14.98
N ILE G 238 -10.10 29.09 -16.01
CA ILE G 238 -10.82 29.96 -16.93
C ILE G 238 -12.07 30.56 -16.26
N SER G 239 -12.91 29.71 -15.66
CA SER G 239 -14.04 30.20 -14.89
C SER G 239 -13.73 31.24 -13.82
N ALA G 240 -12.71 30.99 -13.02
CA ALA G 240 -12.33 31.89 -11.93
C ALA G 240 -11.98 33.34 -12.41
N THR G 241 -11.62 33.49 -13.69
CA THR G 241 -11.03 34.76 -14.18
C THR G 241 -11.91 35.37 -15.26
N LEU G 242 -12.92 34.63 -15.65
CA LEU G 242 -13.90 35.03 -16.66
C LEU G 242 -15.22 35.64 -16.06
N PHE G 243 -15.78 35.01 -15.01
CA PHE G 243 -17.11 35.38 -14.56
C PHE G 243 -17.07 36.52 -13.58
N SER G 244 -18.16 37.26 -13.46
CA SER G 244 -18.15 38.44 -12.65
C SER G 244 -19.55 38.64 -12.14
N ASP G 245 -19.74 39.66 -11.30
CA ASP G 245 -21.05 39.89 -10.67
C ASP G 245 -21.84 40.98 -11.42
N GLY G 246 -23.16 40.84 -11.44
CA GLY G 246 -23.97 41.88 -12.03
C GLY G 246 -25.33 41.88 -11.35
N LEU G 247 -25.77 43.05 -10.92
CA LEU G 247 -27.17 43.17 -10.45
C LEU G 247 -27.85 44.16 -11.37
N ILE G 248 -29.03 43.83 -11.90
CA ILE G 248 -29.71 44.84 -12.71
C ILE G 248 -31.17 44.58 -12.83
N LYS G 249 -31.97 45.64 -12.92
CA LYS G 249 -33.37 45.45 -13.07
C LYS G 249 -33.90 46.20 -14.29
N TYR G 250 -34.99 45.73 -14.85
CA TYR G 250 -35.68 46.44 -15.94
C TYR G 250 -37.13 46.05 -15.85
N SER G 251 -37.95 46.71 -16.67
CA SER G 251 -39.40 46.55 -16.62
C SER G 251 -39.94 46.22 -18.01
N VAL G 252 -41.06 45.48 -17.98
CA VAL G 252 -41.79 45.08 -19.19
C VAL G 252 -43.20 45.64 -19.08
N TYR G 253 -43.53 46.46 -20.09
CA TYR G 253 -44.71 47.27 -20.16
C TYR G 253 -45.46 46.88 -21.42
N PRO G 254 -46.80 46.86 -21.33
CA PRO G 254 -47.63 46.77 -22.55
C PRO G 254 -47.44 48.06 -23.31
N GLU G 255 -47.45 48.05 -24.64
CA GLU G 255 -47.09 49.27 -25.39
C GLU G 255 -47.89 50.54 -25.05
N ASP G 256 -49.20 50.46 -24.81
CA ASP G 256 -49.91 51.69 -24.38
C ASP G 256 -49.65 52.25 -23.00
N GLU G 257 -49.24 51.43 -22.05
CA GLU G 257 -48.80 51.93 -20.77
C GLU G 257 -47.43 52.69 -20.90
N LEU G 258 -46.45 52.08 -21.59
CA LEU G 258 -45.20 52.74 -21.93
C LEU G 258 -45.53 54.08 -22.60
N ARG G 259 -46.32 54.06 -23.68
CA ARG G 259 -46.69 55.30 -24.42
C ARG G 259 -47.28 56.30 -23.46
N ARG G 260 -48.26 55.86 -22.70
CA ARG G 260 -48.96 56.76 -21.79
C ARG G 260 -47.98 57.39 -20.83
N GLN G 261 -46.89 56.69 -20.57
CA GLN G 261 -45.98 57.10 -19.52
C GLN G 261 -44.81 57.96 -20.04
N GLY G 262 -44.78 58.15 -21.35
CA GLY G 262 -43.73 58.96 -21.95
C GLY G 262 -42.48 58.20 -22.36
N LEU G 263 -42.31 56.97 -21.87
CA LEU G 263 -41.04 56.27 -21.94
C LEU G 263 -40.61 55.78 -23.35
N ARG G 264 -39.32 55.82 -23.62
CA ARG G 264 -38.73 55.02 -24.67
C ARG G 264 -38.55 53.58 -24.20
N GLY G 265 -38.59 52.62 -25.12
CA GLY G 265 -38.35 51.23 -24.80
C GLY G 265 -37.92 50.39 -26.01
N LEU G 266 -37.77 49.09 -25.78
CA LEU G 266 -37.41 48.12 -26.82
C LEU G 266 -38.59 47.19 -27.02
N ARG G 267 -39.34 47.38 -28.10
CA ARG G 267 -40.51 46.58 -28.35
C ARG G 267 -40.04 45.19 -28.64
N ILE G 268 -40.74 44.22 -28.07
CA ILE G 268 -40.42 42.81 -28.35
C ILE G 268 -41.06 42.42 -29.68
N LEU G 269 -40.23 42.07 -30.67
CA LEU G 269 -40.78 41.54 -31.96
C LEU G 269 -40.96 40.03 -32.00
N ALA G 270 -39.90 39.28 -31.64
CA ALA G 270 -39.97 37.82 -31.59
C ALA G 270 -38.97 37.18 -30.58
N MET G 271 -39.15 35.88 -30.38
CA MET G 271 -38.41 35.04 -29.40
C MET G 271 -38.14 33.60 -29.94
N SER G 272 -37.05 33.03 -29.45
CA SER G 272 -36.76 31.62 -29.72
C SER G 272 -35.79 31.14 -28.63
N GLU G 273 -35.81 29.82 -28.47
CA GLU G 273 -34.95 29.10 -27.51
C GLU G 273 -35.04 27.57 -27.64
N HIS G 274 -33.87 26.93 -27.72
CA HIS G 274 -33.78 25.47 -27.79
C HIS G 274 -32.33 25.00 -27.62
N LEU G 275 -32.18 23.67 -27.61
CA LEU G 275 -30.89 23.08 -27.34
C LEU G 275 -30.17 22.82 -28.62
N LEU G 276 -28.88 22.56 -28.46
CA LEU G 276 -27.90 22.26 -29.53
C LEU G 276 -27.43 20.82 -29.30
N PRO G 277 -27.30 20.03 -30.39
CA PRO G 277 -26.93 18.61 -30.34
C PRO G 277 -25.58 18.32 -29.65
N ASP G 278 -25.50 17.20 -28.96
CA ASP G 278 -24.21 16.63 -28.53
C ASP G 278 -23.36 17.58 -27.70
N SER G 279 -23.95 18.33 -26.79
CA SER G 279 -23.21 19.35 -26.08
C SER G 279 -23.56 19.49 -24.56
N ALA G 280 -24.31 18.54 -24.04
CA ALA G 280 -24.76 18.61 -22.67
C ALA G 280 -23.63 18.64 -21.68
N ASP G 281 -22.56 17.89 -21.91
CA ASP G 281 -21.47 17.97 -20.91
C ASP G 281 -20.39 19.02 -21.22
N THR G 282 -20.59 19.85 -22.24
CA THR G 282 -19.51 20.77 -22.62
C THR G 282 -19.52 21.99 -21.70
N MET G 283 -20.59 22.10 -20.91
CA MET G 283 -20.82 23.23 -19.95
C MET G 283 -21.80 22.79 -18.85
N THR G 284 -21.29 22.64 -17.63
CA THR G 284 -22.11 22.14 -16.52
C THR G 284 -21.89 23.01 -15.24
N TRP G 285 -22.90 22.96 -14.37
CA TRP G 285 -23.04 23.92 -13.25
C TRP G 285 -23.96 23.23 -12.24
N VAL G 286 -23.40 22.73 -11.14
CA VAL G 286 -24.16 21.92 -10.20
C VAL G 286 -23.81 22.30 -8.74
N PRO G 287 -24.83 22.49 -7.89
CA PRO G 287 -24.48 22.74 -6.46
C PRO G 287 -23.81 21.57 -5.78
N GLY G 288 -22.62 21.79 -5.25
CA GLY G 288 -22.01 20.77 -4.35
C GLY G 288 -21.98 21.27 -2.93
N SER G 289 -21.09 20.72 -2.10
CA SER G 289 -21.18 20.93 -0.69
C SER G 289 -20.72 22.36 -0.29
N HIS G 290 -19.82 22.95 -1.07
CA HIS G 290 -19.30 24.29 -0.79
C HIS G 290 -19.78 25.38 -1.78
N GLN G 291 -20.07 25.02 -3.03
CA GLN G 291 -20.35 26.12 -4.01
C GLN G 291 -20.93 25.44 -5.17
N PHE G 292 -21.46 26.21 -6.12
CA PHE G 292 -21.94 25.60 -7.35
C PHE G 292 -20.66 25.36 -8.15
N VAL G 293 -20.49 24.16 -8.64
CA VAL G 293 -19.24 23.80 -9.29
C VAL G 293 -19.38 23.90 -10.82
N MET G 294 -18.39 24.50 -11.50
CA MET G 294 -18.44 24.61 -12.99
C MET G 294 -17.46 23.67 -13.75
N THR G 295 -17.88 23.25 -14.96
CA THR G 295 -16.96 22.59 -15.93
C THR G 295 -17.24 23.20 -17.29
N LEU G 296 -16.20 23.27 -18.09
CA LEU G 296 -16.40 23.96 -19.36
C LEU G 296 -15.43 23.29 -20.31
N SER G 297 -15.94 22.89 -21.49
CA SER G 297 -15.09 22.25 -22.50
C SER G 297 -14.51 23.33 -23.42
N PRO G 298 -13.26 23.12 -23.94
CA PRO G 298 -12.82 24.17 -24.90
C PRO G 298 -13.58 24.13 -26.27
N LEU G 299 -14.53 23.19 -26.42
CA LEU G 299 -15.33 23.03 -27.65
C LEU G 299 -16.54 23.99 -27.73
N VAL G 300 -16.87 24.61 -26.60
CA VAL G 300 -18.05 25.54 -26.58
C VAL G 300 -18.17 26.56 -27.73
N PRO G 301 -17.15 27.42 -27.88
CA PRO G 301 -17.15 28.41 -28.96
C PRO G 301 -17.33 27.81 -30.34
N ALA G 302 -16.63 26.72 -30.63
CA ALA G 302 -16.80 26.15 -31.97
C ALA G 302 -18.21 25.54 -32.11
N ILE G 303 -18.76 25.02 -31.02
CA ILE G 303 -20.07 24.38 -31.09
C ILE G 303 -21.08 25.46 -31.34
N ILE G 304 -21.00 26.53 -30.55
CA ILE G 304 -21.90 27.64 -30.76
C ILE G 304 -21.76 28.15 -32.23
N LYS G 305 -20.54 28.32 -32.70
CA LYS G 305 -20.28 28.84 -34.06
C LYS G 305 -20.91 27.98 -35.14
N ARG G 306 -20.95 26.66 -34.88
CA ARG G 306 -21.46 25.68 -35.85
C ARG G 306 -22.95 25.86 -36.06
N HIS G 307 -23.65 26.25 -35.00
CA HIS G 307 -25.12 26.32 -34.97
C HIS G 307 -25.71 27.74 -35.04
N VAL G 308 -24.92 28.77 -34.78
CA VAL G 308 -25.56 30.07 -34.59
C VAL G 308 -26.19 30.66 -35.88
N ARG G 309 -25.74 30.26 -37.06
CA ARG G 309 -26.25 30.94 -38.29
C ARG G 309 -27.68 30.46 -38.64
N ALA G 310 -27.93 29.14 -38.54
CA ALA G 310 -29.30 28.65 -38.75
C ALA G 310 -30.20 29.21 -37.64
N PHE G 311 -29.66 29.30 -36.43
CA PHE G 311 -30.48 29.85 -35.39
C PHE G 311 -30.85 31.32 -35.59
N ALA G 312 -29.85 32.12 -35.95
CA ALA G 312 -30.12 33.55 -36.18
C ALA G 312 -31.04 33.70 -37.40
N VAL G 313 -30.92 32.82 -38.38
CA VAL G 313 -31.77 32.97 -39.58
C VAL G 313 -33.23 32.74 -39.18
N ASP G 314 -33.47 31.71 -38.36
CA ASP G 314 -34.82 31.37 -37.98
C ASP G 314 -35.43 32.51 -37.14
N LEU G 315 -34.67 32.99 -36.13
CA LEU G 315 -35.06 34.17 -35.34
C LEU G 315 -35.46 35.37 -36.20
N LEU G 316 -34.63 35.75 -37.17
CA LEU G 316 -35.04 36.92 -37.99
C LEU G 316 -36.42 36.63 -38.61
N ARG G 317 -36.67 35.39 -39.01
CA ARG G 317 -37.92 34.98 -39.67
C ARG G 317 -39.15 35.03 -38.75
N ARG G 318 -38.96 34.53 -37.54
CA ARG G 318 -39.93 34.75 -36.48
C ARG G 318 -40.37 36.22 -36.45
N ALA G 319 -39.46 37.13 -36.82
CA ALA G 319 -39.74 38.54 -36.70
C ALA G 319 -40.32 39.18 -37.97
N GLY G 320 -40.51 38.40 -39.02
CA GLY G 320 -40.98 38.94 -40.31
C GLY G 320 -39.84 39.35 -41.23
N MET G 321 -38.61 39.03 -40.83
CA MET G 321 -37.42 39.56 -41.54
C MET G 321 -36.61 38.44 -42.23
N ASP G 322 -35.87 38.80 -43.28
CA ASP G 322 -34.95 37.86 -43.90
C ASP G 322 -33.52 38.16 -43.50
N PHE G 323 -32.77 37.14 -43.06
CA PHE G 323 -31.42 37.37 -42.49
C PHE G 323 -30.42 37.95 -43.53
N GLU G 324 -30.62 37.64 -44.81
CA GLU G 324 -29.70 38.17 -45.81
C GLU G 324 -30.11 39.53 -46.38
N ARG G 325 -31.42 39.77 -46.53
CA ARG G 325 -31.90 41.08 -46.98
C ARG G 325 -31.74 42.14 -45.87
N ASP G 326 -31.91 41.73 -44.61
CA ASP G 326 -32.14 42.69 -43.50
C ASP G 326 -31.03 42.87 -42.45
N LYS G 327 -30.19 41.85 -42.27
CA LYS G 327 -29.17 41.86 -41.20
C LYS G 327 -28.22 43.03 -41.18
N ASP G 328 -27.97 43.65 -42.33
CA ASP G 328 -27.09 44.80 -42.31
C ASP G 328 -27.69 45.89 -41.48
N ALA G 329 -29.01 46.03 -41.50
CA ALA G 329 -29.69 47.10 -40.80
C ALA G 329 -29.76 46.86 -39.27
N LEU G 330 -29.34 45.68 -38.81
CA LEU G 330 -29.48 45.39 -37.36
C LEU G 330 -28.20 45.48 -36.55
N SER G 331 -28.40 45.73 -35.26
CA SER G 331 -27.40 45.50 -34.20
C SER G 331 -27.58 44.13 -33.57
N PHE G 332 -26.46 43.50 -33.24
CA PHE G 332 -26.55 42.17 -32.70
C PHE G 332 -26.09 42.19 -31.30
N ALA G 333 -26.99 41.86 -30.39
CA ALA G 333 -26.62 41.78 -28.98
C ALA G 333 -26.39 40.30 -28.66
N ILE G 334 -25.12 39.99 -28.37
CA ILE G 334 -24.61 38.65 -28.32
C ILE G 334 -24.03 38.46 -26.90
N HIS G 335 -24.46 37.45 -26.16
CA HIS G 335 -23.87 37.18 -24.84
C HIS G 335 -22.36 36.81 -24.91
N PRO G 336 -21.50 37.65 -24.33
CA PRO G 336 -20.05 37.34 -24.37
C PRO G 336 -19.68 36.27 -23.34
N GLY G 337 -20.06 34.99 -23.62
CA GLY G 337 -19.88 33.81 -22.71
C GLY G 337 -18.42 33.54 -22.41
N GLY G 338 -17.59 33.83 -23.42
CA GLY G 338 -16.14 33.72 -23.38
C GLY G 338 -15.45 34.76 -24.25
N PRO G 339 -14.12 34.86 -24.13
CA PRO G 339 -13.41 35.99 -24.80
C PRO G 339 -13.64 36.04 -26.29
N LYS G 340 -13.92 34.89 -26.86
CA LYS G 340 -13.90 34.78 -28.30
C LYS G 340 -15.31 34.54 -28.84
N ILE G 341 -16.30 34.38 -27.96
CA ILE G 341 -17.67 34.09 -28.42
C ILE G 341 -18.25 35.15 -29.41
N VAL G 342 -18.09 36.46 -29.08
CA VAL G 342 -18.62 37.53 -29.91
C VAL G 342 -17.98 37.44 -31.31
N ASP G 343 -16.65 37.43 -31.33
CA ASP G 343 -15.88 37.26 -32.57
C ASP G 343 -16.30 36.07 -33.45
N HIS G 344 -16.59 34.91 -32.84
CA HIS G 344 -16.99 33.72 -33.64
C HIS G 344 -18.34 33.94 -34.28
N VAL G 345 -19.28 34.40 -33.45
CA VAL G 345 -20.60 34.80 -33.91
C VAL G 345 -20.48 35.91 -34.96
N GLN G 346 -19.73 36.97 -34.67
CA GLN G 346 -19.55 38.03 -35.69
C GLN G 346 -19.04 37.48 -37.02
N GLU G 347 -18.08 36.56 -36.95
CA GLU G 347 -17.58 35.95 -38.21
C GLU G 347 -18.60 35.03 -38.90
N GLU G 348 -19.26 34.20 -38.11
CA GLU G 348 -20.15 33.23 -38.69
C GLU G 348 -21.25 34.00 -39.39
N LEU G 349 -21.68 35.10 -38.78
CA LEU G 349 -22.85 35.81 -39.31
C LEU G 349 -22.52 36.94 -40.29
N GLY G 350 -21.23 37.22 -40.46
CA GLY G 350 -20.77 38.18 -41.50
C GLY G 350 -20.90 39.61 -41.04
N LEU G 351 -20.79 39.85 -39.74
CA LEU G 351 -21.22 41.12 -39.18
C LEU G 351 -20.12 42.17 -39.18
N ALA G 352 -20.51 43.44 -39.31
CA ALA G 352 -19.51 44.48 -39.25
C ALA G 352 -19.22 44.82 -37.80
N GLU G 353 -18.08 45.42 -37.56
CA GLU G 353 -17.70 45.81 -36.23
C GLU G 353 -18.80 46.58 -35.46
N ASP G 354 -19.44 47.55 -36.11
CA ASP G 354 -20.44 48.38 -35.43
C ASP G 354 -21.72 47.61 -35.03
N GLN G 355 -21.99 46.50 -35.69
CA GLN G 355 -23.13 45.68 -35.35
C GLN G 355 -22.89 44.93 -34.03
N VAL G 356 -21.64 44.91 -33.54
CA VAL G 356 -21.38 44.07 -32.35
C VAL G 356 -20.51 44.77 -31.30
N ALA G 357 -20.27 46.05 -31.52
CA ALA G 357 -19.32 46.76 -30.63
C ALA G 357 -19.76 46.83 -29.22
N ILE G 358 -21.07 47.02 -29.03
CA ILE G 358 -21.55 47.14 -27.66
C ILE G 358 -21.34 45.90 -26.77
N SER G 359 -21.66 44.70 -27.29
CA SER G 359 -21.45 43.47 -26.56
C SER G 359 -19.96 43.31 -26.18
N LYS G 360 -19.04 43.69 -27.08
CA LYS G 360 -17.59 43.48 -26.82
C LYS G 360 -17.12 44.44 -25.74
N SER G 361 -17.65 45.64 -25.87
CA SER G 361 -17.40 46.71 -24.87
C SER G 361 -17.86 46.27 -23.45
N VAL G 362 -19.09 45.77 -23.38
CA VAL G 362 -19.66 45.38 -22.06
C VAL G 362 -18.79 44.28 -21.39
N PHE G 363 -18.36 43.30 -22.21
CA PHE G 363 -17.47 42.21 -21.82
C PHE G 363 -16.15 42.76 -21.38
N LEU G 364 -15.60 43.63 -22.21
CA LEU G 364 -14.30 44.21 -21.97
C LEU G 364 -14.34 45.00 -20.66
N GLU G 365 -15.46 45.64 -20.37
CA GLU G 365 -15.57 46.55 -19.22
C GLU G 365 -16.04 45.87 -17.96
N ASN G 366 -16.66 44.70 -18.11
CA ASN G 366 -17.35 43.97 -17.01
C ASN G 366 -17.03 42.50 -16.77
N GLY G 367 -16.49 41.81 -17.77
CA GLY G 367 -16.50 40.35 -17.75
C GLY G 367 -17.89 39.78 -18.01
N ASN G 368 -18.02 38.47 -17.77
CA ASN G 368 -19.23 37.74 -18.03
C ASN G 368 -20.06 37.74 -16.76
N MET G 369 -21.11 38.58 -16.77
CA MET G 369 -21.94 38.79 -15.56
C MET G 369 -23.07 37.80 -15.55
N SER G 370 -22.87 36.72 -16.28
CA SER G 370 -23.86 35.67 -16.35
C SER G 370 -25.16 36.29 -16.97
N SER G 371 -26.35 35.97 -16.46
CA SER G 371 -27.61 36.51 -17.09
C SER G 371 -27.79 38.05 -17.02
N SER G 372 -27.03 38.75 -16.14
CA SER G 372 -27.14 40.19 -16.09
C SER G 372 -26.48 40.82 -17.31
N THR G 373 -25.73 40.01 -18.08
CA THR G 373 -24.82 40.63 -19.03
C THR G 373 -25.65 41.17 -20.20
N ILE G 374 -26.59 40.38 -20.68
CA ILE G 374 -27.40 40.88 -21.81
C ILE G 374 -28.22 42.10 -21.41
N PRO G 375 -28.89 42.08 -20.25
CA PRO G 375 -29.52 43.34 -19.86
C PRO G 375 -28.68 44.61 -19.95
N HIS G 376 -27.40 44.58 -19.54
CA HIS G 376 -26.56 45.72 -19.67
C HIS G 376 -26.36 46.11 -21.16
N ILE G 377 -26.16 45.14 -22.03
CA ILE G 377 -25.95 45.46 -23.48
C ILE G 377 -27.14 46.22 -23.93
N LEU G 378 -28.30 45.71 -23.56
CA LEU G 378 -29.58 46.34 -23.90
C LEU G 378 -29.81 47.69 -23.24
N LYS G 379 -29.37 47.93 -22.00
CA LYS G 379 -29.45 49.29 -21.53
C LYS G 379 -28.73 50.27 -22.52
N ALA G 380 -27.52 49.89 -22.97
CA ALA G 380 -26.79 50.75 -23.84
C ALA G 380 -27.54 50.91 -25.19
N TYR G 381 -28.16 49.85 -25.73
CA TYR G 381 -28.85 50.12 -27.02
C TYR G 381 -29.95 51.13 -26.81
N LEU G 382 -30.73 50.95 -25.74
CA LEU G 382 -31.89 51.83 -25.49
C LEU G 382 -31.43 53.30 -25.33
N GLU G 383 -30.27 53.51 -24.70
CA GLU G 383 -29.71 54.86 -24.49
C GLU G 383 -29.08 55.44 -25.76
N GLU G 384 -28.59 54.61 -26.68
CA GLU G 384 -27.82 55.15 -27.83
C GLU G 384 -28.54 55.08 -29.18
N ALA G 385 -29.50 54.17 -29.30
CA ALA G 385 -30.06 53.82 -30.62
C ALA G 385 -31.09 54.82 -31.12
N THR G 386 -31.16 55.02 -32.43
CA THR G 386 -32.25 55.80 -32.96
C THR G 386 -33.55 54.96 -32.88
N VAL G 387 -34.66 55.64 -32.60
CA VAL G 387 -35.99 55.02 -32.63
C VAL G 387 -36.25 54.31 -33.96
N GLY G 388 -36.61 53.02 -33.96
CA GLY G 388 -36.79 52.29 -35.26
C GLY G 388 -35.64 51.29 -35.49
N THR G 389 -34.50 51.49 -34.85
CA THR G 389 -33.47 50.44 -34.83
C THR G 389 -34.04 49.11 -34.35
N ARG G 390 -33.64 48.03 -35.03
CA ARG G 390 -33.91 46.65 -34.60
C ARG G 390 -32.68 45.93 -34.04
N ILE G 391 -32.87 45.14 -33.01
CA ILE G 391 -31.75 44.43 -32.43
C ILE G 391 -32.07 42.94 -32.34
N ALA G 392 -31.17 42.12 -32.91
CA ALA G 392 -31.20 40.67 -32.74
C ALA G 392 -30.31 40.40 -31.51
N CYS G 393 -30.88 39.69 -30.53
CA CYS G 393 -30.16 39.30 -29.31
C CYS G 393 -29.96 37.77 -29.28
N LEU G 394 -28.69 37.34 -29.02
CA LEU G 394 -28.28 35.94 -28.95
C LEU G 394 -27.56 35.65 -27.64
N GLY G 395 -28.01 34.63 -26.93
CA GLY G 395 -27.26 34.20 -25.74
C GLY G 395 -27.19 32.68 -25.68
N PHE G 396 -26.11 32.18 -25.07
CA PHE G 396 -25.90 30.74 -24.96
C PHE G 396 -25.65 30.36 -23.48
N GLY G 397 -25.95 29.13 -23.06
CA GLY G 397 -25.55 28.62 -21.75
C GLY G 397 -25.72 27.12 -21.74
N PRO G 398 -25.69 26.53 -20.53
CA PRO G 398 -25.81 25.07 -20.39
C PRO G 398 -26.97 24.43 -21.20
N GLY G 399 -26.67 23.33 -21.89
CA GLY G 399 -27.62 22.46 -22.59
C GLY G 399 -26.88 21.67 -23.70
N LEU G 400 -26.17 22.37 -24.60
CA LEU G 400 -26.00 23.80 -24.62
C LEU G 400 -27.32 24.39 -25.06
N THR G 401 -27.65 25.58 -24.58
CA THR G 401 -28.86 26.16 -25.18
C THR G 401 -28.66 27.46 -25.97
N ALA G 402 -29.39 27.65 -27.08
CA ALA G 402 -29.33 28.92 -27.80
C ALA G 402 -30.64 29.66 -27.53
N ALA G 403 -30.50 30.97 -27.32
CA ALA G 403 -31.62 31.83 -26.88
C ALA G 403 -31.68 33.10 -27.76
N GLY G 404 -32.87 33.47 -28.23
CA GLY G 404 -32.96 34.56 -29.18
C GLY G 404 -34.10 35.51 -28.89
N LEU G 405 -33.87 36.79 -29.20
CA LEU G 405 -34.81 37.90 -28.94
C LEU G 405 -34.62 38.97 -30.04
N VAL G 406 -35.70 39.36 -30.67
CA VAL G 406 -35.64 40.49 -31.62
C VAL G 406 -36.46 41.60 -30.98
N LEU G 407 -35.84 42.81 -30.94
CA LEU G 407 -36.42 44.01 -30.36
C LEU G 407 -36.36 45.16 -31.37
N GLU G 408 -37.30 46.12 -31.26
CA GLU G 408 -37.25 47.41 -31.96
C GLU G 408 -37.32 48.62 -30.97
N LYS G 409 -36.45 49.62 -31.13
CA LYS G 409 -36.55 50.82 -30.26
C LYS G 409 -37.68 51.71 -30.68
N ILE G 410 -38.53 52.13 -29.74
CA ILE G 410 -39.70 52.99 -30.05
C ILE G 410 -39.80 54.05 -28.96
N HIS H 7 -26.67 14.88 -56.29
CA HIS H 7 -26.60 13.41 -56.64
C HIS H 7 -27.21 12.54 -55.54
N PRO H 8 -28.25 11.78 -55.90
CA PRO H 8 -28.95 10.94 -54.93
C PRO H 8 -28.28 9.59 -54.82
N ASN H 9 -28.42 8.92 -53.68
CA ASN H 9 -27.81 7.60 -53.56
C ASN H 9 -26.31 7.60 -53.86
N SER H 10 -25.60 8.45 -53.15
CA SER H 10 -24.22 8.72 -53.48
C SER H 10 -23.54 9.02 -52.18
N ALA H 11 -22.44 8.33 -51.88
CA ALA H 11 -21.69 8.57 -50.65
C ALA H 11 -20.34 9.19 -51.02
N VAL H 12 -19.81 10.00 -50.11
CA VAL H 12 -18.58 10.78 -50.41
C VAL H 12 -17.54 10.79 -49.28
N LEU H 13 -16.28 10.57 -49.64
CA LEU H 13 -15.15 10.63 -48.68
C LEU H 13 -14.69 12.02 -48.41
N ALA H 14 -14.38 12.37 -47.17
CA ALA H 14 -13.83 13.68 -46.91
C ALA H 14 -13.15 13.78 -45.55
N ASP H 15 -12.44 14.89 -45.40
CA ASP H 15 -11.97 15.43 -44.14
C ASP H 15 -11.03 14.42 -43.54
N PHE H 16 -9.90 14.16 -44.21
CA PHE H 16 -8.91 13.18 -43.78
C PHE H 16 -8.00 13.82 -42.71
N ILE H 17 -7.84 13.18 -41.56
CA ILE H 17 -7.10 13.79 -40.44
C ILE H 17 -6.14 12.78 -39.84
N PRO H 18 -4.87 12.89 -40.18
CA PRO H 18 -3.81 12.08 -39.69
C PRO H 18 -3.38 12.61 -38.35
N VAL H 19 -2.95 11.75 -37.45
CA VAL H 19 -2.30 12.15 -36.22
C VAL H 19 -0.93 11.44 -36.18
N GLN H 20 0.10 12.22 -35.88
CA GLN H 20 1.45 11.71 -35.68
C GLN H 20 1.70 11.58 -34.18
N LEU H 21 2.00 10.37 -33.73
CA LEU H 21 2.23 10.14 -32.29
C LEU H 21 3.70 10.20 -31.90
N ALA H 22 4.60 10.04 -32.88
CA ALA H 22 6.05 10.16 -32.61
C ALA H 22 6.80 10.72 -33.83
N LYS H 23 7.93 11.38 -33.60
CA LYS H 23 8.74 11.81 -34.72
C LYS H 23 9.27 10.65 -35.55
N PRO H 24 9.08 10.71 -36.88
CA PRO H 24 9.59 9.65 -37.78
C PRO H 24 11.09 9.45 -37.69
N VAL H 25 11.58 8.23 -37.82
CA VAL H 25 13.02 7.98 -37.62
C VAL H 25 13.73 7.76 -38.94
N PRO H 26 14.87 8.47 -39.18
CA PRO H 26 15.58 8.28 -40.46
C PRO H 26 15.78 6.80 -40.81
N GLN H 27 15.38 6.39 -42.01
CA GLN H 27 15.45 4.99 -42.40
C GLN H 27 16.78 4.39 -42.10
N ARG H 28 17.89 5.11 -42.37
CA ARG H 28 19.26 4.57 -42.09
C ARG H 28 19.44 4.24 -40.60
N ILE H 29 18.83 5.00 -39.71
CA ILE H 29 19.07 4.69 -38.30
C ILE H 29 18.22 3.50 -37.86
N THR H 30 17.03 3.37 -38.48
CA THR H 30 16.23 2.19 -38.17
C THR H 30 17.02 0.97 -38.68
N LEU H 31 17.63 1.07 -39.86
CA LEU H 31 18.35 -0.11 -40.33
C LEU H 31 19.50 -0.46 -39.36
N GLU H 32 20.29 0.52 -38.93
CA GLU H 32 21.43 0.22 -38.07
C GLU H 32 20.96 -0.48 -36.81
N LEU H 33 19.99 0.12 -36.15
CA LEU H 33 19.59 -0.36 -34.86
C LEU H 33 18.83 -1.70 -34.91
N THR H 34 17.95 -1.89 -35.88
CA THR H 34 17.32 -3.21 -35.97
C THR H 34 18.23 -4.39 -36.45
N ALA H 35 19.21 -4.15 -37.35
CA ALA H 35 20.26 -5.16 -37.60
C ALA H 35 21.03 -5.49 -36.29
N TYR H 36 21.51 -4.46 -35.60
CA TYR H 36 22.12 -4.65 -34.27
C TYR H 36 21.30 -5.53 -33.33
N GLY H 37 19.99 -5.24 -33.24
CA GLY H 37 19.09 -5.99 -32.36
C GLY H 37 18.88 -7.41 -32.86
N PHE H 38 18.73 -7.55 -34.18
CA PHE H 38 18.58 -8.88 -34.78
C PHE H 38 19.78 -9.70 -34.34
N ALA H 39 20.94 -9.06 -34.37
CA ALA H 39 22.18 -9.70 -33.98
C ALA H 39 22.16 -10.13 -32.51
N ARG H 40 21.75 -9.26 -31.62
CA ARG H 40 21.93 -9.61 -30.23
C ARG H 40 20.90 -10.68 -29.86
N ALA H 41 19.79 -10.69 -30.58
CA ALA H 41 18.70 -11.62 -30.30
C ALA H 41 19.12 -13.01 -30.75
N HIS H 42 19.64 -13.09 -31.97
CA HIS H 42 20.14 -14.35 -32.49
C HIS H 42 21.14 -14.93 -31.51
N CYS H 43 21.98 -14.08 -30.92
CA CYS H 43 22.96 -14.55 -29.94
C CYS H 43 22.35 -15.01 -28.60
N LEU H 44 21.13 -14.59 -28.32
CA LEU H 44 20.46 -14.97 -27.09
C LEU H 44 19.74 -16.30 -27.26
N VAL H 57 28.52 -12.98 -36.24
CA VAL H 57 27.92 -12.22 -35.16
C VAL H 57 27.14 -11.02 -35.71
N TYR H 58 27.36 -9.88 -35.07
CA TYR H 58 26.86 -8.62 -35.53
C TYR H 58 27.15 -8.58 -37.03
N LYS H 59 28.31 -9.13 -37.38
CA LYS H 59 28.92 -9.00 -38.69
C LYS H 59 28.11 -9.45 -39.93
N THR H 60 27.54 -10.66 -39.90
CA THR H 60 26.88 -11.20 -41.09
C THR H 60 25.36 -10.83 -41.21
N VAL H 61 24.72 -10.43 -40.11
CA VAL H 61 23.37 -9.84 -40.19
C VAL H 61 23.41 -8.47 -40.92
N LYS H 62 24.41 -7.66 -40.62
CA LYS H 62 24.62 -6.39 -41.32
C LYS H 62 24.64 -6.60 -42.84
N GLU H 63 25.25 -7.70 -43.27
CA GLU H 63 25.32 -8.08 -44.69
C GLU H 63 23.97 -8.48 -45.26
N LYS H 64 23.25 -9.34 -44.54
CA LYS H 64 21.92 -9.73 -44.99
C LYS H 64 20.95 -8.52 -45.00
N PHE H 65 21.12 -7.59 -44.04
CA PHE H 65 20.35 -6.33 -44.05
C PHE H 65 20.63 -5.43 -45.26
N ASP H 66 21.91 -5.30 -45.60
CA ASP H 66 22.31 -4.61 -46.81
C ASP H 66 21.69 -5.23 -48.07
N LYS H 67 21.65 -6.55 -48.11
CA LYS H 67 21.14 -7.24 -49.26
C LYS H 67 19.60 -7.20 -49.31
N TYR H 68 18.97 -7.41 -48.17
CA TYR H 68 17.52 -7.58 -48.20
C TYR H 68 16.69 -6.42 -47.62
N ALA H 69 17.29 -5.59 -46.75
CA ALA H 69 16.56 -4.54 -46.07
C ALA H 69 15.96 -3.55 -47.06
N VAL H 70 14.79 -3.00 -46.74
CA VAL H 70 14.31 -1.86 -47.49
C VAL H 70 15.21 -0.62 -47.15
N SER H 71 15.79 -0.02 -48.19
CA SER H 71 16.85 0.92 -48.02
C SER H 71 16.38 2.37 -47.87
N PRO H 72 17.26 3.23 -47.31
CA PRO H 72 16.94 4.66 -47.24
C PRO H 72 16.51 5.35 -48.57
N ALA H 73 16.99 4.88 -49.70
CA ALA H 73 16.53 5.41 -50.99
C ALA H 73 15.06 5.02 -51.31
N GLN H 74 14.56 3.95 -50.69
CA GLN H 74 13.19 3.53 -50.99
C GLN H 74 12.23 4.11 -49.96
N ILE H 75 12.68 4.12 -48.72
CA ILE H 75 11.92 4.74 -47.63
C ILE H 75 12.84 5.72 -46.86
N LYS H 76 12.46 6.99 -46.79
CA LYS H 76 13.37 7.97 -46.12
C LYS H 76 13.30 7.93 -44.59
N GLN H 77 12.12 7.66 -44.06
CA GLN H 77 11.94 7.63 -42.59
C GLN H 77 10.60 6.97 -42.31
N ARG H 78 10.45 6.45 -41.10
CA ARG H 78 9.21 5.82 -40.74
C ARG H 78 8.77 6.26 -39.36
N GLN H 79 7.47 6.45 -39.19
CA GLN H 79 6.91 6.60 -37.82
C GLN H 79 6.88 5.19 -37.17
N LEU H 80 7.60 5.06 -36.07
CA LEU H 80 7.75 3.77 -35.35
C LEU H 80 7.67 4.06 -33.86
N VAL H 81 6.47 4.14 -33.32
CA VAL H 81 6.20 4.50 -31.92
C VAL H 81 6.95 3.53 -31.02
N TYR H 82 7.14 2.29 -31.45
CA TYR H 82 7.79 1.33 -30.52
C TYR H 82 9.32 1.25 -30.75
N PHE H 83 9.86 2.21 -31.47
CA PHE H 83 11.28 2.20 -31.74
C PHE H 83 11.72 3.19 -30.71
N PRO H 84 12.86 2.96 -30.07
CA PRO H 84 13.30 3.94 -29.09
C PRO H 84 13.55 5.33 -29.71
N LYS H 85 13.38 6.37 -28.90
CA LYS H 85 13.56 7.69 -29.46
C LYS H 85 15.03 8.05 -29.51
N LEU H 86 15.41 8.78 -30.56
CA LEU H 86 16.79 9.15 -30.75
C LEU H 86 17.36 9.57 -29.40
N THR H 87 16.79 10.63 -28.83
CA THR H 87 17.26 11.12 -27.53
C THR H 87 17.54 10.07 -26.43
N ASP H 88 17.27 8.80 -26.66
CA ASP H 88 17.50 7.86 -25.58
C ASP H 88 18.49 6.77 -25.94
N ILE H 89 19.05 6.89 -27.14
CA ILE H 89 20.08 5.96 -27.63
C ILE H 89 21.48 6.59 -27.63
N ARG H 90 22.49 5.84 -27.16
CA ARG H 90 23.89 6.14 -27.49
C ARG H 90 24.46 5.04 -28.40
N PHE H 96 25.25 -0.34 -28.87
CA PHE H 96 24.40 0.76 -28.50
C PHE H 96 24.11 0.78 -27.01
N ASP H 97 23.63 1.93 -26.55
CA ASP H 97 23.17 2.03 -25.19
C ASP H 97 21.88 2.83 -25.13
N ILE H 98 20.75 2.11 -25.12
CA ILE H 98 19.44 2.71 -24.92
C ILE H 98 19.20 3.03 -23.45
N ALA H 99 18.81 4.26 -23.17
CA ALA H 99 18.31 4.63 -21.83
C ALA H 99 16.88 4.08 -21.61
N ASP H 104 6.70 4.48 -16.71
CA ASP H 104 5.46 5.12 -17.15
C ASP H 104 5.30 5.16 -18.69
N GLN H 105 6.33 5.68 -19.38
CA GLN H 105 6.52 5.46 -20.81
C GLN H 105 7.14 4.05 -21.04
N ALA H 106 7.26 3.29 -19.96
CA ALA H 106 7.77 1.94 -20.03
C ALA H 106 6.96 1.10 -20.99
N HIS H 107 5.71 1.47 -21.21
CA HIS H 107 4.84 0.67 -22.07
C HIS H 107 5.32 0.76 -23.52
N LEU H 108 6.24 1.69 -23.78
CA LEU H 108 6.75 1.87 -25.11
C LEU H 108 7.88 0.89 -25.42
N ARG H 109 8.39 0.19 -24.41
CA ARG H 109 9.50 -0.72 -24.63
C ARG H 109 9.02 -2.18 -24.68
N LEU H 110 8.93 -2.74 -25.88
CA LEU H 110 8.31 -4.06 -26.08
C LEU H 110 9.34 -5.09 -26.55
N PHE H 111 10.48 -4.61 -27.01
CA PHE H 111 11.49 -5.49 -27.51
C PHE H 111 12.47 -5.57 -26.35
N ASP H 112 13.41 -6.51 -26.43
CA ASP H 112 14.34 -6.80 -25.34
C ASP H 112 15.59 -7.45 -25.94
N ILE H 113 16.71 -6.76 -25.86
CA ILE H 113 17.96 -7.33 -26.35
C ILE H 113 18.93 -7.51 -25.21
N LYS H 114 18.57 -8.32 -24.22
CA LYS H 114 19.41 -8.44 -23.04
C LYS H 114 19.05 -9.57 -22.10
N LYS H 115 17.82 -10.06 -22.20
CA LYS H 115 17.41 -11.26 -21.46
C LYS H 115 16.61 -12.18 -22.38
N ASP H 116 15.47 -11.70 -22.86
CA ASP H 116 14.55 -12.59 -23.59
C ASP H 116 14.07 -11.95 -24.91
N PRO H 117 14.73 -12.28 -26.01
CA PRO H 117 14.74 -11.62 -27.32
C PRO H 117 13.39 -11.71 -27.97
N ARG H 118 12.54 -12.56 -27.40
CA ARG H 118 11.18 -12.64 -27.84
C ARG H 118 10.51 -11.34 -27.43
N GLY H 119 11.02 -10.72 -26.36
CA GLY H 119 10.48 -9.44 -25.87
C GLY H 119 9.12 -9.55 -25.19
N ALA H 120 8.34 -8.46 -25.23
CA ALA H 120 7.07 -8.39 -24.49
C ALA H 120 6.14 -9.46 -25.00
N ASP H 121 5.28 -10.00 -24.14
CA ASP H 121 4.34 -11.00 -24.65
C ASP H 121 3.10 -10.34 -25.22
N LEU H 122 2.23 -11.10 -25.92
CA LEU H 122 1.17 -10.47 -26.68
C LEU H 122 0.22 -9.67 -25.78
N LYS H 123 0.00 -10.13 -24.57
CA LYS H 123 -0.90 -9.41 -23.67
C LYS H 123 -0.29 -8.04 -23.32
N THR H 124 1.01 -8.00 -23.03
CA THR H 124 1.62 -6.73 -22.73
C THR H 124 1.55 -5.80 -23.91
N ARG H 125 1.73 -6.36 -25.13
CA ARG H 125 1.65 -5.52 -26.34
C ARG H 125 0.24 -4.98 -26.57
N HIS H 126 -0.77 -5.81 -26.36
CA HIS H 126 -2.11 -5.33 -26.60
C HIS H 126 -2.51 -4.23 -25.59
N GLU H 127 -2.06 -4.36 -24.36
CA GLU H 127 -2.31 -3.35 -23.36
C GLU H 127 -1.63 -2.04 -23.72
N SER H 128 -0.42 -2.12 -24.29
CA SER H 128 0.23 -0.92 -24.75
C SER H 128 -0.52 -0.35 -25.98
N TYR H 129 -0.96 -1.24 -26.87
CA TYR H 129 -1.68 -0.77 -28.08
C TYR H 129 -2.87 0.02 -27.57
N ALA H 130 -3.58 -0.50 -26.56
CA ALA H 130 -4.78 0.23 -26.08
C ALA H 130 -4.47 1.65 -25.53
N LYS H 131 -3.36 1.79 -24.85
CA LYS H 131 -3.01 3.07 -24.28
C LYS H 131 -2.56 4.06 -25.35
N VAL H 132 -1.73 3.61 -26.29
CA VAL H 132 -1.13 4.50 -27.28
C VAL H 132 -2.29 4.85 -28.25
N VAL H 133 -3.13 3.88 -28.61
CA VAL H 133 -4.27 4.16 -29.55
C VAL H 133 -5.34 4.95 -28.82
N GLY H 134 -5.55 4.69 -27.54
CA GLY H 134 -6.45 5.57 -26.74
C GLY H 134 -6.18 7.07 -26.87
N LYS H 135 -4.89 7.42 -26.80
CA LYS H 135 -4.43 8.78 -26.83
C LYS H 135 -4.57 9.31 -28.25
N GLY H 136 -4.15 8.48 -29.21
CA GLY H 136 -4.20 8.93 -30.57
C GLY H 136 -5.58 9.22 -31.06
N LEU H 137 -6.54 8.38 -30.68
CA LEU H 137 -7.94 8.56 -31.05
C LEU H 137 -8.45 9.82 -30.40
N GLU H 138 -8.07 10.09 -29.12
CA GLU H 138 -8.42 11.38 -28.49
C GLU H 138 -7.90 12.54 -29.35
N GLN H 139 -6.68 12.43 -29.87
CA GLN H 139 -6.17 13.51 -30.73
C GLN H 139 -6.88 13.58 -32.08
N MET H 140 -7.11 12.43 -32.71
CA MET H 140 -7.78 12.39 -34.03
C MET H 140 -9.16 13.03 -34.00
N PHE H 141 -9.88 12.82 -32.91
CA PHE H 141 -11.27 13.27 -32.82
C PHE H 141 -11.50 14.56 -32.02
N GLU H 142 -10.43 15.28 -31.68
CA GLU H 142 -10.57 16.40 -30.73
C GLU H 142 -11.34 17.62 -31.34
N GLY H 143 -11.28 17.81 -32.66
CA GLY H 143 -12.09 18.85 -33.27
C GLY H 143 -13.42 18.33 -33.81
N THR H 144 -13.80 17.11 -33.40
CA THR H 144 -15.08 16.58 -33.84
C THR H 144 -16.22 17.17 -32.99
N LEU H 145 -17.17 17.88 -33.59
CA LEU H 145 -18.15 18.62 -32.79
C LEU H 145 -19.52 17.91 -32.67
N GLU H 146 -19.78 16.97 -33.58
CA GLU H 146 -21.02 16.20 -33.55
C GLU H 146 -20.71 14.71 -33.72
N ALA H 147 -21.31 13.88 -32.87
CA ALA H 147 -21.12 12.43 -32.94
C ALA H 147 -21.51 11.97 -34.34
N PRO H 148 -20.76 11.01 -34.92
CA PRO H 148 -21.27 10.43 -36.15
C PRO H 148 -22.34 9.38 -35.81
N ASP H 149 -23.15 9.06 -36.79
CA ASP H 149 -24.06 7.92 -36.70
C ASP H 149 -23.34 6.58 -36.53
N ASP H 150 -22.20 6.45 -37.18
CA ASP H 150 -21.38 5.19 -37.08
C ASP H 150 -19.89 5.53 -36.95
N LEU H 151 -19.16 4.75 -36.18
CA LEU H 151 -17.71 4.89 -36.17
C LEU H 151 -17.19 3.51 -36.45
N ILE H 152 -16.29 3.41 -37.41
CA ILE H 152 -15.74 2.10 -37.85
C ILE H 152 -14.24 2.10 -37.54
N HIS H 153 -13.79 1.17 -36.69
CA HIS H 153 -12.40 1.08 -36.29
C HIS H 153 -11.76 0.12 -37.25
N VAL H 154 -10.69 0.51 -37.94
CA VAL H 154 -9.95 -0.35 -38.82
C VAL H 154 -8.55 -0.57 -38.24
N THR H 155 -8.18 -1.85 -38.03
CA THR H 155 -6.83 -2.19 -37.64
C THR H 155 -6.58 -3.65 -38.08
N CYS H 156 -5.33 -4.00 -38.25
CA CYS H 156 -4.91 -5.36 -38.25
C CYS H 156 -3.73 -5.57 -37.30
N SER H 157 -3.55 -4.68 -36.29
CA SER H 157 -2.37 -4.68 -35.40
C SER H 157 -2.63 -4.64 -33.88
N GLY H 158 -3.86 -4.70 -33.42
CA GLY H 158 -4.12 -4.99 -31.99
C GLY H 158 -5.59 -5.24 -31.89
N TYR H 159 -5.97 -6.31 -31.22
CA TYR H 159 -7.39 -6.67 -31.17
C TYR H 159 -7.81 -6.74 -29.70
N LEU H 160 -8.61 -5.78 -29.24
CA LEU H 160 -9.10 -5.83 -27.89
C LEU H 160 -10.61 -5.69 -27.85
N ALA H 161 -11.27 -6.31 -26.88
CA ALA H 161 -12.67 -6.02 -26.62
C ALA H 161 -12.86 -5.70 -25.13
N PRO H 162 -13.51 -4.56 -24.81
CA PRO H 162 -13.82 -3.61 -25.87
C PRO H 162 -12.56 -2.98 -26.36
N SER H 163 -12.68 -2.43 -27.52
CA SER H 163 -11.58 -1.84 -28.21
C SER H 163 -11.40 -0.41 -27.80
N PRO H 164 -10.25 0.11 -28.18
CA PRO H 164 -9.95 1.47 -27.83
C PRO H 164 -10.91 2.39 -28.53
N ALA H 165 -11.34 2.02 -29.73
CA ALA H 165 -12.32 2.84 -30.41
C ALA H 165 -13.62 2.82 -29.63
N GLU H 166 -14.05 1.66 -29.14
CA GLU H 166 -15.31 1.69 -28.34
C GLU H 166 -15.18 2.53 -27.08
N ARG H 167 -14.04 2.43 -26.42
CA ARG H 167 -13.87 3.13 -25.15
C ARG H 167 -13.92 4.68 -25.41
N MET H 168 -13.28 5.12 -26.50
CA MET H 168 -13.36 6.56 -26.89
C MET H 168 -14.79 7.03 -27.10
N VAL H 169 -15.55 6.28 -27.87
CA VAL H 169 -16.93 6.66 -28.12
C VAL H 169 -17.69 6.85 -26.77
N ALA H 170 -17.42 5.99 -25.77
CA ALA H 170 -18.03 6.12 -24.44
C ALA H 170 -17.48 7.30 -23.67
N ASP H 171 -16.17 7.50 -23.75
CA ASP H 171 -15.59 8.63 -23.13
C ASP H 171 -16.26 9.90 -23.66
N ARG H 172 -16.68 9.90 -24.93
CA ARG H 172 -17.24 11.12 -25.49
C ARG H 172 -18.70 11.25 -25.15
N GLY H 173 -19.25 10.19 -24.58
CA GLY H 173 -20.64 10.20 -24.21
C GLY H 173 -21.53 10.01 -25.45
N TRP H 174 -20.96 9.41 -26.52
CA TRP H 174 -21.64 9.28 -27.82
C TRP H 174 -22.47 8.05 -27.80
N PHE H 175 -23.60 8.08 -27.10
CA PHE H 175 -24.28 6.81 -26.81
C PHE H 175 -25.36 6.46 -27.80
N GLU H 176 -25.34 7.14 -28.95
CA GLU H 176 -26.24 6.84 -30.05
C GLU H 176 -25.49 6.40 -31.29
N THR H 177 -24.14 6.38 -31.22
CA THR H 177 -23.27 5.99 -32.32
C THR H 177 -23.02 4.51 -32.34
N THR H 178 -23.21 3.94 -33.52
CA THR H 178 -22.90 2.53 -33.70
C THR H 178 -21.42 2.40 -33.98
N VAL H 179 -20.71 1.56 -33.21
CA VAL H 179 -19.29 1.26 -33.54
C VAL H 179 -19.20 -0.11 -34.21
N THR H 180 -18.46 -0.21 -35.31
CA THR H 180 -18.24 -1.47 -35.95
C THR H 180 -16.71 -1.73 -36.08
N HIS H 181 -16.25 -2.95 -35.72
CA HIS H 181 -14.87 -3.32 -35.93
C HIS H 181 -14.66 -3.88 -37.34
N SER H 182 -13.72 -3.32 -38.08
CA SER H 182 -13.41 -3.79 -39.40
C SER H 182 -11.96 -4.20 -39.29
N TYR H 183 -11.77 -5.45 -38.85
CA TYR H 183 -10.46 -5.95 -38.43
C TYR H 183 -9.96 -7.01 -39.31
N ASN H 184 -8.64 -7.19 -39.34
CA ASN H 184 -8.05 -8.32 -40.01
C ASN H 184 -8.38 -8.42 -41.48
N MET H 185 -8.41 -7.27 -42.13
CA MET H 185 -8.33 -7.20 -43.59
C MET H 185 -7.13 -6.37 -44.00
N GLY H 186 -6.04 -6.50 -43.24
CA GLY H 186 -4.75 -6.03 -43.66
C GLY H 186 -4.59 -4.67 -44.34
N CYS H 187 -3.59 -4.63 -45.21
CA CYS H 187 -3.18 -3.47 -45.94
C CYS H 187 -4.27 -2.88 -46.81
N TYR H 188 -5.29 -3.64 -47.19
CA TYR H 188 -6.33 -3.06 -48.02
C TYR H 188 -7.43 -2.67 -47.05
N GLY H 189 -7.14 -2.69 -45.72
CA GLY H 189 -8.22 -2.46 -44.79
C GLY H 189 -9.17 -1.29 -45.07
N ALA H 190 -8.74 -0.23 -45.78
CA ALA H 190 -9.62 0.90 -46.05
C ALA H 190 -10.80 0.54 -46.99
N PHE H 191 -10.54 -0.35 -47.93
CA PHE H 191 -11.57 -0.75 -48.93
C PHE H 191 -12.88 -1.30 -48.32
N PRO H 192 -12.76 -2.32 -47.40
CA PRO H 192 -13.91 -2.89 -46.67
C PRO H 192 -14.56 -1.87 -45.77
N ALA H 193 -13.75 -0.97 -45.19
CA ALA H 193 -14.28 0.01 -44.25
C ALA H 193 -15.11 0.95 -45.02
N ILE H 194 -14.61 1.35 -46.18
CA ILE H 194 -15.42 2.22 -47.06
C ILE H 194 -16.70 1.57 -47.61
N LYS H 195 -16.57 0.31 -48.09
CA LYS H 195 -17.75 -0.56 -48.29
C LYS H 195 -18.74 -0.52 -47.15
N MET H 196 -18.31 -0.78 -45.89
CA MET H 196 -19.25 -0.76 -44.83
C MET H 196 -19.95 0.55 -44.64
N ALA H 197 -19.18 1.65 -44.72
CA ALA H 197 -19.70 3.01 -44.61
C ALA H 197 -20.75 3.24 -45.70
N HIS H 198 -20.42 2.87 -46.91
CA HIS H 198 -21.39 3.06 -47.98
C HIS H 198 -22.73 2.32 -47.64
N GLY H 199 -22.60 1.05 -47.25
CA GLY H 199 -23.66 0.19 -46.80
C GLY H 199 -24.47 0.91 -45.73
N MET H 200 -23.83 1.50 -44.75
CA MET H 200 -24.57 2.12 -43.64
C MET H 200 -25.51 3.23 -44.19
N LEU H 201 -24.97 4.09 -45.04
CA LEU H 201 -25.81 5.11 -45.62
C LEU H 201 -26.91 4.49 -46.50
N ALA H 202 -26.60 3.50 -47.32
CA ALA H 202 -27.61 2.88 -48.17
C ALA H 202 -28.70 2.19 -47.29
N SER H 203 -28.28 1.56 -46.20
CA SER H 203 -29.23 0.90 -45.32
C SER H 203 -30.17 1.90 -44.61
N ALA H 204 -29.66 3.07 -44.24
CA ALA H 204 -30.51 4.07 -43.61
C ALA H 204 -31.52 4.60 -44.66
N GLN H 205 -31.04 4.80 -45.87
CA GLN H 205 -31.91 5.28 -46.99
C GLN H 205 -32.97 4.20 -47.23
N TRP H 206 -32.60 2.93 -47.16
CA TRP H 206 -33.65 1.89 -47.24
C TRP H 206 -34.69 1.95 -46.10
N GLY H 207 -34.35 2.56 -44.96
CA GLY H 207 -35.30 2.63 -43.83
C GLY H 207 -35.07 1.69 -42.64
N ALA H 208 -34.01 0.89 -42.67
CA ALA H 208 -33.75 -0.09 -41.59
C ALA H 208 -33.17 0.61 -40.37
N THR H 209 -32.71 1.85 -40.55
CA THR H 209 -32.36 2.74 -39.46
C THR H 209 -32.91 4.10 -39.82
N PRO H 210 -33.01 4.98 -38.81
CA PRO H 210 -33.36 6.35 -39.11
C PRO H 210 -32.26 6.99 -39.97
N PRO H 211 -32.55 8.13 -40.64
CA PRO H 211 -31.59 8.71 -41.58
C PRO H 211 -30.24 8.89 -40.90
N LYS H 212 -29.15 8.82 -41.69
CA LYS H 212 -27.76 9.01 -41.16
C LYS H 212 -27.11 10.13 -41.91
N THR H 213 -26.18 10.88 -41.30
CA THR H 213 -25.50 11.95 -42.04
C THR H 213 -23.98 11.82 -42.03
N ARG H 214 -23.44 10.97 -41.17
CA ARG H 214 -21.99 10.82 -41.25
C ARG H 214 -21.49 9.51 -40.72
N VAL H 215 -20.63 8.84 -41.49
CA VAL H 215 -19.84 7.74 -40.93
C VAL H 215 -18.39 8.20 -40.74
N ASP H 216 -17.80 7.96 -39.55
CA ASP H 216 -16.33 8.15 -39.38
C ASP H 216 -15.61 6.80 -39.49
N ILE H 217 -14.44 6.79 -40.13
CA ILE H 217 -13.58 5.62 -40.29
C ILE H 217 -12.21 5.95 -39.67
N ALA H 218 -11.80 5.18 -38.65
CA ALA H 218 -10.57 5.48 -37.95
C ALA H 218 -9.57 4.34 -38.11
N HIS H 219 -8.46 4.58 -38.77
CA HIS H 219 -7.40 3.60 -38.93
C HIS H 219 -6.36 3.82 -37.88
N THR H 220 -6.05 2.81 -37.08
CA THR H 220 -4.94 2.92 -36.11
C THR H 220 -4.02 1.70 -36.32
N GLU H 221 -2.98 1.87 -37.14
CA GLU H 221 -2.06 0.80 -37.34
C GLU H 221 -0.74 1.04 -36.54
N LEU H 222 -0.45 0.16 -35.59
CA LEU H 222 0.88 0.22 -34.94
C LEU H 222 1.69 -1.00 -35.40
N MET H 223 2.12 -1.01 -36.66
CA MET H 223 2.86 -2.18 -37.20
C MET H 223 4.07 -2.41 -36.29
N SER H 224 4.57 -1.33 -35.71
CA SER H 224 5.85 -1.43 -34.98
C SER H 224 5.79 -2.20 -33.65
N ALA H 225 4.59 -2.33 -33.13
CA ALA H 225 4.38 -3.14 -31.95
C ALA H 225 4.63 -4.60 -32.27
N HIS H 226 4.60 -5.01 -33.55
CA HIS H 226 4.82 -6.44 -33.85
C HIS H 226 6.26 -6.75 -34.24
N ASN H 227 7.15 -5.87 -33.76
CA ASN H 227 8.57 -6.01 -33.87
C ASN H 227 8.90 -7.45 -33.55
N ASN H 228 9.71 -8.03 -34.41
CA ASN H 228 10.15 -9.38 -34.25
C ASN H 228 11.62 -9.40 -34.57
N ILE H 229 12.47 -9.35 -33.55
CA ILE H 229 13.91 -9.37 -33.81
C ILE H 229 14.54 -10.76 -33.67
N ALA H 230 13.75 -11.73 -33.25
CA ALA H 230 14.24 -13.09 -33.03
C ALA H 230 14.46 -13.84 -34.33
N GLU H 231 13.65 -13.58 -35.35
CA GLU H 231 13.70 -14.36 -36.56
C GLU H 231 14.58 -13.74 -37.65
N SER H 232 15.57 -14.47 -38.14
CA SER H 232 16.53 -13.90 -39.09
C SER H 232 16.15 -14.08 -40.57
N ARG H 233 15.04 -14.78 -40.82
CA ARG H 233 14.60 -15.11 -42.19
C ARG H 233 14.47 -13.90 -43.14
N VAL H 234 14.87 -14.09 -44.39
CA VAL H 234 14.90 -12.95 -45.29
C VAL H 234 13.58 -12.23 -45.09
N ASP H 235 12.50 -12.98 -45.32
CA ASP H 235 11.12 -12.60 -45.07
C ASP H 235 10.93 -11.55 -43.98
N ASN H 236 11.50 -11.82 -42.81
CA ASN H 236 11.25 -11.01 -41.63
C ASN H 236 12.10 -9.74 -41.65
N ILE H 237 13.24 -9.82 -42.32
CA ILE H 237 14.11 -8.65 -42.45
C ILE H 237 13.43 -7.57 -43.31
N ILE H 238 12.81 -8.00 -44.40
CA ILE H 238 12.09 -7.10 -45.27
C ILE H 238 10.94 -6.47 -44.50
N SER H 239 10.26 -7.30 -43.70
CA SER H 239 9.10 -6.87 -42.90
C SER H 239 9.45 -5.85 -41.83
N ALA H 240 10.51 -6.14 -41.09
CA ALA H 240 10.95 -5.23 -40.02
C ALA H 240 11.31 -3.85 -40.55
N THR H 241 11.74 -3.76 -41.81
CA THR H 241 12.18 -2.49 -42.39
C THR H 241 11.19 -1.86 -43.40
N LEU H 242 10.14 -2.59 -43.79
CA LEU H 242 9.12 -2.10 -44.77
C LEU H 242 7.93 -1.36 -44.10
N PHE H 243 7.46 -1.92 -42.98
CA PHE H 243 6.23 -1.44 -42.32
C PHE H 243 6.47 -0.33 -41.34
N SER H 244 5.43 0.48 -41.16
CA SER H 244 5.48 1.68 -40.29
C SER H 244 4.11 1.87 -39.67
N ASP H 245 3.94 2.89 -38.85
CA ASP H 245 2.70 3.14 -38.11
C ASP H 245 1.96 4.29 -38.71
N GLY H 246 0.64 4.30 -38.67
CA GLY H 246 -0.06 5.51 -39.13
C GLY H 246 -1.47 5.49 -38.55
N LEU H 247 -1.97 6.65 -38.14
CA LEU H 247 -3.28 6.77 -37.58
C LEU H 247 -3.89 7.85 -38.45
N ILE H 248 -5.11 7.65 -38.89
CA ILE H 248 -5.73 8.68 -39.71
C ILE H 248 -7.22 8.39 -39.68
N LYS H 249 -8.04 9.44 -39.54
CA LYS H 249 -9.44 9.25 -39.65
C LYS H 249 -9.99 10.01 -40.90
N TYR H 250 -11.13 9.58 -41.40
CA TYR H 250 -11.84 10.33 -42.44
C TYR H 250 -13.32 9.99 -42.30
N SER H 251 -14.16 10.67 -43.09
CA SER H 251 -15.58 10.62 -42.86
C SER H 251 -16.25 10.30 -44.15
N VAL H 252 -17.47 9.79 -44.06
CA VAL H 252 -18.24 9.43 -45.30
C VAL H 252 -19.58 10.05 -45.10
N TYR H 253 -19.97 10.86 -46.09
CA TYR H 253 -21.22 11.58 -46.04
C TYR H 253 -22.09 11.20 -47.26
N PRO H 254 -23.41 11.15 -47.06
CA PRO H 254 -24.25 11.20 -48.27
C PRO H 254 -23.98 12.54 -48.93
N GLU H 255 -23.88 12.53 -50.26
CA GLU H 255 -23.48 13.69 -51.03
C GLU H 255 -24.18 14.99 -50.67
N ASP H 256 -25.48 14.91 -50.41
CA ASP H 256 -26.27 16.13 -50.20
C ASP H 256 -26.01 16.79 -48.84
N GLU H 257 -25.67 16.00 -47.84
CA GLU H 257 -25.18 16.55 -46.57
C GLU H 257 -23.77 17.20 -46.73
N LEU H 258 -22.91 16.55 -47.50
CA LEU H 258 -21.60 17.10 -47.77
C LEU H 258 -21.75 18.48 -48.43
N ARG H 259 -22.59 18.56 -49.45
CA ARG H 259 -22.83 19.80 -50.18
C ARG H 259 -23.46 20.85 -49.27
N ARG H 260 -24.51 20.45 -48.57
CA ARG H 260 -25.12 21.35 -47.62
C ARG H 260 -24.03 22.01 -46.77
N GLN H 261 -23.01 21.26 -46.38
CA GLN H 261 -21.95 21.90 -45.58
C GLN H 261 -20.78 22.48 -46.37
N GLY H 262 -20.94 22.62 -47.68
CA GLY H 262 -19.88 23.20 -48.52
C GLY H 262 -18.54 22.49 -48.47
N LEU H 263 -18.54 21.17 -48.35
CA LEU H 263 -17.28 20.45 -48.16
C LEU H 263 -16.74 19.90 -49.51
N ARG H 264 -15.42 19.80 -49.65
CA ARG H 264 -14.81 19.10 -50.78
C ARG H 264 -14.71 17.63 -50.47
N GLY H 265 -14.79 16.78 -51.47
CA GLY H 265 -14.85 15.35 -51.15
C GLY H 265 -14.47 14.44 -52.29
N LEU H 266 -14.45 13.14 -52.00
CA LEU H 266 -14.22 12.10 -53.03
C LEU H 266 -15.51 11.24 -53.14
N ARG H 267 -16.25 11.44 -54.24
CA ARG H 267 -17.51 10.74 -54.50
C ARG H 267 -17.26 9.28 -54.87
N ILE H 268 -17.88 8.35 -54.14
CA ILE H 268 -17.61 6.95 -54.41
C ILE H 268 -18.43 6.52 -55.61
N LEU H 269 -17.81 6.08 -56.75
CA LEU H 269 -18.59 5.62 -57.90
C LEU H 269 -18.81 4.09 -57.92
N ALA H 270 -17.77 3.31 -57.67
CA ALA H 270 -17.92 1.87 -57.69
C ALA H 270 -16.89 1.23 -56.76
N MET H 271 -17.14 -0.03 -56.43
CA MET H 271 -16.38 -0.75 -55.41
C MET H 271 -16.25 -2.16 -55.88
N SER H 272 -15.18 -2.80 -55.45
CA SER H 272 -14.85 -4.12 -55.96
C SER H 272 -13.99 -4.85 -54.90
N GLU H 273 -14.18 -6.15 -54.71
CA GLU H 273 -13.21 -6.91 -53.88
C GLU H 273 -13.39 -8.42 -54.05
N HIS H 274 -12.27 -9.12 -54.26
CA HIS H 274 -12.32 -10.56 -54.29
C HIS H 274 -10.96 -11.22 -54.19
N LEU H 275 -10.97 -12.54 -53.97
CA LEU H 275 -9.73 -13.35 -53.81
C LEU H 275 -9.06 -13.59 -55.14
N LEU H 276 -7.76 -13.84 -55.13
CA LEU H 276 -7.04 -14.23 -56.38
C LEU H 276 -6.66 -15.72 -56.33
N PRO H 277 -6.87 -16.48 -57.43
CA PRO H 277 -6.48 -17.86 -57.20
C PRO H 277 -5.00 -18.11 -56.91
N ASP H 278 -4.77 -19.35 -56.47
CA ASP H 278 -3.43 -19.95 -56.36
C ASP H 278 -2.49 -18.99 -55.67
N SER H 279 -2.92 -18.46 -54.50
CA SER H 279 -2.15 -17.45 -53.81
C SER H 279 -2.35 -17.37 -52.27
N ALA H 280 -3.23 -18.18 -51.72
CA ALA H 280 -3.51 -18.09 -50.24
C ALA H 280 -2.27 -18.17 -49.32
N ASP H 281 -1.32 -19.01 -49.69
CA ASP H 281 -0.18 -19.22 -48.82
C ASP H 281 0.90 -18.15 -49.03
N THR H 282 0.69 -17.26 -49.99
CA THR H 282 1.74 -16.28 -50.37
C THR H 282 1.94 -15.08 -49.39
N MET H 283 0.97 -14.85 -48.49
CA MET H 283 1.05 -13.75 -47.54
C MET H 283 0.21 -14.08 -46.31
N THR H 284 0.86 -14.28 -45.17
CA THR H 284 0.10 -14.68 -43.96
C THR H 284 0.40 -13.80 -42.78
N TRP H 285 -0.53 -13.80 -41.84
CA TRP H 285 -0.44 -12.88 -40.69
C TRP H 285 -1.20 -13.52 -39.57
N VAL H 286 -0.51 -13.97 -38.54
CA VAL H 286 -1.20 -14.64 -37.47
C VAL H 286 -0.68 -14.28 -36.07
N PRO H 287 -1.59 -14.05 -35.14
CA PRO H 287 -1.23 -13.73 -33.73
C PRO H 287 -0.57 -14.92 -33.08
N GLY H 288 0.58 -14.74 -32.44
CA GLY H 288 1.24 -15.81 -31.73
C GLY H 288 1.46 -15.38 -30.28
N SER H 289 2.38 -16.04 -29.58
CA SER H 289 2.55 -15.83 -28.13
C SER H 289 3.07 -14.45 -27.80
N HIS H 290 3.79 -13.85 -28.77
CA HIS H 290 4.43 -12.59 -28.58
C HIS H 290 3.98 -11.49 -29.51
N GLN H 291 3.74 -11.77 -30.79
CA GLN H 291 3.25 -10.72 -31.69
C GLN H 291 2.54 -11.32 -32.85
N PHE H 292 1.91 -10.48 -33.66
CA PHE H 292 1.39 -10.98 -34.89
C PHE H 292 2.63 -11.35 -35.70
N VAL H 293 2.69 -12.59 -36.19
CA VAL H 293 3.84 -13.04 -37.03
C VAL H 293 3.49 -12.98 -38.52
N MET H 294 4.39 -12.41 -39.31
CA MET H 294 4.20 -12.33 -40.80
C MET H 294 5.04 -13.33 -41.62
N THR H 295 4.45 -13.84 -42.70
CA THR H 295 5.21 -14.54 -43.75
C THR H 295 4.79 -13.88 -45.07
N LEU H 296 5.78 -13.66 -45.93
CA LEU H 296 5.58 -13.11 -47.26
C LEU H 296 6.38 -13.89 -48.31
N SER H 297 5.69 -14.36 -49.36
CA SER H 297 6.34 -15.03 -50.47
C SER H 297 6.77 -14.04 -51.58
N PRO H 298 7.95 -14.28 -52.24
CA PRO H 298 8.39 -13.42 -53.40
C PRO H 298 7.46 -13.49 -54.66
N LEU H 299 6.53 -14.44 -54.67
CA LEU H 299 5.54 -14.55 -55.73
C LEU H 299 4.52 -13.44 -55.72
N VAL H 300 4.38 -12.75 -54.59
CA VAL H 300 3.27 -11.81 -54.45
C VAL H 300 3.25 -10.79 -55.60
N PRO H 301 4.38 -10.12 -55.91
CA PRO H 301 4.20 -9.21 -56.99
C PRO H 301 3.77 -9.90 -58.31
N ALA H 302 4.23 -11.13 -58.52
CA ALA H 302 3.93 -11.81 -59.76
C ALA H 302 2.43 -12.14 -59.84
N ILE H 303 1.83 -12.48 -58.72
CA ILE H 303 0.39 -12.79 -58.74
C ILE H 303 -0.45 -11.54 -58.90
N ILE H 304 -0.06 -10.47 -58.21
CA ILE H 304 -0.69 -9.16 -58.40
C ILE H 304 -0.58 -8.72 -59.84
N LYS H 305 0.65 -8.67 -60.37
CA LYS H 305 0.85 -8.36 -61.79
C LYS H 305 -0.18 -9.12 -62.59
N ARG H 306 -0.11 -10.45 -62.60
CA ARG H 306 -0.96 -11.31 -63.46
C ARG H 306 -2.46 -10.94 -63.50
N HIS H 307 -3.02 -10.56 -62.33
CA HIS H 307 -4.48 -10.32 -62.21
C HIS H 307 -4.90 -8.82 -62.32
N VAL H 308 -3.96 -7.89 -62.16
CA VAL H 308 -4.36 -6.49 -61.88
C VAL H 308 -5.16 -5.83 -63.06
N ARG H 309 -4.84 -6.24 -64.30
CA ARG H 309 -5.38 -5.54 -65.50
C ARG H 309 -6.89 -5.78 -65.78
N ALA H 310 -7.25 -7.07 -65.55
CA ALA H 310 -8.67 -7.53 -65.55
C ALA H 310 -9.47 -7.02 -64.33
N PHE H 311 -8.83 -7.07 -63.19
CA PHE H 311 -9.45 -6.53 -61.99
C PHE H 311 -9.75 -5.04 -62.17
N ALA H 312 -8.78 -4.31 -62.80
CA ALA H 312 -8.90 -2.88 -63.11
C ALA H 312 -10.00 -2.58 -64.11
N VAL H 313 -10.05 -3.39 -65.18
CA VAL H 313 -10.97 -3.26 -66.32
C VAL H 313 -12.43 -3.44 -65.91
N ASP H 314 -12.59 -4.45 -65.01
CA ASP H 314 -13.86 -4.72 -64.39
C ASP H 314 -14.21 -3.50 -63.47
N LEU H 315 -13.27 -3.11 -62.61
CA LEU H 315 -13.55 -2.03 -61.64
C LEU H 315 -14.05 -0.77 -62.40
N LEU H 316 -13.29 -0.35 -63.42
CA LEU H 316 -13.70 0.79 -64.22
C LEU H 316 -15.10 0.63 -64.79
N ARG H 317 -15.36 -0.54 -65.47
CA ARG H 317 -16.69 -0.93 -65.94
C ARG H 317 -17.82 -0.72 -64.91
N ARG H 318 -17.58 -1.06 -63.62
CA ARG H 318 -18.62 -0.94 -62.59
C ARG H 318 -18.99 0.55 -62.36
N ALA H 319 -18.07 1.44 -62.77
CA ALA H 319 -18.23 2.87 -62.65
C ALA H 319 -18.69 3.53 -63.97
N GLY H 320 -19.31 2.77 -64.89
CA GLY H 320 -19.83 3.35 -66.14
C GLY H 320 -18.75 3.94 -67.03
N MET H 321 -17.51 3.72 -66.60
CA MET H 321 -16.34 4.11 -67.40
C MET H 321 -15.80 2.90 -68.14
N ASP H 322 -14.88 3.07 -69.12
CA ASP H 322 -14.17 1.88 -69.67
C ASP H 322 -12.64 2.01 -69.85
N PHE H 323 -11.92 1.03 -69.27
CA PHE H 323 -10.46 1.11 -69.09
C PHE H 323 -9.73 1.71 -70.28
N GLU H 324 -10.31 1.60 -71.48
CA GLU H 324 -9.59 1.86 -72.77
C GLU H 324 -9.76 3.30 -73.41
N ARG H 325 -8.64 4.05 -73.30
CA ARG H 325 -8.69 5.48 -73.60
C ARG H 325 -9.60 6.25 -72.61
N ASP H 326 -10.08 5.61 -71.55
CA ASP H 326 -10.59 6.40 -70.42
C ASP H 326 -9.47 6.53 -69.37
N LYS H 327 -8.51 5.60 -69.44
CA LYS H 327 -7.52 5.37 -68.39
C LYS H 327 -6.49 6.50 -68.25
N ASP H 328 -6.18 7.19 -69.35
CA ASP H 328 -5.18 8.22 -69.33
C ASP H 328 -5.59 9.43 -68.48
N ALA H 329 -6.88 9.74 -68.42
CA ALA H 329 -7.39 10.84 -67.58
C ALA H 329 -7.50 10.48 -66.08
N LEU H 330 -7.19 9.24 -65.72
CA LEU H 330 -7.35 8.76 -64.34
C LEU H 330 -6.06 8.86 -63.56
N SER H 331 -6.23 9.23 -62.30
CA SER H 331 -5.21 9.03 -61.31
C SER H 331 -5.31 7.63 -60.67
N PHE H 332 -4.17 7.04 -60.32
CA PHE H 332 -4.18 5.67 -59.83
C PHE H 332 -3.53 5.61 -58.48
N ALA H 333 -4.40 5.47 -57.48
CA ALA H 333 -4.00 5.37 -56.09
C ALA H 333 -3.79 3.89 -55.80
N ILE H 334 -2.53 3.51 -55.60
CA ILE H 334 -2.18 2.13 -55.48
C ILE H 334 -1.48 1.84 -54.17
N HIS H 335 -2.01 0.87 -53.41
CA HIS H 335 -1.38 0.73 -52.09
C HIS H 335 0.03 0.20 -52.31
N PRO H 336 1.03 0.90 -51.78
CA PRO H 336 2.41 0.44 -52.05
C PRO H 336 2.88 -0.59 -51.03
N GLY H 337 2.47 -1.86 -51.20
CA GLY H 337 2.75 -2.91 -50.20
C GLY H 337 4.23 -3.27 -49.98
N GLY H 338 5.03 -3.03 -51.02
CA GLY H 338 6.49 -3.13 -50.90
C GLY H 338 7.11 -2.18 -51.91
N PRO H 339 8.46 -2.07 -51.88
CA PRO H 339 9.15 -1.04 -52.65
C PRO H 339 8.82 -1.00 -54.16
N LYS H 340 8.40 -2.10 -54.77
CA LYS H 340 8.18 -2.01 -56.22
C LYS H 340 6.74 -2.32 -56.65
N ILE H 341 5.83 -2.45 -55.70
CA ILE H 341 4.44 -2.77 -56.05
C ILE H 341 3.81 -1.75 -57.04
N VAL H 342 3.93 -0.46 -56.74
CA VAL H 342 3.38 0.57 -57.62
C VAL H 342 4.02 0.44 -59.02
N ASP H 343 5.35 0.41 -59.07
CA ASP H 343 6.10 0.16 -60.33
C ASP H 343 5.47 -0.96 -61.17
N HIS H 344 5.36 -2.13 -60.55
CA HIS H 344 4.76 -3.30 -61.18
C HIS H 344 3.36 -3.08 -61.83
N VAL H 345 2.43 -2.52 -61.04
CA VAL H 345 1.04 -2.16 -61.45
C VAL H 345 1.04 -1.06 -62.53
N GLN H 346 1.96 -0.09 -62.35
CA GLN H 346 2.11 1.02 -63.28
C GLN H 346 2.41 0.50 -64.67
N GLU H 347 3.24 -0.53 -64.70
CA GLU H 347 3.79 -1.16 -65.89
C GLU H 347 2.76 -2.02 -66.54
N GLU H 348 2.13 -2.85 -65.73
CA GLU H 348 1.06 -3.76 -66.19
C GLU H 348 -0.11 -2.95 -66.80
N LEU H 349 -0.50 -1.83 -66.13
CA LEU H 349 -1.62 -1.01 -66.57
C LEU H 349 -1.25 0.02 -67.67
N GLY H 350 0.04 0.11 -67.98
CA GLY H 350 0.56 1.10 -68.94
C GLY H 350 0.38 2.50 -68.42
N LEU H 351 0.74 2.70 -67.16
CA LEU H 351 0.53 3.97 -66.47
C LEU H 351 1.69 4.96 -66.70
N ALA H 352 1.35 6.24 -66.84
CA ALA H 352 2.36 7.30 -66.86
C ALA H 352 2.80 7.65 -65.44
N GLU H 353 4.01 8.22 -65.26
CA GLU H 353 4.48 8.53 -63.89
C GLU H 353 3.50 9.40 -63.12
N ASP H 354 2.96 10.41 -63.80
CA ASP H 354 2.15 11.38 -63.09
C ASP H 354 0.88 10.68 -62.56
N GLN H 355 0.47 9.58 -63.15
CA GLN H 355 -0.80 9.00 -62.70
C GLN H 355 -0.59 8.27 -61.40
N VAL H 356 0.66 8.11 -61.00
CA VAL H 356 0.94 7.32 -59.80
C VAL H 356 1.99 7.92 -58.86
N ALA H 357 2.45 9.11 -59.21
CA ALA H 357 3.39 9.84 -58.38
C ALA H 357 2.94 9.98 -56.88
N ILE H 358 1.66 10.21 -56.61
CA ILE H 358 1.32 10.42 -55.17
C ILE H 358 1.49 9.13 -54.32
N SER H 359 1.14 7.97 -54.92
CA SER H 359 1.26 6.68 -54.21
C SER H 359 2.74 6.43 -53.92
N LYS H 360 3.58 6.68 -54.91
CA LYS H 360 5.04 6.55 -54.72
C LYS H 360 5.61 7.51 -53.64
N SER H 361 5.21 8.76 -53.69
CA SER H 361 5.64 9.70 -52.69
C SER H 361 5.18 9.30 -51.26
N VAL H 362 3.94 8.84 -51.13
CA VAL H 362 3.46 8.54 -49.80
C VAL H 362 4.31 7.39 -49.24
N PHE H 363 4.60 6.36 -50.07
CA PHE H 363 5.44 5.23 -49.63
C PHE H 363 6.86 5.73 -49.26
N LEU H 364 7.41 6.53 -50.15
CA LEU H 364 8.75 7.16 -49.96
C LEU H 364 8.86 7.98 -48.67
N GLU H 365 7.85 8.76 -48.37
CA GLU H 365 7.94 9.58 -47.16
C GLU H 365 7.53 8.84 -45.85
N ASN H 366 6.81 7.72 -45.98
CA ASN H 366 6.19 7.09 -44.80
C ASN H 366 6.46 5.60 -44.54
N GLY H 367 6.86 4.86 -45.59
CA GLY H 367 6.90 3.41 -45.56
C GLY H 367 5.49 2.89 -45.78
N ASN H 368 5.29 1.59 -45.56
CA ASN H 368 3.98 0.95 -45.63
C ASN H 368 3.29 0.97 -44.29
N MET H 369 2.28 1.86 -44.17
CA MET H 369 1.57 2.02 -42.91
C MET H 369 0.34 1.19 -42.93
N SER H 370 0.42 0.10 -43.71
CA SER H 370 -0.60 -0.89 -43.71
C SER H 370 -1.92 -0.21 -44.14
N SER H 371 -3.03 -0.59 -43.52
CA SER H 371 -4.33 0.00 -43.92
C SER H 371 -4.37 1.52 -44.01
N SER H 372 -3.53 2.22 -43.21
CA SER H 372 -3.56 3.70 -43.21
C SER H 372 -2.93 4.36 -44.47
N THR H 373 -2.27 3.57 -45.29
CA THR H 373 -1.50 4.11 -46.36
C THR H 373 -2.39 4.66 -47.51
N ILE H 374 -3.38 3.91 -47.94
CA ILE H 374 -4.22 4.43 -49.01
C ILE H 374 -4.91 5.75 -48.56
N PRO H 375 -5.42 5.81 -47.31
CA PRO H 375 -6.04 7.06 -46.89
C PRO H 375 -5.14 8.31 -46.98
N HIS H 376 -3.84 8.18 -46.75
CA HIS H 376 -2.93 9.31 -46.89
C HIS H 376 -2.87 9.73 -48.39
N ILE H 377 -2.97 8.74 -49.26
CA ILE H 377 -2.81 8.96 -50.66
C ILE H 377 -4.10 9.66 -51.07
N LEU H 378 -5.26 9.16 -50.63
CA LEU H 378 -6.49 9.87 -50.86
C LEU H 378 -6.49 11.30 -50.25
N LYS H 379 -6.06 11.47 -49.00
CA LYS H 379 -5.89 12.84 -48.50
C LYS H 379 -5.12 13.77 -49.51
N ALA H 380 -4.01 13.29 -50.07
CA ALA H 380 -3.23 14.14 -50.94
C ALA H 380 -3.98 14.42 -52.30
N TYR H 381 -4.70 13.46 -52.83
CA TYR H 381 -5.48 13.75 -54.04
C TYR H 381 -6.56 14.76 -53.77
N LEU H 382 -7.24 14.64 -52.61
CA LEU H 382 -8.31 15.55 -52.26
C LEU H 382 -7.78 16.98 -52.12
N GLU H 383 -6.54 17.11 -51.65
CA GLU H 383 -5.94 18.44 -51.44
C GLU H 383 -5.41 19.00 -52.74
N GLU H 384 -5.17 18.15 -53.75
CA GLU H 384 -4.44 18.61 -54.96
C GLU H 384 -5.20 18.58 -56.26
N ALA H 385 -6.18 17.71 -56.36
CA ALA H 385 -6.81 17.40 -57.65
C ALA H 385 -7.88 18.41 -58.07
N THR H 386 -8.12 18.52 -59.36
CA THR H 386 -9.14 19.43 -59.84
C THR H 386 -10.49 18.74 -59.67
N VAL H 387 -11.47 19.52 -59.28
CA VAL H 387 -12.78 18.96 -59.19
C VAL H 387 -13.04 18.29 -60.54
N GLY H 388 -13.49 17.02 -60.52
CA GLY H 388 -13.86 16.29 -61.76
C GLY H 388 -12.86 15.20 -62.08
N THR H 389 -11.73 15.21 -61.38
CA THR H 389 -10.73 14.13 -61.55
C THR H 389 -11.24 12.85 -60.98
N ARG H 390 -10.95 11.78 -61.71
CA ARG H 390 -11.32 10.46 -61.28
C ARG H 390 -10.06 9.72 -60.87
N ILE H 391 -10.21 8.86 -59.85
CA ILE H 391 -9.11 8.21 -59.19
C ILE H 391 -9.51 6.76 -59.04
N ALA H 392 -8.69 5.89 -59.60
CA ALA H 392 -9.01 4.49 -59.50
C ALA H 392 -8.07 3.97 -58.40
N CYS H 393 -8.64 3.34 -57.40
CA CYS H 393 -7.77 2.90 -56.32
C CYS H 393 -7.69 1.39 -56.31
N LEU H 394 -6.49 0.87 -56.08
CA LEU H 394 -6.25 -0.55 -56.01
C LEU H 394 -5.42 -0.94 -54.79
N GLY H 395 -5.83 -1.99 -54.11
CA GLY H 395 -4.94 -2.50 -53.09
C GLY H 395 -5.04 -4.01 -52.93
N PHE H 396 -4.02 -4.60 -52.30
CA PHE H 396 -3.93 -6.03 -52.14
C PHE H 396 -3.48 -6.42 -50.74
N GLY H 397 -3.90 -7.57 -50.30
CA GLY H 397 -3.45 -8.08 -49.02
C GLY H 397 -3.72 -9.56 -49.04
N PRO H 398 -3.70 -10.21 -47.86
CA PRO H 398 -3.79 -11.64 -47.76
C PRO H 398 -5.10 -12.13 -48.38
N GLY H 399 -5.05 -13.30 -48.99
CA GLY H 399 -6.17 -13.90 -49.69
C GLY H 399 -5.66 -14.81 -50.81
N LEU H 400 -4.85 -14.26 -51.71
CA LEU H 400 -4.66 -12.83 -51.79
C LEU H 400 -5.98 -12.17 -52.25
N THR H 401 -6.16 -10.96 -51.72
CA THR H 401 -7.30 -10.11 -51.99
C THR H 401 -6.89 -8.90 -52.86
N ALA H 402 -7.71 -8.65 -53.89
CA ALA H 402 -7.62 -7.45 -54.72
C ALA H 402 -8.89 -6.61 -54.40
N ALA H 403 -8.65 -5.34 -54.02
CA ALA H 403 -9.70 -4.43 -53.59
C ALA H 403 -9.58 -3.20 -54.49
N GLY H 404 -10.72 -2.62 -54.85
CA GLY H 404 -10.72 -1.53 -55.80
C GLY H 404 -11.77 -0.52 -55.45
N LEU H 405 -11.57 0.71 -55.90
CA LEU H 405 -12.60 1.71 -55.72
C LEU H 405 -12.40 2.81 -56.75
N VAL H 406 -13.51 3.44 -57.14
CA VAL H 406 -13.47 4.53 -58.08
C VAL H 406 -14.12 5.71 -57.43
N LEU H 407 -13.36 6.81 -57.42
CA LEU H 407 -13.78 8.02 -56.74
C LEU H 407 -13.78 9.14 -57.75
N GLU H 408 -14.53 10.19 -57.42
CA GLU H 408 -14.44 11.41 -58.23
C GLU H 408 -14.43 12.63 -57.30
N LYS H 409 -13.49 13.53 -57.51
CA LYS H 409 -13.41 14.73 -56.65
C LYS H 409 -14.49 15.73 -57.04
N ILE H 410 -15.27 16.20 -56.06
CA ILE H 410 -16.38 17.14 -56.24
C ILE H 410 -16.27 18.28 -55.20
NA NA I . 38.57 -27.44 -1.04
O1 PG4 J . 60.35 -35.42 22.00
C1 PG4 J . 59.17 -35.32 21.16
C2 PG4 J . 59.24 -34.11 20.23
O2 PG4 J . 58.25 -34.20 19.19
C3 PG4 J . 57.65 -32.94 18.83
C4 PG4 J . 57.56 -32.89 17.30
O3 PG4 J . 56.55 -31.97 16.82
C5 PG4 J . 56.94 -31.50 15.52
C6 PG4 J . 55.77 -31.41 14.57
O4 PG4 J . 54.99 -32.57 14.86
C7 PG4 J . 54.48 -33.20 13.68
C8 PG4 J . 53.53 -32.29 12.98
O5 PG4 J . 52.43 -33.09 12.55
NA NA K . -20.04 -2.87 -32.12
O1 PG4 L . -9.57 -30.64 -18.84
C1 PG4 L . -10.14 -29.30 -18.90
C2 PG4 L . -10.73 -29.01 -20.28
O2 PG4 L . -11.12 -27.64 -20.37
C3 PG4 L . -11.92 -27.35 -21.55
C4 PG4 L . -12.95 -26.26 -21.22
O3 PG4 L . -13.27 -25.43 -22.35
C5 PG4 L . -14.03 -24.27 -21.94
C6 PG4 L . -13.87 -23.13 -22.93
O4 PG4 L . -14.44 -21.87 -22.51
C7 PG4 L . -13.42 -20.87 -22.35
C8 PG4 L . -13.83 -19.51 -22.87
O5 PG4 L . -13.80 -18.57 -21.79
NA NA M . 29.17 -19.89 13.18
O1 PG4 N . 23.37 -51.26 21.63
C1 PG4 N . 23.71 -49.91 21.97
C2 PG4 N . 24.03 -49.07 20.74
O2 PG4 N . 22.96 -48.15 20.54
C3 PG4 N . 23.33 -46.76 20.61
C4 PG4 N . 22.83 -46.04 19.37
O3 PG4 N . 22.56 -44.65 19.61
C5 PG4 N . 22.70 -43.90 18.39
C6 PG4 N . 22.54 -42.40 18.62
O4 PG4 N . 23.70 -41.79 19.21
C7 PG4 N . 23.52 -40.36 19.12
C8 PG4 N . 24.83 -39.61 19.18
O5 PG4 N . 24.68 -38.23 19.53
NA NA O . 4.81 16.51 40.16
O1 PG4 P . -1.15 -14.87 48.60
C1 PG4 P . -0.31 -13.86 48.01
C2 PG4 P . -0.88 -12.46 48.24
O2 PG4 P . -1.08 -11.74 47.01
C3 PG4 P . -1.40 -10.35 47.22
C4 PG4 P . -1.15 -9.52 45.96
O3 PG4 P . -1.76 -8.21 46.02
C5 PG4 P . -0.83 -7.18 46.35
C6 PG4 P . -1.27 -5.81 45.83
O4 PG4 P . -0.27 -4.90 46.26
C7 PG4 P . -0.64 -3.53 46.06
C8 PG4 P . 0.51 -2.54 46.09
O5 PG4 P . 0.84 -2.10 47.41
NA NA Q . 14.24 8.96 26.00
O1 PG4 R . 28.29 3.07 39.63
C1 PG4 R . 29.43 3.89 39.84
C2 PG4 R . 30.19 3.35 41.03
O2 PG4 R . 31.11 4.32 41.50
C3 PG4 R . 31.84 3.69 42.56
C4 PG4 R . 32.80 4.72 43.12
O3 PG4 R . 32.84 4.55 44.54
C5 PG4 R . 33.18 3.20 44.90
C6 PG4 R . 33.55 3.04 46.38
O4 PG4 R . 34.28 1.80 46.41
C7 PG4 R . 34.47 1.19 47.67
C8 PG4 R . 35.96 1.30 47.99
O5 PG4 R . 36.25 0.83 49.31
NA NA S . -43.89 32.57 -6.40
O1 PG4 T . -32.46 4.99 8.19
C1 PG4 T . -32.80 5.95 7.19
C2 PG4 T . -33.87 6.87 7.75
O2 PG4 T . -34.03 8.02 6.93
C3 PG4 T . -35.39 8.22 6.49
C4 PG4 T . -35.48 9.49 5.66
O3 PG4 T . -36.31 9.30 4.51
C5 PG4 T . -36.74 10.53 3.89
C6 PG4 T . -37.78 11.26 4.74
O4 PG4 T . -38.34 12.40 4.05
C7 PG4 T . -37.46 13.54 3.93
C8 PG4 T . -38.27 14.81 3.71
O5 PG4 T . -37.38 15.94 3.71
NA NA U . -33.90 26.80 -21.06
O1 PG4 V . -18.12 31.02 -11.45
C1 PG4 V . -16.85 30.95 -10.82
C2 PG4 V . -16.69 32.21 -10.00
O2 PG4 V . -15.34 32.66 -9.96
C3 PG4 V . -15.04 33.39 -8.75
C4 PG4 V . -14.25 34.69 -9.00
O3 PG4 V . -13.73 35.20 -7.77
C5 PG4 V . -12.38 34.79 -7.55
C6 PG4 V . -12.07 34.85 -6.04
O4 PG4 V . -10.70 34.49 -5.79
C7 PG4 V . -10.46 34.15 -4.41
C8 PG4 V . -9.27 34.97 -3.91
O5 PG4 V . -8.41 34.17 -3.09
NA NA W . -11.81 -9.31 -47.63
O1 PG4 X . 5.69 -5.58 -38.78
C1 PG4 X . 6.56 -4.52 -38.42
C2 PG4 X . 7.54 -5.06 -37.37
O2 PG4 X . 8.71 -4.23 -37.42
C3 PG4 X . 8.85 -3.40 -36.24
C4 PG4 X . 9.85 -2.27 -36.55
O3 PG4 X . 10.45 -1.78 -35.35
C5 PG4 X . 11.81 -2.20 -35.19
C6 PG4 X . 12.21 -1.90 -33.75
O4 PG4 X . 13.45 -2.56 -33.46
C7 PG4 X . 14.18 -1.92 -32.40
C8 PG4 X . 14.89 -2.98 -31.56
O5 PG4 X . 16.29 -2.70 -31.47
#